data_6PIG
#
_entry.id   6PIG
#
_cell.length_a   1.00
_cell.length_b   1.00
_cell.length_c   1.00
_cell.angle_alpha   90.00
_cell.angle_beta   90.00
_cell.angle_gamma   90.00
#
_symmetry.space_group_name_H-M   'P 1'
#
loop_
_entity.id
_entity.type
_entity.pdbx_description
1 polymer 'RNA (60-MER)'
2 polymer 'cas7 type I-F CRISPR-associated protein Csy3'
3 polymer 'cas5_8 naturally occurring fusion protein from Vibrio cholerae transposon Tn6677'
4 polymer 'type I-F CRISPR-associated endoribonuclease Cas6/Csy4'
5 polymer 'TniQ monomer 1'
6 polymer 'TniQ monomer 2'
#
loop_
_entity_poly.entity_id
_entity_poly.type
_entity_poly.pdbx_seq_one_letter_code
_entity_poly.pdbx_strand_id
1 'polyribonucleotide' CUGAUAACUUACAGGACGCUUUGGCUUCAUUGCUUUUCAGGUGAACUGCCGAGUAGGUAG 1
2 'polypeptide(L)'
;KLPTNLAYERSIDPSDVCFFVVWPDDRKTPLTYNSRTLLGQMEAKSLAYDVSGQPIKSATAEALAQGNPHQVDFCHVPYG
ASHIECSFSVSFSSELRQPYKCNSSKVKQTLVQLVELYETKIGWTELATRYLMNICNGKWLWKNTRKAYCWNIVLTPWPW
NGEKVGFEDIRTNYTSRQDFKNNKNWSAIVEMIKTAFSSTDGLAIFEVRATLHLPTNAMVRPSQVFTEKETQNSRVFQST
TIDGERSPILGAFKTGAAIATIDDWYPEATEPLRVGRFGVHREDVTCYRHPSTGKDFFSILQQAEHYIEVLSANKTPAQE
TINDMHFLMANLIKGGMFQHKGD
;
A,B,C,D,E,F
3 'polypeptide(L)'
;LKEIIASNPDDLTTELKRAFRPLTPHIAIDGNEIDALTILVNLTDKAKCKQKLRDEKWWASCINCVNYRQSHNPKFPDIR
SEGVIRTQALGELPSFLLSSSKIPPYHWSYSHDSKYVNKSAFLTNEFCWDGEISCLGELLKDADHPLWNTLKKLGCSQKT
CKAMAKQLADITLTTINVTLAPNYLTQISLPDSDTSYISLSPVASLSMQSHFHQRLQDENRHSAITRFSRTTNMGVTAMT
CGGAFRMLKSGAKFSSPPHHRLNNGSFLVLPNIRVCGATALSSPVTVGIPSLTAFFGFVHAFERNINRTTSSFRVESFAI
CVHQLHVEKRGLTAEFVEKGDGTISAPATRDDWQCDVVFSLILNTNFAQHIDQDTLVTSLPKRLARGSAKIAIDDFKHIN
SFSTLETAIESLPIEAGRWLSLYAQSNNNLSDLLAAMTEDHQLMASCVGYHLLEEPKDKPNSLRGYKHAIAECIIGLINS
ITFSSETDPNTIFWSLKNYQNYLVVQPRSIN
;
G
4 'polypeptide(L)'
;KWYYKTITFLPELCNNESLAAKCLRVLHGFNYQYETRNIGVSFPLWCDATVGKKISFVSKNKIELDLLLKQHYFVQMEQL
QYFHISNTVLVPEDCTYVSFRRCQSIDKLTAAGLARKIRRLEKRALSRGEAFDPSSFAQKEHTAIAHYHSLGESSKQTNR
NFRLNIRMLSEQPREGNSIFSSYGLANSENSFQPVPLI
;
H
5 'polypeptide(L)'
;AMFLQRPKPYSDESLESFFIRVANKNGYGDVHRFLEATKRFLQDIDHNGYQTFPTDITRINPYSAKNSSSARTASFLKLA
QLTFNEPPELLGLAINRTNMKYSPSTSAVVRGAEVFPRSLLRTHSIPCCPLCLRENGYASYLWHFQGYEYCHSHNVPLIT
TCSGHEAACTVSNWLAGHESKPLPNLPKSYRWGLVHWWMGIKDSDHFSFVQFFSNWPRSFHSIIEDEVEFNLEHAVVSTS
ELRLKDLLGRLFFGSIRLPERNLQHNIILGELLCYLENRLWQDKGLIANLKMNALEATVMLNCSLDQIASMVEQRILKPN
RKSKDVTDYLFHFGDIFCLWLAEFQSDEFNRSFYVSRW
;
I
6 'polypeptide(L)'
;AMFLQRPKPYSDESLESFFIRVANKNGYGDVHRFLEATKRFLQDIDHNGYQTFPTDITRINPYSAKNSSSARTASFLKLA
QLTFNEPPELLGLAINRTNMKYSPSTSAVVRGAEVFPRSLLRTHSIPCCPLCLRENGYASYLWHFQGYEYCHSHNVPLIT
TCSCGKEFDYRVSEAACTVSNWLAGHESKPLPNLPKSYRWGLVHWWMGIKDDHFSFVQFFSNWPRSFHSIIEDEVEFNLE
HAVVSTSELRLKDLLGRLFFGSIRLPERNLQHNIILGELLCYLENRLWQDKGLIANLKMNALEATVMLNCSLDQIASMVE
QRILKPNAAAAAAAAADVTDYLFHFGDIFCLWLAAFQSDEFNRSFYVSR
;
J
#
# COMPACT_ATOMS: atom_id res chain seq x y z
N LYS B 1 -54.26 -27.62 -52.81
CA LYS B 1 -52.96 -27.84 -52.08
C LYS B 1 -53.14 -27.38 -50.62
N LEU B 2 -52.12 -26.77 -50.00
CA LEU B 2 -52.04 -26.45 -48.55
C LEU B 2 -52.19 -27.76 -47.75
N PRO B 3 -51.08 -28.48 -47.47
CA PRO B 3 -51.15 -29.84 -46.91
C PRO B 3 -51.45 -29.88 -45.40
N THR B 4 -51.32 -31.08 -44.80
CA THR B 4 -51.65 -31.39 -43.38
C THR B 4 -50.84 -30.49 -42.44
N ASN B 5 -49.51 -30.53 -42.53
CA ASN B 5 -48.57 -29.72 -41.71
C ASN B 5 -47.42 -29.19 -42.58
N LEU B 6 -47.07 -27.91 -42.41
CA LEU B 6 -46.00 -27.19 -43.16
C LEU B 6 -45.58 -25.97 -42.35
N ALA B 7 -44.27 -25.74 -42.23
CA ALA B 7 -43.68 -24.65 -41.42
C ALA B 7 -42.38 -24.14 -42.05
N TYR B 8 -41.86 -23.03 -41.52
CA TYR B 8 -40.59 -22.34 -41.91
C TYR B 8 -39.97 -21.73 -40.65
N GLU B 9 -38.64 -21.75 -40.53
CA GLU B 9 -37.91 -20.92 -39.54
C GLU B 9 -37.75 -19.52 -40.12
N ARG B 10 -37.72 -18.50 -39.26
CA ARG B 10 -37.48 -17.08 -39.65
C ARG B 10 -36.02 -16.93 -40.11
N SER B 11 -35.78 -16.04 -41.07
CA SER B 11 -34.46 -15.79 -41.72
C SER B 11 -33.73 -14.62 -41.05
N ILE B 12 -34.48 -13.65 -40.52
CA ILE B 12 -33.96 -12.46 -39.77
C ILE B 12 -34.33 -12.65 -38.29
N ASP B 13 -33.34 -12.73 -37.41
CA ASP B 13 -33.52 -12.94 -35.94
C ASP B 13 -32.76 -11.84 -35.18
N PRO B 14 -33.29 -10.59 -35.13
CA PRO B 14 -32.72 -9.55 -34.28
C PRO B 14 -33.17 -9.75 -32.83
N SER B 15 -32.28 -9.49 -31.86
CA SER B 15 -32.55 -9.71 -30.42
C SER B 15 -31.81 -8.69 -29.55
N ASP B 16 -32.49 -7.56 -29.27
CA ASP B 16 -32.27 -6.60 -28.14
C ASP B 16 -32.06 -5.18 -28.65
N VAL B 17 -32.29 -4.20 -27.77
CA VAL B 17 -31.65 -2.85 -27.80
C VAL B 17 -31.13 -2.55 -26.39
N CYS B 18 -29.88 -2.89 -26.11
CA CYS B 18 -29.22 -2.63 -24.80
C CYS B 18 -28.93 -1.13 -24.70
N PHE B 19 -29.60 -0.44 -23.77
CA PHE B 19 -29.51 1.04 -23.57
C PHE B 19 -28.35 1.35 -22.62
N PHE B 20 -27.42 2.20 -23.07
CA PHE B 20 -26.30 2.76 -22.26
C PHE B 20 -26.35 4.30 -22.34
N VAL B 21 -25.77 4.98 -21.35
CA VAL B 21 -25.64 6.47 -21.32
C VAL B 21 -24.15 6.82 -21.25
N VAL B 22 -23.75 7.94 -21.87
CA VAL B 22 -22.31 8.40 -21.92
C VAL B 22 -22.21 9.82 -21.36
N TRP B 23 -21.24 10.02 -20.46
CA TRP B 23 -21.13 11.08 -19.41
C TRP B 23 -20.03 12.08 -19.74
N PRO B 24 -19.71 12.33 -21.02
CA PRO B 24 -18.53 11.71 -21.61
C PRO B 24 -17.46 11.47 -20.55
N ASP B 25 -16.50 12.39 -20.36
CA ASP B 25 -15.17 12.09 -19.76
C ASP B 25 -14.88 10.61 -20.07
N ASP B 26 -15.00 10.29 -21.37
CA ASP B 26 -15.59 9.07 -21.99
C ASP B 26 -15.71 7.89 -21.00
N ARG B 27 -16.94 7.50 -20.67
CA ARG B 27 -17.29 6.22 -20.00
C ARG B 27 -18.79 5.93 -20.21
N LYS B 28 -19.14 4.68 -20.52
CA LYS B 28 -20.54 4.19 -20.63
C LYS B 28 -21.00 3.67 -19.26
N THR B 29 -22.30 3.81 -18.97
CA THR B 29 -23.00 3.08 -17.89
C THR B 29 -24.37 2.62 -18.39
N PRO B 30 -24.91 1.49 -17.85
CA PRO B 30 -26.30 1.09 -18.09
C PRO B 30 -27.32 2.13 -17.61
N LEU B 31 -28.32 2.42 -18.44
CA LEU B 31 -29.46 3.34 -18.14
C LEU B 31 -30.41 2.60 -17.18
N THR B 32 -30.68 3.20 -16.01
CA THR B 32 -31.60 2.65 -14.97
C THR B 32 -32.90 3.47 -14.94
N TYR B 33 -34.03 2.80 -14.72
CA TYR B 33 -35.38 3.39 -14.53
C TYR B 33 -35.76 3.29 -13.05
N ASN B 34 -36.86 3.94 -12.66
CA ASN B 34 -37.36 3.98 -11.26
C ASN B 34 -38.88 3.90 -11.25
N SER B 35 -39.45 3.07 -10.37
CA SER B 35 -40.91 2.97 -10.12
C SER B 35 -41.37 4.24 -9.38
N ARG B 36 -42.38 4.92 -9.93
CA ARG B 36 -42.85 6.27 -9.51
C ARG B 36 -44.37 6.23 -9.38
N THR B 37 -44.89 6.50 -8.18
CA THR B 37 -46.34 6.62 -7.88
C THR B 37 -46.73 8.10 -7.99
N LEU B 38 -47.88 8.37 -8.64
CA LEU B 38 -48.30 9.73 -9.05
C LEU B 38 -49.83 9.84 -8.97
N LEU B 39 -50.34 11.08 -9.00
CA LEU B 39 -51.76 11.42 -8.72
C LEU B 39 -52.42 11.95 -10.01
N GLY B 40 -53.17 11.08 -10.68
CA GLY B 40 -54.02 11.44 -11.83
C GLY B 40 -55.36 12.00 -11.37
N GLN B 41 -56.07 12.67 -12.29
CA GLN B 41 -57.45 13.18 -12.07
C GLN B 41 -58.45 12.06 -12.42
N MET B 42 -59.72 12.24 -12.08
CA MET B 42 -60.84 11.33 -12.44
C MET B 42 -61.23 11.59 -13.90
N GLU B 43 -60.53 10.96 -14.86
CA GLU B 43 -60.60 11.28 -16.32
C GLU B 43 -61.14 10.10 -17.14
N ALA B 44 -61.45 8.94 -16.53
CA ALA B 44 -62.07 7.79 -17.23
C ALA B 44 -63.50 8.18 -17.64
N LYS B 45 -63.91 7.76 -18.85
CA LYS B 45 -65.25 8.08 -19.43
C LYS B 45 -66.34 7.24 -18.76
N SER B 46 -65.97 6.16 -18.06
CA SER B 46 -66.88 5.24 -17.34
C SER B 46 -67.29 5.79 -15.96
N LEU B 47 -66.70 6.91 -15.52
CA LEU B 47 -66.89 7.48 -14.16
C LEU B 47 -67.98 8.56 -14.14
N ALA B 48 -68.35 9.13 -15.29
CA ALA B 48 -69.40 10.17 -15.40
C ALA B 48 -70.40 9.88 -16.54
N TYR B 49 -70.40 8.66 -17.10
CA TYR B 49 -71.37 8.18 -18.12
C TYR B 49 -71.56 6.67 -17.97
N ASP B 50 -72.78 6.23 -17.67
CA ASP B 50 -73.13 4.78 -17.50
C ASP B 50 -73.08 4.12 -18.89
N VAL B 51 -74.18 4.15 -19.66
CA VAL B 51 -74.23 3.94 -21.14
C VAL B 51 -75.58 4.47 -21.62
N SER B 52 -75.61 5.56 -22.40
CA SER B 52 -74.54 6.53 -22.57
C SER B 52 -75.03 7.90 -22.09
N GLY B 53 -75.77 7.92 -20.98
CA GLY B 53 -76.32 9.12 -20.33
C GLY B 53 -75.61 9.42 -19.01
N GLN B 54 -75.92 10.55 -18.38
CA GLN B 54 -75.34 10.98 -17.08
C GLN B 54 -75.89 10.07 -15.98
N PRO B 55 -75.03 9.52 -15.08
CA PRO B 55 -75.51 8.66 -14.00
C PRO B 55 -76.15 9.48 -12.86
N ILE B 56 -76.77 8.78 -11.90
CA ILE B 56 -77.36 9.42 -10.68
C ILE B 56 -76.23 9.90 -9.78
N LYS B 57 -76.51 10.88 -8.90
CA LYS B 57 -75.53 11.52 -7.97
C LYS B 57 -74.84 10.44 -7.11
N SER B 58 -73.85 9.76 -7.71
CA SER B 58 -72.90 8.81 -7.08
C SER B 58 -71.48 9.31 -7.30
N ALA B 59 -71.12 9.55 -8.58
CA ALA B 59 -69.90 10.26 -9.01
C ALA B 59 -70.24 11.73 -9.28
N THR B 60 -70.60 12.47 -8.22
CA THR B 60 -70.98 13.91 -8.25
C THR B 60 -69.71 14.76 -8.36
N ALA B 61 -69.88 16.09 -8.42
CA ALA B 61 -68.81 17.09 -8.63
C ALA B 61 -67.72 16.99 -7.56
N GLU B 62 -68.08 16.65 -6.33
CA GLU B 62 -67.16 16.51 -5.17
C GLU B 62 -66.43 15.16 -5.22
N ALA B 63 -67.01 14.15 -5.88
CA ALA B 63 -66.45 12.78 -6.02
C ALA B 63 -65.75 12.60 -7.37
N LEU B 64 -65.86 13.57 -8.29
CA LEU B 64 -65.12 13.60 -9.59
C LEU B 64 -63.85 14.47 -9.46
N ALA B 65 -63.53 14.97 -8.26
CA ALA B 65 -62.36 15.84 -7.99
C ALA B 65 -61.42 15.21 -6.95
N GLN B 66 -61.68 13.98 -6.50
CA GLN B 66 -60.77 13.20 -5.60
C GLN B 66 -59.71 12.52 -6.48
N GLY B 67 -58.56 13.16 -6.66
CA GLY B 67 -57.45 12.68 -7.51
C GLY B 67 -57.02 11.27 -7.12
N ASN B 68 -56.92 10.37 -8.11
CA ASN B 68 -56.69 8.91 -7.88
C ASN B 68 -55.21 8.60 -8.07
N PRO B 69 -54.60 7.75 -7.20
CA PRO B 69 -53.21 7.34 -7.35
C PRO B 69 -53.00 6.28 -8.44
N HIS B 70 -51.88 6.37 -9.15
CA HIS B 70 -51.34 5.33 -10.07
C HIS B 70 -49.85 5.13 -9.77
N GLN B 71 -49.26 4.07 -10.32
CA GLN B 71 -47.83 3.70 -10.12
C GLN B 71 -47.24 3.27 -11.47
N VAL B 72 -46.41 4.13 -12.08
CA VAL B 72 -45.78 3.91 -13.42
C VAL B 72 -44.28 3.65 -13.21
N ASP B 73 -43.59 3.15 -14.24
CA ASP B 73 -42.11 3.01 -14.29
C ASP B 73 -41.56 4.14 -15.16
N PHE B 74 -40.62 4.94 -14.64
CA PHE B 74 -40.06 6.14 -15.31
C PHE B 74 -38.57 5.91 -15.61
N CYS B 75 -38.21 5.92 -16.90
CA CYS B 75 -36.82 5.89 -17.42
C CYS B 75 -36.57 7.20 -18.19
N HIS B 76 -35.55 7.98 -17.78
CA HIS B 76 -35.16 9.26 -18.41
C HIS B 76 -33.63 9.38 -18.45
N VAL B 77 -33.11 10.28 -19.29
CA VAL B 77 -31.65 10.53 -19.46
C VAL B 77 -31.17 11.29 -18.22
N PRO B 78 -30.14 10.80 -17.47
CA PRO B 78 -29.65 11.53 -16.29
C PRO B 78 -28.96 12.86 -16.67
N TYR B 79 -28.98 13.82 -15.75
CA TYR B 79 -28.43 15.19 -15.96
C TYR B 79 -26.91 15.14 -16.10
N GLY B 80 -26.38 15.82 -17.11
CA GLY B 80 -24.92 16.00 -17.34
C GLY B 80 -24.37 15.11 -18.44
N ALA B 81 -25.10 14.07 -18.85
CA ALA B 81 -24.68 13.10 -19.88
C ALA B 81 -24.77 13.72 -21.27
N SER B 82 -23.88 13.32 -22.19
CA SER B 82 -23.88 13.77 -23.61
C SER B 82 -25.03 13.11 -24.36
N HIS B 83 -25.00 11.77 -24.53
CA HIS B 83 -25.94 11.04 -25.40
C HIS B 83 -26.23 9.63 -24.88
N ILE B 84 -27.20 8.96 -25.52
CA ILE B 84 -27.66 7.56 -25.24
C ILE B 84 -27.11 6.66 -26.35
N GLU B 85 -26.47 5.54 -25.98
CA GLU B 85 -26.00 4.49 -26.91
C GLU B 85 -27.01 3.34 -26.91
N CYS B 86 -27.59 3.05 -28.08
CA CYS B 86 -28.51 1.91 -28.35
C CYS B 86 -27.73 0.84 -29.13
N SER B 87 -27.48 -0.32 -28.49
CA SER B 87 -26.67 -1.45 -29.00
C SER B 87 -27.60 -2.62 -29.38
N PHE B 88 -27.39 -3.19 -30.57
CA PHE B 88 -28.38 -4.01 -31.32
C PHE B 88 -27.64 -4.94 -32.29
N SER B 89 -28.13 -6.17 -32.48
CA SER B 89 -27.51 -7.22 -33.33
C SER B 89 -28.57 -7.84 -34.26
N VAL B 90 -28.23 -7.97 -35.55
CA VAL B 90 -29.05 -8.64 -36.61
C VAL B 90 -28.22 -9.78 -37.20
N SER B 91 -28.89 -10.81 -37.74
CA SER B 91 -28.27 -11.91 -38.53
C SER B 91 -29.22 -12.36 -39.64
N PHE B 92 -29.00 -11.88 -40.87
CA PHE B 92 -29.73 -12.31 -42.08
C PHE B 92 -29.19 -13.69 -42.51
N SER B 93 -30.02 -14.73 -42.41
CA SER B 93 -29.68 -16.15 -42.71
C SER B 93 -30.59 -16.67 -43.85
N SER B 94 -30.55 -17.99 -44.10
CA SER B 94 -31.34 -18.68 -45.15
C SER B 94 -31.90 -20.00 -44.62
N GLU B 95 -33.17 -19.99 -44.17
CA GLU B 95 -34.02 -21.19 -43.99
C GLU B 95 -35.32 -21.03 -44.79
N LEU B 96 -35.37 -20.08 -45.74
CA LEU B 96 -36.47 -19.91 -46.74
C LEU B 96 -36.27 -20.90 -47.90
N ARG B 97 -35.08 -21.49 -48.02
CA ARG B 97 -34.75 -22.56 -49.00
C ARG B 97 -35.73 -23.73 -48.81
N GLN B 98 -35.60 -24.46 -47.69
CA GLN B 98 -36.37 -25.69 -47.37
C GLN B 98 -37.45 -25.36 -46.36
N PRO B 99 -38.72 -25.80 -46.57
CA PRO B 99 -39.70 -25.86 -45.49
C PRO B 99 -39.23 -26.70 -44.30
N TYR B 100 -39.54 -26.25 -43.08
CA TYR B 100 -39.24 -26.91 -41.79
C TYR B 100 -39.98 -28.25 -41.68
N LYS B 101 -41.14 -28.40 -42.35
CA LYS B 101 -42.01 -29.62 -42.28
C LYS B 101 -42.34 -30.13 -43.69
N CYS B 102 -42.97 -31.31 -43.76
CA CYS B 102 -43.07 -32.21 -44.95
C CYS B 102 -44.53 -32.64 -45.18
N ASN B 103 -44.76 -33.91 -45.55
CA ASN B 103 -46.09 -34.61 -45.67
C ASN B 103 -46.73 -34.35 -47.03
N SER B 104 -46.06 -33.60 -47.92
CA SER B 104 -46.40 -33.46 -49.36
C SER B 104 -45.15 -33.01 -50.13
N SER B 105 -44.58 -33.90 -50.94
CA SER B 105 -43.37 -33.64 -51.76
C SER B 105 -43.67 -32.62 -52.86
N LYS B 106 -44.91 -32.61 -53.37
CA LYS B 106 -45.38 -31.74 -54.49
C LYS B 106 -45.27 -30.26 -54.11
N VAL B 107 -45.88 -29.85 -52.99
CA VAL B 107 -45.84 -28.45 -52.48
C VAL B 107 -44.40 -28.09 -52.10
N LYS B 108 -43.63 -29.04 -51.56
CA LYS B 108 -42.20 -28.85 -51.17
C LYS B 108 -41.38 -28.54 -52.43
N GLN B 109 -41.45 -29.39 -53.46
CA GLN B 109 -40.71 -29.19 -54.73
C GLN B 109 -41.27 -27.98 -55.49
N THR B 110 -42.56 -27.66 -55.30
CA THR B 110 -43.22 -26.44 -55.83
C THR B 110 -42.60 -25.18 -55.20
N LEU B 111 -42.42 -25.16 -53.88
CA LEU B 111 -41.94 -23.96 -53.14
C LEU B 111 -40.44 -23.71 -53.40
N VAL B 112 -39.62 -24.77 -53.50
CA VAL B 112 -38.15 -24.67 -53.75
C VAL B 112 -37.90 -24.21 -55.19
N GLN B 113 -38.70 -24.67 -56.17
CA GLN B 113 -38.57 -24.24 -57.60
C GLN B 113 -39.14 -22.82 -57.76
N LEU B 114 -40.16 -22.44 -56.97
CA LEU B 114 -40.77 -21.09 -56.99
C LEU B 114 -39.76 -20.05 -56.48
N VAL B 115 -39.10 -20.32 -55.35
CA VAL B 115 -38.05 -19.41 -54.76
C VAL B 115 -36.84 -19.37 -55.70
N GLU B 116 -36.51 -20.48 -56.36
CA GLU B 116 -35.44 -20.56 -57.40
C GLU B 116 -35.82 -19.69 -58.60
N LEU B 117 -37.07 -19.76 -59.07
CA LEU B 117 -37.58 -18.94 -60.21
C LEU B 117 -37.58 -17.45 -59.83
N TYR B 118 -37.92 -17.12 -58.58
CA TYR B 118 -37.83 -15.74 -58.02
C TYR B 118 -36.36 -15.31 -57.94
N GLU B 119 -35.46 -16.23 -57.56
CA GLU B 119 -33.99 -15.98 -57.46
C GLU B 119 -33.43 -15.60 -58.84
N THR B 120 -33.99 -16.15 -59.93
CA THR B 120 -33.53 -15.92 -61.33
C THR B 120 -34.12 -14.61 -61.88
N LYS B 121 -35.46 -14.51 -61.96
CA LYS B 121 -36.14 -13.52 -62.85
C LYS B 121 -36.18 -12.13 -62.19
N ILE B 122 -36.49 -12.05 -60.89
CA ILE B 122 -36.50 -10.79 -60.09
C ILE B 122 -35.81 -11.05 -58.74
N GLY B 123 -34.49 -10.81 -58.68
CA GLY B 123 -33.61 -11.14 -57.55
C GLY B 123 -33.91 -10.35 -56.29
N TRP B 124 -33.06 -10.46 -55.27
CA TRP B 124 -33.31 -9.98 -53.89
C TRP B 124 -32.89 -8.51 -53.70
N THR B 125 -32.76 -7.72 -54.77
CA THR B 125 -32.34 -6.29 -54.70
C THR B 125 -33.40 -5.48 -53.94
N GLU B 126 -34.69 -5.74 -54.23
CA GLU B 126 -35.85 -5.00 -53.67
C GLU B 126 -35.93 -5.23 -52.15
N LEU B 127 -36.11 -6.48 -51.71
CA LEU B 127 -36.35 -6.84 -50.29
C LEU B 127 -35.13 -6.48 -49.42
N ALA B 128 -33.91 -6.66 -49.95
CA ALA B 128 -32.64 -6.34 -49.26
C ALA B 128 -32.48 -4.82 -49.10
N THR B 129 -32.82 -4.02 -50.11
CA THR B 129 -32.84 -2.54 -50.04
C THR B 129 -33.84 -2.09 -48.97
N ARG B 130 -35.03 -2.71 -48.93
CA ARG B 130 -36.13 -2.38 -47.98
C ARG B 130 -35.72 -2.78 -46.56
N TYR B 131 -35.17 -3.99 -46.37
CA TYR B 131 -34.78 -4.52 -45.04
C TYR B 131 -33.55 -3.78 -44.48
N LEU B 132 -32.71 -3.19 -45.33
CA LEU B 132 -31.49 -2.44 -44.87
C LEU B 132 -31.83 -0.98 -44.60
N MET B 133 -32.77 -0.37 -45.34
CA MET B 133 -33.03 1.10 -45.28
C MET B 133 -33.93 1.46 -44.08
N ASN B 134 -34.43 0.48 -43.31
CA ASN B 134 -35.15 0.72 -42.03
C ASN B 134 -34.23 0.37 -40.83
N ILE B 135 -33.19 -0.46 -41.03
CA ILE B 135 -32.10 -0.68 -40.02
C ILE B 135 -31.25 0.59 -39.91
N CYS B 136 -31.13 1.40 -40.98
CA CYS B 136 -30.14 2.49 -41.10
C CYS B 136 -30.75 3.87 -40.81
N ASN B 137 -32.08 3.98 -40.66
CA ASN B 137 -32.79 5.26 -40.35
C ASN B 137 -33.46 5.20 -38.97
N GLY B 138 -33.23 4.13 -38.19
CA GLY B 138 -33.71 4.00 -36.80
C GLY B 138 -35.20 3.75 -36.70
N LYS B 139 -35.73 2.84 -37.53
CA LYS B 139 -37.13 2.30 -37.39
C LYS B 139 -37.18 1.37 -36.16
N TRP B 140 -36.04 0.78 -35.80
CA TRP B 140 -35.84 -0.20 -34.71
C TRP B 140 -35.86 0.48 -33.32
N LEU B 141 -35.70 1.80 -33.26
CA LEU B 141 -35.77 2.60 -31.99
C LEU B 141 -37.23 2.92 -31.65
N TRP B 142 -38.13 2.90 -32.64
CA TRP B 142 -39.61 3.03 -32.51
C TRP B 142 -40.00 4.47 -32.13
N LYS B 143 -39.74 4.89 -30.89
CA LYS B 143 -40.26 6.16 -30.31
C LYS B 143 -39.15 7.17 -30.01
N ASN B 144 -37.89 6.72 -29.84
CA ASN B 144 -36.80 7.55 -29.27
C ASN B 144 -36.21 8.49 -30.34
N THR B 145 -36.41 8.18 -31.63
CA THR B 145 -36.00 9.03 -32.78
C THR B 145 -36.77 10.37 -32.73
N ARG B 146 -38.07 10.30 -32.41
CA ARG B 146 -38.98 11.48 -32.33
C ARG B 146 -38.61 12.30 -31.10
N LYS B 147 -38.51 13.62 -31.25
CA LYS B 147 -38.15 14.61 -30.20
C LYS B 147 -36.70 14.38 -29.73
N ALA B 148 -35.79 14.14 -30.69
CA ALA B 148 -34.32 14.07 -30.50
C ALA B 148 -33.66 15.08 -31.44
N TYR B 149 -32.42 15.50 -31.13
CA TYR B 149 -31.67 16.52 -31.93
C TYR B 149 -31.13 15.86 -33.20
N CYS B 150 -30.41 14.75 -33.05
CA CYS B 150 -29.82 13.95 -34.16
C CYS B 150 -29.38 12.57 -33.64
N TRP B 151 -29.38 11.56 -34.50
CA TRP B 151 -28.90 10.18 -34.18
C TRP B 151 -28.03 9.63 -35.31
N ASN B 152 -26.89 9.03 -34.94
CA ASN B 152 -25.90 8.46 -35.89
C ASN B 152 -25.86 6.94 -35.73
N ILE B 153 -26.11 6.20 -36.82
CA ILE B 153 -26.03 4.72 -36.90
C ILE B 153 -24.63 4.34 -37.35
N VAL B 154 -24.02 3.32 -36.72
CA VAL B 154 -22.76 2.67 -37.15
C VAL B 154 -22.98 1.15 -37.07
N LEU B 155 -22.95 0.47 -38.23
CA LEU B 155 -23.15 -1.00 -38.30
C LEU B 155 -21.85 -1.69 -38.75
N THR B 156 -21.47 -2.74 -38.02
CA THR B 156 -20.28 -3.60 -38.28
C THR B 156 -20.75 -4.87 -38.98
N PRO B 157 -20.57 -5.02 -40.31
CA PRO B 157 -20.99 -6.23 -41.01
C PRO B 157 -20.05 -7.42 -40.77
N TRP B 158 -20.44 -8.60 -41.29
CA TRP B 158 -19.64 -9.85 -41.21
C TRP B 158 -20.09 -10.83 -42.29
N PRO B 159 -19.17 -11.48 -43.06
CA PRO B 159 -17.74 -11.19 -43.05
C PRO B 159 -17.40 -10.00 -43.95
N TRP B 160 -16.75 -8.97 -43.40
CA TRP B 160 -16.46 -7.67 -44.07
C TRP B 160 -14.97 -7.35 -43.98
N ASN B 161 -14.29 -7.29 -45.13
CA ASN B 161 -12.86 -6.91 -45.28
C ASN B 161 -12.78 -5.39 -45.47
N GLY B 162 -12.74 -4.64 -44.37
CA GLY B 162 -12.68 -3.15 -44.37
C GLY B 162 -12.93 -2.57 -42.99
N GLU B 163 -13.61 -1.42 -42.94
CA GLU B 163 -13.91 -0.64 -41.70
C GLU B 163 -15.41 -0.73 -41.40
N LYS B 164 -15.86 0.00 -40.37
CA LYS B 164 -17.29 0.08 -39.96
C LYS B 164 -17.99 1.11 -40.84
N VAL B 165 -19.17 0.77 -41.38
CA VAL B 165 -19.99 1.66 -42.24
C VAL B 165 -20.97 2.43 -41.34
N GLY B 166 -21.02 3.76 -41.50
CA GLY B 166 -21.73 4.68 -40.60
C GLY B 166 -22.55 5.71 -41.34
N PHE B 167 -23.78 5.96 -40.87
CA PHE B 167 -24.71 7.01 -41.35
C PHE B 167 -24.77 8.13 -40.30
N GLU B 168 -24.37 9.35 -40.68
CA GLU B 168 -24.39 10.56 -39.80
C GLU B 168 -25.78 11.19 -39.87
N ASP B 169 -26.01 12.28 -39.12
CA ASP B 169 -27.34 12.81 -38.71
C ASP B 169 -28.37 12.64 -39.84
N ILE B 170 -29.51 12.00 -39.52
CA ILE B 170 -30.40 11.28 -40.48
C ILE B 170 -31.68 12.08 -40.77
N ARG B 171 -32.17 12.89 -39.81
CA ARG B 171 -33.35 13.78 -40.01
C ARG B 171 -33.18 14.60 -41.28
N THR B 172 -31.99 15.19 -41.48
CA THR B 172 -31.64 16.09 -42.61
C THR B 172 -31.14 15.29 -43.81
N ASN B 173 -30.05 14.52 -43.62
CA ASN B 173 -29.26 13.92 -44.72
C ASN B 173 -30.03 12.75 -45.35
N TYR B 174 -30.14 11.63 -44.65
CA TYR B 174 -30.65 10.33 -45.16
C TYR B 174 -32.17 10.24 -44.95
N THR B 175 -32.93 10.96 -45.78
CA THR B 175 -34.42 11.05 -45.73
C THR B 175 -35.02 10.12 -46.78
N SER B 176 -34.61 10.25 -48.05
CA SER B 176 -35.11 9.49 -49.22
C SER B 176 -34.26 8.22 -49.42
N ARG B 177 -34.81 7.24 -50.14
CA ARG B 177 -34.15 5.95 -50.51
C ARG B 177 -32.90 6.22 -51.35
N GLN B 178 -32.94 7.25 -52.23
CA GLN B 178 -31.81 7.69 -53.08
C GLN B 178 -30.63 8.13 -52.20
N ASP B 179 -30.91 8.83 -51.09
CA ASP B 179 -29.90 9.37 -50.15
C ASP B 179 -29.14 8.22 -49.48
N PHE B 180 -29.77 7.05 -49.32
CA PHE B 180 -29.12 5.78 -48.89
C PHE B 180 -28.37 5.15 -50.08
N LYS B 181 -28.86 5.35 -51.31
CA LYS B 181 -28.36 4.70 -52.56
C LYS B 181 -27.39 5.62 -53.33
N ASN B 182 -26.81 6.64 -52.69
CA ASN B 182 -25.65 7.41 -53.22
C ASN B 182 -24.59 7.58 -52.11
N ASN B 183 -24.45 6.57 -51.24
CA ASN B 183 -23.41 6.48 -50.20
C ASN B 183 -22.34 5.48 -50.66
N LYS B 184 -21.08 5.70 -50.29
CA LYS B 184 -19.88 5.04 -50.89
C LYS B 184 -19.73 3.58 -50.43
N ASN B 185 -20.59 3.08 -49.52
CA ASN B 185 -20.52 1.69 -48.97
C ASN B 185 -21.83 0.91 -49.17
N TRP B 186 -22.89 1.52 -49.70
CA TRP B 186 -24.27 0.95 -49.73
C TRP B 186 -24.32 -0.38 -50.52
N SER B 187 -23.69 -0.41 -51.71
CA SER B 187 -23.80 -1.53 -52.69
C SER B 187 -23.46 -2.88 -52.05
N ALA B 188 -22.28 -2.98 -51.42
CA ALA B 188 -21.71 -4.22 -50.85
C ALA B 188 -22.58 -4.76 -49.70
N ILE B 189 -23.01 -3.88 -48.78
CA ILE B 189 -23.83 -4.27 -47.59
C ILE B 189 -25.26 -4.65 -48.02
N VAL B 190 -25.68 -4.29 -49.24
CA VAL B 190 -26.91 -4.85 -49.89
C VAL B 190 -26.57 -6.22 -50.49
N GLU B 191 -25.44 -6.33 -51.20
CA GLU B 191 -25.01 -7.57 -51.91
C GLU B 191 -24.79 -8.71 -50.90
N MET B 192 -24.24 -8.43 -49.72
CA MET B 192 -23.97 -9.49 -48.69
C MET B 192 -25.29 -10.07 -48.17
N ILE B 193 -26.35 -9.25 -48.06
CA ILE B 193 -27.74 -9.70 -47.70
C ILE B 193 -28.28 -10.55 -48.85
N LYS B 194 -28.05 -10.11 -50.10
CA LYS B 194 -28.47 -10.82 -51.33
C LYS B 194 -27.81 -12.21 -51.38
N THR B 195 -26.50 -12.29 -51.08
CA THR B 195 -25.73 -13.56 -51.04
C THR B 195 -26.18 -14.42 -49.86
N ALA B 196 -26.48 -13.79 -48.71
CA ALA B 196 -27.01 -14.46 -47.50
C ALA B 196 -28.33 -15.18 -47.82
N PHE B 197 -29.19 -14.58 -48.66
CA PHE B 197 -30.48 -15.17 -49.13
C PHE B 197 -30.24 -16.10 -50.32
N SER B 198 -29.21 -15.85 -51.15
CA SER B 198 -28.91 -16.64 -52.38
C SER B 198 -28.29 -17.99 -51.99
N SER B 199 -27.13 -17.98 -51.33
CA SER B 199 -26.29 -19.18 -51.07
C SER B 199 -26.93 -20.04 -49.97
N THR B 200 -26.94 -21.36 -50.17
CA THR B 200 -27.40 -22.37 -49.17
C THR B 200 -26.39 -22.40 -48.00
N ASP B 201 -26.89 -22.23 -46.77
CA ASP B 201 -26.09 -22.11 -45.52
C ASP B 201 -25.20 -20.85 -45.60
N GLY B 202 -25.83 -19.70 -45.88
CA GLY B 202 -25.20 -18.36 -45.87
C GLY B 202 -25.49 -17.64 -44.57
N LEU B 203 -24.84 -16.49 -44.34
CA LEU B 203 -24.95 -15.68 -43.11
C LEU B 203 -24.50 -14.24 -43.38
N ALA B 204 -25.24 -13.26 -42.87
CA ALA B 204 -24.87 -11.83 -42.84
C ALA B 204 -25.24 -11.24 -41.48
N ILE B 205 -24.27 -11.19 -40.56
CA ILE B 205 -24.42 -10.57 -39.20
C ILE B 205 -24.15 -9.07 -39.34
N PHE B 206 -25.03 -8.24 -38.78
CA PHE B 206 -24.85 -6.77 -38.63
C PHE B 206 -24.96 -6.41 -37.14
N GLU B 207 -23.84 -6.04 -36.51
CA GLU B 207 -23.80 -5.42 -35.15
C GLU B 207 -23.99 -3.91 -35.32
N VAL B 208 -25.19 -3.42 -35.00
CA VAL B 208 -25.64 -2.01 -35.21
C VAL B 208 -25.56 -1.27 -33.88
N ARG B 209 -25.02 -0.05 -33.90
CA ARG B 209 -24.89 0.85 -32.72
C ARG B 209 -25.41 2.24 -33.09
N ALA B 210 -26.32 2.80 -32.30
CA ALA B 210 -26.93 4.13 -32.51
C ALA B 210 -26.53 5.08 -31.36
N THR B 211 -25.86 6.19 -31.69
CA THR B 211 -25.64 7.36 -30.81
C THR B 211 -26.83 8.31 -31.00
N LEU B 212 -27.47 8.75 -29.90
CA LEU B 212 -28.80 9.43 -29.90
C LEU B 212 -28.76 10.64 -28.97
N HIS B 213 -28.70 11.86 -29.54
CA HIS B 213 -28.62 13.16 -28.82
C HIS B 213 -30.03 13.64 -28.46
N LEU B 214 -30.39 13.57 -27.17
CA LEU B 214 -31.71 13.96 -26.62
C LEU B 214 -31.58 15.27 -25.85
N PRO B 215 -32.69 16.01 -25.61
CA PRO B 215 -32.67 17.18 -24.74
C PRO B 215 -32.43 16.85 -23.26
N THR B 216 -32.35 17.86 -22.39
CA THR B 216 -32.03 17.74 -20.94
C THR B 216 -33.18 17.01 -20.22
N ASN B 217 -32.85 15.92 -19.52
CA ASN B 217 -33.79 15.06 -18.74
C ASN B 217 -34.91 14.52 -19.66
N ALA B 218 -34.57 14.19 -20.91
CA ALA B 218 -35.52 13.61 -21.89
C ALA B 218 -35.94 12.21 -21.44
N MET B 219 -37.19 11.86 -21.71
CA MET B 219 -37.82 10.57 -21.33
C MET B 219 -37.50 9.53 -22.40
N VAL B 220 -36.82 8.44 -22.01
CA VAL B 220 -36.55 7.25 -22.88
C VAL B 220 -37.77 6.34 -22.82
N ARG B 221 -38.20 5.81 -23.96
CA ARG B 221 -39.46 5.03 -24.13
C ARG B 221 -39.13 3.60 -24.55
N PRO B 222 -38.77 2.72 -23.60
CA PRO B 222 -38.60 1.28 -23.90
C PRO B 222 -39.94 0.53 -23.95
N SER B 223 -39.88 -0.79 -24.14
CA SER B 223 -41.06 -1.69 -24.30
C SER B 223 -41.65 -2.02 -22.92
N GLN B 224 -42.89 -2.54 -22.90
CA GLN B 224 -43.67 -2.86 -21.68
C GLN B 224 -44.09 -4.33 -21.71
N VAL B 225 -44.31 -4.92 -20.53
CA VAL B 225 -44.71 -6.35 -20.35
C VAL B 225 -46.22 -6.47 -20.63
N PHE B 226 -46.68 -7.70 -20.92
CA PHE B 226 -48.10 -8.03 -21.23
C PHE B 226 -48.85 -8.31 -19.92
N THR B 227 -48.35 -9.28 -19.14
CA THR B 227 -48.86 -9.74 -17.80
C THR B 227 -50.38 -9.60 -17.70
N GLU B 228 -51.12 -10.61 -18.14
CA GLU B 228 -52.60 -10.72 -17.98
C GLU B 228 -52.94 -10.85 -16.48
N LYS B 229 -54.05 -10.27 -16.06
CA LYS B 229 -54.48 -10.19 -14.63
C LYS B 229 -55.99 -10.43 -14.53
N GLU B 230 -56.42 -11.05 -13.42
CA GLU B 230 -57.85 -11.33 -13.10
C GLU B 230 -58.46 -10.10 -12.44
N THR B 231 -51.63 -2.36 -5.02
CA THR B 231 -52.00 -3.13 -6.25
C THR B 231 -52.49 -2.15 -7.32
N GLN B 232 -51.58 -1.37 -7.90
CA GLN B 232 -51.91 -0.24 -8.84
C GLN B 232 -50.75 0.04 -9.79
N ASN B 233 -50.01 -1.00 -10.24
CA ASN B 233 -48.82 -0.86 -11.12
C ASN B 233 -49.25 -1.03 -12.58
N SER B 234 -49.38 0.09 -13.30
CA SER B 234 -49.49 0.17 -14.78
C SER B 234 -48.11 0.57 -15.35
N ARG B 235 -47.88 0.31 -16.65
CA ARG B 235 -46.63 0.65 -17.37
C ARG B 235 -45.43 0.02 -16.66
N VAL B 236 -45.35 -1.31 -16.67
CA VAL B 236 -44.21 -2.12 -16.15
C VAL B 236 -43.27 -2.41 -17.35
N PHE B 237 -42.03 -1.95 -17.28
CA PHE B 237 -41.02 -2.05 -18.38
C PHE B 237 -40.42 -3.46 -18.42
N GLN B 238 -40.02 -3.90 -19.62
CA GLN B 238 -39.22 -5.14 -19.85
C GLN B 238 -37.75 -4.82 -19.52
N SER B 239 -37.18 -5.50 -18.53
CA SER B 239 -35.84 -5.22 -17.94
C SER B 239 -34.87 -6.35 -18.27
N THR B 240 -33.56 -6.04 -18.25
CA THR B 240 -32.43 -7.01 -18.32
C THR B 240 -31.27 -6.48 -17.47
N THR B 241 -30.46 -7.38 -16.92
CA THR B 241 -29.31 -7.07 -16.02
C THR B 241 -28.04 -6.85 -16.85
N ILE B 242 -27.44 -5.66 -16.74
CA ILE B 242 -26.11 -5.30 -17.34
C ILE B 242 -25.18 -4.92 -16.18
N ASP B 243 -24.01 -5.56 -16.09
CA ASP B 243 -22.96 -5.31 -15.07
C ASP B 243 -23.56 -5.41 -13.65
N GLY B 244 -24.50 -6.35 -13.45
CA GLY B 244 -25.18 -6.58 -12.16
C GLY B 244 -26.55 -5.92 -12.09
N GLU B 245 -26.64 -4.63 -12.45
CA GLU B 245 -27.84 -3.78 -12.23
C GLU B 245 -28.79 -3.88 -13.43
N ARG B 246 -30.09 -3.63 -13.21
CA ARG B 246 -31.16 -3.74 -14.23
C ARG B 246 -31.08 -2.58 -15.23
N SER B 247 -31.78 -2.70 -16.35
CA SER B 247 -31.88 -1.70 -17.44
C SER B 247 -33.01 -2.09 -18.40
N PRO B 248 -33.71 -1.13 -19.03
CA PRO B 248 -34.78 -1.44 -19.99
C PRO B 248 -34.19 -1.93 -21.33
N ILE B 249 -34.96 -2.74 -22.06
CA ILE B 249 -34.45 -3.67 -23.12
C ILE B 249 -35.01 -3.36 -24.50
N LEU B 250 -36.24 -2.81 -24.60
CA LEU B 250 -36.96 -2.48 -25.87
C LEU B 250 -37.18 -3.75 -26.70
N GLY B 251 -37.58 -4.84 -26.04
CA GLY B 251 -38.00 -6.11 -26.65
C GLY B 251 -36.91 -6.80 -27.45
N ALA B 252 -37.21 -8.03 -27.90
CA ALA B 252 -36.49 -8.77 -28.96
C ALA B 252 -37.37 -8.86 -30.21
N PHE B 253 -38.68 -9.12 -30.02
CA PHE B 253 -39.69 -9.23 -31.10
C PHE B 253 -40.19 -7.85 -31.55
N LYS B 254 -40.12 -6.83 -30.68
CA LYS B 254 -40.54 -5.43 -31.04
C LYS B 254 -39.65 -4.97 -32.20
N THR B 255 -38.32 -5.05 -32.03
CA THR B 255 -37.31 -4.69 -33.05
C THR B 255 -37.39 -5.64 -34.26
N GLY B 256 -37.83 -6.88 -34.05
CA GLY B 256 -38.15 -7.85 -35.11
C GLY B 256 -39.23 -7.35 -36.05
N ALA B 257 -40.27 -6.72 -35.50
CA ALA B 257 -41.45 -6.19 -36.25
C ALA B 257 -41.13 -4.83 -36.89
N ALA B 258 -40.08 -4.14 -36.41
CA ALA B 258 -39.63 -2.82 -36.92
C ALA B 258 -39.01 -2.98 -38.31
N ILE B 259 -38.06 -3.92 -38.44
CA ILE B 259 -37.26 -4.15 -39.69
C ILE B 259 -37.98 -5.11 -40.63
N ALA B 260 -39.22 -5.51 -40.32
CA ALA B 260 -40.13 -6.26 -41.20
C ALA B 260 -41.37 -5.40 -41.54
N THR B 261 -41.24 -4.06 -41.46
CA THR B 261 -42.29 -3.08 -41.84
C THR B 261 -42.02 -2.60 -43.27
N ILE B 262 -42.36 -3.44 -44.25
CA ILE B 262 -42.04 -3.26 -45.71
C ILE B 262 -43.31 -3.29 -46.56
N ASP B 263 -44.41 -3.89 -46.07
CA ASP B 263 -45.63 -4.19 -46.86
C ASP B 263 -46.44 -2.91 -47.09
N ASP B 264 -46.39 -2.37 -48.32
CA ASP B 264 -47.23 -1.23 -48.78
C ASP B 264 -47.92 -1.60 -50.10
N TRP B 265 -48.19 -2.89 -50.32
CA TRP B 265 -48.74 -3.45 -51.59
C TRP B 265 -50.21 -3.87 -51.42
N TYR B 266 -50.90 -3.37 -50.39
CA TYR B 266 -52.35 -3.62 -50.17
C TYR B 266 -53.13 -2.65 -51.05
N PRO B 267 -54.40 -2.95 -51.43
CA PRO B 267 -55.17 -2.12 -52.36
C PRO B 267 -55.16 -0.60 -52.16
N GLU B 268 -54.92 -0.11 -50.93
CA GLU B 268 -54.97 1.34 -50.57
C GLU B 268 -53.57 1.96 -50.70
N ALA B 269 -52.56 1.33 -50.09
CA ALA B 269 -51.12 1.68 -50.17
C ALA B 269 -50.88 3.12 -49.69
N THR B 270 -51.01 3.34 -48.37
CA THR B 270 -50.78 4.64 -47.68
C THR B 270 -49.59 4.52 -46.73
N GLU B 271 -49.60 3.50 -45.85
CA GLU B 271 -48.57 3.26 -44.80
C GLU B 271 -47.87 1.92 -45.07
N PRO B 272 -46.55 1.79 -44.82
CA PRO B 272 -45.89 0.49 -44.74
C PRO B 272 -46.40 -0.32 -43.53
N LEU B 273 -46.93 -1.53 -43.77
CA LEU B 273 -47.40 -2.48 -42.72
C LEU B 273 -46.28 -3.45 -42.35
N ARG B 274 -46.39 -4.06 -41.17
CA ARG B 274 -45.62 -5.25 -40.74
C ARG B 274 -46.15 -6.46 -41.50
N VAL B 275 -45.27 -7.22 -42.16
CA VAL B 275 -45.64 -8.33 -43.09
C VAL B 275 -46.37 -9.43 -42.31
N GLY B 276 -47.69 -9.28 -42.16
CA GLY B 276 -48.59 -10.24 -41.51
C GLY B 276 -49.22 -11.19 -42.52
N ARG B 277 -49.79 -12.28 -42.02
CA ARG B 277 -50.59 -13.27 -42.80
C ARG B 277 -51.86 -12.58 -43.32
N PHE B 278 -52.60 -11.93 -42.42
CA PHE B 278 -53.88 -11.22 -42.70
C PHE B 278 -53.63 -9.70 -42.87
N GLY B 279 -52.40 -9.23 -42.62
CA GLY B 279 -52.00 -7.82 -42.77
C GLY B 279 -52.68 -6.92 -41.74
N VAL B 280 -52.66 -7.33 -40.48
CA VAL B 280 -53.35 -6.62 -39.35
C VAL B 280 -52.55 -5.36 -39.00
N HIS B 281 -53.23 -4.22 -38.88
CA HIS B 281 -52.69 -2.91 -38.42
C HIS B 281 -53.03 -2.76 -36.93
N ARG B 282 -52.01 -2.80 -36.06
CA ARG B 282 -52.19 -2.85 -34.58
C ARG B 282 -52.69 -1.49 -34.06
N GLU B 283 -52.32 -0.39 -34.75
CA GLU B 283 -52.89 0.97 -34.53
C GLU B 283 -53.86 1.28 -35.67
N ASP B 284 -54.96 1.98 -35.37
CA ASP B 284 -56.10 2.25 -36.31
C ASP B 284 -56.63 0.89 -36.77
N VAL B 285 -57.10 0.08 -35.82
CA VAL B 285 -57.25 -1.41 -35.96
C VAL B 285 -58.22 -1.71 -37.11
N THR B 286 -57.78 -2.60 -38.01
CA THR B 286 -58.47 -2.96 -39.29
C THR B 286 -57.88 -4.28 -39.80
N CYS B 287 -58.29 -4.71 -41.00
CA CYS B 287 -57.77 -5.92 -41.69
C CYS B 287 -57.63 -5.62 -43.20
N TYR B 288 -56.66 -4.78 -43.56
CA TYR B 288 -56.16 -4.66 -44.95
C TYR B 288 -55.55 -6.01 -45.34
N ARG B 289 -55.87 -6.53 -46.53
CA ARG B 289 -55.51 -7.90 -47.00
C ARG B 289 -56.35 -8.95 -46.25
N HIS B 290 -57.63 -8.66 -45.97
CA HIS B 290 -58.57 -9.61 -45.31
C HIS B 290 -58.82 -10.80 -46.23
N PRO B 291 -58.92 -12.05 -45.71
CA PRO B 291 -59.26 -13.22 -46.55
C PRO B 291 -60.70 -13.28 -47.10
N SER B 292 -61.33 -12.13 -47.37
CA SER B 292 -62.53 -11.99 -48.25
C SER B 292 -62.18 -11.15 -49.49
N THR B 293 -61.32 -10.14 -49.33
CA THR B 293 -60.73 -9.32 -50.43
C THR B 293 -59.93 -10.25 -51.37
N GLY B 294 -59.27 -11.27 -50.82
CA GLY B 294 -58.55 -12.33 -51.55
C GLY B 294 -57.13 -11.94 -51.87
N LYS B 295 -56.43 -11.29 -50.92
CA LYS B 295 -55.01 -10.87 -51.04
C LYS B 295 -54.24 -11.23 -49.77
N ASP B 296 -54.70 -12.22 -49.01
CA ASP B 296 -54.02 -12.75 -47.79
C ASP B 296 -52.96 -13.77 -48.23
N PHE B 297 -52.24 -14.37 -47.27
CA PHE B 297 -51.21 -15.41 -47.53
C PHE B 297 -51.83 -16.81 -47.37
N PHE B 298 -52.95 -17.05 -48.08
CA PHE B 298 -53.54 -18.39 -48.35
C PHE B 298 -54.17 -18.41 -49.75
N SER B 299 -54.86 -17.33 -50.16
CA SER B 299 -55.29 -17.07 -51.55
C SER B 299 -54.07 -16.89 -52.47
N ILE B 300 -52.95 -16.37 -51.94
CA ILE B 300 -51.67 -16.17 -52.68
C ILE B 300 -50.87 -17.48 -52.70
N LEU B 301 -50.81 -18.21 -51.57
CA LEU B 301 -50.02 -19.47 -51.44
C LEU B 301 -50.63 -20.58 -52.32
N GLN B 302 -51.97 -20.61 -52.46
CA GLN B 302 -52.70 -21.60 -53.30
C GLN B 302 -52.68 -21.19 -54.78
N GLN B 303 -52.21 -19.97 -55.10
CA GLN B 303 -52.01 -19.46 -56.49
C GLN B 303 -50.53 -19.58 -56.90
N ALA B 304 -49.73 -20.38 -56.18
CA ALA B 304 -48.29 -20.58 -56.42
C ALA B 304 -48.05 -21.20 -57.82
N GLU B 305 -48.95 -22.10 -58.25
CA GLU B 305 -48.90 -22.78 -59.57
C GLU B 305 -49.09 -21.77 -60.71
N HIS B 306 -49.84 -20.69 -60.48
CA HIS B 306 -50.03 -19.56 -61.44
C HIS B 306 -48.74 -18.73 -61.51
N TYR B 307 -48.05 -18.55 -60.37
CA TYR B 307 -46.79 -17.75 -60.25
C TYR B 307 -45.57 -18.56 -60.70
N ILE B 308 -45.73 -19.86 -61.00
CA ILE B 308 -44.71 -20.67 -61.75
C ILE B 308 -44.61 -20.12 -63.17
N GLU B 309 -45.75 -19.96 -63.86
CA GLU B 309 -45.83 -19.62 -65.31
C GLU B 309 -46.19 -18.14 -65.51
N VAL B 310 -45.73 -17.26 -64.61
CA VAL B 310 -45.68 -15.78 -64.84
C VAL B 310 -44.20 -15.31 -64.86
N LEU B 311 -43.30 -16.02 -64.17
CA LEU B 311 -41.82 -15.80 -64.21
C LEU B 311 -41.23 -16.58 -65.39
N SER B 312 -41.67 -17.83 -65.59
CA SER B 312 -41.19 -18.78 -66.62
C SER B 312 -41.39 -18.19 -68.03
N ALA B 313 -42.58 -17.63 -68.29
CA ALA B 313 -42.91 -16.86 -69.52
C ALA B 313 -42.57 -15.38 -69.30
N ASN B 314 -42.70 -14.57 -70.36
CA ASN B 314 -42.50 -13.10 -70.33
C ASN B 314 -43.84 -12.41 -70.60
N LYS B 315 -44.12 -11.25 -69.96
CA LYS B 315 -43.22 -10.46 -69.14
C LYS B 315 -43.98 -10.09 -67.84
N THR B 316 -43.25 -9.98 -66.72
CA THR B 316 -43.81 -9.73 -65.36
C THR B 316 -44.36 -8.30 -65.28
N PRO B 317 -45.69 -8.12 -65.06
CA PRO B 317 -46.28 -6.78 -65.02
C PRO B 317 -46.17 -6.11 -63.64
N ALA B 318 -45.81 -4.82 -63.62
CA ALA B 318 -45.53 -3.99 -62.41
C ALA B 318 -46.71 -4.01 -61.43
N GLN B 319 -47.94 -4.16 -61.95
CA GLN B 319 -49.21 -4.28 -61.19
C GLN B 319 -49.23 -5.58 -60.36
N GLU B 320 -50.40 -5.93 -59.81
CA GLU B 320 -50.67 -6.86 -58.67
C GLU B 320 -49.64 -8.01 -58.59
N THR B 321 -49.34 -8.66 -59.71
CA THR B 321 -48.52 -9.90 -59.81
C THR B 321 -47.15 -9.71 -59.14
N ILE B 322 -46.38 -8.69 -59.55
CA ILE B 322 -45.04 -8.35 -59.00
C ILE B 322 -45.15 -8.18 -57.47
N ASN B 323 -46.18 -7.46 -57.01
CA ASN B 323 -46.44 -7.19 -55.57
C ASN B 323 -46.77 -8.49 -54.84
N ASP B 324 -47.51 -9.40 -55.48
CA ASP B 324 -47.92 -10.71 -54.91
C ASP B 324 -46.68 -11.60 -54.71
N MET B 325 -45.76 -11.65 -55.68
CA MET B 325 -44.46 -12.38 -55.56
C MET B 325 -43.64 -11.78 -54.40
N HIS B 326 -43.55 -10.45 -54.33
CA HIS B 326 -42.87 -9.69 -53.25
C HIS B 326 -43.49 -10.06 -51.89
N PHE B 327 -44.83 -10.06 -51.80
CA PHE B 327 -45.59 -10.36 -50.55
C PHE B 327 -45.41 -11.83 -50.15
N LEU B 328 -45.45 -12.75 -51.13
CA LEU B 328 -45.23 -14.21 -50.92
C LEU B 328 -43.85 -14.40 -50.27
N MET B 329 -42.81 -13.80 -50.84
CA MET B 329 -41.40 -13.91 -50.37
C MET B 329 -41.22 -13.18 -49.04
N ALA B 330 -41.85 -12.00 -48.87
CA ALA B 330 -41.84 -11.22 -47.61
C ALA B 330 -42.43 -12.06 -46.46
N ASN B 331 -43.39 -12.95 -46.76
CA ASN B 331 -43.98 -13.91 -45.79
C ASN B 331 -43.01 -15.08 -45.54
N LEU B 332 -42.31 -15.56 -46.58
CA LEU B 332 -41.29 -16.65 -46.45
C LEU B 332 -40.10 -16.17 -45.62
N ILE B 333 -39.71 -14.89 -45.73
CA ILE B 333 -38.63 -14.26 -44.93
C ILE B 333 -39.27 -13.52 -43.75
N LYS B 334 -40.19 -14.18 -43.03
CA LYS B 334 -40.83 -13.67 -41.79
C LYS B 334 -41.02 -14.84 -40.81
N GLY B 335 -41.92 -15.77 -41.15
CA GLY B 335 -42.46 -16.77 -40.20
C GLY B 335 -42.58 -18.14 -40.82
N GLY B 336 -43.68 -18.84 -40.52
CA GLY B 336 -43.92 -20.23 -40.95
C GLY B 336 -44.79 -21.01 -39.97
N MET B 337 -46.09 -21.00 -40.20
CA MET B 337 -47.08 -21.96 -39.63
C MET B 337 -48.13 -22.23 -40.72
N PHE B 338 -47.68 -22.44 -41.95
CA PHE B 338 -48.47 -22.35 -43.21
C PHE B 338 -49.32 -23.62 -43.35
N GLN B 339 -50.34 -23.74 -42.48
CA GLN B 339 -50.93 -25.04 -42.05
C GLN B 339 -52.47 -25.02 -42.04
N HIS B 340 -53.10 -23.86 -41.76
CA HIS B 340 -54.33 -23.70 -40.92
C HIS B 340 -55.07 -25.03 -40.73
N LYS B 341 -56.27 -25.22 -41.29
CA LYS B 341 -57.09 -26.46 -41.25
C LYS B 341 -57.48 -26.78 -39.79
N GLY B 342 -56.50 -27.06 -38.92
CA GLY B 342 -56.70 -27.17 -37.46
C GLY B 342 -55.96 -26.10 -36.66
N ASP B 343 -54.93 -25.47 -37.22
CA ASP B 343 -54.07 -24.47 -36.52
C ASP B 343 -53.44 -23.51 -37.55
N LYS C 1 -71.08 7.97 -31.54
CA LYS C 1 -69.86 8.71 -31.08
C LYS C 1 -69.26 8.02 -29.84
N LEU C 2 -67.99 8.32 -29.54
CA LEU C 2 -67.14 7.59 -28.56
C LEU C 2 -67.11 6.11 -28.94
N PRO C 3 -66.32 5.71 -29.96
CA PRO C 3 -66.47 4.40 -30.60
C PRO C 3 -65.72 3.23 -29.92
N THR C 4 -65.67 3.21 -28.59
CA THR C 4 -65.19 2.08 -27.72
C THR C 4 -63.66 1.92 -27.77
N ASN C 5 -62.95 2.64 -28.65
CA ASN C 5 -61.46 2.64 -28.73
C ASN C 5 -61.02 3.86 -29.54
N LEU C 6 -60.39 4.83 -28.86
CA LEU C 6 -59.97 6.14 -29.43
C LEU C 6 -58.93 6.78 -28.50
N ALA C 7 -57.65 6.83 -28.92
CA ALA C 7 -56.51 7.29 -28.11
C ALA C 7 -55.70 8.35 -28.87
N TYR C 8 -55.35 9.44 -28.19
CA TYR C 8 -54.43 10.51 -28.66
C TYR C 8 -53.11 10.44 -27.87
N GLU C 9 -52.01 10.81 -28.51
CA GLU C 9 -50.65 10.92 -27.88
C GLU C 9 -50.47 12.34 -27.33
N ARG C 10 -49.35 12.58 -26.65
CA ARG C 10 -48.96 13.90 -26.06
C ARG C 10 -48.28 14.73 -27.15
N SER C 11 -48.53 16.04 -27.17
CA SER C 11 -47.87 17.03 -28.08
C SER C 11 -46.95 17.99 -27.30
N ILE C 12 -47.06 18.05 -25.96
CA ILE C 12 -46.16 18.82 -25.06
C ILE C 12 -45.48 17.84 -24.10
N ASP C 13 -44.16 17.65 -24.26
CA ASP C 13 -43.32 16.73 -23.45
C ASP C 13 -42.37 17.55 -22.58
N PRO C 14 -42.74 17.90 -21.33
CA PRO C 14 -41.82 18.53 -20.39
C PRO C 14 -40.93 17.49 -19.69
N SER C 15 -40.03 17.93 -18.82
CA SER C 15 -39.03 17.09 -18.11
C SER C 15 -38.94 17.49 -16.63
N ASP C 16 -38.09 16.77 -15.88
CA ASP C 16 -37.74 17.06 -14.46
C ASP C 16 -36.97 18.38 -14.40
N VAL C 17 -37.28 19.24 -13.41
CA VAL C 17 -36.64 20.57 -13.22
C VAL C 17 -35.50 20.42 -12.20
N CYS C 18 -34.28 20.17 -12.70
CA CYS C 18 -33.06 19.95 -11.87
C CYS C 18 -32.62 21.27 -11.22
N PHE C 19 -32.63 21.32 -9.90
CA PHE C 19 -32.13 22.45 -9.06
C PHE C 19 -30.61 22.37 -8.97
N PHE C 20 -29.92 23.51 -9.17
CA PHE C 20 -28.48 23.68 -8.92
C PHE C 20 -28.25 24.94 -8.08
N VAL C 21 -27.50 24.83 -6.98
CA VAL C 21 -27.04 26.01 -6.18
C VAL C 21 -25.73 26.49 -6.81
N VAL C 22 -25.66 27.77 -7.18
CA VAL C 22 -24.50 28.39 -7.87
C VAL C 22 -23.89 29.44 -6.92
N TRP C 23 -22.57 29.32 -6.70
CA TRP C 23 -21.78 30.13 -5.74
C TRP C 23 -21.30 31.41 -6.42
N PRO C 24 -20.73 32.40 -5.68
CA PRO C 24 -20.12 33.58 -6.30
C PRO C 24 -18.95 33.30 -7.26
N ASP C 25 -18.29 32.14 -7.16
CA ASP C 25 -17.20 31.68 -8.06
C ASP C 25 -17.75 31.11 -9.37
N ASP C 26 -19.08 30.92 -9.47
CA ASP C 26 -19.80 30.39 -10.67
C ASP C 26 -19.40 28.93 -10.90
N ARG C 27 -19.27 28.17 -9.81
CA ARG C 27 -19.21 26.68 -9.80
C ARG C 27 -20.56 26.18 -9.26
N LYS C 28 -21.23 25.28 -9.98
CA LYS C 28 -22.62 24.82 -9.67
C LYS C 28 -22.55 23.46 -8.99
N THR C 29 -23.07 23.36 -7.77
CA THR C 29 -23.31 22.09 -7.04
C THR C 29 -24.81 21.80 -7.01
N PRO C 30 -25.22 20.51 -6.96
CA PRO C 30 -26.62 20.15 -6.74
C PRO C 30 -27.13 20.59 -5.36
N LEU C 31 -28.42 20.92 -5.28
CA LEU C 31 -29.12 21.23 -4.00
C LEU C 31 -29.35 19.91 -3.25
N THR C 32 -29.29 19.93 -1.92
CA THR C 32 -29.40 18.74 -1.03
C THR C 32 -30.35 19.05 0.13
N TYR C 33 -31.20 18.08 0.49
CA TYR C 33 -32.19 18.15 1.60
C TYR C 33 -31.84 17.11 2.66
N ASN C 34 -32.43 17.24 3.86
CA ASN C 34 -32.20 16.34 5.03
C ASN C 34 -33.52 16.14 5.78
N SER C 35 -33.81 14.90 6.18
CA SER C 35 -34.97 14.50 7.02
C SER C 35 -34.67 14.84 8.48
N ARG C 36 -35.18 15.97 8.96
CA ARG C 36 -35.03 16.41 10.38
C ARG C 36 -36.34 16.18 11.13
N THR C 37 -36.23 15.55 12.31
CA THR C 37 -37.35 15.27 13.24
C THR C 37 -37.63 16.55 14.05
N LEU C 38 -38.91 16.82 14.34
CA LEU C 38 -39.37 18.02 15.06
C LEU C 38 -40.54 17.66 15.98
N LEU C 39 -40.81 18.51 16.98
CA LEU C 39 -41.81 18.30 18.06
C LEU C 39 -42.93 19.34 17.89
N GLY C 40 -44.14 18.89 17.57
CA GLY C 40 -45.34 19.73 17.39
C GLY C 40 -46.33 19.57 18.53
N GLN C 41 -47.27 20.53 18.63
CA GLN C 41 -48.35 20.55 19.65
C GLN C 41 -49.49 19.63 19.19
N MET C 42 -50.46 19.36 20.08
CA MET C 42 -51.69 18.59 19.78
C MET C 42 -52.74 19.55 19.19
N GLU C 43 -52.65 19.83 17.88
CA GLU C 43 -53.40 20.90 17.17
C GLU C 43 -54.60 20.32 16.41
N ALA C 44 -54.73 19.00 16.29
CA ALA C 44 -55.80 18.33 15.52
C ALA C 44 -57.15 18.50 16.23
N LYS C 45 -58.24 18.64 15.46
CA LYS C 45 -59.63 18.77 15.96
C LYS C 45 -60.11 17.40 16.46
N SER C 46 -59.57 16.30 15.93
CA SER C 46 -59.91 14.89 16.29
C SER C 46 -59.58 14.60 17.76
N LEU C 47 -58.54 15.23 18.31
CA LEU C 47 -57.96 14.92 19.65
C LEU C 47 -58.79 15.53 20.79
N ALA C 48 -59.73 16.43 20.50
CA ALA C 48 -60.54 17.14 21.53
C ALA C 48 -62.01 17.33 21.13
N TYR C 49 -62.52 16.59 20.14
CA TYR C 49 -63.94 16.69 19.68
C TYR C 49 -64.39 15.36 19.05
N ASP C 50 -65.59 14.90 19.42
CA ASP C 50 -66.27 13.68 18.87
C ASP C 50 -66.84 14.05 17.49
N VAL C 51 -68.15 14.35 17.39
CA VAL C 51 -68.79 15.22 16.35
C VAL C 51 -70.20 15.56 16.87
N SER C 52 -70.53 16.86 17.04
CA SER C 52 -69.63 17.99 17.12
C SER C 52 -69.70 18.57 18.54
N GLY C 53 -69.62 17.69 19.54
CA GLY C 53 -69.92 17.98 20.96
C GLY C 53 -68.67 18.28 21.77
N GLN C 54 -68.31 17.37 22.69
CA GLN C 54 -67.17 17.52 23.63
C GLN C 54 -66.46 16.18 23.79
N PRO C 55 -65.15 16.16 24.15
CA PRO C 55 -64.38 14.92 24.21
C PRO C 55 -64.62 14.12 25.50
N ILE C 56 -64.29 12.82 25.46
CA ILE C 56 -64.18 11.91 26.64
C ILE C 56 -63.22 12.52 27.67
N LYS C 57 -63.20 11.96 28.89
CA LYS C 57 -62.37 12.46 30.03
C LYS C 57 -60.95 11.88 29.91
N SER C 58 -60.40 11.82 28.70
CA SER C 58 -59.01 11.40 28.37
C SER C 58 -58.25 12.50 27.60
N ALA C 59 -58.96 13.52 27.07
CA ALA C 59 -58.39 14.71 26.40
C ALA C 59 -58.35 15.87 27.40
N THR C 60 -57.76 15.64 28.57
CA THR C 60 -57.63 16.62 29.69
C THR C 60 -56.53 17.63 29.38
N ALA C 61 -56.53 18.76 30.09
CA ALA C 61 -55.66 19.95 29.86
C ALA C 61 -54.18 19.56 29.89
N GLU C 62 -53.79 18.57 30.71
CA GLU C 62 -52.41 18.03 30.79
C GLU C 62 -52.14 17.12 29.58
N ALA C 63 -53.14 16.35 29.13
CA ALA C 63 -53.03 15.38 28.02
C ALA C 63 -52.99 16.11 26.67
N LEU C 64 -53.41 17.38 26.61
CA LEU C 64 -53.39 18.23 25.37
C LEU C 64 -52.12 19.09 25.32
N ALA C 65 -51.08 18.77 26.11
CA ALA C 65 -49.79 19.51 26.16
C ALA C 65 -48.57 18.60 25.90
N GLN C 66 -48.71 17.27 25.99
CA GLN C 66 -47.60 16.30 25.76
C GLN C 66 -47.32 16.26 24.25
N GLY C 67 -46.49 17.18 23.76
CA GLY C 67 -46.24 17.43 22.32
C GLY C 67 -45.78 16.19 21.59
N ASN C 68 -46.27 15.97 20.36
CA ASN C 68 -46.02 14.75 19.55
C ASN C 68 -44.98 15.05 18.49
N PRO C 69 -43.99 14.14 18.25
CA PRO C 69 -42.97 14.36 17.23
C PRO C 69 -43.41 13.92 15.83
N HIS C 70 -42.89 14.61 14.80
CA HIS C 70 -42.98 14.22 13.37
C HIS C 70 -41.56 14.21 12.78
N GLN C 71 -41.42 13.75 11.53
CA GLN C 71 -40.14 13.68 10.77
C GLN C 71 -40.39 14.21 9.36
N VAL C 72 -39.87 15.40 9.05
CA VAL C 72 -40.13 16.15 7.78
C VAL C 72 -38.81 16.37 7.03
N ASP C 73 -38.81 16.18 5.71
CA ASP C 73 -37.67 16.54 4.82
C ASP C 73 -37.59 18.06 4.72
N PHE C 74 -36.41 18.63 4.97
CA PHE C 74 -36.14 20.09 4.93
C PHE C 74 -35.07 20.37 3.86
N CYS C 75 -35.44 21.17 2.85
CA CYS C 75 -34.56 21.68 1.77
C CYS C 75 -34.48 23.21 1.89
N HIS C 76 -33.27 23.76 1.90
CA HIS C 76 -33.00 25.23 1.95
C HIS C 76 -31.75 25.55 1.14
N VAL C 77 -31.63 26.80 0.69
CA VAL C 77 -30.41 27.36 0.04
C VAL C 77 -29.31 27.42 1.10
N PRO C 78 -28.09 26.90 0.87
CA PRO C 78 -27.01 27.02 1.85
C PRO C 78 -26.50 28.47 1.98
N TYR C 79 -25.86 28.79 3.11
CA TYR C 79 -25.37 30.17 3.43
C TYR C 79 -24.25 30.57 2.47
N GLY C 80 -24.27 31.83 2.03
CA GLY C 80 -23.20 32.46 1.22
C GLY C 80 -23.32 32.15 -0.27
N ALA C 81 -24.37 31.44 -0.70
CA ALA C 81 -24.63 31.09 -2.12
C ALA C 81 -25.18 32.32 -2.85
N SER C 82 -24.86 32.46 -4.13
CA SER C 82 -25.27 33.60 -4.99
C SER C 82 -26.77 33.49 -5.32
N HIS C 83 -27.17 32.40 -5.99
CA HIS C 83 -28.56 32.15 -6.42
C HIS C 83 -28.76 30.67 -6.80
N ILE C 84 -29.98 30.31 -7.22
CA ILE C 84 -30.41 28.94 -7.62
C ILE C 84 -30.71 28.94 -9.13
N GLU C 85 -30.19 27.97 -9.88
CA GLU C 85 -30.51 27.75 -11.32
C GLU C 85 -31.38 26.50 -11.45
N CYS C 86 -32.54 26.65 -12.12
CA CYS C 86 -33.52 25.57 -12.42
C CYS C 86 -33.55 25.32 -13.93
N SER C 87 -33.24 24.09 -14.37
CA SER C 87 -33.04 23.72 -15.79
C SER C 87 -34.01 22.58 -16.18
N PHE C 88 -34.73 22.74 -17.31
CA PHE C 88 -35.61 21.72 -17.91
C PHE C 88 -35.84 22.04 -19.40
N SER C 89 -36.51 21.13 -20.12
CA SER C 89 -36.73 21.20 -21.59
C SER C 89 -38.18 20.84 -21.94
N VAL C 90 -38.87 21.71 -22.68
CA VAL C 90 -40.22 21.46 -23.28
C VAL C 90 -40.01 21.07 -24.75
N SER C 91 -40.83 20.14 -25.26
CA SER C 91 -40.75 19.60 -26.64
C SER C 91 -42.14 19.57 -27.28
N PHE C 92 -42.48 20.62 -28.04
CA PHE C 92 -43.73 20.74 -28.84
C PHE C 92 -43.60 19.89 -30.12
N SER C 93 -44.63 19.10 -30.42
CA SER C 93 -44.69 18.17 -31.60
C SER C 93 -46.08 18.23 -32.26
N SER C 94 -46.21 17.52 -33.39
CA SER C 94 -47.43 17.47 -34.25
C SER C 94 -48.10 16.10 -34.13
N GLU C 95 -48.48 15.71 -32.89
CA GLU C 95 -49.15 14.42 -32.58
C GLU C 95 -50.58 14.70 -32.10
N LEU C 96 -51.20 15.78 -32.59
CA LEU C 96 -52.61 16.18 -32.30
C LEU C 96 -53.48 16.11 -33.58
N ARG C 97 -52.89 15.75 -34.73
CA ARG C 97 -53.56 15.80 -36.05
C ARG C 97 -54.50 14.59 -36.16
N GLN C 98 -53.90 13.39 -36.07
CA GLN C 98 -54.59 12.09 -36.28
C GLN C 98 -54.54 11.29 -34.98
N PRO C 99 -55.64 10.60 -34.58
CA PRO C 99 -55.62 9.73 -33.40
C PRO C 99 -54.62 8.57 -33.54
N TYR C 100 -53.94 8.23 -32.44
CA TYR C 100 -52.91 7.16 -32.34
C TYR C 100 -53.58 5.81 -32.66
N LYS C 101 -54.68 5.51 -31.95
CA LYS C 101 -55.63 4.40 -32.27
C LYS C 101 -57.04 4.99 -32.37
N CYS C 102 -57.87 4.45 -33.28
CA CYS C 102 -59.22 5.00 -33.61
C CYS C 102 -60.29 3.91 -33.82
N ASN C 103 -59.95 2.74 -34.39
CA ASN C 103 -60.80 1.53 -34.45
C ASN C 103 -61.83 1.63 -35.60
N SER C 104 -62.40 2.81 -35.84
CA SER C 104 -63.48 3.04 -36.85
C SER C 104 -63.14 4.27 -37.70
N SER C 105 -62.97 4.08 -39.01
CA SER C 105 -62.61 5.13 -40.01
C SER C 105 -63.86 5.93 -40.40
N LYS C 106 -64.52 6.54 -39.40
CA LYS C 106 -65.68 7.46 -39.55
C LYS C 106 -65.44 8.67 -38.63
N VAL C 107 -65.10 8.43 -37.36
CA VAL C 107 -64.72 9.48 -36.35
C VAL C 107 -63.29 9.97 -36.63
N LYS C 108 -62.43 9.13 -37.23
CA LYS C 108 -61.01 9.47 -37.55
C LYS C 108 -61.00 10.63 -38.55
N GLN C 109 -61.63 10.44 -39.71
CA GLN C 109 -61.77 11.44 -40.80
C GLN C 109 -62.47 12.71 -40.26
N THR C 110 -63.45 12.55 -39.35
CA THR C 110 -64.15 13.67 -38.66
C THR C 110 -63.13 14.51 -37.87
N LEU C 111 -62.34 13.85 -37.01
CA LEU C 111 -61.37 14.52 -36.09
C LEU C 111 -60.20 15.14 -36.87
N VAL C 112 -59.72 14.48 -37.93
CA VAL C 112 -58.64 15.02 -38.81
C VAL C 112 -59.18 16.27 -39.52
N GLN C 113 -60.40 16.17 -40.10
CA GLN C 113 -61.10 17.31 -40.77
C GLN C 113 -61.31 18.46 -39.78
N LEU C 114 -61.74 18.14 -38.54
CA LEU C 114 -62.02 19.15 -37.48
C LEU C 114 -60.74 19.90 -37.11
N VAL C 115 -59.62 19.20 -36.95
CA VAL C 115 -58.26 19.79 -36.67
C VAL C 115 -57.87 20.72 -37.83
N GLU C 116 -58.02 20.26 -39.08
CA GLU C 116 -57.68 21.02 -40.31
C GLU C 116 -58.51 22.31 -40.39
N LEU C 117 -59.79 22.26 -40.01
CA LEU C 117 -60.70 23.44 -40.05
C LEU C 117 -60.34 24.42 -38.93
N TYR C 118 -60.06 23.92 -37.71
CA TYR C 118 -59.57 24.75 -36.57
C TYR C 118 -58.20 25.36 -36.92
N GLU C 119 -57.37 24.66 -37.69
CA GLU C 119 -56.03 25.14 -38.14
C GLU C 119 -56.20 26.32 -39.10
N THR C 120 -57.05 26.19 -40.13
CA THR C 120 -57.21 27.17 -41.24
C THR C 120 -58.11 28.33 -40.79
N LYS C 121 -59.21 28.06 -40.07
CA LYS C 121 -60.21 29.09 -39.66
C LYS C 121 -59.62 29.95 -38.52
N ILE C 122 -59.42 29.34 -37.34
CA ILE C 122 -58.86 30.00 -36.12
C ILE C 122 -57.35 29.74 -36.12
N GLY C 123 -56.55 30.66 -35.57
CA GLY C 123 -55.09 30.51 -35.47
C GLY C 123 -54.69 29.52 -34.37
N TRP C 124 -53.47 28.98 -34.46
CA TRP C 124 -52.75 28.31 -33.33
C TRP C 124 -52.17 29.38 -32.39
N THR C 125 -52.23 30.65 -32.80
CA THR C 125 -51.71 31.84 -32.06
C THR C 125 -52.26 31.85 -30.62
N GLU C 126 -53.57 31.64 -30.44
CA GLU C 126 -54.26 31.71 -29.12
C GLU C 126 -53.68 30.66 -28.16
N LEU C 127 -53.67 29.38 -28.56
CA LEU C 127 -53.21 28.25 -27.71
C LEU C 127 -51.69 28.36 -27.47
N ALA C 128 -50.91 28.60 -28.53
CA ALA C 128 -49.43 28.72 -28.48
C ALA C 128 -49.02 29.91 -27.59
N THR C 129 -49.73 31.04 -27.71
CA THR C 129 -49.50 32.27 -26.90
C THR C 129 -49.79 31.97 -25.42
N ARG C 130 -50.93 31.33 -25.13
CA ARG C 130 -51.33 30.93 -23.74
C ARG C 130 -50.35 29.88 -23.20
N TYR C 131 -49.82 29.01 -24.05
CA TYR C 131 -48.85 27.94 -23.68
C TYR C 131 -47.48 28.58 -23.37
N LEU C 132 -46.98 29.44 -24.26
CA LEU C 132 -45.61 30.05 -24.14
C LEU C 132 -45.56 31.06 -22.99
N MET C 133 -46.69 31.68 -22.65
CA MET C 133 -46.77 32.78 -21.63
C MET C 133 -46.52 32.24 -20.21
N ASN C 134 -46.60 30.91 -19.99
CA ASN C 134 -46.31 30.29 -18.67
C ASN C 134 -45.25 29.18 -18.80
N ILE C 135 -44.42 29.22 -19.84
CA ILE C 135 -43.06 28.60 -19.87
C ILE C 135 -42.03 29.71 -19.62
N CYS C 136 -42.40 30.98 -19.85
CA CYS C 136 -41.48 32.15 -19.89
C CYS C 136 -41.72 33.13 -18.73
N ASN C 137 -42.69 32.88 -17.83
CA ASN C 137 -42.95 33.72 -16.63
C ASN C 137 -42.85 32.88 -15.35
N GLY C 138 -42.31 31.67 -15.42
CA GLY C 138 -41.93 30.85 -14.24
C GLY C 138 -43.12 30.34 -13.44
N LYS C 139 -44.22 29.97 -14.12
CA LYS C 139 -45.36 29.21 -13.54
C LYS C 139 -44.89 27.79 -13.19
N TRP C 140 -43.93 27.27 -13.96
CA TRP C 140 -43.33 25.92 -13.85
C TRP C 140 -42.49 25.74 -12.57
N LEU C 141 -42.32 26.79 -11.74
CA LEU C 141 -41.66 26.72 -10.41
C LEU C 141 -42.70 26.70 -9.28
N TRP C 142 -43.96 27.09 -9.56
CA TRP C 142 -45.13 27.05 -8.64
C TRP C 142 -44.97 28.07 -7.51
N LYS C 143 -44.21 27.75 -6.46
CA LYS C 143 -44.14 28.52 -5.19
C LYS C 143 -42.74 29.09 -4.92
N ASN C 144 -41.73 28.72 -5.70
CA ASN C 144 -40.32 29.21 -5.55
C ASN C 144 -40.24 30.67 -6.00
N THR C 145 -41.13 31.11 -6.91
CA THR C 145 -41.22 32.50 -7.42
C THR C 145 -41.80 33.41 -6.33
N ARG C 146 -42.74 32.90 -5.53
CA ARG C 146 -43.34 33.63 -4.38
C ARG C 146 -42.30 33.73 -3.26
N LYS C 147 -42.18 34.92 -2.64
CA LYS C 147 -41.19 35.24 -1.58
C LYS C 147 -39.77 35.13 -2.13
N ALA C 148 -39.56 35.55 -3.38
CA ALA C 148 -38.24 35.63 -4.07
C ALA C 148 -38.05 37.03 -4.64
N TYR C 149 -36.85 37.59 -4.52
CA TYR C 149 -36.49 38.98 -4.90
C TYR C 149 -36.77 39.20 -6.40
N CYS C 150 -36.15 38.40 -7.25
CA CYS C 150 -36.30 38.45 -8.74
C CYS C 150 -35.90 37.09 -9.34
N TRP C 151 -36.57 36.70 -10.44
CA TRP C 151 -36.20 35.51 -11.25
C TRP C 151 -36.11 35.87 -12.74
N ASN C 152 -35.07 35.37 -13.41
CA ASN C 152 -34.75 35.62 -14.84
C ASN C 152 -34.76 34.28 -15.59
N ILE C 153 -35.44 34.22 -16.74
CA ILE C 153 -35.66 32.99 -17.55
C ILE C 153 -34.98 33.17 -18.90
N VAL C 154 -33.96 32.35 -19.19
CA VAL C 154 -33.22 32.29 -20.49
C VAL C 154 -33.57 30.96 -21.14
N LEU C 155 -34.13 30.98 -22.37
CA LEU C 155 -34.51 29.74 -23.11
C LEU C 155 -33.77 29.67 -24.44
N THR C 156 -33.27 28.47 -24.79
CA THR C 156 -32.53 28.14 -26.03
C THR C 156 -33.43 27.29 -26.92
N PRO C 157 -34.18 27.89 -27.87
CA PRO C 157 -35.08 27.13 -28.74
C PRO C 157 -34.35 26.36 -29.85
N TRP C 158 -35.09 25.49 -30.55
CA TRP C 158 -34.58 24.59 -31.62
C TRP C 158 -35.74 24.17 -32.52
N PRO C 159 -35.64 24.23 -33.87
CA PRO C 159 -34.44 24.70 -34.58
C PRO C 159 -34.32 26.23 -34.55
N TRP C 160 -33.08 26.74 -34.45
CA TRP C 160 -32.78 28.17 -34.19
C TRP C 160 -31.45 28.55 -34.85
N ASN C 161 -31.44 29.66 -35.60
CA ASN C 161 -30.25 30.24 -36.28
C ASN C 161 -30.02 31.65 -35.74
N GLY C 162 -29.32 31.77 -34.61
CA GLY C 162 -29.00 33.07 -33.98
C GLY C 162 -28.52 32.95 -32.54
N GLU C 163 -29.21 33.64 -31.62
CA GLU C 163 -28.75 33.95 -30.24
C GLU C 163 -29.60 33.17 -29.21
N LYS C 164 -29.59 33.59 -27.93
CA LYS C 164 -30.45 33.02 -26.85
C LYS C 164 -31.56 34.02 -26.52
N VAL C 165 -32.79 33.52 -26.30
CA VAL C 165 -33.98 34.35 -25.91
C VAL C 165 -33.95 34.51 -24.38
N GLY C 166 -33.92 35.76 -23.91
CA GLY C 166 -33.81 36.11 -22.48
C GLY C 166 -35.00 36.93 -22.00
N PHE C 167 -35.49 36.62 -20.80
CA PHE C 167 -36.54 37.37 -20.06
C PHE C 167 -35.99 37.79 -18.69
N GLU C 168 -35.68 39.08 -18.55
CA GLU C 168 -35.10 39.69 -17.32
C GLU C 168 -36.23 40.02 -16.33
N ASP C 169 -35.85 40.44 -15.11
CA ASP C 169 -36.72 40.69 -13.92
C ASP C 169 -38.21 40.56 -14.23
N ILE C 170 -38.83 39.45 -13.82
CA ILE C 170 -40.28 39.13 -14.04
C ILE C 170 -41.04 39.38 -12.73
N ARG C 171 -41.34 40.65 -12.46
CA ARG C 171 -42.35 41.10 -11.46
C ARG C 171 -42.89 42.48 -11.86
N THR C 172 -42.03 43.35 -12.42
CA THR C 172 -42.36 44.70 -12.94
C THR C 172 -42.49 44.67 -14.46
N ASN C 173 -41.52 44.05 -15.16
CA ASN C 173 -41.41 44.09 -16.65
C ASN C 173 -42.52 43.23 -17.28
N TYR C 174 -42.42 41.91 -17.17
CA TYR C 174 -43.27 40.92 -17.88
C TYR C 174 -44.45 40.51 -16.98
N THR C 175 -45.45 41.39 -16.90
CA THR C 175 -46.67 41.26 -16.06
C THR C 175 -47.87 40.87 -16.93
N SER C 176 -48.11 41.60 -18.02
CA SER C 176 -49.28 41.46 -18.94
C SER C 176 -48.87 40.78 -20.26
N ARG C 177 -49.84 40.52 -21.13
CA ARG C 177 -49.67 39.83 -22.44
C ARG C 177 -48.89 40.73 -23.42
N GLN C 178 -49.14 42.04 -23.39
CA GLN C 178 -48.46 43.06 -24.26
C GLN C 178 -46.96 43.10 -23.95
N ASP C 179 -46.59 42.97 -22.66
CA ASP C 179 -45.19 43.01 -22.18
C ASP C 179 -44.37 41.88 -22.81
N PHE C 180 -45.01 40.75 -23.15
CA PHE C 180 -44.39 39.60 -23.87
C PHE C 180 -44.24 39.94 -25.36
N LYS C 181 -45.22 40.64 -25.95
CA LYS C 181 -45.25 41.00 -27.41
C LYS C 181 -44.16 42.03 -27.75
N ASN C 182 -43.41 42.55 -26.76
CA ASN C 182 -42.37 43.60 -26.95
C ASN C 182 -41.18 43.02 -27.73
N ASN C 183 -40.18 43.87 -27.99
CA ASN C 183 -39.37 43.98 -29.24
C ASN C 183 -39.18 42.63 -29.94
N LYS C 184 -38.11 41.91 -29.60
CA LYS C 184 -37.25 41.18 -30.59
C LYS C 184 -37.77 39.76 -30.86
N ASN C 185 -37.58 38.81 -29.94
CA ASN C 185 -37.57 37.35 -30.24
C ASN C 185 -38.97 36.73 -30.11
N TRP C 186 -39.94 37.41 -29.51
CA TRP C 186 -41.29 36.87 -29.18
C TRP C 186 -42.04 36.45 -30.44
N SER C 187 -41.98 37.24 -31.51
CA SER C 187 -42.78 37.07 -32.76
C SER C 187 -42.30 35.85 -33.57
N ALA C 188 -41.16 35.24 -33.21
CA ALA C 188 -40.56 34.06 -33.89
C ALA C 188 -40.77 32.76 -33.08
N ILE C 189 -41.06 32.85 -31.77
CA ILE C 189 -41.24 31.67 -30.87
C ILE C 189 -42.74 31.44 -30.58
N VAL C 190 -43.61 32.41 -30.89
CA VAL C 190 -45.08 32.19 -31.06
C VAL C 190 -45.30 31.59 -32.45
N GLU C 191 -44.47 31.98 -33.43
CA GLU C 191 -44.20 31.19 -34.67
C GLU C 191 -43.35 29.98 -34.26
N MET C 192 -43.15 29.03 -35.19
CA MET C 192 -42.32 27.80 -35.04
C MET C 192 -42.96 26.79 -34.07
N ILE C 193 -43.88 27.21 -33.19
CA ILE C 193 -44.84 26.32 -32.45
C ILE C 193 -46.04 26.04 -33.37
N LYS C 194 -46.52 27.07 -34.07
CA LYS C 194 -47.62 26.96 -35.08
C LYS C 194 -47.11 26.13 -36.26
N THR C 195 -45.82 26.21 -36.58
CA THR C 195 -45.12 25.30 -37.53
C THR C 195 -45.09 23.89 -36.94
N ALA C 196 -44.83 23.76 -35.63
CA ALA C 196 -44.76 22.49 -34.89
C ALA C 196 -46.15 21.85 -34.71
N PHE C 197 -47.24 22.61 -34.89
CA PHE C 197 -48.64 22.10 -34.84
C PHE C 197 -49.23 21.94 -36.24
N SER C 198 -48.93 22.85 -37.18
CA SER C 198 -49.52 22.88 -38.54
C SER C 198 -48.87 21.83 -39.46
N SER C 199 -47.54 21.81 -39.51
CA SER C 199 -46.74 20.90 -40.37
C SER C 199 -46.84 19.46 -39.84
N THR C 200 -47.01 18.49 -40.74
CA THR C 200 -46.99 17.03 -40.44
C THR C 200 -45.54 16.65 -40.08
N ASP C 201 -45.36 15.95 -38.96
CA ASP C 201 -44.04 15.59 -38.35
C ASP C 201 -43.25 16.86 -38.05
N GLY C 202 -43.93 17.91 -37.57
CA GLY C 202 -43.32 19.17 -37.07
C GLY C 202 -42.83 19.01 -35.64
N LEU C 203 -41.80 19.77 -35.26
CA LEU C 203 -41.06 19.60 -33.99
C LEU C 203 -40.42 20.93 -33.57
N ALA C 204 -40.58 21.32 -32.29
CA ALA C 204 -39.95 22.51 -31.67
C ALA C 204 -39.58 22.22 -30.21
N ILE C 205 -38.27 22.12 -29.92
CA ILE C 205 -37.73 21.88 -28.55
C ILE C 205 -37.21 23.21 -28.00
N PHE C 206 -37.66 23.58 -26.79
CA PHE C 206 -37.23 24.78 -26.02
C PHE C 206 -36.57 24.31 -24.72
N GLU C 207 -35.29 24.63 -24.51
CA GLU C 207 -34.53 24.34 -23.27
C GLU C 207 -34.49 25.60 -22.39
N VAL C 208 -35.14 25.55 -21.23
CA VAL C 208 -35.41 26.73 -20.34
C VAL C 208 -34.47 26.65 -19.13
N ARG C 209 -33.91 27.80 -18.72
CA ARG C 209 -33.03 27.94 -17.53
C ARG C 209 -33.43 29.21 -16.76
N ALA C 210 -33.84 29.05 -15.50
CA ALA C 210 -34.30 30.15 -14.62
C ALA C 210 -33.31 30.35 -13.46
N THR C 211 -32.92 31.61 -13.21
CA THR C 211 -32.13 32.04 -12.02
C THR C 211 -33.10 32.60 -10.97
N LEU C 212 -32.95 32.20 -9.69
CA LEU C 212 -33.81 32.60 -8.55
C LEU C 212 -32.98 33.28 -7.46
N HIS C 213 -33.25 34.55 -7.17
CA HIS C 213 -32.68 35.30 -6.02
C HIS C 213 -33.62 35.19 -4.82
N LEU C 214 -33.44 34.15 -3.99
CA LEU C 214 -34.17 33.94 -2.71
C LEU C 214 -33.41 34.65 -1.59
N PRO C 215 -34.05 35.00 -0.45
CA PRO C 215 -33.34 35.55 0.70
C PRO C 215 -32.35 34.55 1.34
N THR C 216 -31.59 35.01 2.34
CA THR C 216 -30.47 34.25 2.97
C THR C 216 -31.02 32.97 3.63
N ASN C 217 -30.42 31.83 3.30
CA ASN C 217 -30.85 30.43 3.61
C ASN C 217 -32.39 30.32 3.59
N ALA C 218 -33.00 30.74 2.48
CA ALA C 218 -34.47 30.65 2.23
C ALA C 218 -34.87 29.18 2.02
N MET C 219 -36.15 28.88 2.25
CA MET C 219 -36.74 27.52 2.08
C MET C 219 -37.06 27.29 0.60
N VAL C 220 -36.59 26.17 0.05
CA VAL C 220 -36.88 25.70 -1.34
C VAL C 220 -37.93 24.58 -1.26
N ARG C 221 -38.96 24.65 -2.11
CA ARG C 221 -40.12 23.71 -2.15
C ARG C 221 -40.08 22.89 -3.43
N PRO C 222 -39.57 21.64 -3.39
CA PRO C 222 -39.79 20.69 -4.49
C PRO C 222 -41.10 19.90 -4.34
N SER C 223 -41.35 18.97 -5.26
CA SER C 223 -42.55 18.10 -5.29
C SER C 223 -42.33 16.89 -4.38
N GLN C 224 -43.42 16.36 -3.82
CA GLN C 224 -43.42 15.30 -2.78
C GLN C 224 -43.97 13.99 -3.36
N VAL C 225 -43.47 12.85 -2.88
CA VAL C 225 -43.91 11.48 -3.25
C VAL C 225 -45.33 11.26 -2.69
N PHE C 226 -45.98 10.16 -3.08
CA PHE C 226 -47.38 9.83 -2.69
C PHE C 226 -47.41 9.08 -1.35
N THR C 227 -46.70 7.96 -1.26
CA THR C 227 -46.69 7.01 -0.10
C THR C 227 -48.12 6.56 0.22
N GLU C 228 -48.66 5.62 -0.56
CA GLU C 228 -49.92 4.88 -0.25
C GLU C 228 -49.60 3.76 0.75
N LYS C 229 -50.59 3.36 1.56
CA LYS C 229 -50.50 2.23 2.52
C LYS C 229 -51.58 1.20 2.17
N GLN C 232 -42.42 7.16 10.95
CA GLN C 232 -43.12 7.52 9.69
C GLN C 232 -42.64 8.90 9.22
N ASN C 233 -42.32 9.03 7.93
CA ASN C 233 -41.87 10.30 7.29
C ASN C 233 -43.07 10.92 6.54
N SER C 234 -43.69 11.93 7.13
CA SER C 234 -44.64 12.87 6.46
C SER C 234 -43.82 14.00 5.82
N ARG C 235 -44.17 14.41 4.60
CA ARG C 235 -43.35 15.28 3.71
C ARG C 235 -42.03 14.56 3.39
N VAL C 236 -42.09 13.61 2.44
CA VAL C 236 -40.91 13.00 1.75
C VAL C 236 -40.81 13.66 0.38
N PHE C 237 -39.65 14.22 0.04
CA PHE C 237 -39.41 14.97 -1.23
C PHE C 237 -39.06 13.99 -2.35
N GLN C 238 -39.61 14.23 -3.56
CA GLN C 238 -39.18 13.54 -4.81
C GLN C 238 -37.74 13.99 -5.12
N SER C 239 -36.86 13.04 -5.46
CA SER C 239 -35.41 13.27 -5.64
C SER C 239 -34.88 12.54 -6.88
N THR C 240 -33.68 12.92 -7.35
CA THR C 240 -32.88 12.18 -8.36
C THR C 240 -31.39 12.29 -8.02
N THR C 241 -30.55 11.52 -8.72
CA THR C 241 -29.08 11.45 -8.49
C THR C 241 -28.36 12.42 -9.44
N ILE C 242 -27.58 13.36 -8.89
CA ILE C 242 -26.62 14.23 -9.65
C ILE C 242 -25.26 14.14 -8.95
N ASP C 243 -24.19 13.81 -9.70
CA ASP C 243 -22.79 13.67 -9.21
C ASP C 243 -22.72 12.58 -8.12
N GLY C 244 -23.61 11.59 -8.17
CA GLY C 244 -23.71 10.51 -7.17
C GLY C 244 -24.23 10.96 -5.81
N GLU C 245 -24.85 12.14 -5.72
CA GLU C 245 -25.57 12.63 -4.51
C GLU C 245 -27.02 12.93 -4.92
N ARG C 246 -27.96 12.82 -3.96
CA ARG C 246 -29.42 12.99 -4.22
C ARG C 246 -29.73 14.49 -4.22
N SER C 247 -30.74 14.88 -5.03
CA SER C 247 -31.17 16.28 -5.27
C SER C 247 -32.68 16.32 -5.49
N PRO C 248 -33.38 17.33 -4.92
CA PRO C 248 -34.83 17.50 -5.14
C PRO C 248 -35.12 17.95 -6.58
N ILE C 249 -36.31 17.62 -7.10
CA ILE C 249 -36.54 17.40 -8.55
C ILE C 249 -37.71 18.23 -9.12
N LEU C 250 -38.78 18.49 -8.35
CA LEU C 250 -39.96 19.34 -8.72
C LEU C 250 -40.84 18.66 -9.80
N GLY C 251 -40.52 17.43 -10.22
CA GLY C 251 -41.46 16.54 -10.95
C GLY C 251 -41.49 16.82 -12.45
N ALA C 252 -41.97 15.85 -13.23
CA ALA C 252 -42.18 15.93 -14.69
C ALA C 252 -43.63 16.36 -14.98
N PHE C 253 -44.59 15.69 -14.34
CA PHE C 253 -46.05 15.88 -14.56
C PHE C 253 -46.57 17.11 -13.81
N LYS C 254 -45.83 17.57 -12.79
CA LYS C 254 -46.16 18.81 -12.04
C LYS C 254 -45.85 20.03 -12.94
N THR C 255 -44.69 20.04 -13.59
CA THR C 255 -44.21 21.13 -14.49
C THR C 255 -44.74 20.93 -15.92
N GLY C 256 -45.56 19.90 -16.15
CA GLY C 256 -46.47 19.78 -17.31
C GLY C 256 -47.86 20.30 -17.00
N ALA C 257 -48.27 20.23 -15.73
CA ALA C 257 -49.56 20.72 -15.20
C ALA C 257 -49.51 22.24 -14.97
N ALA C 258 -48.31 22.85 -14.99
CA ALA C 258 -48.07 24.29 -14.81
C ALA C 258 -48.25 25.02 -16.15
N ILE C 259 -47.58 24.52 -17.20
CA ILE C 259 -47.57 25.11 -18.56
C ILE C 259 -48.92 24.87 -19.24
N ALA C 260 -49.66 23.82 -18.82
CA ALA C 260 -51.01 23.47 -19.33
C ALA C 260 -52.11 23.97 -18.37
N THR C 261 -51.98 25.22 -17.89
CA THR C 261 -53.03 25.97 -17.16
C THR C 261 -53.62 27.03 -18.11
N ILE C 262 -54.43 26.58 -19.07
CA ILE C 262 -55.03 27.40 -20.16
C ILE C 262 -56.48 27.76 -19.78
N ASP C 263 -57.21 26.80 -19.19
CA ASP C 263 -58.70 26.73 -19.22
C ASP C 263 -59.30 27.80 -18.31
N ASP C 264 -59.68 28.94 -18.89
CA ASP C 264 -60.47 30.03 -18.22
C ASP C 264 -61.70 30.37 -19.09
N TRP C 265 -62.16 29.43 -19.93
CA TRP C 265 -63.40 29.55 -20.75
C TRP C 265 -64.55 28.76 -20.12
N TYR C 266 -64.27 28.02 -19.02
CA TYR C 266 -65.26 27.28 -18.20
C TYR C 266 -66.35 28.25 -17.73
N PRO C 267 -67.62 27.79 -17.58
CA PRO C 267 -68.82 28.60 -17.76
C PRO C 267 -68.68 30.12 -17.74
N GLU C 268 -68.22 30.72 -16.63
CA GLU C 268 -67.96 32.19 -16.51
C GLU C 268 -66.44 32.42 -16.54
N ALA C 269 -65.77 32.36 -15.38
CA ALA C 269 -64.31 32.60 -15.17
C ALA C 269 -64.06 33.09 -13.74
N THR C 270 -63.06 32.52 -13.08
CA THR C 270 -62.39 33.05 -11.85
C THR C 270 -60.87 32.99 -12.02
N GLU C 271 -60.33 31.82 -12.40
CA GLU C 271 -58.88 31.52 -12.49
C GLU C 271 -58.64 30.41 -13.51
N PRO C 272 -57.56 30.47 -14.34
CA PRO C 272 -57.26 29.38 -15.27
C PRO C 272 -56.98 28.05 -14.56
N LEU C 273 -57.66 26.98 -14.98
CA LEU C 273 -57.55 25.60 -14.39
C LEU C 273 -56.55 24.78 -15.23
N ARG C 274 -56.20 23.60 -14.71
CA ARG C 274 -55.62 22.48 -15.50
C ARG C 274 -56.67 22.04 -16.54
N VAL C 275 -56.26 21.87 -17.80
CA VAL C 275 -57.16 21.43 -18.92
C VAL C 275 -57.48 19.94 -18.73
N GLY C 276 -58.49 19.63 -17.90
CA GLY C 276 -59.05 18.27 -17.73
C GLY C 276 -60.26 18.06 -18.61
N ARG C 277 -60.90 16.89 -18.53
CA ARG C 277 -62.19 16.60 -19.22
C ARG C 277 -63.31 17.33 -18.49
N PHE C 278 -63.44 17.11 -17.18
CA PHE C 278 -64.53 17.63 -16.31
C PHE C 278 -64.05 18.85 -15.51
N GLY C 279 -63.03 19.57 -15.99
CA GLY C 279 -62.55 20.86 -15.44
C GLY C 279 -62.34 20.83 -13.94
N VAL C 280 -61.56 19.86 -13.43
CA VAL C 280 -61.32 19.62 -11.98
C VAL C 280 -60.49 20.78 -11.41
N HIS C 281 -60.96 21.41 -10.33
CA HIS C 281 -60.23 22.46 -9.56
C HIS C 281 -59.74 21.86 -8.25
N ARG C 282 -58.58 22.33 -7.78
CA ARG C 282 -57.81 21.79 -6.63
C ARG C 282 -57.97 22.71 -5.40
N GLU C 283 -57.99 24.04 -5.60
CA GLU C 283 -58.19 25.07 -4.55
C GLU C 283 -59.50 24.77 -3.81
N ASP C 284 -60.65 24.96 -4.45
CA ASP C 284 -61.96 24.40 -4.02
C ASP C 284 -62.11 23.03 -4.71
N VAL C 285 -62.61 22.03 -3.98
CA VAL C 285 -62.56 20.59 -4.38
C VAL C 285 -63.87 20.22 -5.11
N THR C 286 -64.61 21.22 -5.62
CA THR C 286 -65.75 21.07 -6.56
C THR C 286 -65.23 21.34 -7.98
N CYS C 287 -65.47 20.41 -8.90
CA CYS C 287 -65.08 20.53 -10.34
C CYS C 287 -66.16 21.31 -11.09
N TYR C 288 -65.79 22.45 -11.69
CA TYR C 288 -66.62 23.21 -12.66
C TYR C 288 -66.61 22.44 -13.98
N ARG C 289 -67.59 22.69 -14.86
CA ARG C 289 -67.62 22.18 -16.25
C ARG C 289 -67.73 20.65 -16.23
N HIS C 290 -68.75 20.12 -15.55
CA HIS C 290 -69.02 18.68 -15.34
C HIS C 290 -70.30 18.31 -16.09
N PRO C 291 -70.57 17.00 -16.36
CA PRO C 291 -71.55 16.61 -17.36
C PRO C 291 -73.02 17.04 -17.15
N SER C 292 -73.38 17.55 -15.96
CA SER C 292 -74.70 18.14 -15.66
C SER C 292 -74.83 19.54 -16.30
N THR C 293 -73.71 20.15 -16.71
CA THR C 293 -73.66 21.45 -17.43
C THR C 293 -73.60 21.21 -18.95
N GLY C 294 -73.07 20.06 -19.39
CA GLY C 294 -72.93 19.68 -20.80
C GLY C 294 -71.78 20.41 -21.49
N LYS C 295 -70.73 20.74 -20.73
CA LYS C 295 -69.51 21.46 -21.22
C LYS C 295 -68.24 20.64 -20.97
N ASP C 296 -68.35 19.40 -20.48
CA ASP C 296 -67.22 18.45 -20.33
C ASP C 296 -66.75 18.01 -21.72
N PHE C 297 -65.69 17.19 -21.81
CA PHE C 297 -65.04 16.81 -23.09
C PHE C 297 -65.91 15.81 -23.87
N PHE C 298 -66.84 15.10 -23.22
CA PHE C 298 -67.68 14.03 -23.83
C PHE C 298 -69.03 14.58 -24.31
N SER C 299 -69.47 15.74 -23.81
CA SER C 299 -70.68 16.47 -24.28
C SER C 299 -70.33 17.41 -25.44
N ILE C 300 -69.04 17.74 -25.61
CA ILE C 300 -68.52 18.65 -26.68
C ILE C 300 -68.04 17.81 -27.88
N LEU C 301 -67.39 16.67 -27.64
CA LEU C 301 -66.83 15.79 -28.69
C LEU C 301 -67.97 15.12 -29.48
N GLN C 302 -69.02 14.64 -28.79
CA GLN C 302 -70.21 14.00 -29.42
C GLN C 302 -70.90 14.96 -30.39
N GLN C 303 -70.76 16.27 -30.19
CA GLN C 303 -71.31 17.34 -31.07
C GLN C 303 -70.30 17.73 -32.16
N ALA C 304 -69.13 17.09 -32.23
CA ALA C 304 -67.98 17.48 -33.11
C ALA C 304 -68.46 17.74 -34.55
N GLU C 305 -69.32 16.87 -35.09
CA GLU C 305 -69.86 16.97 -36.47
C GLU C 305 -70.59 18.31 -36.65
N HIS C 306 -71.40 18.71 -35.66
CA HIS C 306 -72.14 20.01 -35.63
C HIS C 306 -71.14 21.18 -35.68
N TYR C 307 -70.02 21.08 -34.94
CA TYR C 307 -68.96 22.11 -34.88
C TYR C 307 -68.28 22.30 -36.24
N ILE C 308 -68.31 21.29 -37.13
CA ILE C 308 -67.73 21.38 -38.51
C ILE C 308 -68.62 22.28 -39.36
N GLU C 309 -69.95 22.12 -39.27
CA GLU C 309 -70.96 22.84 -40.10
C GLU C 309 -70.91 24.35 -39.83
N VAL C 310 -70.48 24.77 -38.63
CA VAL C 310 -70.30 26.21 -38.24
C VAL C 310 -68.92 26.71 -38.70
N LEU C 311 -67.89 25.86 -38.66
CA LEU C 311 -66.48 26.25 -38.99
C LEU C 311 -66.29 26.45 -40.50
N SER C 312 -67.24 26.03 -41.35
CA SER C 312 -67.19 26.18 -42.83
C SER C 312 -67.71 27.55 -43.26
N ALA C 313 -68.84 28.00 -42.67
CA ALA C 313 -69.56 29.25 -43.04
C ALA C 313 -69.16 30.40 -42.11
N ASN C 314 -69.50 31.63 -42.50
CA ASN C 314 -69.29 32.88 -41.72
C ASN C 314 -70.53 33.09 -40.83
N LYS C 315 -70.37 33.41 -39.55
CA LYS C 315 -69.11 33.60 -38.84
C LYS C 315 -69.25 33.04 -37.41
N THR C 316 -68.16 32.48 -36.88
CA THR C 316 -68.10 31.87 -35.52
C THR C 316 -68.13 32.96 -34.46
N PRO C 317 -69.07 32.92 -33.48
CA PRO C 317 -69.11 33.89 -32.40
C PRO C 317 -68.11 33.55 -31.29
N ALA C 318 -67.21 34.49 -30.97
CA ALA C 318 -66.07 34.29 -30.04
C ALA C 318 -66.55 34.45 -28.59
N GLN C 319 -67.30 33.46 -28.09
CA GLN C 319 -67.79 33.39 -26.68
C GLN C 319 -68.22 31.97 -26.32
N GLU C 320 -68.99 31.29 -27.19
CA GLU C 320 -69.52 29.92 -26.96
C GLU C 320 -68.80 28.90 -27.86
N THR C 321 -68.87 29.07 -29.18
CA THR C 321 -68.39 28.08 -30.19
C THR C 321 -66.85 28.06 -30.21
N ILE C 322 -66.22 29.23 -30.44
CA ILE C 322 -64.73 29.39 -30.49
C ILE C 322 -64.12 28.96 -29.16
N ASN C 323 -64.70 29.38 -28.03
CA ASN C 323 -64.26 29.05 -26.65
C ASN C 323 -64.25 27.53 -26.45
N ASP C 324 -65.26 26.82 -26.96
CA ASP C 324 -65.39 25.33 -26.85
C ASP C 324 -64.43 24.65 -27.84
N MET C 325 -64.23 25.22 -29.03
CA MET C 325 -63.25 24.71 -30.03
C MET C 325 -61.82 24.82 -29.48
N HIS C 326 -61.50 25.92 -28.80
CA HIS C 326 -60.22 26.10 -28.06
C HIS C 326 -60.06 24.96 -27.03
N PHE C 327 -61.10 24.73 -26.23
CA PHE C 327 -61.15 23.72 -25.13
C PHE C 327 -61.00 22.30 -25.69
N LEU C 328 -61.65 22.02 -26.83
CA LEU C 328 -61.55 20.71 -27.55
C LEU C 328 -60.08 20.46 -27.90
N MET C 329 -59.43 21.44 -28.55
CA MET C 329 -58.03 21.35 -29.05
C MET C 329 -57.03 21.33 -27.88
N ALA C 330 -57.33 22.08 -26.81
CA ALA C 330 -56.55 22.06 -25.54
C ALA C 330 -56.57 20.65 -24.94
N ASN C 331 -57.70 19.94 -25.06
CA ASN C 331 -57.89 18.54 -24.57
C ASN C 331 -57.25 17.56 -25.56
N LEU C 332 -57.31 17.81 -26.87
CA LEU C 332 -56.71 16.91 -27.90
C LEU C 332 -55.19 16.85 -27.75
N ILE C 333 -54.53 17.99 -27.47
CA ILE C 333 -53.05 18.10 -27.27
C ILE C 333 -52.63 17.19 -26.10
N LYS C 334 -53.28 17.37 -24.94
CA LYS C 334 -53.02 16.62 -23.67
C LYS C 334 -53.44 15.15 -23.80
N GLY C 335 -54.54 14.88 -24.52
CA GLY C 335 -55.48 13.77 -24.27
C GLY C 335 -54.95 12.38 -24.60
N GLY C 336 -55.88 11.44 -24.78
CA GLY C 336 -55.69 9.99 -24.59
C GLY C 336 -56.18 9.58 -23.20
N MET C 337 -57.18 8.70 -23.06
CA MET C 337 -57.87 7.98 -24.13
C MET C 337 -59.38 8.08 -23.87
N PHE C 338 -60.19 8.23 -24.93
CA PHE C 338 -61.63 8.58 -24.89
C PHE C 338 -62.48 7.35 -25.25
N GLN C 339 -62.18 6.20 -24.64
CA GLN C 339 -62.74 4.88 -25.04
C GLN C 339 -64.17 4.72 -24.52
N HIS C 340 -64.32 4.30 -23.26
CA HIS C 340 -65.55 3.69 -22.68
C HIS C 340 -66.04 2.56 -23.58
N LYS C 341 -65.35 1.41 -23.59
CA LYS C 341 -64.20 1.10 -22.74
C LYS C 341 -63.21 0.25 -23.54
N LYS D 1 -70.48 23.30 9.58
CA LYS D 1 -69.21 23.84 10.15
C LYS D 1 -68.10 22.78 10.04
N LEU D 2 -66.86 23.21 9.75
CA LEU D 2 -65.68 22.35 9.48
C LEU D 2 -66.02 21.36 8.38
N PRO D 3 -65.98 21.76 7.08
CA PRO D 3 -66.46 20.91 5.99
C PRO D 3 -65.44 19.89 5.45
N THR D 4 -64.74 19.19 6.35
CA THR D 4 -63.98 17.92 6.11
C THR D 4 -62.73 18.13 5.22
N ASN D 5 -62.61 19.26 4.49
CA ASN D 5 -61.38 19.66 3.76
C ASN D 5 -61.20 21.18 3.91
N LEU D 6 -60.73 21.63 5.07
CA LEU D 6 -60.42 23.05 5.37
C LEU D 6 -58.98 23.15 5.89
N ALA D 7 -58.09 23.81 5.13
CA ALA D 7 -56.67 24.04 5.45
C ALA D 7 -56.28 25.46 5.01
N TYR D 8 -55.45 26.13 5.82
CA TYR D 8 -54.80 27.43 5.51
C TYR D 8 -53.30 27.22 5.36
N GLU D 9 -52.65 28.03 4.52
CA GLU D 9 -51.17 28.09 4.37
C GLU D 9 -50.64 29.22 5.26
N ARG D 10 -49.43 29.07 5.82
CA ARG D 10 -48.83 30.05 6.75
C ARG D 10 -48.49 31.34 5.98
N SER D 11 -48.46 32.46 6.71
CA SER D 11 -48.26 33.84 6.19
C SER D 11 -46.86 34.38 6.54
N ILE D 12 -46.20 33.81 7.57
CA ILE D 12 -44.84 34.24 8.04
C ILE D 12 -43.89 33.04 7.91
N ASP D 13 -42.90 33.15 7.00
CA ASP D 13 -41.93 32.07 6.65
C ASP D 13 -40.52 32.51 7.08
N PRO D 14 -40.12 32.26 8.35
CA PRO D 14 -38.75 32.54 8.78
C PRO D 14 -37.77 31.46 8.31
N SER D 15 -36.47 31.76 8.38
CA SER D 15 -35.35 30.87 7.95
C SER D 15 -34.40 30.62 9.13
N ASP D 16 -33.47 29.69 8.96
CA ASP D 16 -32.57 29.17 10.04
C ASP D 16 -31.58 30.27 10.45
N VAL D 17 -31.22 30.32 11.73
CA VAL D 17 -30.28 31.32 12.31
C VAL D 17 -28.86 30.84 12.05
N CYS D 18 -27.94 31.75 11.71
CA CYS D 18 -26.51 31.47 11.42
C CYS D 18 -25.62 32.23 12.42
N PHE D 19 -24.90 31.51 13.28
CA PHE D 19 -23.95 32.06 14.28
C PHE D 19 -22.56 32.18 13.65
N PHE D 20 -22.02 33.40 13.63
CA PHE D 20 -20.65 33.71 13.15
C PHE D 20 -19.84 34.37 14.28
N VAL D 21 -18.57 34.00 14.41
CA VAL D 21 -17.60 34.62 15.36
C VAL D 21 -16.87 35.74 14.61
N VAL D 22 -17.13 37.01 14.99
CA VAL D 22 -16.42 38.20 14.46
C VAL D 22 -15.18 38.41 15.34
N TRP D 23 -14.00 38.45 14.73
CA TRP D 23 -12.68 38.68 15.40
C TRP D 23 -12.38 40.18 15.42
N PRO D 24 -11.37 40.65 16.18
CA PRO D 24 -10.92 42.04 16.10
C PRO D 24 -10.40 42.52 14.73
N ASP D 25 -10.15 41.58 13.79
CA ASP D 25 -9.75 41.87 12.39
C ASP D 25 -10.96 42.23 11.52
N ASP D 26 -12.19 42.10 12.06
CA ASP D 26 -13.48 42.22 11.32
C ASP D 26 -13.53 41.17 10.21
N ARG D 27 -13.03 39.96 10.48
CA ARG D 27 -13.24 38.74 9.66
C ARG D 27 -14.20 37.83 10.44
N LYS D 28 -15.06 37.10 9.72
CA LYS D 28 -16.14 36.26 10.29
C LYS D 28 -15.88 34.79 9.93
N THR D 29 -15.68 33.94 10.94
CA THR D 29 -15.62 32.46 10.80
C THR D 29 -16.82 31.85 11.51
N PRO D 30 -17.40 30.74 11.00
CA PRO D 30 -18.55 30.09 11.64
C PRO D 30 -18.25 29.59 13.06
N LEU D 31 -19.23 29.68 13.95
CA LEU D 31 -19.18 29.08 15.32
C LEU D 31 -19.20 27.56 15.17
N THR D 32 -18.24 26.87 15.81
CA THR D 32 -18.12 25.38 15.81
C THR D 32 -18.21 24.87 17.26
N TYR D 33 -18.90 23.75 17.47
CA TYR D 33 -19.05 23.07 18.78
C TYR D 33 -18.22 21.78 18.79
N ASN D 34 -17.90 21.29 19.99
CA ASN D 34 -17.21 19.99 20.24
C ASN D 34 -18.08 19.14 21.15
N SER D 35 -17.85 17.82 21.18
CA SER D 35 -18.57 16.84 22.03
C SER D 35 -17.63 16.36 23.15
N ARG D 36 -17.94 16.68 24.42
CA ARG D 36 -17.09 16.32 25.58
C ARG D 36 -17.87 15.41 26.54
N THR D 37 -17.20 14.36 27.03
CA THR D 37 -17.71 13.39 28.03
C THR D 37 -17.32 13.91 29.43
N LEU D 38 -18.26 13.86 30.38
CA LEU D 38 -18.11 14.49 31.72
C LEU D 38 -18.72 13.58 32.80
N LEU D 39 -18.16 13.66 34.01
CA LEU D 39 -18.47 12.78 35.17
C LEU D 39 -19.41 13.53 36.13
N GLY D 40 -20.69 13.16 36.12
CA GLY D 40 -21.68 13.56 37.14
C GLY D 40 -21.74 12.55 38.27
N GLN D 41 -22.44 12.89 39.35
CA GLN D 41 -22.69 12.00 40.52
C GLN D 41 -24.17 11.61 40.53
N MET D 42 -24.51 10.52 41.22
CA MET D 42 -25.86 9.87 41.19
C MET D 42 -26.88 10.82 41.84
N GLU D 43 -27.48 11.70 41.04
CA GLU D 43 -28.37 12.81 41.50
C GLU D 43 -29.85 12.50 41.20
N ALA D 44 -30.15 11.42 40.45
CA ALA D 44 -31.52 11.00 40.07
C ALA D 44 -32.30 10.59 41.32
N LYS D 45 -33.53 11.08 41.45
CA LYS D 45 -34.44 10.83 42.61
C LYS D 45 -34.77 9.33 42.72
N SER D 46 -34.87 8.63 41.59
CA SER D 46 -35.28 7.20 41.49
C SER D 46 -34.06 6.26 41.52
N LEU D 47 -32.99 6.62 42.24
CA LEU D 47 -31.82 5.74 42.53
C LEU D 47 -31.74 5.43 44.04
N ALA D 48 -32.37 6.22 44.91
CA ALA D 48 -32.43 6.00 46.38
C ALA D 48 -33.85 6.20 46.92
N TYR D 49 -34.88 6.11 46.07
CA TYR D 49 -36.32 6.20 46.45
C TYR D 49 -37.16 5.43 45.44
N ASP D 50 -37.71 4.27 45.83
CA ASP D 50 -38.58 3.42 44.98
C ASP D 50 -39.93 4.15 44.79
N VAL D 51 -40.92 3.91 45.66
CA VAL D 51 -42.12 4.78 45.87
C VAL D 51 -42.73 4.38 47.23
N SER D 52 -42.75 5.27 48.23
CA SER D 52 -41.91 6.45 48.35
C SER D 52 -40.93 6.24 49.51
N GLY D 53 -40.44 5.01 49.68
CA GLY D 53 -39.56 4.58 50.78
C GLY D 53 -38.11 4.54 50.34
N GLN D 54 -37.27 3.82 51.09
CA GLN D 54 -35.82 3.65 50.82
C GLN D 54 -35.60 2.25 50.25
N PRO D 55 -34.73 2.08 49.21
CA PRO D 55 -34.69 0.84 48.44
C PRO D 55 -33.86 -0.27 49.08
N ILE D 56 -33.71 -1.38 48.36
CA ILE D 56 -32.75 -2.49 48.66
C ILE D 56 -31.33 -1.90 48.81
N LYS D 57 -30.50 -2.50 49.66
CA LYS D 57 -29.14 -1.98 50.03
C LYS D 57 -28.12 -2.34 48.94
N SER D 58 -28.48 -2.15 47.66
CA SER D 58 -27.55 -2.00 46.51
C SER D 58 -27.29 -0.52 46.26
N ALA D 59 -28.19 0.37 46.73
CA ALA D 59 -28.07 1.84 46.71
C ALA D 59 -27.74 2.35 48.12
N THR D 60 -26.64 1.86 48.69
CA THR D 60 -26.08 2.28 50.01
C THR D 60 -25.18 3.51 49.80
N ALA D 61 -24.52 3.99 50.87
CA ALA D 61 -23.67 5.20 50.88
C ALA D 61 -22.40 4.99 50.01
N GLU D 62 -22.04 3.73 49.72
CA GLU D 62 -20.87 3.36 48.88
C GLU D 62 -21.22 3.52 47.39
N ALA D 63 -22.35 2.96 46.95
CA ALA D 63 -22.76 2.86 45.52
C ALA D 63 -23.49 4.12 45.05
N LEU D 64 -23.91 5.01 45.97
CA LEU D 64 -24.54 6.33 45.63
C LEU D 64 -23.46 7.38 45.36
N ALA D 65 -22.19 7.08 45.64
CA ALA D 65 -21.04 8.02 45.50
C ALA D 65 -20.16 7.66 44.28
N GLN D 66 -20.44 6.55 43.59
CA GLN D 66 -19.76 6.16 42.32
C GLN D 66 -20.25 7.11 41.22
N GLY D 67 -19.35 7.90 40.64
CA GLY D 67 -19.66 8.91 39.61
C GLY D 67 -20.04 8.26 38.28
N ASN D 68 -21.15 8.70 37.67
CA ASN D 68 -21.66 8.18 36.37
C ASN D 68 -21.28 9.17 35.27
N PRO D 69 -20.70 8.70 34.13
CA PRO D 69 -20.40 9.58 33.01
C PRO D 69 -21.64 9.88 32.15
N HIS D 70 -21.79 11.14 31.74
CA HIS D 70 -22.67 11.57 30.62
C HIS D 70 -21.78 12.05 29.48
N GLN D 71 -22.37 12.40 28.34
CA GLN D 71 -21.68 13.02 27.17
C GLN D 71 -22.56 14.15 26.62
N VAL D 72 -21.99 15.35 26.44
CA VAL D 72 -22.72 16.56 25.99
C VAL D 72 -21.95 17.24 24.86
N ASP D 73 -22.67 17.98 24.01
CA ASP D 73 -22.11 18.93 23.01
C ASP D 73 -21.92 20.28 23.71
N PHE D 74 -20.68 20.77 23.74
CA PHE D 74 -20.29 22.08 24.33
C PHE D 74 -19.98 23.06 23.18
N CYS D 75 -20.76 24.15 23.11
CA CYS D 75 -20.57 25.31 22.19
C CYS D 75 -20.32 26.57 23.03
N HIS D 76 -19.21 27.26 22.78
CA HIS D 76 -18.81 28.51 23.47
C HIS D 76 -18.14 29.47 22.49
N VAL D 77 -18.10 30.76 22.85
CA VAL D 77 -17.35 31.82 22.11
C VAL D 77 -15.86 31.51 22.29
N PRO D 78 -15.05 31.46 21.21
CA PRO D 78 -13.62 31.17 21.36
C PRO D 78 -12.88 32.34 21.99
N TYR D 79 -11.74 32.08 22.65
CA TYR D 79 -10.94 33.11 23.35
C TYR D 79 -10.32 34.07 22.33
N GLY D 80 -10.58 35.37 22.50
CA GLY D 80 -10.05 36.46 21.65
C GLY D 80 -11.02 36.87 20.55
N ALA D 81 -12.29 36.45 20.62
CA ALA D 81 -13.38 36.86 19.71
C ALA D 81 -13.89 38.25 20.11
N SER D 82 -14.32 39.05 19.13
CA SER D 82 -14.89 40.41 19.34
C SER D 82 -16.36 40.30 19.75
N HIS D 83 -17.17 39.60 18.95
CA HIS D 83 -18.62 39.36 19.19
C HIS D 83 -19.17 38.28 18.25
N ILE D 84 -20.39 37.81 18.55
CA ILE D 84 -21.15 36.81 17.74
C ILE D 84 -22.16 37.57 16.87
N GLU D 85 -22.35 37.12 15.63
CA GLU D 85 -23.27 37.71 14.62
C GLU D 85 -24.30 36.65 14.23
N CYS D 86 -25.55 36.85 14.65
CA CYS D 86 -26.71 35.94 14.41
C CYS D 86 -27.56 36.50 13.26
N SER D 87 -27.57 35.83 12.12
CA SER D 87 -28.18 36.30 10.84
C SER D 87 -29.26 35.32 10.37
N PHE D 88 -30.47 35.84 10.07
CA PHE D 88 -31.61 35.08 9.49
C PHE D 88 -32.46 36.02 8.64
N SER D 89 -33.50 35.49 7.98
CA SER D 89 -34.42 36.22 7.07
C SER D 89 -35.86 35.73 7.26
N VAL D 90 -36.81 36.67 7.41
CA VAL D 90 -38.27 36.39 7.63
C VAL D 90 -39.06 37.06 6.50
N SER D 91 -40.15 36.41 6.07
CA SER D 91 -40.95 36.75 4.86
C SER D 91 -42.44 36.80 5.21
N PHE D 92 -43.02 38.01 5.30
CA PHE D 92 -44.47 38.26 5.49
C PHE D 92 -45.18 38.22 4.13
N SER D 93 -46.23 37.42 4.02
CA SER D 93 -47.05 37.18 2.81
C SER D 93 -48.54 37.37 3.15
N SER D 94 -49.43 37.23 2.16
CA SER D 94 -50.91 37.41 2.26
C SER D 94 -51.61 36.12 1.82
N GLU D 95 -51.30 35.00 2.48
CA GLU D 95 -51.90 33.66 2.25
C GLU D 95 -53.02 33.40 3.27
N LEU D 96 -53.29 34.35 4.17
CA LEU D 96 -54.39 34.29 5.18
C LEU D 96 -55.71 34.80 4.60
N ARG D 97 -55.72 35.24 3.33
CA ARG D 97 -56.88 35.89 2.67
C ARG D 97 -57.90 34.82 2.28
N GLN D 98 -57.48 33.87 1.44
CA GLN D 98 -58.29 32.71 0.98
C GLN D 98 -57.78 31.45 1.66
N PRO D 99 -58.66 30.47 2.01
CA PRO D 99 -58.20 29.16 2.46
C PRO D 99 -57.50 28.39 1.34
N TYR D 100 -56.52 27.54 1.68
CA TYR D 100 -55.75 26.70 0.73
C TYR D 100 -56.71 25.68 0.09
N LYS D 101 -57.46 24.96 0.92
CA LYS D 101 -58.63 24.13 0.54
C LYS D 101 -59.83 24.58 1.38
N CYS D 102 -61.03 24.65 0.77
CA CYS D 102 -62.29 25.08 1.41
C CYS D 102 -63.34 23.97 1.37
N ASN D 103 -63.55 23.36 0.19
CA ASN D 103 -64.43 22.18 -0.04
C ASN D 103 -65.88 22.62 -0.29
N SER D 104 -66.32 23.72 0.33
CA SER D 104 -67.70 24.27 0.25
C SER D 104 -67.64 25.79 0.11
N SER D 105 -68.44 26.36 -0.81
CA SER D 105 -68.55 27.82 -1.07
C SER D 105 -69.56 28.46 -0.11
N LYS D 106 -69.60 28.00 1.14
CA LYS D 106 -70.45 28.54 2.24
C LYS D 106 -69.55 29.01 3.39
N VAL D 107 -68.54 28.21 3.77
CA VAL D 107 -67.50 28.60 4.78
C VAL D 107 -66.44 29.49 4.10
N LYS D 108 -66.18 29.28 2.81
CA LYS D 108 -65.16 30.05 2.03
C LYS D 108 -65.49 31.54 2.09
N GLN D 109 -66.63 31.93 1.52
CA GLN D 109 -67.10 33.34 1.44
C GLN D 109 -67.29 33.90 2.85
N THR D 110 -67.71 33.08 3.82
CA THR D 110 -67.80 33.41 5.27
C THR D 110 -66.42 33.86 5.76
N LEU D 111 -65.40 33.01 5.59
CA LEU D 111 -64.02 33.28 6.08
C LEU D 111 -63.39 34.45 5.31
N VAL D 112 -63.56 34.51 3.99
CA VAL D 112 -63.03 35.63 3.14
C VAL D 112 -63.72 36.94 3.55
N GLN D 113 -65.03 36.91 3.81
CA GLN D 113 -65.82 38.05 4.36
C GLN D 113 -65.22 38.45 5.71
N LEU D 114 -64.99 37.47 6.60
CA LEU D 114 -64.51 37.70 7.99
C LEU D 114 -63.14 38.40 7.99
N VAL D 115 -62.23 38.01 7.07
CA VAL D 115 -60.88 38.62 6.91
C VAL D 115 -61.04 40.08 6.45
N GLU D 116 -61.81 40.30 5.39
CA GLU D 116 -62.09 41.64 4.79
C GLU D 116 -62.72 42.57 5.84
N LEU D 117 -63.67 42.07 6.65
CA LEU D 117 -64.38 42.87 7.68
C LEU D 117 -63.42 43.23 8.83
N TYR D 118 -62.58 42.28 9.28
CA TYR D 118 -61.52 42.54 10.29
C TYR D 118 -60.54 43.58 9.73
N GLU D 119 -60.07 43.38 8.49
CA GLU D 119 -59.15 44.30 7.78
C GLU D 119 -59.74 45.72 7.78
N THR D 120 -61.03 45.87 7.45
CA THR D 120 -61.73 47.16 7.33
C THR D 120 -61.95 47.78 8.72
N LYS D 121 -62.59 47.04 9.64
CA LYS D 121 -63.05 47.54 10.96
C LYS D 121 -61.84 47.88 11.84
N ILE D 122 -61.12 46.86 12.32
CA ILE D 122 -59.97 46.97 13.25
C ILE D 122 -58.72 46.41 12.55
N GLY D 123 -57.96 47.28 11.90
CA GLY D 123 -56.90 46.94 10.93
C GLY D 123 -55.74 46.18 11.54
N TRP D 124 -54.68 45.95 10.74
CA TRP D 124 -53.57 44.99 11.04
C TRP D 124 -52.55 45.60 12.02
N THR D 125 -52.72 46.86 12.44
CA THR D 125 -51.74 47.64 13.25
C THR D 125 -51.33 46.84 14.50
N GLU D 126 -52.31 46.31 15.26
CA GLU D 126 -52.09 45.56 16.52
C GLU D 126 -51.21 44.34 16.26
N LEU D 127 -51.62 43.47 15.33
CA LEU D 127 -50.91 42.19 15.01
C LEU D 127 -49.54 42.49 14.41
N ALA D 128 -49.49 43.38 13.41
CA ALA D 128 -48.25 43.77 12.68
C ALA D 128 -47.19 44.26 13.68
N THR D 129 -47.56 45.13 14.61
CA THR D 129 -46.66 45.68 15.67
C THR D 129 -46.22 44.56 16.62
N ARG D 130 -47.13 43.66 17.00
CA ARG D 130 -46.85 42.52 17.92
C ARG D 130 -45.86 41.54 17.26
N TYR D 131 -46.06 41.23 15.96
CA TYR D 131 -45.17 40.34 15.16
C TYR D 131 -43.80 41.00 14.97
N LEU D 132 -43.75 42.33 14.85
CA LEU D 132 -42.53 43.12 14.54
C LEU D 132 -41.76 43.48 15.82
N MET D 133 -42.42 43.54 16.98
CA MET D 133 -41.79 43.89 18.29
C MET D 133 -40.82 42.79 18.72
N ASN D 134 -41.08 41.52 18.38
CA ASN D 134 -40.24 40.36 18.76
C ASN D 134 -39.56 39.75 17.52
N ILE D 135 -39.49 40.52 16.42
CA ILE D 135 -38.44 40.39 15.35
C ILE D 135 -37.29 41.34 15.71
N CYS D 136 -37.58 42.45 16.41
CA CYS D 136 -36.67 43.60 16.60
C CYS D 136 -36.15 43.71 18.05
N ASN D 137 -36.64 42.90 19.00
CA ASN D 137 -36.15 42.88 20.40
C ASN D 137 -35.35 41.59 20.69
N GLY D 138 -35.14 40.74 19.68
CA GLY D 138 -34.27 39.56 19.76
C GLY D 138 -34.84 38.46 20.64
N LYS D 139 -36.16 38.26 20.61
CA LYS D 139 -36.87 37.12 21.27
C LYS D 139 -36.45 35.81 20.59
N TRP D 140 -36.24 35.86 19.27
CA TRP D 140 -35.79 34.74 18.40
C TRP D 140 -34.43 34.16 18.84
N LEU D 141 -33.62 34.91 19.59
CA LEU D 141 -32.33 34.41 20.17
C LEU D 141 -32.59 33.53 21.40
N TRP D 142 -33.76 33.63 22.00
CA TRP D 142 -34.29 32.74 23.08
C TRP D 142 -33.51 32.95 24.39
N LYS D 143 -32.34 32.32 24.53
CA LYS D 143 -31.62 32.17 25.83
C LYS D 143 -30.29 32.95 25.84
N ASN D 144 -29.74 33.31 24.68
CA ASN D 144 -28.38 33.92 24.55
C ASN D 144 -28.41 35.38 25.03
N THR D 145 -29.57 36.05 24.92
CA THR D 145 -29.77 37.47 25.33
C THR D 145 -29.66 37.60 26.86
N ARG D 146 -30.09 36.58 27.61
CA ARG D 146 -29.84 36.46 29.07
C ARG D 146 -28.35 36.11 29.27
N LYS D 147 -27.69 36.78 30.22
CA LYS D 147 -26.23 36.66 30.51
C LYS D 147 -25.43 37.13 29.28
N ALA D 148 -25.76 38.32 28.77
CA ALA D 148 -25.07 39.02 27.66
C ALA D 148 -24.93 40.50 28.01
N TYR D 149 -23.85 41.16 27.57
CA TYR D 149 -23.56 42.58 27.92
C TYR D 149 -24.56 43.51 27.20
N CYS D 150 -24.64 43.39 25.88
CA CYS D 150 -25.60 44.14 25.03
C CYS D 150 -25.73 43.46 23.66
N TRP D 151 -26.93 43.51 23.06
CA TRP D 151 -27.18 42.98 21.69
C TRP D 151 -27.88 44.03 20.83
N ASN D 152 -27.29 44.35 19.67
CA ASN D 152 -27.80 45.33 18.67
C ASN D 152 -28.42 44.56 17.50
N ILE D 153 -29.56 45.03 17.00
CA ILE D 153 -30.28 44.44 15.82
C ILE D 153 -30.28 45.48 14.69
N VAL D 154 -29.81 45.06 13.51
CA VAL D 154 -29.88 45.82 12.22
C VAL D 154 -30.63 44.94 11.22
N LEU D 155 -31.69 45.45 10.59
CA LEU D 155 -32.49 44.72 9.57
C LEU D 155 -32.62 45.56 8.30
N THR D 156 -32.62 44.88 7.14
CA THR D 156 -32.74 45.48 5.78
C THR D 156 -34.00 44.91 5.11
N PRO D 157 -35.10 45.69 5.02
CA PRO D 157 -36.32 45.22 4.37
C PRO D 157 -36.27 45.32 2.83
N TRP D 158 -37.32 44.82 2.17
CA TRP D 158 -37.51 44.87 0.69
C TRP D 158 -39.01 44.83 0.38
N PRO D 159 -39.56 45.71 -0.50
CA PRO D 159 -38.82 46.78 -1.16
C PRO D 159 -38.54 47.97 -0.23
N TRP D 160 -37.44 48.68 -0.45
CA TRP D 160 -36.93 49.78 0.43
C TRP D 160 -36.09 50.78 -0.37
N ASN D 161 -36.30 52.07 -0.15
CA ASN D 161 -35.46 53.18 -0.67
C ASN D 161 -35.02 54.05 0.51
N GLY D 162 -33.89 53.69 1.14
CA GLY D 162 -33.34 54.39 2.32
C GLY D 162 -32.20 53.62 2.98
N GLU D 163 -32.01 53.83 4.28
CA GLU D 163 -30.87 53.30 5.08
C GLU D 163 -31.39 52.23 6.06
N LYS D 164 -30.53 51.27 6.42
CA LYS D 164 -30.86 50.09 7.27
C LYS D 164 -31.43 50.55 8.63
N VAL D 165 -32.45 49.84 9.11
CA VAL D 165 -33.12 50.11 10.43
C VAL D 165 -32.26 49.47 11.52
N GLY D 166 -31.87 50.27 12.53
CA GLY D 166 -30.91 49.87 13.58
C GLY D 166 -31.45 50.16 14.98
N PHE D 167 -31.69 49.10 15.77
CA PHE D 167 -32.04 49.18 17.21
C PHE D 167 -30.81 48.80 18.04
N GLU D 168 -30.12 49.82 18.59
CA GLU D 168 -28.87 49.64 19.40
C GLU D 168 -29.28 49.27 20.84
N ASP D 169 -28.34 48.68 21.60
CA ASP D 169 -28.53 47.85 22.82
C ASP D 169 -29.98 47.83 23.31
N ILE D 170 -30.66 46.69 23.17
CA ILE D 170 -32.10 46.46 23.51
C ILE D 170 -32.15 45.84 24.92
N ARG D 171 -31.72 46.62 25.92
CA ARG D 171 -31.84 46.28 27.36
C ARG D 171 -32.22 47.55 28.15
N THR D 172 -31.57 48.69 27.84
CA THR D 172 -31.78 50.01 28.48
C THR D 172 -32.71 50.88 27.61
N ASN D 173 -32.45 50.96 26.30
CA ASN D 173 -33.18 51.86 25.35
C ASN D 173 -34.60 51.33 25.14
N TYR D 174 -34.74 50.16 24.49
CA TYR D 174 -36.04 49.57 24.04
C TYR D 174 -36.51 48.54 25.07
N THR D 175 -37.49 48.92 25.90
CA THR D 175 -38.16 48.06 26.92
C THR D 175 -39.65 47.92 26.56
N SER D 176 -40.36 49.06 26.45
CA SER D 176 -41.84 49.14 26.24
C SER D 176 -42.18 49.31 24.76
N ARG D 177 -43.48 49.21 24.43
CA ARG D 177 -44.05 49.37 23.06
C ARG D 177 -43.72 50.76 22.51
N GLN D 178 -43.98 51.81 23.30
CA GLN D 178 -43.75 53.24 22.93
C GLN D 178 -42.27 53.44 22.57
N ASP D 179 -41.35 52.84 23.33
CA ASP D 179 -39.87 53.00 23.15
C ASP D 179 -39.43 52.54 21.75
N PHE D 180 -40.14 51.57 21.14
CA PHE D 180 -39.88 51.10 19.75
C PHE D 180 -40.26 52.19 18.74
N LYS D 181 -41.14 53.14 19.10
CA LYS D 181 -41.56 54.26 18.22
C LYS D 181 -40.53 55.40 18.34
N ASN D 182 -39.34 55.20 17.77
CA ASN D 182 -38.39 56.29 17.39
C ASN D 182 -38.92 56.89 16.08
N ASN D 183 -38.56 58.15 15.80
CA ASN D 183 -39.25 59.00 14.78
C ASN D 183 -38.95 58.52 13.35
N LYS D 184 -37.76 57.97 13.08
CA LYS D 184 -37.20 57.81 11.70
C LYS D 184 -37.11 56.35 11.26
N ASN D 185 -37.65 55.39 12.03
CA ASN D 185 -37.46 53.93 11.76
C ASN D 185 -38.81 53.20 11.66
N TRP D 186 -39.63 53.28 12.72
CA TRP D 186 -40.66 52.26 13.07
C TRP D 186 -41.94 52.42 12.23
N SER D 187 -42.39 53.65 11.98
CA SER D 187 -43.71 53.97 11.36
C SER D 187 -43.80 53.44 9.92
N ALA D 188 -42.67 53.22 9.23
CA ALA D 188 -42.59 52.80 7.81
C ALA D 188 -42.18 51.32 7.67
N ILE D 189 -42.05 50.57 8.77
CA ILE D 189 -41.79 49.09 8.75
C ILE D 189 -42.98 48.33 9.35
N VAL D 190 -43.87 48.98 10.12
CA VAL D 190 -45.22 48.44 10.46
C VAL D 190 -46.02 48.38 9.16
N GLU D 191 -46.01 49.47 8.38
CA GLU D 191 -46.46 49.50 6.97
C GLU D 191 -45.45 48.71 6.13
N MET D 192 -45.98 47.86 5.23
CA MET D 192 -45.31 46.78 4.45
C MET D 192 -45.47 45.45 5.20
N ILE D 193 -46.08 45.46 6.39
CA ILE D 193 -46.75 44.28 7.01
C ILE D 193 -48.28 44.46 6.91
N LYS D 194 -48.77 45.71 6.94
CA LYS D 194 -50.20 46.06 6.80
C LYS D 194 -50.61 46.06 5.32
N THR D 195 -49.71 46.45 4.41
CA THR D 195 -49.93 46.46 2.93
C THR D 195 -49.23 45.25 2.28
N ALA D 196 -48.76 44.28 3.08
CA ALA D 196 -48.33 42.93 2.62
C ALA D 196 -49.20 41.83 3.24
N PHE D 197 -50.13 42.17 4.15
CA PHE D 197 -51.22 41.29 4.62
C PHE D 197 -52.52 41.60 3.85
N SER D 198 -52.85 42.89 3.69
CA SER D 198 -54.13 43.38 3.13
C SER D 198 -54.22 43.08 1.62
N SER D 199 -53.29 43.60 0.83
CA SER D 199 -53.26 43.53 -0.66
C SER D 199 -53.01 42.09 -1.10
N THR D 200 -53.63 41.68 -2.22
CA THR D 200 -53.45 40.34 -2.86
C THR D 200 -52.06 40.28 -3.48
N ASP D 201 -51.42 39.10 -3.41
CA ASP D 201 -50.00 38.82 -3.80
C ASP D 201 -49.06 39.92 -3.27
N GLY D 202 -49.26 40.35 -2.02
CA GLY D 202 -48.38 41.29 -1.30
C GLY D 202 -47.17 40.56 -0.73
N LEU D 203 -46.12 41.28 -0.35
CA LEU D 203 -44.82 40.67 0.09
C LEU D 203 -44.03 41.65 0.96
N ALA D 204 -43.23 41.11 1.89
CA ALA D 204 -42.19 41.82 2.65
C ALA D 204 -41.14 40.81 3.15
N ILE D 205 -39.90 40.94 2.67
CA ILE D 205 -38.75 40.03 2.97
C ILE D 205 -37.74 40.80 3.82
N PHE D 206 -37.83 40.69 5.15
CA PHE D 206 -36.85 41.28 6.10
C PHE D 206 -35.63 40.37 6.18
N GLU D 207 -34.43 40.95 6.10
CA GLU D 207 -33.14 40.28 6.42
C GLU D 207 -32.57 40.92 7.69
N VAL D 208 -32.58 40.17 8.79
CA VAL D 208 -32.24 40.64 10.18
C VAL D 208 -30.89 40.04 10.58
N ARG D 209 -30.01 40.84 11.21
CA ARG D 209 -28.78 40.35 11.87
C ARG D 209 -28.62 41.04 13.23
N ALA D 210 -28.40 40.25 14.28
CA ALA D 210 -28.17 40.71 15.68
C ALA D 210 -26.71 40.43 16.07
N THR D 211 -26.04 41.41 16.69
CA THR D 211 -24.67 41.29 17.24
C THR D 211 -24.78 41.05 18.76
N LEU D 212 -24.20 39.96 19.27
CA LEU D 212 -24.19 39.58 20.71
C LEU D 212 -22.79 39.82 21.30
N HIS D 213 -22.67 40.73 22.26
CA HIS D 213 -21.45 40.94 23.10
C HIS D 213 -21.58 40.11 24.37
N LEU D 214 -20.90 38.96 24.42
CA LEU D 214 -20.93 38.00 25.55
C LEU D 214 -19.64 38.15 26.38
N PRO D 215 -19.65 37.73 27.67
CA PRO D 215 -18.42 37.65 28.46
C PRO D 215 -17.43 36.59 27.94
N THR D 216 -16.27 36.47 28.61
CA THR D 216 -15.11 35.61 28.21
C THR D 216 -15.57 34.15 28.07
N ASN D 217 -15.35 33.56 26.88
CA ASN D 217 -15.68 32.17 26.47
C ASN D 217 -16.96 31.67 27.18
N ALA D 218 -18.04 32.45 27.10
CA ALA D 218 -19.38 32.09 27.62
C ALA D 218 -20.06 31.14 26.64
N MET D 219 -20.92 30.25 27.17
CA MET D 219 -21.67 29.24 26.38
C MET D 219 -22.74 29.93 25.52
N VAL D 220 -22.81 29.57 24.23
CA VAL D 220 -23.93 29.91 23.30
C VAL D 220 -24.89 28.71 23.31
N ARG D 221 -26.20 28.98 23.42
CA ARG D 221 -27.27 27.94 23.49
C ARG D 221 -28.01 27.87 22.15
N PRO D 222 -27.71 26.88 21.28
CA PRO D 222 -28.52 26.63 20.08
C PRO D 222 -29.67 25.64 20.36
N SER D 223 -30.35 25.19 19.31
CA SER D 223 -31.50 24.26 19.36
C SER D 223 -30.98 22.82 19.31
N GLN D 224 -31.61 21.92 20.07
CA GLN D 224 -31.17 20.50 20.24
C GLN D 224 -32.09 19.59 19.42
N VAL D 225 -31.54 18.52 18.84
CA VAL D 225 -32.26 17.54 17.99
C VAL D 225 -33.04 16.59 18.91
N PHE D 226 -34.16 16.04 18.41
CA PHE D 226 -35.17 15.28 19.20
C PHE D 226 -34.56 13.98 19.73
N THR D 227 -34.12 13.10 18.82
CA THR D 227 -33.65 11.70 19.10
C THR D 227 -34.73 10.94 19.87
N GLU D 228 -35.73 10.40 19.17
CA GLU D 228 -36.79 9.52 19.74
C GLU D 228 -36.12 8.21 20.21
N LYS D 229 -36.52 7.73 21.40
CA LYS D 229 -35.92 6.54 22.08
C LYS D 229 -37.03 5.55 22.44
N GLN D 232 -25.18 7.06 26.23
CA GLN D 232 -25.54 8.22 27.08
C GLN D 232 -25.21 9.51 26.31
N ASN D 233 -26.21 10.35 26.03
CA ASN D 233 -26.05 11.61 25.27
C ASN D 233 -27.26 12.53 25.48
N SER D 234 -27.11 13.54 26.32
CA SER D 234 -27.96 14.76 26.39
C SER D 234 -27.29 15.86 25.57
N ARG D 235 -28.08 16.82 25.06
CA ARG D 235 -27.62 18.00 24.28
C ARG D 235 -26.89 17.54 23.00
N VAL D 236 -27.63 17.00 22.03
CA VAL D 236 -27.14 16.79 20.63
C VAL D 236 -27.67 17.96 19.79
N PHE D 237 -26.83 18.96 19.55
CA PHE D 237 -27.21 20.25 18.91
C PHE D 237 -27.58 20.04 17.44
N GLN D 238 -28.60 20.75 16.96
CA GLN D 238 -28.97 20.82 15.52
C GLN D 238 -27.92 21.69 14.80
N SER D 239 -27.40 21.19 13.67
CA SER D 239 -26.22 21.77 12.95
C SER D 239 -26.47 21.82 11.44
N THR D 240 -25.78 22.74 10.77
CA THR D 240 -25.62 22.79 9.29
C THR D 240 -24.16 23.09 8.94
N THR D 241 -23.75 22.72 7.72
CA THR D 241 -22.38 22.89 7.17
C THR D 241 -22.25 24.30 6.56
N ILE D 242 -21.31 25.11 7.08
CA ILE D 242 -20.83 26.38 6.45
C ILE D 242 -19.35 26.20 6.14
N ASP D 243 -18.98 26.27 4.86
CA ASP D 243 -17.58 26.16 4.34
C ASP D 243 -16.96 24.81 4.78
N GLY D 244 -17.75 23.74 4.79
CA GLY D 244 -17.32 22.38 5.16
C GLY D 244 -17.25 22.17 6.67
N GLU D 245 -17.47 23.20 7.49
CA GLU D 245 -17.45 23.16 8.97
C GLU D 245 -18.89 23.09 9.49
N ARG D 246 -19.19 22.12 10.36
CA ARG D 246 -20.51 22.01 11.05
C ARG D 246 -20.65 23.20 12.01
N SER D 247 -21.86 23.77 12.12
CA SER D 247 -22.17 24.98 12.93
C SER D 247 -23.54 24.84 13.57
N PRO D 248 -23.72 25.21 14.86
CA PRO D 248 -25.01 25.12 15.53
C PRO D 248 -25.97 26.21 15.02
N ILE D 249 -27.27 25.87 14.91
CA ILE D 249 -28.22 26.51 13.95
C ILE D 249 -29.38 27.25 14.64
N LEU D 250 -29.84 26.80 15.81
CA LEU D 250 -30.99 27.39 16.57
C LEU D 250 -32.27 27.37 15.71
N GLY D 251 -32.56 26.22 15.08
CA GLY D 251 -33.88 25.84 14.53
C GLY D 251 -34.31 26.65 13.32
N ALA D 252 -35.32 26.12 12.60
CA ALA D 252 -36.07 26.77 11.51
C ALA D 252 -37.50 27.09 11.98
N PHE D 253 -38.13 26.16 12.70
CA PHE D 253 -39.50 26.27 13.27
C PHE D 253 -39.45 26.95 14.65
N LYS D 254 -38.32 26.81 15.37
CA LYS D 254 -38.11 27.42 16.71
C LYS D 254 -38.09 28.95 16.57
N THR D 255 -37.38 29.46 15.56
CA THR D 255 -37.26 30.92 15.25
C THR D 255 -38.61 31.48 14.76
N GLY D 256 -39.51 30.63 14.25
CA GLY D 256 -40.90 30.99 13.90
C GLY D 256 -41.84 30.92 15.10
N ALA D 257 -41.57 30.01 16.04
CA ALA D 257 -42.32 29.85 17.30
C ALA D 257 -41.87 30.86 18.36
N ALA D 258 -40.92 31.75 18.03
CA ALA D 258 -40.39 32.82 18.91
C ALA D 258 -41.05 34.16 18.57
N ILE D 259 -41.19 34.49 17.27
CA ILE D 259 -41.77 35.78 16.79
C ILE D 259 -43.30 35.72 16.82
N ALA D 260 -43.89 34.54 17.05
CA ALA D 260 -45.35 34.31 17.11
C ALA D 260 -45.81 34.05 18.56
N THR D 261 -44.98 34.38 19.56
CA THR D 261 -45.34 34.40 21.00
C THR D 261 -46.00 35.75 21.31
N ILE D 262 -47.25 35.94 20.86
CA ILE D 262 -48.01 37.22 20.95
C ILE D 262 -49.35 37.02 21.69
N ASP D 263 -49.66 35.79 22.11
CA ASP D 263 -51.01 35.39 22.60
C ASP D 263 -51.10 35.63 24.11
N ASP D 264 -51.63 36.79 24.52
CA ASP D 264 -51.91 37.15 25.94
C ASP D 264 -53.37 37.62 26.06
N TRP D 265 -54.26 37.11 25.18
CA TRP D 265 -55.72 37.42 25.18
C TRP D 265 -56.51 36.22 25.75
N TYR D 266 -55.95 35.54 26.76
CA TYR D 266 -56.44 34.23 27.28
C TYR D 266 -56.96 34.45 28.71
N PRO D 267 -57.88 33.59 29.23
CA PRO D 267 -58.60 33.81 30.48
C PRO D 267 -58.22 34.99 31.40
N GLU D 268 -56.99 35.05 31.92
CA GLU D 268 -56.45 36.21 32.68
C GLU D 268 -55.42 36.95 31.81
N ALA D 269 -54.14 36.60 31.93
CA ALA D 269 -52.96 37.14 31.19
C ALA D 269 -51.76 37.23 32.15
N THR D 270 -50.78 36.34 31.98
CA THR D 270 -49.46 36.34 32.69
C THR D 270 -48.38 36.80 31.71
N GLU D 271 -48.21 36.07 30.61
CA GLU D 271 -47.16 36.29 29.57
C GLU D 271 -47.68 35.78 28.23
N PRO D 272 -47.13 36.25 27.08
CA PRO D 272 -47.55 35.73 25.77
C PRO D 272 -47.21 34.25 25.56
N LEU D 273 -48.18 33.47 25.08
CA LEU D 273 -48.01 32.05 24.65
C LEU D 273 -47.76 32.01 23.14
N ARG D 274 -47.23 30.88 22.64
CA ARG D 274 -47.21 30.51 21.21
C ARG D 274 -48.66 30.31 20.76
N VAL D 275 -49.09 31.04 19.72
CA VAL D 275 -50.47 30.94 19.14
C VAL D 275 -50.72 29.49 18.71
N GLY D 276 -51.51 28.76 19.51
CA GLY D 276 -52.01 27.40 19.20
C GLY D 276 -53.53 27.36 19.30
N ARG D 277 -54.13 26.24 18.89
CA ARG D 277 -55.61 26.06 18.90
C ARG D 277 -56.10 25.92 20.34
N PHE D 278 -55.31 25.29 21.23
CA PHE D 278 -55.64 25.04 22.66
C PHE D 278 -54.64 25.75 23.59
N GLY D 279 -54.06 26.87 23.15
CA GLY D 279 -53.21 27.80 23.94
C GLY D 279 -52.27 27.07 24.91
N VAL D 280 -51.41 26.18 24.38
CA VAL D 280 -50.53 25.28 25.18
C VAL D 280 -49.38 26.11 25.76
N HIS D 281 -49.20 26.06 27.09
CA HIS D 281 -48.01 26.58 27.83
C HIS D 281 -47.10 25.38 28.15
N ARG D 282 -45.87 25.38 27.62
CA ARG D 282 -44.95 24.20 27.65
C ARG D 282 -44.21 24.15 28.99
N GLU D 283 -44.09 25.27 29.71
CA GLU D 283 -43.40 25.36 31.03
C GLU D 283 -44.33 24.78 32.10
N ASP D 284 -45.40 25.50 32.47
CA ASP D 284 -46.50 24.98 33.33
C ASP D 284 -47.39 24.12 32.43
N VAL D 285 -47.29 22.80 32.55
CA VAL D 285 -47.64 21.81 31.49
C VAL D 285 -49.16 21.80 31.24
N THR D 286 -49.96 22.28 32.20
CA THR D 286 -51.41 22.55 32.02
C THR D 286 -51.60 23.61 30.92
N CYS D 287 -52.32 23.26 29.85
CA CYS D 287 -52.67 24.19 28.73
C CYS D 287 -53.86 25.05 29.14
N TYR D 288 -53.67 26.38 29.17
CA TYR D 288 -54.76 27.39 29.32
C TYR D 288 -55.52 27.43 28.00
N ARG D 289 -56.75 27.95 28.01
CA ARG D 289 -57.64 27.98 26.81
C ARG D 289 -57.93 26.53 26.40
N HIS D 290 -58.54 25.77 27.31
CA HIS D 290 -59.01 24.37 27.09
C HIS D 290 -60.36 24.43 26.37
N PRO D 291 -60.74 23.42 25.54
CA PRO D 291 -62.10 23.36 24.99
C PRO D 291 -63.27 23.42 25.98
N SER D 292 -63.05 23.09 27.27
CA SER D 292 -64.08 23.11 28.34
C SER D 292 -64.56 24.53 28.62
N THR D 293 -63.68 25.53 28.49
CA THR D 293 -64.00 26.98 28.69
C THR D 293 -64.80 27.51 27.49
N GLY D 294 -64.49 27.03 26.28
CA GLY D 294 -65.15 27.45 25.02
C GLY D 294 -64.50 28.70 24.43
N LYS D 295 -63.21 28.93 24.73
CA LYS D 295 -62.40 30.07 24.23
C LYS D 295 -61.25 29.56 23.34
N ASP D 296 -61.22 28.26 23.04
CA ASP D 296 -60.25 27.64 22.08
C ASP D 296 -60.65 28.04 20.65
N PHE D 297 -59.78 27.76 19.67
CA PHE D 297 -59.92 28.19 18.25
C PHE D 297 -61.18 27.57 17.61
N PHE D 298 -61.38 26.27 17.81
CA PHE D 298 -62.43 25.45 17.13
C PHE D 298 -63.83 25.85 17.61
N SER D 299 -63.97 26.36 18.84
CA SER D 299 -65.26 26.83 19.43
C SER D 299 -65.50 28.31 19.13
N ILE D 300 -64.45 29.07 18.77
CA ILE D 300 -64.54 30.50 18.33
C ILE D 300 -64.86 30.54 16.83
N LEU D 301 -64.17 29.73 16.02
CA LEU D 301 -64.36 29.64 14.54
C LEU D 301 -65.82 29.30 14.22
N GLN D 302 -66.41 28.34 14.94
CA GLN D 302 -67.78 27.81 14.69
C GLN D 302 -68.85 28.86 15.04
N GLN D 303 -68.49 29.94 15.73
CA GLN D 303 -69.36 31.13 15.96
C GLN D 303 -69.03 32.26 14.97
N ALA D 304 -68.28 31.98 13.89
CA ALA D 304 -67.85 32.98 12.88
C ALA D 304 -69.02 33.86 12.44
N GLU D 305 -70.17 33.24 12.13
CA GLU D 305 -71.40 33.92 11.64
C GLU D 305 -71.90 34.96 12.65
N HIS D 306 -71.65 34.74 13.95
CA HIS D 306 -71.90 35.71 15.05
C HIS D 306 -71.04 36.97 14.83
N TYR D 307 -69.74 36.79 14.62
CA TYR D 307 -68.71 37.87 14.57
C TYR D 307 -68.93 38.79 13.36
N ILE D 308 -69.55 38.30 12.28
CA ILE D 308 -69.81 39.10 11.04
C ILE D 308 -70.97 40.07 11.32
N GLU D 309 -71.90 39.71 12.22
CA GLU D 309 -73.01 40.59 12.67
C GLU D 309 -72.44 41.73 13.53
N VAL D 310 -71.52 41.41 14.45
CA VAL D 310 -70.94 42.35 15.45
C VAL D 310 -70.00 43.35 14.74
N LEU D 311 -69.34 42.93 13.65
CA LEU D 311 -68.38 43.77 12.86
C LEU D 311 -69.12 44.62 11.81
N SER D 312 -70.43 44.82 11.94
CA SER D 312 -71.27 45.67 11.05
C SER D 312 -72.03 46.75 11.84
N ALA D 313 -71.75 46.92 13.14
CA ALA D 313 -72.43 47.90 14.03
C ALA D 313 -71.44 48.44 15.08
N ASN D 314 -71.74 49.62 15.63
CA ASN D 314 -70.91 50.34 16.63
C ASN D 314 -71.34 49.93 18.04
N LYS D 315 -70.40 49.68 18.98
CA LYS D 315 -68.97 49.59 18.75
C LYS D 315 -68.47 48.30 19.41
N THR D 316 -67.51 47.62 18.76
CA THR D 316 -67.01 46.26 19.13
C THR D 316 -66.35 46.32 20.50
N PRO D 317 -66.82 45.54 21.50
CA PRO D 317 -66.30 45.63 22.87
C PRO D 317 -64.90 44.99 22.99
N ALA D 318 -63.89 45.82 23.30
CA ALA D 318 -62.45 45.47 23.24
C ALA D 318 -62.06 44.61 24.45
N GLN D 319 -62.61 43.39 24.52
CA GLN D 319 -62.33 42.38 25.57
C GLN D 319 -62.86 41.00 25.16
N GLU D 320 -64.05 40.92 24.55
CA GLU D 320 -64.69 39.65 24.11
C GLU D 320 -64.59 39.48 22.58
N THR D 321 -64.84 40.53 21.80
CA THR D 321 -64.93 40.46 20.31
C THR D 321 -63.55 40.69 19.67
N ILE D 322 -62.91 41.83 19.97
CA ILE D 322 -61.62 42.27 19.36
C ILE D 322 -60.53 41.27 19.73
N ASN D 323 -60.47 40.87 21.01
CA ASN D 323 -59.49 39.89 21.56
C ASN D 323 -59.65 38.52 20.89
N ASP D 324 -60.88 38.16 20.46
CA ASP D 324 -61.19 36.89 19.76
C ASP D 324 -60.92 37.04 18.25
N MET D 325 -61.17 38.21 17.67
CA MET D 325 -60.84 38.51 16.25
C MET D 325 -59.32 38.50 16.07
N HIS D 326 -58.57 39.09 17.02
CA HIS D 326 -57.08 39.04 17.06
C HIS D 326 -56.63 37.58 17.03
N PHE D 327 -57.20 36.74 17.90
CA PHE D 327 -56.85 35.29 18.03
C PHE D 327 -57.23 34.56 16.74
N LEU D 328 -58.45 34.73 16.22
CA LEU D 328 -58.90 34.14 14.93
C LEU D 328 -57.85 34.40 13.84
N MET D 329 -57.54 35.68 13.58
CA MET D 329 -56.68 36.12 12.46
C MET D 329 -55.22 35.73 12.72
N ALA D 330 -54.73 35.85 13.97
CA ALA D 330 -53.38 35.39 14.38
C ALA D 330 -53.28 33.86 14.26
N ASN D 331 -54.40 33.15 14.35
CA ASN D 331 -54.49 31.67 14.19
C ASN D 331 -54.58 31.33 12.70
N LEU D 332 -55.21 32.18 11.88
CA LEU D 332 -55.24 32.03 10.40
C LEU D 332 -53.87 32.35 9.78
N ILE D 333 -53.01 33.12 10.48
CA ILE D 333 -51.69 33.59 9.96
C ILE D 333 -50.69 32.43 9.94
N LYS D 334 -50.71 31.54 10.95
CA LYS D 334 -49.88 30.30 11.00
C LYS D 334 -50.70 29.10 10.51
N GLY D 335 -51.87 29.34 9.91
CA GLY D 335 -53.02 28.40 9.87
C GLY D 335 -52.70 27.10 9.15
N GLY D 336 -53.61 26.12 9.28
CA GLY D 336 -53.46 24.75 8.75
C GLY D 336 -53.33 23.73 9.89
N MET D 337 -54.19 22.70 9.96
CA MET D 337 -55.34 22.49 9.09
C MET D 337 -56.53 22.03 9.95
N PHE D 338 -57.74 22.49 9.61
CA PHE D 338 -58.97 22.40 10.43
C PHE D 338 -59.90 21.34 9.84
N GLN D 339 -59.37 20.14 9.57
CA GLN D 339 -60.03 19.05 8.81
C GLN D 339 -61.13 18.39 9.65
N HIS D 340 -60.73 17.77 10.77
CA HIS D 340 -61.49 16.72 11.51
C HIS D 340 -61.73 15.53 10.58
N LYS E 1 -46.30 15.20 46.37
CA LYS E 1 -44.95 15.84 46.31
C LYS E 1 -44.09 15.16 45.23
N LEU E 2 -43.14 15.91 44.65
CA LEU E 2 -42.31 15.52 43.49
C LEU E 2 -43.22 15.11 42.33
N PRO E 3 -43.88 16.08 41.64
CA PRO E 3 -44.99 15.78 40.73
C PRO E 3 -44.58 15.46 39.29
N THR E 4 -43.72 14.45 39.10
CA THR E 4 -43.44 13.71 37.83
C THR E 4 -42.80 14.59 36.74
N ASN E 5 -42.96 15.91 36.79
CA ASN E 5 -42.28 16.88 35.87
C ASN E 5 -41.94 18.15 36.67
N LEU E 6 -40.70 18.25 37.16
CA LEU E 6 -40.20 19.38 38.00
C LEU E 6 -38.68 19.50 37.79
N ALA E 7 -38.26 20.52 37.03
CA ALA E 7 -36.84 20.85 36.75
C ALA E 7 -36.58 22.31 37.14
N TYR E 8 -35.39 22.60 37.64
CA TYR E 8 -34.83 23.95 37.88
C TYR E 8 -33.69 24.20 36.89
N GLU E 9 -33.47 25.46 36.52
CA GLU E 9 -32.30 25.92 35.73
C GLU E 9 -31.29 26.53 36.72
N ARG E 10 -29.99 26.30 36.49
CA ARG E 10 -28.89 26.78 37.38
C ARG E 10 -28.88 28.31 37.39
N SER E 11 -28.37 28.90 38.47
CA SER E 11 -28.26 30.38 38.66
C SER E 11 -26.85 30.87 38.32
N ILE E 12 -25.81 30.05 38.59
CA ILE E 12 -24.38 30.42 38.42
C ILE E 12 -23.84 29.74 37.16
N ASP E 13 -23.38 30.54 36.18
CA ASP E 13 -22.89 30.10 34.85
C ASP E 13 -21.42 30.47 34.73
N PRO E 14 -20.48 29.59 35.16
CA PRO E 14 -19.04 29.83 34.98
C PRO E 14 -18.61 29.43 33.56
N SER E 15 -17.30 29.41 33.30
CA SER E 15 -16.72 29.10 31.97
C SER E 15 -15.30 28.55 32.11
N ASP E 16 -14.65 28.30 30.96
CA ASP E 16 -13.27 27.73 30.85
C ASP E 16 -12.25 28.72 31.44
N VAL E 17 -11.15 28.20 31.99
CA VAL E 17 -10.02 28.99 32.56
C VAL E 17 -8.84 28.92 31.58
N CYS E 18 -8.65 29.95 30.76
CA CYS E 18 -7.54 30.05 29.77
C CYS E 18 -6.23 30.37 30.50
N PHE E 19 -5.23 29.49 30.39
CA PHE E 19 -3.87 29.65 30.97
C PHE E 19 -2.97 30.37 29.94
N PHE E 20 -2.37 31.50 30.37
CA PHE E 20 -1.46 32.33 29.54
C PHE E 20 -0.12 32.52 30.27
N VAL E 21 0.97 31.99 29.70
CA VAL E 21 2.36 32.22 30.19
C VAL E 21 2.72 33.67 29.85
N VAL E 22 3.12 34.46 30.85
CA VAL E 22 3.51 35.90 30.67
C VAL E 22 5.00 36.05 31.02
N TRP E 23 5.74 36.69 30.12
CA TRP E 23 7.22 36.83 30.15
C TRP E 23 7.60 38.16 30.77
N PRO E 24 8.90 38.40 31.09
CA PRO E 24 9.37 39.74 31.48
C PRO E 24 9.27 40.83 30.40
N ASP E 25 8.96 40.46 29.15
CA ASP E 25 8.84 41.39 27.99
C ASP E 25 7.44 42.04 27.92
N ASP E 26 6.54 41.70 28.85
CA ASP E 26 5.11 42.14 28.88
C ASP E 26 4.39 41.58 27.63
N ARG E 27 4.78 40.38 27.17
CA ARG E 27 4.08 39.62 26.11
C ARG E 27 3.48 38.36 26.74
N LYS E 28 2.44 37.81 26.12
CA LYS E 28 1.67 36.63 26.61
C LYS E 28 1.68 35.52 25.54
N THR E 29 1.88 34.27 25.96
CA THR E 29 1.85 33.07 25.09
C THR E 29 0.87 32.06 25.69
N PRO E 30 0.00 31.41 24.87
CA PRO E 30 -0.79 30.28 25.33
C PRO E 30 0.09 29.16 25.88
N LEU E 31 -0.14 28.75 27.14
CA LEU E 31 0.57 27.63 27.81
C LEU E 31 0.32 26.35 26.99
N THR E 32 1.39 25.71 26.50
CA THR E 32 1.36 24.49 25.66
C THR E 32 1.81 23.28 26.49
N TYR E 33 1.24 22.11 26.22
CA TYR E 33 1.59 20.80 26.85
C TYR E 33 2.09 19.84 25.77
N ASN E 34 2.78 18.77 26.18
CA ASN E 34 3.36 17.74 25.29
C ASN E 34 3.11 16.35 25.86
N SER E 35 2.78 15.39 24.99
CA SER E 35 2.58 13.96 25.32
C SER E 35 3.96 13.30 25.51
N ARG E 36 4.38 13.08 26.75
CA ARG E 36 5.72 12.56 27.13
C ARG E 36 5.59 11.12 27.62
N THR E 37 6.39 10.21 27.05
CA THR E 37 6.47 8.78 27.43
C THR E 37 7.57 8.61 28.50
N LEU E 38 7.35 7.72 29.47
CA LEU E 38 8.22 7.55 30.67
C LEU E 38 8.16 6.10 31.16
N LEU E 39 9.06 5.75 32.07
CA LEU E 39 9.39 4.35 32.46
C LEU E 39 9.25 4.20 33.99
N GLY E 40 8.07 3.76 34.46
CA GLY E 40 7.81 3.46 35.88
C GLY E 40 8.19 2.03 36.23
N GLN E 41 8.36 1.75 37.52
CA GLN E 41 8.67 0.39 38.05
C GLN E 41 7.37 -0.41 38.14
N MET E 42 7.48 -1.74 38.26
CA MET E 42 6.33 -2.66 38.48
C MET E 42 5.86 -2.52 39.94
N GLU E 43 5.04 -1.49 40.21
CA GLU E 43 4.66 -1.02 41.57
C GLU E 43 3.18 -1.30 41.88
N ALA E 44 2.42 -1.91 40.95
CA ALA E 44 1.00 -2.29 41.17
C ALA E 44 0.95 -3.48 42.14
N LYS E 45 0.01 -3.45 43.09
CA LYS E 45 -0.16 -4.46 44.17
C LYS E 45 -0.64 -5.79 43.58
N SER E 46 -1.35 -5.76 42.44
CA SER E 46 -1.98 -6.94 41.80
C SER E 46 -0.97 -7.76 40.98
N LEU E 47 0.24 -7.22 40.73
CA LEU E 47 1.31 -7.90 39.94
C LEU E 47 1.94 -9.03 40.76
N ALA E 48 2.17 -8.82 42.07
CA ALA E 48 2.95 -9.71 42.96
C ALA E 48 2.11 -10.23 44.13
N TYR E 49 0.79 -10.03 44.11
CA TYR E 49 -0.19 -10.61 45.08
C TYR E 49 -1.50 -10.87 44.32
N ASP E 50 -1.96 -12.13 44.24
CA ASP E 50 -3.15 -12.52 43.44
C ASP E 50 -4.42 -12.21 44.24
N VAL E 51 -4.84 -13.08 45.18
CA VAL E 51 -6.00 -12.87 46.11
C VAL E 51 -5.97 -13.98 47.17
N SER E 52 -5.60 -13.69 48.42
CA SER E 52 -4.87 -12.50 48.85
C SER E 52 -3.52 -12.95 49.43
N GLY E 53 -2.87 -13.90 48.74
CA GLY E 53 -1.76 -14.72 49.26
C GLY E 53 -0.44 -14.41 48.57
N GLN E 54 -0.07 -15.23 47.57
CA GLN E 54 1.28 -15.23 46.96
C GLN E 54 1.21 -15.81 45.54
N PRO E 55 1.92 -15.22 44.54
CA PRO E 55 1.88 -15.73 43.17
C PRO E 55 2.86 -16.89 42.94
N ILE E 56 2.51 -17.82 42.06
CA ILE E 56 3.35 -18.99 41.64
C ILE E 56 4.35 -18.47 40.60
N LYS E 57 5.53 -19.08 40.50
CA LYS E 57 6.78 -18.45 39.98
C LYS E 57 6.72 -18.25 38.45
N SER E 58 5.81 -17.37 38.00
CA SER E 58 5.89 -16.59 36.74
C SER E 58 6.22 -15.13 37.08
N ALA E 59 5.90 -14.69 38.30
CA ALA E 59 6.19 -13.35 38.86
C ALA E 59 7.40 -13.44 39.80
N THR E 60 8.58 -13.76 39.25
CA THR E 60 9.86 -13.95 39.99
C THR E 60 10.47 -12.58 40.32
N ALA E 61 11.67 -12.56 40.92
CA ALA E 61 12.38 -11.36 41.40
C ALA E 61 12.89 -10.51 40.21
N GLU E 62 13.03 -11.10 39.02
CA GLU E 62 13.49 -10.43 37.78
C GLU E 62 12.30 -9.86 36.99
N ALA E 63 11.12 -10.50 37.05
CA ALA E 63 9.89 -10.08 36.36
C ALA E 63 9.33 -8.78 36.96
N LEU E 64 9.65 -8.49 38.23
CA LEU E 64 9.22 -7.26 38.96
C LEU E 64 10.25 -6.13 38.81
N ALA E 65 11.24 -6.27 37.92
CA ALA E 65 12.34 -5.30 37.70
C ALA E 65 12.16 -4.54 36.39
N GLN E 66 11.74 -5.21 35.31
CA GLN E 66 11.48 -4.60 33.98
C GLN E 66 10.43 -3.48 34.12
N GLY E 67 10.85 -2.22 33.98
CA GLY E 67 9.99 -1.04 34.14
C GLY E 67 8.92 -0.97 33.06
N ASN E 68 7.66 -0.79 33.45
CA ASN E 68 6.50 -0.67 32.52
C ASN E 68 6.44 0.76 32.00
N PRO E 69 6.47 0.98 30.66
CA PRO E 69 6.42 2.34 30.11
C PRO E 69 5.00 2.89 30.02
N HIS E 70 4.78 4.09 30.58
CA HIS E 70 3.52 4.88 30.48
C HIS E 70 3.72 6.04 29.50
N GLN E 71 2.61 6.56 28.97
CA GLN E 71 2.55 7.78 28.12
C GLN E 71 1.55 8.77 28.75
N VAL E 72 2.06 9.87 29.32
CA VAL E 72 1.23 10.92 30.00
C VAL E 72 1.36 12.22 29.21
N ASP E 73 0.56 13.23 29.58
CA ASP E 73 0.67 14.63 29.06
C ASP E 73 1.34 15.49 30.14
N PHE E 74 2.48 16.10 29.81
CA PHE E 74 3.28 16.97 30.71
C PHE E 74 3.05 18.44 30.32
N CYS E 75 2.60 19.25 31.27
CA CYS E 75 2.40 20.72 31.15
C CYS E 75 3.14 21.42 32.29
N HIS E 76 4.20 22.17 31.97
CA HIS E 76 5.06 22.91 32.94
C HIS E 76 5.22 24.36 32.49
N VAL E 77 5.63 25.24 33.41
CA VAL E 77 5.98 26.66 33.13
C VAL E 77 7.30 26.65 32.36
N PRO E 78 7.43 27.37 31.22
CA PRO E 78 8.71 27.42 30.50
C PRO E 78 9.74 28.27 31.26
N TYR E 79 11.04 27.95 31.11
CA TYR E 79 12.16 28.68 31.75
C TYR E 79 12.20 30.12 31.21
N GLY E 80 12.43 31.09 32.10
CA GLY E 80 12.51 32.52 31.78
C GLY E 80 11.16 33.21 31.71
N ALA E 81 10.08 32.54 32.16
CA ALA E 81 8.71 33.09 32.26
C ALA E 81 8.57 33.86 33.57
N SER E 82 7.73 34.91 33.59
CA SER E 82 7.52 35.79 34.77
C SER E 82 6.48 35.16 35.70
N HIS E 83 5.30 34.84 35.18
CA HIS E 83 4.17 34.21 35.92
C HIS E 83 3.18 33.56 34.94
N ILE E 84 2.16 32.88 35.48
CA ILE E 84 1.02 32.30 34.72
C ILE E 84 -0.23 33.15 35.01
N GLU E 85 -1.02 33.41 33.97
CA GLU E 85 -2.23 34.27 34.00
C GLU E 85 -3.45 33.42 33.64
N CYS E 86 -4.37 33.25 34.60
CA CYS E 86 -5.58 32.38 34.51
C CYS E 86 -6.83 33.27 34.47
N SER E 87 -7.56 33.25 33.35
CA SER E 87 -8.71 34.14 33.05
C SER E 87 -9.99 33.31 32.87
N PHE E 88 -11.06 33.63 33.61
CA PHE E 88 -12.40 33.02 33.47
C PHE E 88 -13.48 34.05 33.89
N SER E 89 -14.71 33.82 33.45
CA SER E 89 -15.90 34.68 33.69
C SER E 89 -16.99 33.87 34.41
N VAL E 90 -17.63 34.47 35.42
CA VAL E 90 -18.76 33.86 36.19
C VAL E 90 -19.93 34.85 36.16
N SER E 91 -21.16 34.32 36.04
CA SER E 91 -22.41 35.08 35.81
C SER E 91 -23.51 34.61 36.76
N PHE E 92 -23.83 35.41 37.79
CA PHE E 92 -24.94 35.17 38.75
C PHE E 92 -26.25 35.70 38.17
N SER E 93 -27.29 34.87 38.16
CA SER E 93 -28.63 35.16 37.58
C SER E 93 -29.75 34.81 38.58
N SER E 94 -31.00 35.07 38.22
CA SER E 94 -32.21 34.97 39.08
C SER E 94 -33.09 33.79 38.64
N GLU E 95 -32.48 32.63 38.36
CA GLU E 95 -33.17 31.44 37.80
C GLU E 95 -33.52 30.43 38.89
N LEU E 96 -33.73 30.88 40.13
CA LEU E 96 -34.12 30.03 41.30
C LEU E 96 -35.47 30.48 41.88
N ARG E 97 -36.09 31.54 41.34
CA ARG E 97 -37.35 32.14 41.87
C ARG E 97 -38.54 31.33 41.35
N GLN E 98 -38.42 30.74 40.16
CA GLN E 98 -39.48 29.94 39.49
C GLN E 98 -38.91 28.65 38.91
N PRO E 99 -39.54 27.47 39.12
CA PRO E 99 -39.10 26.25 38.48
C PRO E 99 -39.28 26.31 36.95
N TYR E 100 -38.37 25.68 36.21
CA TYR E 100 -38.34 25.65 34.72
C TYR E 100 -39.64 25.01 34.21
N LYS E 101 -39.91 23.77 34.61
CA LYS E 101 -41.22 23.09 34.49
C LYS E 101 -41.72 22.76 35.90
N CYS E 102 -43.04 22.67 36.09
CA CYS E 102 -43.68 22.43 37.41
C CYS E 102 -44.72 21.31 37.35
N ASN E 103 -45.60 21.32 36.33
CA ASN E 103 -46.61 20.26 36.04
C ASN E 103 -47.86 20.47 36.90
N SER E 104 -47.69 20.82 38.18
CA SER E 104 -48.79 21.09 39.15
C SER E 104 -48.64 22.51 39.72
N SER E 105 -49.67 23.35 39.55
CA SER E 105 -49.68 24.78 39.98
C SER E 105 -50.18 24.93 41.42
N LYS E 106 -49.99 23.91 42.27
CA LYS E 106 -50.12 23.99 43.75
C LYS E 106 -48.73 23.89 44.40
N VAL E 107 -47.79 23.14 43.81
CA VAL E 107 -46.39 23.01 44.31
C VAL E 107 -45.52 24.14 43.74
N LYS E 108 -45.97 24.83 42.68
CA LYS E 108 -45.31 26.07 42.17
C LYS E 108 -45.42 27.16 43.25
N GLN E 109 -46.62 27.33 43.82
CA GLN E 109 -46.92 28.27 44.93
C GLN E 109 -45.98 28.01 46.12
N THR E 110 -45.83 26.75 46.52
CA THR E 110 -45.02 26.34 47.71
C THR E 110 -43.55 26.76 47.50
N LEU E 111 -42.95 26.37 46.36
CA LEU E 111 -41.52 26.64 46.03
C LEU E 111 -41.29 28.13 45.79
N VAL E 112 -42.22 28.81 45.11
CA VAL E 112 -42.16 30.30 44.89
C VAL E 112 -42.20 30.99 46.26
N GLN E 113 -43.24 30.71 47.06
CA GLN E 113 -43.45 31.28 48.43
C GLN E 113 -42.25 30.97 49.32
N LEU E 114 -41.70 29.76 49.22
CA LEU E 114 -40.54 29.25 50.01
C LEU E 114 -39.30 30.15 49.77
N VAL E 115 -39.02 30.46 48.50
CA VAL E 115 -37.86 31.33 48.10
C VAL E 115 -38.11 32.77 48.57
N GLU E 116 -39.37 33.24 48.50
CA GLU E 116 -39.78 34.60 48.96
C GLU E 116 -39.61 34.71 50.48
N LEU E 117 -40.03 33.68 51.23
CA LEU E 117 -39.96 33.65 52.72
C LEU E 117 -38.49 33.54 53.18
N TYR E 118 -37.67 32.73 52.49
CA TYR E 118 -36.21 32.62 52.75
C TYR E 118 -35.55 33.98 52.52
N GLU E 119 -35.91 34.69 51.44
CA GLU E 119 -35.37 36.02 51.08
C GLU E 119 -35.67 37.02 52.20
N THR E 120 -36.95 37.17 52.57
CA THR E 120 -37.44 38.23 53.49
C THR E 120 -36.98 37.97 54.93
N LYS E 121 -36.87 36.70 55.35
CA LYS E 121 -36.55 36.31 56.76
C LYS E 121 -35.03 36.26 56.96
N ILE E 122 -34.34 35.33 56.28
CA ILE E 122 -32.89 35.02 56.44
C ILE E 122 -32.21 35.21 55.08
N GLY E 123 -31.74 36.44 54.81
CA GLY E 123 -31.41 36.95 53.46
C GLY E 123 -30.23 36.26 52.79
N TRP E 124 -29.82 36.79 51.62
CA TRP E 124 -28.85 36.15 50.69
C TRP E 124 -27.40 36.46 51.08
N THR E 125 -27.14 37.02 52.28
CA THR E 125 -25.78 37.41 52.74
C THR E 125 -24.89 36.16 52.89
N GLU E 126 -25.40 35.11 53.55
CA GLU E 126 -24.64 33.87 53.89
C GLU E 126 -24.18 33.18 52.61
N LEU E 127 -25.10 32.86 51.69
CA LEU E 127 -24.81 32.10 50.45
C LEU E 127 -23.92 32.94 49.51
N ALA E 128 -24.24 34.23 49.32
CA ALA E 128 -23.49 35.17 48.44
C ALA E 128 -22.04 35.32 48.92
N THR E 129 -21.81 35.43 50.24
CA THR E 129 -20.46 35.50 50.86
C THR E 129 -19.72 34.18 50.58
N ARG E 130 -20.36 33.04 50.88
CA ARG E 130 -19.77 31.68 50.71
C ARG E 130 -19.47 31.38 49.24
N TYR E 131 -20.27 31.93 48.31
CA TYR E 131 -20.05 31.80 46.83
C TYR E 131 -18.86 32.66 46.42
N LEU E 132 -18.84 33.94 46.82
CA LEU E 132 -17.84 34.94 46.35
C LEU E 132 -16.47 34.69 47.01
N MET E 133 -16.44 34.20 48.25
CA MET E 133 -15.18 33.85 48.97
C MET E 133 -14.41 32.79 48.17
N ASN E 134 -15.12 31.82 47.58
CA ASN E 134 -14.52 30.74 46.73
C ASN E 134 -13.99 31.35 45.43
N ILE E 135 -14.65 32.38 44.89
CA ILE E 135 -14.23 33.09 43.65
C ILE E 135 -12.96 33.92 43.91
N CYS E 136 -12.82 34.50 45.11
CA CYS E 136 -11.77 35.52 45.42
C CYS E 136 -10.57 34.93 46.18
N ASN E 137 -10.63 33.66 46.63
CA ASN E 137 -9.53 32.98 47.36
C ASN E 137 -8.83 31.95 46.46
N GLY E 138 -9.25 31.81 45.19
CA GLY E 138 -8.59 30.97 44.18
C GLY E 138 -8.84 29.48 44.41
N LYS E 139 -10.08 29.10 44.71
CA LYS E 139 -10.52 27.68 44.84
C LYS E 139 -10.56 27.03 43.45
N TRP E 140 -10.81 27.83 42.41
CA TRP E 140 -11.07 27.39 41.00
C TRP E 140 -9.76 26.99 40.30
N LEU E 141 -8.60 27.33 40.85
CA LEU E 141 -7.26 26.84 40.39
C LEU E 141 -7.00 25.44 40.94
N TRP E 142 -7.67 25.08 42.04
CA TRP E 142 -7.71 23.73 42.66
C TRP E 142 -6.36 23.40 43.32
N LYS E 143 -5.34 23.02 42.53
CA LYS E 143 -4.05 22.47 43.03
C LYS E 143 -2.84 23.34 42.65
N ASN E 144 -3.00 24.31 41.75
CA ASN E 144 -1.90 25.21 41.28
C ASN E 144 -1.56 26.22 42.39
N THR E 145 -2.50 26.50 43.30
CA THR E 145 -2.33 27.42 44.46
C THR E 145 -1.30 26.86 45.43
N ARG E 146 -1.33 25.54 45.67
CA ARG E 146 -0.32 24.81 46.48
C ARG E 146 0.99 24.74 45.69
N LYS E 147 2.13 24.88 46.37
CA LYS E 147 3.50 24.91 45.80
C LYS E 147 3.64 26.11 44.85
N ALA E 148 3.01 27.25 45.21
CA ALA E 148 3.14 28.56 44.54
C ALA E 148 3.64 29.58 45.57
N TYR E 149 4.45 30.56 45.13
CA TYR E 149 5.02 31.62 46.01
C TYR E 149 3.90 32.56 46.46
N CYS E 150 3.24 33.20 45.51
CA CYS E 150 2.14 34.19 45.72
C CYS E 150 1.22 34.19 44.49
N TRP E 151 -0.09 34.36 44.70
CA TRP E 151 -1.08 34.50 43.60
C TRP E 151 -2.05 35.65 43.90
N ASN E 152 -2.19 36.57 42.95
CA ASN E 152 -3.10 37.75 43.01
C ASN E 152 -4.35 37.46 42.17
N ILE E 153 -5.52 37.91 42.64
CA ILE E 153 -6.83 37.78 41.92
C ILE E 153 -7.42 39.18 41.75
N VAL E 154 -7.67 39.59 40.50
CA VAL E 154 -8.33 40.89 40.13
C VAL E 154 -9.58 40.55 39.32
N LEU E 155 -10.76 40.99 39.75
CA LEU E 155 -12.06 40.71 39.07
C LEU E 155 -12.77 42.03 38.75
N THR E 156 -13.32 42.13 37.53
CA THR E 156 -14.11 43.27 37.01
C THR E 156 -15.59 42.88 37.04
N PRO E 157 -16.38 43.35 38.04
CA PRO E 157 -17.83 43.16 38.02
C PRO E 157 -18.55 44.04 36.99
N TRP E 158 -19.80 43.69 36.69
CA TRP E 158 -20.71 44.41 35.75
C TRP E 158 -22.16 44.16 36.15
N PRO E 159 -23.03 45.19 36.34
CA PRO E 159 -22.68 46.60 36.17
C PRO E 159 -21.90 47.17 37.36
N TRP E 160 -20.97 48.08 37.09
CA TRP E 160 -19.97 48.61 38.06
C TRP E 160 -19.40 49.95 37.57
N ASN E 161 -19.00 50.82 38.50
CA ASN E 161 -18.42 52.15 38.22
C ASN E 161 -17.32 52.45 39.25
N GLY E 162 -16.10 51.94 39.01
CA GLY E 162 -14.93 52.14 39.89
C GLY E 162 -13.74 51.31 39.45
N GLU E 163 -12.77 51.12 40.35
CA GLU E 163 -11.52 50.34 40.11
C GLU E 163 -11.83 48.84 40.21
N LYS E 164 -11.11 48.02 39.44
CA LYS E 164 -11.16 46.53 39.50
C LYS E 164 -10.77 46.10 40.93
N VAL E 165 -11.60 45.28 41.58
CA VAL E 165 -11.47 44.97 43.04
C VAL E 165 -10.32 43.97 43.21
N GLY E 166 -9.13 44.48 43.55
CA GLY E 166 -7.87 43.71 43.59
C GLY E 166 -7.67 43.00 44.92
N PHE E 167 -7.70 41.66 44.91
CA PHE E 167 -7.34 40.77 46.04
C PHE E 167 -5.88 40.32 45.85
N GLU E 168 -4.95 41.04 46.49
CA GLU E 168 -3.48 40.82 46.39
C GLU E 168 -3.09 39.59 47.22
N ASP E 169 -1.85 39.10 47.04
CA ASP E 169 -1.29 37.82 47.57
C ASP E 169 -2.19 37.19 48.63
N ILE E 170 -2.83 36.06 48.29
CA ILE E 170 -3.87 35.37 49.11
C ILE E 170 -3.25 34.13 49.76
N ARG E 171 -2.34 34.33 50.73
CA ARG E 171 -1.83 33.28 51.65
C ARG E 171 -1.67 33.88 53.05
N THR E 172 -1.06 35.07 53.15
CA THR E 172 -0.83 35.84 54.41
C THR E 172 -1.99 36.81 54.66
N ASN E 173 -2.49 37.49 53.61
CA ASN E 173 -3.53 38.55 53.70
C ASN E 173 -4.89 37.92 54.02
N TYR E 174 -5.53 37.28 53.04
CA TYR E 174 -6.92 36.78 53.09
C TYR E 174 -6.92 35.27 53.38
N THR E 175 -7.26 34.89 54.62
CA THR E 175 -7.38 33.48 55.11
C THR E 175 -8.79 33.22 55.65
N SER E 176 -9.38 34.16 56.40
CA SER E 176 -10.71 34.05 57.05
C SER E 176 -11.68 35.10 56.49
N ARG E 177 -12.97 35.00 56.86
CA ARG E 177 -14.08 35.87 56.40
C ARG E 177 -13.80 37.33 56.77
N GLN E 178 -13.30 37.56 58.00
CA GLN E 178 -13.08 38.92 58.56
C GLN E 178 -11.90 39.61 57.86
N ASP E 179 -10.94 38.83 57.33
CA ASP E 179 -9.84 39.35 56.46
C ASP E 179 -10.42 39.76 55.10
N PHE E 180 -11.49 39.10 54.64
CA PHE E 180 -12.23 39.41 53.39
C PHE E 180 -13.21 40.57 53.60
N LYS E 181 -13.86 40.65 54.78
CA LYS E 181 -15.03 41.53 55.05
C LYS E 181 -14.59 42.98 55.35
N ASN E 182 -13.34 43.37 55.04
CA ASN E 182 -12.77 44.69 55.41
C ASN E 182 -13.32 45.77 54.45
N ASN E 183 -12.70 46.96 54.45
CA ASN E 183 -13.38 48.28 54.27
C ASN E 183 -13.81 48.49 52.81
N LYS E 184 -12.85 48.69 51.90
CA LYS E 184 -13.02 49.39 50.59
C LYS E 184 -13.71 48.50 49.55
N ASN E 185 -13.72 47.18 49.73
CA ASN E 185 -13.80 46.18 48.63
C ASN E 185 -15.13 45.42 48.63
N TRP E 186 -15.51 44.82 49.76
CA TRP E 186 -16.28 43.56 49.84
C TRP E 186 -17.80 43.79 49.91
N SER E 187 -18.26 44.75 50.73
CA SER E 187 -19.70 44.99 51.04
C SER E 187 -20.48 45.48 49.82
N ALA E 188 -19.78 46.04 48.81
CA ALA E 188 -20.37 46.63 47.58
C ALA E 188 -20.59 45.55 46.50
N ILE E 189 -19.81 44.46 46.49
CA ILE E 189 -19.89 43.37 45.47
C ILE E 189 -20.48 42.08 46.08
N VAL E 190 -20.98 42.11 47.32
CA VAL E 190 -21.79 41.00 47.92
C VAL E 190 -23.27 41.35 47.72
N GLU E 191 -23.63 42.63 47.78
CA GLU E 191 -24.80 43.20 47.05
C GLU E 191 -24.41 43.26 45.56
N MET E 192 -25.37 43.00 44.68
CA MET E 192 -25.25 42.71 43.22
C MET E 192 -25.13 41.18 43.01
N ILE E 193 -24.84 40.40 44.06
CA ILE E 193 -25.07 38.93 44.09
C ILE E 193 -26.35 38.67 44.91
N LYS E 194 -26.69 39.54 45.86
CA LYS E 194 -28.02 39.57 46.54
C LYS E 194 -29.08 40.12 45.57
N THR E 195 -28.79 41.25 44.91
CA THR E 195 -29.73 41.94 43.98
C THR E 195 -29.77 41.23 42.62
N ALA E 196 -28.88 40.25 42.40
CA ALA E 196 -28.97 39.28 41.28
C ALA E 196 -30.00 38.20 41.61
N PHE E 197 -29.93 37.60 42.80
CA PHE E 197 -30.80 36.48 43.25
C PHE E 197 -32.20 36.99 43.62
N SER E 198 -32.31 38.18 44.24
CA SER E 198 -33.55 38.69 44.89
C SER E 198 -34.52 39.28 43.85
N SER E 199 -34.02 40.11 42.92
CA SER E 199 -34.83 40.89 41.95
C SER E 199 -35.10 40.05 40.69
N THR E 200 -36.29 40.22 40.09
CA THR E 200 -36.72 39.58 38.82
C THR E 200 -35.97 40.25 37.65
N ASP E 201 -35.37 39.44 36.76
CA ASP E 201 -34.53 39.89 35.62
C ASP E 201 -33.29 40.62 36.18
N GLY E 202 -32.68 40.07 37.24
CA GLY E 202 -31.42 40.54 37.83
C GLY E 202 -30.24 39.73 37.29
N LEU E 203 -29.07 40.38 37.13
CA LEU E 203 -27.87 39.78 36.49
C LEU E 203 -26.60 40.51 36.98
N ALA E 204 -25.57 39.74 37.32
CA ALA E 204 -24.21 40.24 37.65
C ALA E 204 -23.15 39.32 37.03
N ILE E 205 -22.27 39.88 36.20
CA ILE E 205 -21.20 39.15 35.45
C ILE E 205 -19.84 39.63 35.96
N PHE E 206 -19.12 38.77 36.71
CA PHE E 206 -17.71 39.00 37.15
C PHE E 206 -16.76 38.33 36.15
N GLU E 207 -15.70 39.04 35.74
CA GLU E 207 -14.58 38.48 34.93
C GLU E 207 -13.33 38.46 35.81
N VAL E 208 -12.93 37.26 36.27
CA VAL E 208 -11.87 37.04 37.30
C VAL E 208 -10.56 36.71 36.57
N ARG E 209 -9.49 37.45 36.90
CA ARG E 209 -8.13 37.30 36.32
C ARG E 209 -7.14 37.06 37.49
N ALA E 210 -6.55 35.87 37.56
CA ALA E 210 -5.57 35.46 38.59
C ALA E 210 -4.17 35.36 37.98
N THR E 211 -3.14 35.71 38.76
CA THR E 211 -1.70 35.63 38.39
C THR E 211 -0.98 34.74 39.41
N LEU E 212 -0.49 33.56 38.97
CA LEU E 212 0.28 32.59 39.80
C LEU E 212 1.78 32.81 39.60
N HIS E 213 2.53 33.01 40.68
CA HIS E 213 4.02 32.99 40.70
C HIS E 213 4.50 31.63 41.25
N LEU E 214 4.77 30.67 40.36
CA LEU E 214 5.28 29.31 40.68
C LEU E 214 6.81 29.32 40.61
N PRO E 215 7.50 28.32 41.22
CA PRO E 215 8.96 28.22 41.09
C PRO E 215 9.45 27.90 39.67
N THR E 216 10.78 27.80 39.50
CA THR E 216 11.48 27.62 38.19
C THR E 216 10.99 26.35 37.50
N ASN E 217 10.43 26.50 36.29
CA ASN E 217 9.75 25.45 35.47
C ASN E 217 9.00 24.47 36.36
N ALA E 218 8.14 24.99 37.24
CA ALA E 218 7.20 24.20 38.08
C ALA E 218 6.09 23.62 37.19
N MET E 219 5.38 22.62 37.71
CA MET E 219 4.33 21.88 36.98
C MET E 219 2.98 22.57 37.15
N VAL E 220 2.28 22.83 36.05
CA VAL E 220 0.86 23.31 36.01
C VAL E 220 -0.04 22.07 35.92
N ARG E 221 -1.11 22.02 36.72
CA ARG E 221 -2.07 20.89 36.81
C ARG E 221 -3.44 21.34 36.30
N PRO E 222 -3.72 21.18 34.98
CA PRO E 222 -5.08 21.40 34.46
C PRO E 222 -5.97 20.17 34.62
N SER E 223 -7.21 20.24 34.12
CA SER E 223 -8.24 19.17 34.22
C SER E 223 -8.01 18.15 33.11
N GLN E 224 -8.29 16.87 33.42
CA GLN E 224 -8.04 15.71 32.52
C GLN E 224 -9.38 15.24 31.92
N VAL E 225 -9.32 14.62 30.74
CA VAL E 225 -10.50 14.12 29.97
C VAL E 225 -10.86 12.72 30.50
N PHE E 226 -12.09 12.27 30.23
CA PHE E 226 -12.66 11.01 30.77
C PHE E 226 -12.14 9.80 29.97
N THR E 227 -12.36 9.79 28.66
CA THR E 227 -12.17 8.63 27.73
C THR E 227 -12.96 7.42 28.27
N GLU E 228 -14.21 7.28 27.85
CA GLU E 228 -15.14 6.18 28.26
C GLU E 228 -14.62 4.86 27.66
N LYS E 229 -14.56 3.80 28.48
CA LYS E 229 -14.13 2.44 28.05
C LYS E 229 -15.18 1.42 28.53
N GLN E 232 -0.83 2.88 24.73
CA GLN E 232 -1.17 3.32 26.11
C GLN E 232 -1.23 4.85 26.14
N ASN E 233 -2.15 5.43 26.94
CA ASN E 233 -2.20 6.87 27.27
C ASN E 233 -3.14 7.09 28.47
N SER E 234 -2.56 7.30 29.65
CA SER E 234 -3.23 7.84 30.86
C SER E 234 -2.93 9.35 30.96
N ARG E 235 -3.77 10.10 31.65
CA ARG E 235 -3.57 11.55 31.98
C ARG E 235 -3.56 12.37 30.68
N VAL E 236 -4.68 12.31 29.93
CA VAL E 236 -4.95 13.15 28.72
C VAL E 236 -5.62 14.44 29.21
N PHE E 237 -5.02 15.60 28.91
CA PHE E 237 -5.51 16.93 29.35
C PHE E 237 -6.58 17.45 28.39
N GLN E 238 -7.72 17.90 28.93
CA GLN E 238 -8.76 18.66 28.20
C GLN E 238 -8.14 19.97 27.71
N SER E 239 -8.33 20.30 26.41
CA SER E 239 -7.62 21.41 25.72
C SER E 239 -8.56 22.16 24.77
N THR E 240 -8.36 23.47 24.63
CA THR E 240 -8.94 24.34 23.58
C THR E 240 -7.80 24.99 22.79
N THR E 241 -8.10 25.48 21.58
CA THR E 241 -7.12 26.05 20.63
C THR E 241 -7.18 27.59 20.68
N ILE E 242 -6.09 28.23 21.11
CA ILE E 242 -5.91 29.72 21.09
C ILE E 242 -4.86 30.03 20.02
N ASP E 243 -5.23 30.85 19.03
CA ASP E 243 -4.38 31.27 17.87
C ASP E 243 -3.92 30.03 17.08
N GLY E 244 -4.79 29.03 16.96
CA GLY E 244 -4.50 27.74 16.30
C GLY E 244 -3.41 26.94 17.02
N GLU E 245 -3.27 27.14 18.33
CA GLU E 245 -2.32 26.40 19.21
C GLU E 245 -3.12 25.80 20.37
N ARG E 246 -3.01 24.49 20.59
CA ARG E 246 -3.76 23.76 21.66
C ARG E 246 -3.18 24.17 23.02
N SER E 247 -4.05 24.33 24.02
CA SER E 247 -3.73 24.83 25.38
C SER E 247 -4.69 24.22 26.39
N PRO E 248 -4.24 23.83 27.61
CA PRO E 248 -5.11 23.17 28.58
C PRO E 248 -6.06 24.17 29.25
N ILE E 249 -7.15 23.65 29.83
CA ILE E 249 -8.45 24.39 30.00
C ILE E 249 -8.90 24.48 31.47
N LEU E 250 -8.66 23.44 32.28
CA LEU E 250 -9.12 23.34 33.70
C LEU E 250 -10.65 23.44 33.77
N GLY E 251 -11.34 22.67 32.92
CA GLY E 251 -12.81 22.43 32.95
C GLY E 251 -13.67 23.69 32.82
N ALA E 252 -14.98 23.48 32.65
CA ALA E 252 -16.06 24.49 32.78
C ALA E 252 -16.97 24.11 33.95
N PHE E 253 -17.37 22.83 34.02
CA PHE E 253 -18.18 22.23 35.12
C PHE E 253 -17.29 21.94 36.35
N LYS E 254 -15.96 22.02 36.20
CA LYS E 254 -14.99 21.86 37.31
C LYS E 254 -14.87 23.17 38.09
N THR E 255 -14.93 24.33 37.42
CA THR E 255 -14.84 25.68 38.03
C THR E 255 -16.22 26.15 38.49
N GLY E 256 -17.28 25.39 38.21
CA GLY E 256 -18.61 25.52 38.84
C GLY E 256 -18.70 24.68 40.10
N ALA E 257 -18.11 23.49 40.07
CA ALA E 257 -17.95 22.56 41.23
C ALA E 257 -17.06 23.20 42.30
N ALA E 258 -16.11 24.05 41.89
CA ALA E 258 -15.12 24.73 42.76
C ALA E 258 -15.80 25.79 43.62
N ILE E 259 -16.54 26.72 42.99
CA ILE E 259 -17.07 27.94 43.66
C ILE E 259 -18.35 27.60 44.45
N ALA E 260 -18.89 26.38 44.31
CA ALA E 260 -20.05 25.86 45.08
C ALA E 260 -19.63 24.67 45.96
N THR E 261 -18.45 24.75 46.60
CA THR E 261 -18.03 23.89 47.73
C THR E 261 -18.36 24.62 49.03
N ILE E 262 -19.62 24.60 49.43
CA ILE E 262 -20.18 25.37 50.59
C ILE E 262 -20.54 24.41 51.73
N ASP E 263 -21.20 23.29 51.41
CA ASP E 263 -22.00 22.46 52.36
C ASP E 263 -21.13 21.99 53.54
N ASP E 264 -21.16 22.76 54.64
CA ASP E 264 -20.60 22.37 55.97
C ASP E 264 -21.74 22.39 57.01
N TRP E 265 -22.99 22.23 56.56
CA TRP E 265 -24.22 22.17 57.42
C TRP E 265 -24.73 20.73 57.48
N TYR E 266 -23.83 19.74 57.44
CA TYR E 266 -24.14 18.29 57.27
C TYR E 266 -23.85 17.55 58.57
N PRO E 267 -24.50 16.39 58.84
CA PRO E 267 -24.50 15.72 60.15
C PRO E 267 -23.45 16.12 61.20
N GLU E 268 -22.15 15.93 60.94
CA GLU E 268 -21.04 16.32 61.85
C GLU E 268 -20.66 17.78 61.50
N ALA E 269 -19.44 18.01 61.00
CA ALA E 269 -19.01 19.19 60.20
C ALA E 269 -17.48 19.25 60.16
N THR E 270 -16.89 18.82 59.04
CA THR E 270 -15.42 18.68 58.84
C THR E 270 -14.94 19.63 57.73
N GLU E 271 -15.56 19.59 56.55
CA GLU E 271 -15.07 20.23 55.30
C GLU E 271 -16.25 20.68 54.44
N PRO E 272 -16.17 21.83 53.72
CA PRO E 272 -17.16 22.17 52.71
C PRO E 272 -17.21 21.14 51.57
N LEU E 273 -18.33 20.41 51.46
CA LEU E 273 -18.63 19.47 50.36
C LEU E 273 -19.23 20.25 49.18
N ARG E 274 -19.24 19.65 47.99
CA ARG E 274 -19.93 20.19 46.78
C ARG E 274 -21.43 19.96 46.96
N VAL E 275 -22.23 21.03 46.89
CA VAL E 275 -23.68 21.05 47.24
C VAL E 275 -24.46 20.14 46.29
N GLY E 276 -24.50 18.83 46.60
CA GLY E 276 -25.28 17.80 45.89
C GLY E 276 -26.55 17.44 46.64
N ARG E 277 -27.22 16.37 46.23
CA ARG E 277 -28.47 15.84 46.86
C ARG E 277 -28.09 14.92 48.01
N PHE E 278 -27.35 13.85 47.72
CA PHE E 278 -26.96 12.77 48.67
C PHE E 278 -25.61 13.09 49.31
N GLY E 279 -25.05 14.28 49.09
CA GLY E 279 -23.87 14.84 49.79
C GLY E 279 -22.64 13.97 49.61
N VAL E 280 -22.32 13.61 48.36
CA VAL E 280 -21.17 12.73 47.98
C VAL E 280 -19.87 13.45 48.33
N HIS E 281 -19.05 12.85 49.20
CA HIS E 281 -17.62 13.23 49.43
C HIS E 281 -16.75 12.33 48.56
N ARG E 282 -16.03 12.93 47.61
CA ARG E 282 -15.30 12.22 46.52
C ARG E 282 -14.06 11.51 47.09
N GLU E 283 -13.41 12.12 48.10
CA GLU E 283 -12.17 11.60 48.74
C GLU E 283 -12.53 10.42 49.65
N ASP E 284 -13.20 10.68 50.78
CA ASP E 284 -13.77 9.64 51.69
C ASP E 284 -15.10 9.19 51.06
N VAL E 285 -15.09 8.04 50.38
CA VAL E 285 -16.07 7.66 49.31
C VAL E 285 -17.49 7.61 49.90
N THR E 286 -17.64 7.27 51.18
CA THR E 286 -18.94 7.19 51.90
C THR E 286 -19.59 8.57 51.94
N CYS E 287 -20.82 8.70 51.41
CA CYS E 287 -21.56 9.98 51.28
C CYS E 287 -22.33 10.28 52.58
N TYR E 288 -22.08 11.46 53.17
CA TYR E 288 -22.88 12.04 54.27
C TYR E 288 -24.14 12.65 53.65
N ARG E 289 -25.24 12.73 54.41
CA ARG E 289 -26.61 13.01 53.89
C ARG E 289 -27.06 11.83 53.00
N HIS E 290 -26.93 10.60 53.50
CA HIS E 290 -27.53 9.38 52.91
C HIS E 290 -29.01 9.37 53.30
N PRO E 291 -29.97 9.00 52.41
CA PRO E 291 -31.39 9.00 52.76
C PRO E 291 -31.82 8.23 54.02
N SER E 292 -30.97 7.32 54.54
CA SER E 292 -31.14 6.65 55.86
C SER E 292 -31.09 7.67 57.01
N THR E 293 -30.31 8.75 56.84
CA THR E 293 -30.16 9.86 57.82
C THR E 293 -31.44 10.71 57.83
N GLY E 294 -32.03 10.95 56.65
CA GLY E 294 -33.22 11.81 56.46
C GLY E 294 -32.87 13.29 56.48
N LYS E 295 -31.64 13.62 56.07
CA LYS E 295 -31.10 15.02 56.00
C LYS E 295 -30.72 15.38 54.55
N ASP E 296 -30.97 14.49 53.58
CA ASP E 296 -30.69 14.72 52.13
C ASP E 296 -31.78 15.64 51.56
N PHE E 297 -31.68 15.98 50.27
CA PHE E 297 -32.52 17.01 49.60
C PHE E 297 -34.00 16.60 49.61
N PHE E 298 -34.30 15.34 49.29
CA PHE E 298 -35.67 14.82 49.08
C PHE E 298 -36.40 14.62 50.42
N SER E 299 -35.66 14.33 51.49
CA SER E 299 -36.18 14.23 52.88
C SER E 299 -36.45 15.62 53.45
N ILE E 300 -35.82 16.66 52.89
CA ILE E 300 -35.98 18.10 53.30
C ILE E 300 -37.10 18.74 52.47
N LEU E 301 -37.14 18.49 51.15
CA LEU E 301 -38.11 19.12 50.20
C LEU E 301 -39.54 18.61 50.47
N GLN E 302 -39.70 17.32 50.75
CA GLN E 302 -41.03 16.66 50.94
C GLN E 302 -41.65 17.05 52.30
N GLN E 303 -41.00 17.91 53.08
CA GLN E 303 -41.57 18.54 54.31
C GLN E 303 -41.38 20.07 54.24
N ALA E 304 -41.48 20.65 53.03
CA ALA E 304 -41.39 22.11 52.76
C ALA E 304 -42.55 22.83 53.48
N GLU E 305 -43.73 22.20 53.52
CA GLU E 305 -44.96 22.77 54.16
C GLU E 305 -44.77 22.93 55.68
N HIS E 306 -43.79 22.25 56.29
CA HIS E 306 -43.31 22.52 57.67
C HIS E 306 -42.52 23.84 57.69
N TYR E 307 -41.61 24.02 56.71
CA TYR E 307 -40.65 25.16 56.63
C TYR E 307 -41.35 26.49 56.32
N ILE E 308 -42.61 26.48 55.87
CA ILE E 308 -43.42 27.71 55.61
C ILE E 308 -44.03 28.20 56.93
N GLU E 309 -44.16 27.31 57.93
CA GLU E 309 -44.73 27.63 59.27
C GLU E 309 -43.67 28.38 60.10
N VAL E 310 -42.42 27.91 60.05
CA VAL E 310 -41.29 28.37 60.93
C VAL E 310 -40.83 29.78 60.53
N LEU E 311 -40.94 30.17 59.26
CA LEU E 311 -40.41 31.46 58.72
C LEU E 311 -41.46 32.59 58.86
N SER E 312 -42.35 32.51 59.86
CA SER E 312 -43.35 33.55 60.21
C SER E 312 -43.13 34.02 61.65
N ALA E 313 -43.12 33.09 62.61
CA ALA E 313 -42.95 33.34 64.06
C ALA E 313 -41.50 33.72 64.37
N ASN E 314 -41.29 34.68 65.28
CA ASN E 314 -39.97 35.14 65.77
C ASN E 314 -39.57 34.25 66.97
N LYS E 315 -38.36 33.66 67.00
CA LYS E 315 -37.31 33.72 65.98
C LYS E 315 -37.11 32.29 65.44
N THR E 316 -36.12 32.09 64.55
CA THR E 316 -35.76 30.79 63.93
C THR E 316 -34.50 30.24 64.59
N PRO E 317 -34.41 28.91 64.87
CA PRO E 317 -33.20 28.31 65.42
C PRO E 317 -32.18 27.92 64.33
N ALA E 318 -30.91 28.29 64.52
CA ALA E 318 -29.80 28.08 63.55
C ALA E 318 -29.10 26.75 63.86
N GLN E 319 -29.85 25.64 63.77
CA GLN E 319 -29.32 24.26 64.00
C GLN E 319 -30.00 23.28 63.03
N GLU E 320 -31.33 23.14 63.10
CA GLU E 320 -32.13 22.18 62.27
C GLU E 320 -33.24 22.90 61.50
N THR E 321 -33.11 24.21 61.26
CA THR E 321 -34.03 25.02 60.42
C THR E 321 -33.21 25.74 59.33
N ILE E 322 -32.32 26.64 59.76
CA ILE E 322 -31.56 27.57 58.85
C ILE E 322 -30.52 26.75 58.07
N ASN E 323 -29.87 25.78 58.74
CA ASN E 323 -28.85 24.88 58.15
C ASN E 323 -29.49 23.93 57.13
N ASP E 324 -30.81 23.71 57.19
CA ASP E 324 -31.59 22.91 56.19
C ASP E 324 -32.07 23.82 55.05
N MET E 325 -32.56 25.02 55.38
CA MET E 325 -33.03 26.04 54.41
C MET E 325 -31.87 26.53 53.53
N HIS E 326 -30.66 26.62 54.09
CA HIS E 326 -29.40 26.93 53.34
C HIS E 326 -29.16 25.85 52.28
N PHE E 327 -29.17 24.59 52.70
CA PHE E 327 -29.02 23.37 51.84
C PHE E 327 -30.13 23.35 50.78
N LEU E 328 -31.35 23.75 51.15
CA LEU E 328 -32.53 23.81 50.24
C LEU E 328 -32.22 24.78 49.09
N MET E 329 -31.87 26.04 49.41
CA MET E 329 -31.58 27.11 48.42
C MET E 329 -30.30 26.80 47.65
N ALA E 330 -29.31 26.17 48.30
CA ALA E 330 -28.04 25.73 47.67
C ALA E 330 -28.31 24.71 46.56
N ASN E 331 -29.37 23.90 46.68
CA ASN E 331 -29.77 22.86 45.70
C ASN E 331 -30.82 23.41 44.71
N LEU E 332 -31.47 24.54 45.00
CA LEU E 332 -32.33 25.27 44.03
C LEU E 332 -31.46 26.15 43.11
N ILE E 333 -30.28 26.56 43.56
CA ILE E 333 -29.31 27.39 42.78
C ILE E 333 -28.59 26.51 41.74
N LYS E 334 -28.27 25.26 42.11
CA LYS E 334 -27.67 24.21 41.24
C LYS E 334 -28.76 23.48 40.44
N GLY E 335 -30.04 23.73 40.76
CA GLY E 335 -31.17 22.78 40.62
C GLY E 335 -31.38 22.23 39.23
N GLY E 336 -32.06 21.08 39.14
CA GLY E 336 -32.45 20.38 37.90
C GLY E 336 -31.83 18.98 37.83
N MET E 337 -32.60 17.92 37.57
CA MET E 337 -34.06 17.85 37.72
C MET E 337 -34.37 16.84 38.82
N PHE E 338 -35.42 17.08 39.60
CA PHE E 338 -35.81 16.26 40.78
C PHE E 338 -37.33 15.98 40.71
N GLN E 339 -37.71 15.18 39.72
CA GLN E 339 -39.12 14.92 39.33
C GLN E 339 -39.53 13.47 39.62
N HIS E 340 -38.59 12.60 40.00
CA HIS E 340 -38.79 11.14 40.22
C HIS E 340 -39.24 10.49 38.90
N LYS F 1 -7.49 -5.56 55.21
CA LYS F 1 -6.49 -4.49 54.84
C LYS F 1 -6.42 -4.36 53.31
N LEU F 2 -5.81 -3.27 52.82
CA LEU F 2 -5.81 -2.83 51.40
C LEU F 2 -7.26 -2.74 50.93
N PRO F 3 -8.00 -1.66 51.25
CA PRO F 3 -9.46 -1.65 51.13
C PRO F 3 -10.03 -1.22 49.77
N THR F 4 -9.39 -1.64 48.68
CA THR F 4 -9.90 -1.59 47.27
C THR F 4 -9.92 -0.16 46.70
N ASN F 5 -9.66 0.88 47.50
CA ASN F 5 -9.56 2.28 47.01
C ASN F 5 -8.81 3.15 48.03
N LEU F 6 -7.48 2.96 48.09
CA LEU F 6 -6.52 3.76 48.89
C LEU F 6 -5.47 4.37 47.94
N ALA F 7 -5.35 5.70 47.93
CA ALA F 7 -4.37 6.47 47.13
C ALA F 7 -3.71 7.54 48.01
N TYR F 8 -2.43 7.83 47.74
CA TYR F 8 -1.64 8.93 48.35
C TYR F 8 -1.11 9.85 47.25
N GLU F 9 -1.06 11.16 47.52
CA GLU F 9 -0.42 12.18 46.66
C GLU F 9 1.03 12.34 47.10
N ARG F 10 1.96 12.52 46.16
CA ARG F 10 3.42 12.61 46.44
C ARG F 10 3.70 13.86 47.29
N SER F 11 4.74 13.80 48.11
CA SER F 11 5.11 14.84 49.11
C SER F 11 6.37 15.61 48.70
N ILE F 12 7.07 15.17 47.64
CA ILE F 12 8.26 15.86 47.05
C ILE F 12 8.03 16.00 45.54
N ASP F 13 7.88 17.24 45.06
CA ASP F 13 7.63 17.61 43.64
C ASP F 13 8.87 18.29 43.08
N PRO F 14 9.78 17.56 42.38
CA PRO F 14 10.94 18.18 41.74
C PRO F 14 10.55 18.82 40.41
N SER F 15 11.53 19.23 39.60
CA SER F 15 11.35 19.81 38.25
C SER F 15 12.48 19.37 37.32
N ASP F 16 12.40 19.81 36.06
CA ASP F 16 13.41 19.54 35.00
C ASP F 16 14.68 20.35 35.29
N VAL F 17 15.86 19.78 35.02
CA VAL F 17 17.20 20.40 35.30
C VAL F 17 17.73 21.01 33.99
N CYS F 18 17.43 22.29 33.75
CA CYS F 18 17.84 23.04 32.53
C CYS F 18 19.34 23.31 32.55
N PHE F 19 20.06 22.82 31.54
CA PHE F 19 21.51 23.10 31.31
C PHE F 19 21.67 24.46 30.61
N PHE F 20 22.60 25.27 31.10
CA PHE F 20 23.08 26.52 30.45
C PHE F 20 24.60 26.48 30.34
N VAL F 21 25.14 27.08 29.27
CA VAL F 21 26.60 27.34 29.08
C VAL F 21 26.85 28.81 29.39
N VAL F 22 27.68 29.09 30.39
CA VAL F 22 28.13 30.47 30.77
C VAL F 22 29.56 30.64 30.26
N TRP F 23 29.81 31.76 29.57
CA TRP F 23 31.07 32.11 28.88
C TRP F 23 31.93 32.99 29.78
N PRO F 24 33.24 33.18 29.49
CA PRO F 24 34.07 34.14 30.23
C PRO F 24 33.62 35.61 30.25
N ASP F 25 32.58 35.98 29.50
CA ASP F 25 31.96 37.34 29.49
C ASP F 25 30.87 37.45 30.57
N ASP F 26 30.62 36.39 31.35
CA ASP F 26 29.50 36.27 32.32
C ASP F 26 28.16 36.45 31.59
N ARG F 27 28.04 35.89 30.37
CA ARG F 27 26.78 35.79 29.59
C ARG F 27 26.46 34.30 29.42
N LYS F 28 25.17 33.95 29.40
CA LYS F 28 24.66 32.55 29.38
C LYS F 28 23.95 32.29 28.05
N THR F 29 24.17 31.10 27.47
CA THR F 29 23.40 30.57 26.31
C THR F 29 22.89 29.17 26.67
N PRO F 30 21.78 28.69 26.06
CA PRO F 30 21.39 27.28 26.18
C PRO F 30 22.43 26.33 25.58
N LEU F 31 22.69 25.21 26.26
CA LEU F 31 23.53 24.09 25.75
C LEU F 31 22.73 23.37 24.66
N THR F 32 23.18 23.41 23.41
CA THR F 32 22.49 22.83 22.22
C THR F 32 23.25 21.58 21.76
N TYR F 33 22.52 20.50 21.45
CA TYR F 33 23.04 19.20 20.95
C TYR F 33 22.77 19.09 19.45
N ASN F 34 23.55 18.23 18.77
CA ASN F 34 23.39 17.89 17.33
C ASN F 34 23.29 16.37 17.18
N SER F 35 22.58 15.91 16.15
CA SER F 35 22.42 14.48 15.78
C SER F 35 23.44 14.12 14.69
N ARG F 36 24.48 13.34 15.04
CA ARG F 36 25.53 12.88 14.10
C ARG F 36 25.39 11.37 13.87
N THR F 37 25.75 10.92 12.66
CA THR F 37 25.77 9.49 12.26
C THR F 37 27.22 9.02 12.28
N LEU F 38 27.48 7.83 12.86
CA LEU F 38 28.83 7.27 13.09
C LEU F 38 28.87 5.80 12.68
N LEU F 39 30.07 5.30 12.37
CA LEU F 39 30.35 3.98 11.75
C LEU F 39 30.94 3.04 12.82
N GLY F 40 30.07 2.27 13.50
CA GLY F 40 30.48 1.21 14.42
C GLY F 40 30.93 -0.03 13.66
N GLN F 41 31.55 -0.99 14.38
CA GLN F 41 31.96 -2.32 13.84
C GLN F 41 31.03 -3.38 14.44
N MET F 42 30.84 -4.49 13.73
CA MET F 42 29.86 -5.55 14.09
C MET F 42 30.41 -6.37 15.26
N GLU F 43 30.13 -5.93 16.49
CA GLU F 43 30.66 -6.51 17.76
C GLU F 43 29.50 -7.06 18.62
N ALA F 44 28.30 -7.24 18.04
CA ALA F 44 27.14 -7.88 18.70
C ALA F 44 27.43 -9.36 18.89
N LYS F 45 26.99 -9.93 20.03
CA LYS F 45 27.26 -11.34 20.42
C LYS F 45 26.71 -12.30 19.36
N SER F 46 25.45 -12.10 18.94
CA SER F 46 24.70 -12.99 18.01
C SER F 46 24.84 -12.52 16.55
N LEU F 47 26.03 -12.08 16.14
CA LEU F 47 26.40 -11.84 14.71
C LEU F 47 27.44 -12.87 14.25
N ALA F 48 28.03 -13.65 15.18
CA ALA F 48 28.87 -14.84 14.88
C ALA F 48 28.70 -15.93 15.94
N TYR F 49 27.52 -16.01 16.56
CA TYR F 49 27.13 -17.03 17.59
C TYR F 49 25.62 -17.22 17.53
N ASP F 50 25.16 -18.46 17.30
CA ASP F 50 23.71 -18.81 17.29
C ASP F 50 23.21 -18.80 18.75
N VAL F 51 23.04 -19.97 19.39
CA VAL F 51 22.84 -20.13 20.86
C VAL F 51 23.48 -21.44 21.31
N SER F 52 24.71 -21.42 21.86
CA SER F 52 25.69 -20.35 21.74
C SER F 52 26.87 -20.89 20.91
N GLY F 53 26.56 -21.51 19.77
CA GLY F 53 27.53 -22.22 18.91
C GLY F 53 28.22 -21.28 17.93
N GLN F 54 28.53 -21.76 16.73
CA GLN F 54 29.11 -20.97 15.61
C GLN F 54 28.15 -21.06 14.42
N PRO F 55 28.05 -20.02 13.57
CA PRO F 55 27.01 -19.95 12.53
C PRO F 55 27.40 -20.68 11.24
N ILE F 56 26.50 -20.65 10.26
CA ILE F 56 26.81 -20.88 8.81
C ILE F 56 27.79 -19.77 8.37
N LYS F 57 28.50 -19.96 7.26
CA LYS F 57 29.53 -19.00 6.76
C LYS F 57 28.84 -17.75 6.20
N SER F 58 28.08 -17.05 7.04
CA SER F 58 27.56 -15.67 6.85
C SER F 58 28.26 -14.70 7.82
N ALA F 59 29.01 -15.23 8.80
CA ALA F 59 29.91 -14.48 9.71
C ALA F 59 31.37 -14.73 9.29
N THR F 60 31.66 -14.64 7.98
CA THR F 60 33.02 -14.74 7.39
C THR F 60 33.75 -13.41 7.60
N ALA F 61 35.07 -13.40 7.40
CA ALA F 61 35.99 -12.28 7.74
C ALA F 61 35.66 -11.02 6.91
N GLU F 62 34.93 -11.17 5.80
CA GLU F 62 34.36 -10.05 5.00
C GLU F 62 33.16 -9.44 5.74
N ALA F 63 32.26 -10.28 6.26
CA ALA F 63 30.94 -9.88 6.83
C ALA F 63 31.11 -9.07 8.13
N LEU F 64 32.05 -9.48 9.00
CA LEU F 64 32.32 -8.81 10.30
C LEU F 64 33.34 -7.67 10.14
N ALA F 65 33.75 -7.34 8.90
CA ALA F 65 34.67 -6.22 8.57
C ALA F 65 33.93 -5.07 7.88
N GLN F 66 32.60 -5.19 7.69
CA GLN F 66 31.73 -4.10 7.18
C GLN F 66 31.25 -3.28 8.40
N GLY F 67 31.44 -1.96 8.37
CA GLY F 67 31.04 -1.06 9.46
C GLY F 67 29.55 -0.79 9.44
N ASN F 68 28.85 -1.14 10.53
CA ASN F 68 27.39 -0.91 10.70
C ASN F 68 27.20 0.49 11.29
N PRO F 69 26.49 1.42 10.60
CA PRO F 69 26.35 2.79 11.07
C PRO F 69 25.16 2.99 12.02
N HIS F 70 25.37 3.76 13.10
CA HIS F 70 24.31 4.26 14.01
C HIS F 70 24.16 5.77 13.84
N GLN F 71 22.99 6.32 14.19
CA GLN F 71 22.76 7.78 14.33
C GLN F 71 22.39 8.08 15.78
N VAL F 72 23.25 8.83 16.49
CA VAL F 72 23.10 9.18 17.93
C VAL F 72 23.15 10.71 18.07
N ASP F 73 22.61 11.22 19.18
CA ASP F 73 22.60 12.66 19.54
C ASP F 73 23.83 12.95 20.42
N PHE F 74 24.75 13.79 19.93
CA PHE F 74 26.00 14.19 20.62
C PHE F 74 25.82 15.61 21.19
N CYS F 75 25.86 15.72 22.52
CA CYS F 75 25.89 17.00 23.29
C CYS F 75 27.23 17.10 24.02
N HIS F 76 27.98 18.19 23.78
CA HIS F 76 29.28 18.48 24.45
C HIS F 76 29.38 19.97 24.77
N VAL F 77 30.34 20.32 25.65
CA VAL F 77 30.65 21.73 26.04
C VAL F 77 31.30 22.40 24.83
N PRO F 78 30.82 23.59 24.36
CA PRO F 78 31.48 24.28 23.26
C PRO F 78 32.86 24.82 23.67
N TYR F 79 33.80 24.92 22.72
CA TYR F 79 35.18 25.39 22.96
C TYR F 79 35.15 26.88 23.36
N GLY F 80 35.87 27.22 24.44
CA GLY F 80 35.99 28.59 24.97
C GLY F 80 34.94 28.90 26.03
N ALA F 81 34.15 27.90 26.46
CA ALA F 81 33.11 28.04 27.51
C ALA F 81 33.79 28.03 28.89
N SER F 82 33.31 28.85 29.82
CA SER F 82 33.85 29.00 31.19
C SER F 82 33.43 27.79 32.04
N HIS F 83 32.12 27.59 32.21
CA HIS F 83 31.53 26.43 32.95
C HIS F 83 30.06 26.21 32.55
N ILE F 84 29.49 25.10 32.99
CA ILE F 84 28.07 24.68 32.73
C ILE F 84 27.26 24.96 34.00
N GLU F 85 26.07 25.55 33.86
CA GLU F 85 25.17 25.92 34.99
C GLU F 85 23.86 25.11 34.85
N CYS F 86 23.63 24.18 35.78
CA CYS F 86 22.41 23.31 35.84
C CYS F 86 21.51 23.83 36.96
N SER F 87 20.21 24.02 36.68
CA SER F 87 19.23 24.65 37.60
C SER F 87 17.90 23.88 37.63
N PHE F 88 17.38 23.62 38.83
CA PHE F 88 16.03 23.05 39.07
C PHE F 88 15.48 23.58 40.40
N SER F 89 14.22 23.25 40.71
CA SER F 89 13.50 23.68 41.94
C SER F 89 12.72 22.49 42.53
N VAL F 90 12.86 22.26 43.84
CA VAL F 90 12.17 21.16 44.59
C VAL F 90 11.26 21.79 45.65
N SER F 91 10.13 21.12 45.94
CA SER F 91 9.05 21.57 46.87
C SER F 91 8.71 20.45 47.85
N PHE F 92 8.97 20.67 49.15
CA PHE F 92 8.60 19.76 50.27
C PHE F 92 7.29 20.24 50.89
N SER F 93 6.23 19.43 50.76
CA SER F 93 4.87 19.67 51.31
C SER F 93 4.48 18.54 52.27
N SER F 94 3.34 18.67 52.95
CA SER F 94 2.80 17.72 53.97
C SER F 94 1.56 17.01 53.42
N GLU F 95 1.72 16.26 52.33
CA GLU F 95 0.64 15.49 51.65
C GLU F 95 0.83 13.98 51.91
N LEU F 96 1.46 13.62 53.04
CA LEU F 96 1.66 12.22 53.51
C LEU F 96 0.86 11.95 54.80
N ARG F 97 0.18 12.97 55.34
CA ARG F 97 -0.53 12.90 56.65
C ARG F 97 -1.85 12.19 56.42
N GLN F 98 -2.64 12.70 55.47
CA GLN F 98 -4.02 12.27 55.14
C GLN F 98 -4.00 11.63 53.75
N PRO F 99 -4.49 10.39 53.56
CA PRO F 99 -4.55 9.77 52.24
C PRO F 99 -5.55 10.49 51.32
N TYR F 100 -5.26 10.50 50.00
CA TYR F 100 -6.03 11.23 48.96
C TYR F 100 -7.44 10.64 48.86
N LYS F 101 -7.52 9.32 48.64
CA LYS F 101 -8.73 8.49 48.81
C LYS F 101 -8.45 7.46 49.91
N CYS F 102 -9.45 7.12 50.72
CA CYS F 102 -9.33 6.16 51.86
C CYS F 102 -10.35 5.02 51.69
N ASN F 103 -11.63 5.35 51.48
CA ASN F 103 -12.75 4.40 51.17
C ASN F 103 -13.34 3.81 52.46
N SER F 104 -12.51 3.62 53.50
CA SER F 104 -12.89 3.00 54.80
C SER F 104 -12.15 3.71 55.94
N SER F 105 -12.89 4.31 56.88
CA SER F 105 -12.36 5.10 58.02
C SER F 105 -11.99 4.18 59.20
N LYS F 106 -11.35 3.04 58.93
CA LYS F 106 -10.68 2.17 59.93
C LYS F 106 -9.19 1.99 59.60
N VAL F 107 -8.82 2.02 58.31
CA VAL F 107 -7.39 2.01 57.85
C VAL F 107 -6.89 3.46 57.72
N LYS F 108 -7.77 4.42 57.42
CA LYS F 108 -7.44 5.86 57.33
C LYS F 108 -6.98 6.36 58.71
N GLN F 109 -7.86 6.26 59.71
CA GLN F 109 -7.62 6.67 61.13
C GLN F 109 -6.36 5.97 61.67
N THR F 110 -6.12 4.72 61.28
CA THR F 110 -4.89 3.93 61.61
C THR F 110 -3.65 4.67 61.09
N LEU F 111 -3.65 5.03 59.79
CA LEU F 111 -2.47 5.60 59.09
C LEU F 111 -2.19 7.03 59.55
N VAL F 112 -3.22 7.82 59.88
CA VAL F 112 -3.05 9.21 60.41
C VAL F 112 -2.45 9.11 61.82
N GLN F 113 -2.91 8.15 62.64
CA GLN F 113 -2.35 7.84 63.98
C GLN F 113 -0.90 7.36 63.83
N LEU F 114 -0.63 6.52 62.83
CA LEU F 114 0.70 5.89 62.58
C LEU F 114 1.73 6.98 62.20
N VAL F 115 1.36 7.93 61.34
CA VAL F 115 2.20 9.10 60.95
C VAL F 115 2.46 9.96 62.20
N GLU F 116 1.42 10.27 62.96
CA GLU F 116 1.48 11.10 64.19
C GLU F 116 2.38 10.44 65.25
N LEU F 117 2.29 9.11 65.41
CA LEU F 117 3.15 8.35 66.36
C LEU F 117 4.61 8.36 65.89
N TYR F 118 4.85 8.10 64.59
CA TYR F 118 6.21 8.15 63.98
C TYR F 118 6.80 9.55 64.17
N GLU F 119 6.02 10.60 63.88
CA GLU F 119 6.43 12.03 64.01
C GLU F 119 6.88 12.31 65.46
N THR F 120 6.06 11.94 66.44
CA THR F 120 6.25 12.31 67.89
C THR F 120 7.29 11.39 68.54
N LYS F 121 7.43 10.13 68.09
CA LYS F 121 8.35 9.13 68.71
C LYS F 121 9.77 9.30 68.14
N ILE F 122 9.94 9.05 66.84
CA ILE F 122 11.25 9.16 66.11
C ILE F 122 11.06 10.13 64.92
N GLY F 123 11.35 11.41 65.14
CA GLY F 123 10.95 12.54 64.28
C GLY F 123 11.60 12.51 62.90
N TRP F 124 11.34 13.54 62.09
CA TRP F 124 11.64 13.60 60.64
C TRP F 124 13.11 13.95 60.37
N THR F 125 13.98 13.96 61.39
CA THR F 125 15.41 14.39 61.28
C THR F 125 16.18 13.43 60.36
N GLU F 126 15.92 12.11 60.45
CA GLU F 126 16.64 11.07 59.66
C GLU F 126 16.32 11.25 58.16
N LEU F 127 15.03 11.26 57.80
CA LEU F 127 14.56 11.34 56.39
C LEU F 127 14.91 12.72 55.79
N ALA F 128 14.81 13.79 56.57
CA ALA F 128 15.15 15.18 56.17
C ALA F 128 16.63 15.27 55.79
N THR F 129 17.52 14.82 56.68
CA THR F 129 19.00 14.82 56.48
C THR F 129 19.38 13.92 55.30
N ARG F 130 18.64 12.83 55.08
CA ARG F 130 18.86 11.88 53.94
C ARG F 130 18.39 12.50 52.63
N TYR F 131 17.21 13.13 52.61
CA TYR F 131 16.62 13.77 51.40
C TYR F 131 17.41 15.03 51.00
N LEU F 132 18.07 15.69 51.96
CA LEU F 132 18.83 16.95 51.72
C LEU F 132 20.31 16.67 51.41
N MET F 133 20.80 15.45 51.69
CA MET F 133 22.18 15.02 51.34
C MET F 133 22.27 14.59 49.87
N ASN F 134 21.13 14.46 49.17
CA ASN F 134 21.05 14.13 47.72
C ASN F 134 20.89 15.42 46.89
N ILE F 135 20.19 16.43 47.42
CA ILE F 135 20.01 17.76 46.74
C ILE F 135 21.32 18.54 46.83
N CYS F 136 22.10 18.36 47.89
CA CYS F 136 23.23 19.26 48.27
C CYS F 136 24.60 18.67 47.86
N ASN F 137 24.65 17.46 47.33
CA ASN F 137 25.93 16.82 46.85
C ASN F 137 25.88 16.53 45.33
N GLY F 138 24.79 16.92 44.64
CA GLY F 138 24.66 16.81 43.18
C GLY F 138 24.55 15.36 42.71
N LYS F 139 23.62 14.59 43.30
CA LYS F 139 23.25 13.22 42.84
C LYS F 139 22.33 13.33 41.61
N TRP F 140 21.65 14.47 41.44
CA TRP F 140 20.65 14.73 40.37
C TRP F 140 21.33 15.11 39.04
N LEU F 141 22.67 15.22 39.02
CA LEU F 141 23.50 15.35 37.79
C LEU F 141 23.81 13.96 37.23
N TRP F 142 23.79 12.93 38.09
CA TRP F 142 23.86 11.48 37.75
C TRP F 142 25.28 11.12 37.24
N LYS F 143 25.62 11.50 36.00
CA LYS F 143 26.84 11.04 35.30
C LYS F 143 27.86 12.18 35.09
N ASN F 144 27.43 13.45 35.16
CA ASN F 144 28.27 14.63 34.82
C ASN F 144 29.28 14.93 35.95
N THR F 145 29.19 14.22 37.09
CA THR F 145 30.10 14.36 38.26
C THR F 145 31.36 13.50 38.04
N ARG F 146 31.22 12.36 37.34
CA ARG F 146 32.38 11.58 36.81
C ARG F 146 33.10 12.44 35.77
N LYS F 147 34.42 12.65 35.93
CA LYS F 147 35.31 13.40 35.00
C LYS F 147 34.91 14.88 34.99
N ALA F 148 34.74 15.46 36.19
CA ALA F 148 34.51 16.90 36.43
C ALA F 148 35.57 17.41 37.41
N TYR F 149 36.09 18.63 37.21
CA TYR F 149 37.15 19.23 38.06
C TYR F 149 36.57 19.57 39.44
N CYS F 150 35.55 20.44 39.46
CA CYS F 150 34.84 20.90 40.69
C CYS F 150 33.40 21.28 40.33
N TRP F 151 32.44 20.97 41.20
CA TRP F 151 31.03 21.42 41.07
C TRP F 151 30.53 22.01 42.40
N ASN F 152 30.06 23.26 42.35
CA ASN F 152 29.53 24.05 43.50
C ASN F 152 28.01 24.13 43.38
N ILE F 153 27.30 23.90 44.48
CA ILE F 153 25.80 23.93 44.57
C ILE F 153 25.39 25.13 45.43
N VAL F 154 24.69 26.08 44.81
CA VAL F 154 24.08 27.29 45.47
C VAL F 154 22.56 27.09 45.43
N LEU F 155 21.91 27.00 46.60
CA LEU F 155 20.44 26.76 46.68
C LEU F 155 19.77 27.89 47.48
N THR F 156 18.64 28.40 46.95
CA THR F 156 17.85 29.54 47.47
C THR F 156 16.54 29.02 48.05
N PRO F 157 16.44 28.82 49.39
CA PRO F 157 15.20 28.34 50.00
C PRO F 157 14.11 29.42 50.17
N TRP F 158 12.87 28.97 50.41
CA TRP F 158 11.68 29.80 50.70
C TRP F 158 10.73 28.99 51.59
N PRO F 159 10.17 29.55 52.69
CA PRO F 159 10.44 30.91 53.17
C PRO F 159 11.82 31.08 53.81
N TRP F 160 12.47 32.22 53.56
CA TRP F 160 13.84 32.57 54.05
C TRP F 160 13.96 34.09 54.20
N ASN F 161 14.73 34.55 55.19
CA ASN F 161 15.01 35.98 55.47
C ASN F 161 16.51 36.16 55.78
N GLY F 162 17.35 36.11 54.75
CA GLY F 162 18.81 36.25 54.86
C GLY F 162 19.52 36.09 53.52
N GLU F 163 20.68 35.43 53.52
CA GLU F 163 21.58 35.24 52.34
C GLU F 163 21.19 33.93 51.63
N LYS F 164 22.00 33.48 50.67
CA LYS F 164 21.86 32.17 49.98
C LYS F 164 22.69 31.12 50.71
N VAL F 165 22.31 29.84 50.57
CA VAL F 165 23.04 28.66 51.12
C VAL F 165 23.87 28.07 49.97
N GLY F 166 25.19 28.00 50.15
CA GLY F 166 26.16 27.64 49.08
C GLY F 166 27.19 26.64 49.56
N PHE F 167 27.18 25.43 49.02
CA PHE F 167 28.18 24.36 49.25
C PHE F 167 29.23 24.43 48.13
N GLU F 168 30.47 24.78 48.49
CA GLU F 168 31.62 24.93 47.55
C GLU F 168 32.19 23.54 47.26
N ASP F 169 33.18 23.45 46.34
CA ASP F 169 33.76 22.22 45.75
C ASP F 169 33.39 20.97 46.56
N ILE F 170 32.52 20.12 45.99
CA ILE F 170 31.93 18.90 46.65
C ILE F 170 32.62 17.66 46.08
N ARG F 171 33.92 17.53 46.35
CA ARG F 171 34.70 16.26 46.21
C ARG F 171 35.64 16.12 47.43
N THR F 172 36.19 17.23 47.92
CA THR F 172 37.18 17.31 49.02
C THR F 172 36.48 17.62 50.35
N ASN F 173 35.61 18.65 50.37
CA ASN F 173 34.99 19.21 51.59
C ASN F 173 33.86 18.29 52.06
N TYR F 174 32.78 18.20 51.28
CA TYR F 174 31.50 17.52 51.64
C TYR F 174 31.51 16.09 51.08
N THR F 175 32.14 15.17 51.82
CA THR F 175 32.30 13.73 51.48
C THR F 175 31.36 12.89 52.35
N SER F 176 31.43 13.09 53.67
CA SER F 176 30.65 12.35 54.70
C SER F 176 29.46 13.19 55.19
N ARG F 177 28.70 12.65 56.15
CA ARG F 177 27.50 13.28 56.77
C ARG F 177 27.92 14.47 57.66
N GLN F 178 28.93 14.26 58.51
CA GLN F 178 29.45 15.26 59.48
C GLN F 178 30.00 16.49 58.75
N ASP F 179 30.51 16.31 57.53
CA ASP F 179 31.02 17.40 56.65
C ASP F 179 29.87 18.33 56.24
N PHE F 180 28.64 17.81 56.12
CA PHE F 180 27.40 18.59 55.83
C PHE F 180 26.81 19.19 57.13
N LYS F 181 27.12 18.60 58.29
CA LYS F 181 26.50 18.93 59.60
C LYS F 181 27.28 20.05 60.30
N ASN F 182 27.77 21.05 59.54
CA ASN F 182 28.58 22.18 60.07
C ASN F 182 27.63 23.34 60.43
N ASN F 183 28.07 24.59 60.28
CA ASN F 183 27.63 25.73 61.13
C ASN F 183 26.30 26.32 60.67
N LYS F 184 26.27 27.02 59.53
CA LYS F 184 25.18 27.96 59.14
C LYS F 184 24.17 27.28 58.21
N ASN F 185 24.40 26.01 57.85
CA ASN F 185 23.93 25.41 56.57
C ASN F 185 23.13 24.11 56.77
N TRP F 186 22.94 23.63 58.00
CA TRP F 186 22.30 22.30 58.26
C TRP F 186 21.25 22.38 59.38
N SER F 187 21.53 23.05 60.50
CA SER F 187 20.60 23.19 61.66
C SER F 187 19.32 23.96 61.25
N ALA F 188 19.38 24.78 60.19
CA ALA F 188 18.33 25.75 59.80
C ALA F 188 17.56 25.35 58.55
N ILE F 189 18.08 24.43 57.70
CA ILE F 189 17.39 23.98 56.45
C ILE F 189 17.03 22.49 56.50
N VAL F 190 17.42 21.76 57.56
CA VAL F 190 16.85 20.43 57.91
C VAL F 190 15.53 20.68 58.65
N GLU F 191 15.56 21.59 59.63
CA GLU F 191 14.36 22.33 60.10
C GLU F 191 13.85 23.18 58.94
N MET F 192 12.52 23.19 58.72
CA MET F 192 11.77 23.81 57.59
C MET F 192 11.43 22.72 56.55
N ILE F 193 12.10 21.56 56.59
CA ILE F 193 11.60 20.28 55.98
C ILE F 193 10.78 19.54 57.05
N LYS F 194 11.27 19.52 58.30
CA LYS F 194 10.59 18.91 59.48
C LYS F 194 9.31 19.68 59.80
N THR F 195 9.29 21.00 59.62
CA THR F 195 8.11 21.87 59.85
C THR F 195 7.19 21.85 58.61
N ALA F 196 7.72 21.41 57.46
CA ALA F 196 6.98 21.25 56.18
C ALA F 196 6.46 19.80 56.02
N PHE F 197 6.88 18.86 56.89
CA PHE F 197 6.34 17.49 56.97
C PHE F 197 5.39 17.31 58.17
N SER F 198 5.65 17.99 59.29
CA SER F 198 4.93 17.80 60.59
C SER F 198 3.66 18.67 60.63
N SER F 199 3.73 19.91 60.12
CA SER F 199 2.61 20.89 60.10
C SER F 199 1.67 20.58 58.93
N THR F 200 0.37 20.88 59.10
CA THR F 200 -0.63 20.97 58.01
C THR F 200 -0.33 22.24 57.20
N ASP F 201 -0.72 22.25 55.92
CA ASP F 201 -0.48 23.34 54.93
C ASP F 201 1.02 23.71 54.87
N GLY F 202 1.91 22.78 55.26
CA GLY F 202 3.36 23.01 55.35
C GLY F 202 3.99 23.03 53.97
N LEU F 203 4.98 23.90 53.76
CA LEU F 203 5.65 24.07 52.44
C LEU F 203 7.09 24.55 52.63
N ALA F 204 8.00 24.05 51.79
CA ALA F 204 9.41 24.50 51.70
C ALA F 204 9.91 24.31 50.26
N ILE F 205 10.15 25.42 49.54
CA ILE F 205 10.57 25.43 48.11
C ILE F 205 12.05 25.86 48.03
N PHE F 206 12.89 25.01 47.45
CA PHE F 206 14.34 25.26 47.19
C PHE F 206 14.58 25.40 45.69
N GLU F 207 15.19 26.52 45.26
CA GLU F 207 15.72 26.73 43.89
C GLU F 207 17.23 26.44 43.90
N VAL F 208 17.65 25.33 43.30
CA VAL F 208 19.04 24.78 43.37
C VAL F 208 19.76 25.11 42.06
N ARG F 209 21.00 25.60 42.15
CA ARG F 209 21.86 26.00 40.99
C ARG F 209 23.26 25.40 41.18
N ALA F 210 23.64 24.46 40.33
CA ALA F 210 24.94 23.75 40.34
C ALA F 210 25.82 24.24 39.18
N THR F 211 27.10 24.53 39.48
CA THR F 211 28.13 24.98 38.50
C THR F 211 29.15 23.85 38.26
N LEU F 212 29.11 23.21 37.08
CA LEU F 212 30.04 22.12 36.65
C LEU F 212 31.23 22.72 35.90
N HIS F 213 32.46 22.45 36.36
CA HIS F 213 33.72 22.70 35.64
C HIS F 213 34.19 21.40 34.97
N LEU F 214 33.77 21.18 33.72
CA LEU F 214 34.18 20.02 32.88
C LEU F 214 35.43 20.39 32.08
N PRO F 215 36.26 19.41 31.65
CA PRO F 215 37.41 19.70 30.78
C PRO F 215 37.03 20.18 29.37
N THR F 216 38.03 20.43 28.52
CA THR F 216 37.91 20.94 27.13
C THR F 216 37.06 19.98 26.28
N ASN F 217 35.96 20.46 25.69
CA ASN F 217 35.07 19.74 24.74
C ASN F 217 34.48 18.48 25.40
N ALA F 218 34.36 18.46 26.72
CA ALA F 218 33.86 17.32 27.52
C ALA F 218 32.43 16.96 27.10
N MET F 219 32.11 15.67 27.12
CA MET F 219 30.78 15.10 26.74
C MET F 219 29.82 15.26 27.92
N VAL F 220 28.67 15.91 27.69
CA VAL F 220 27.57 16.10 28.68
C VAL F 220 26.50 15.04 28.41
N ARG F 221 26.01 14.37 29.46
CA ARG F 221 25.07 13.21 29.39
C ARG F 221 23.73 13.61 30.01
N PRO F 222 22.76 14.11 29.22
CA PRO F 222 21.37 14.28 29.68
C PRO F 222 20.58 12.96 29.64
N SER F 223 19.28 13.03 29.96
CA SER F 223 18.33 11.89 29.90
C SER F 223 17.92 11.64 28.45
N GLN F 224 17.25 10.51 28.19
CA GLN F 224 16.83 10.07 26.84
C GLN F 224 15.32 9.80 26.83
N VAL F 225 14.67 10.01 25.67
CA VAL F 225 13.24 9.64 25.41
C VAL F 225 13.16 8.11 25.35
N PHE F 226 11.96 7.56 25.57
CA PHE F 226 11.72 6.09 25.62
C PHE F 226 11.68 5.51 24.20
N THR F 227 10.91 6.12 23.29
CA THR F 227 10.63 5.64 21.90
C THR F 227 10.23 4.17 21.93
N GLU F 228 8.95 3.90 22.26
CA GLU F 228 8.36 2.53 22.33
C GLU F 228 8.37 1.91 20.92
N LYS F 229 9.21 0.90 20.70
CA LYS F 229 9.35 0.19 19.41
C LYS F 229 8.15 -0.73 19.20
N GLN F 232 17.58 4.87 11.03
CA GLN F 232 17.48 4.44 12.45
C GLN F 232 17.96 5.57 13.36
N ASN F 233 17.50 5.61 14.61
CA ASN F 233 17.93 6.61 15.64
C ASN F 233 17.66 6.06 17.04
N SER F 234 18.67 5.39 17.62
CA SER F 234 18.78 5.09 19.07
C SER F 234 19.57 6.22 19.75
N ARG F 235 19.42 6.37 21.06
CA ARG F 235 20.11 7.38 21.90
C ARG F 235 19.60 8.78 21.51
N VAL F 236 18.27 8.97 21.51
CA VAL F 236 17.57 10.26 21.25
C VAL F 236 17.35 10.95 22.60
N PHE F 237 17.71 12.22 22.72
CA PHE F 237 17.70 12.99 23.99
C PHE F 237 16.31 13.62 24.22
N GLN F 238 15.83 13.55 25.47
CA GLN F 238 14.73 14.41 26.00
C GLN F 238 15.20 15.86 25.94
N SER F 239 14.43 16.74 25.28
CA SER F 239 14.78 18.16 25.05
C SER F 239 13.56 19.06 25.25
N THR F 240 13.80 20.31 25.65
CA THR F 240 12.80 21.41 25.65
C THR F 240 13.42 22.66 25.03
N THR F 241 12.57 23.63 24.69
CA THR F 241 12.93 24.89 23.98
C THR F 241 13.21 25.98 25.01
N ILE F 242 14.41 26.58 24.95
CA ILE F 242 14.79 27.81 25.72
C ILE F 242 15.19 28.89 24.70
N ASP F 243 14.48 30.02 24.70
CA ASP F 243 14.76 31.22 23.86
C ASP F 243 14.72 30.84 22.37
N GLY F 244 13.85 29.89 21.99
CA GLY F 244 13.68 29.41 20.61
C GLY F 244 14.57 28.21 20.28
N GLU F 245 15.71 28.05 20.97
CA GLU F 245 16.69 26.97 20.74
C GLU F 245 16.29 25.73 21.55
N ARG F 246 16.30 24.54 20.92
CA ARG F 246 16.10 23.24 21.62
C ARG F 246 17.34 22.96 22.47
N SER F 247 17.15 22.32 23.64
CA SER F 247 18.24 21.99 24.60
C SER F 247 17.85 20.78 25.43
N PRO F 248 18.83 19.94 25.86
CA PRO F 248 18.54 18.75 26.65
C PRO F 248 18.26 19.13 28.12
N ILE F 249 17.58 18.24 28.86
CA ILE F 249 16.71 18.63 30.01
C ILE F 249 16.98 17.79 31.27
N LEU F 250 17.48 16.56 31.15
CA LEU F 250 17.83 15.63 32.28
C LEU F 250 16.59 15.16 33.04
N GLY F 251 15.38 15.47 32.55
CA GLY F 251 14.11 14.90 33.04
C GLY F 251 13.64 15.51 34.34
N ALA F 252 12.36 15.32 34.66
CA ALA F 252 11.69 15.70 35.93
C ALA F 252 11.58 14.48 36.85
N PHE F 253 11.15 13.34 36.30
CA PHE F 253 10.95 12.06 37.03
C PHE F 253 12.29 11.37 37.31
N LYS F 254 13.31 11.62 36.49
CA LYS F 254 14.68 11.09 36.70
C LYS F 254 15.31 11.75 37.94
N THR F 255 15.07 13.05 38.13
CA THR F 255 15.67 13.89 39.21
C THR F 255 14.79 13.87 40.46
N GLY F 256 13.63 13.20 40.41
CA GLY F 256 12.84 12.78 41.59
C GLY F 256 13.34 11.45 42.13
N ALA F 257 13.86 10.59 41.24
CA ALA F 257 14.48 9.28 41.57
C ALA F 257 15.99 9.43 41.77
N ALA F 258 16.49 10.67 41.90
CA ALA F 258 17.87 11.01 42.30
C ALA F 258 17.88 11.44 43.77
N ILE F 259 16.94 12.31 44.16
CA ILE F 259 16.76 12.82 45.55
C ILE F 259 15.75 11.93 46.30
N ALA F 260 15.63 10.65 45.91
CA ALA F 260 14.90 9.60 46.64
C ALA F 260 15.62 8.25 46.49
N THR F 261 16.96 8.26 46.50
CA THR F 261 17.84 7.06 46.53
C THR F 261 18.47 6.95 47.92
N ILE F 262 17.64 6.74 48.93
CA ILE F 262 18.00 6.77 50.39
C ILE F 262 17.88 5.38 51.01
N ASP F 263 17.35 4.39 50.28
CA ASP F 263 16.90 3.09 50.83
C ASP F 263 18.11 2.14 50.96
N ASP F 264 18.76 2.15 52.13
CA ASP F 264 19.83 1.18 52.52
C ASP F 264 19.37 0.39 53.74
N TRP F 265 18.05 0.34 54.00
CA TRP F 265 17.43 -0.46 55.11
C TRP F 265 16.84 -1.76 54.54
N TYR F 266 17.49 -2.36 53.54
CA TYR F 266 17.04 -3.61 52.87
C TYR F 266 17.94 -4.76 53.34
N PRO F 267 17.39 -5.98 53.49
CA PRO F 267 17.84 -6.98 54.46
C PRO F 267 19.25 -6.83 55.05
N GLU F 268 20.31 -6.93 54.23
CA GLU F 268 21.73 -6.85 54.68
C GLU F 268 22.23 -5.42 54.48
N ALA F 269 22.50 -5.02 53.23
CA ALA F 269 23.06 -3.72 52.77
C ALA F 269 24.07 -3.96 51.64
N THR F 270 24.04 -3.13 50.60
CA THR F 270 25.11 -2.97 49.57
C THR F 270 25.29 -1.47 49.32
N GLU F 271 24.30 -0.84 48.66
CA GLU F 271 24.28 0.61 48.31
C GLU F 271 22.83 1.09 48.30
N PRO F 272 22.54 2.39 48.56
CA PRO F 272 21.15 2.88 48.58
C PRO F 272 20.39 2.66 47.26
N LEU F 273 19.20 2.06 47.34
CA LEU F 273 18.24 1.92 46.21
C LEU F 273 17.35 3.16 46.12
N ARG F 274 16.64 3.32 45.00
CA ARG F 274 15.47 4.22 44.87
C ARG F 274 14.30 3.58 45.64
N VAL F 275 13.57 4.38 46.42
CA VAL F 275 12.55 3.89 47.39
C VAL F 275 11.35 3.34 46.60
N GLY F 276 11.38 2.04 46.27
CA GLY F 276 10.29 1.31 45.60
C GLY F 276 9.57 0.39 46.57
N ARG F 277 8.43 -0.18 46.14
CA ARG F 277 7.65 -1.17 46.94
C ARG F 277 8.46 -2.47 47.05
N PHE F 278 8.86 -3.03 45.91
CA PHE F 278 9.59 -4.32 45.79
C PHE F 278 11.11 -4.07 45.65
N GLY F 279 11.65 -3.09 46.40
CA GLY F 279 13.07 -2.73 46.50
C GLY F 279 13.89 -3.07 45.26
N VAL F 280 13.41 -2.66 44.08
CA VAL F 280 14.02 -3.02 42.76
C VAL F 280 15.34 -2.24 42.60
N HIS F 281 16.41 -2.96 42.27
CA HIS F 281 17.71 -2.42 41.79
C HIS F 281 17.72 -2.50 40.26
N ARG F 282 18.28 -1.49 39.59
CA ARG F 282 18.25 -1.34 38.11
C ARG F 282 19.50 -1.96 37.47
N GLU F 283 20.66 -1.84 38.14
CA GLU F 283 21.97 -2.34 37.64
C GLU F 283 21.98 -3.87 37.77
N ASP F 284 21.94 -4.39 39.00
CA ASP F 284 21.55 -5.81 39.29
C ASP F 284 20.05 -5.89 39.01
N VAL F 285 19.63 -6.61 37.97
CA VAL F 285 18.23 -6.58 37.44
C VAL F 285 17.36 -7.55 38.26
N THR F 286 17.93 -8.19 39.30
CA THR F 286 17.18 -8.79 40.43
C THR F 286 16.63 -7.66 41.32
N CYS F 287 15.65 -7.98 42.18
CA CYS F 287 15.06 -7.03 43.15
C CYS F 287 15.20 -7.59 44.58
N TYR F 288 15.81 -6.81 45.47
CA TYR F 288 15.81 -7.02 46.94
C TYR F 288 14.42 -6.63 47.44
N ARG F 289 14.01 -7.14 48.61
CA ARG F 289 12.62 -7.00 49.14
C ARG F 289 11.63 -7.62 48.14
N HIS F 290 11.90 -8.84 47.67
CA HIS F 290 10.92 -9.69 46.93
C HIS F 290 9.87 -10.16 47.94
N PRO F 291 8.55 -10.11 47.63
CA PRO F 291 7.51 -10.39 48.63
C PRO F 291 7.64 -11.71 49.41
N SER F 292 8.45 -12.66 48.94
CA SER F 292 8.82 -13.91 49.66
C SER F 292 9.56 -13.59 50.96
N THR F 293 10.47 -12.60 50.96
CA THR F 293 11.32 -12.22 52.11
C THR F 293 10.46 -11.59 53.21
N GLY F 294 9.35 -10.93 52.85
CA GLY F 294 8.39 -10.31 53.77
C GLY F 294 8.86 -8.95 54.26
N LYS F 295 9.61 -8.22 53.43
CA LYS F 295 10.10 -6.83 53.71
C LYS F 295 9.85 -5.92 52.51
N ASP F 296 8.88 -6.26 51.64
CA ASP F 296 8.29 -5.34 50.64
C ASP F 296 7.24 -4.47 51.37
N PHE F 297 6.62 -3.53 50.66
CA PHE F 297 5.77 -2.46 51.24
C PHE F 297 4.51 -3.05 51.89
N PHE F 298 3.80 -3.93 51.19
CA PHE F 298 2.46 -4.45 51.56
C PHE F 298 2.56 -5.41 52.76
N SER F 299 3.64 -6.19 52.83
CA SER F 299 3.94 -7.12 53.96
C SER F 299 4.23 -6.33 55.24
N ILE F 300 4.70 -5.08 55.12
CA ILE F 300 5.02 -4.16 56.26
C ILE F 300 3.77 -3.31 56.58
N LEU F 301 3.01 -2.86 55.57
CA LEU F 301 1.81 -1.99 55.74
C LEU F 301 0.74 -2.72 56.57
N GLN F 302 0.45 -3.98 56.21
CA GLN F 302 -0.64 -4.82 56.81
C GLN F 302 -0.38 -5.07 58.30
N GLN F 303 0.85 -4.88 58.78
CA GLN F 303 1.25 -5.00 60.21
C GLN F 303 1.24 -3.62 60.89
N ALA F 304 0.45 -2.66 60.38
CA ALA F 304 0.34 -1.28 60.92
C ALA F 304 -0.15 -1.31 62.37
N GLU F 305 -1.22 -2.06 62.63
CA GLU F 305 -1.84 -2.22 63.99
C GLU F 305 -0.84 -2.88 64.96
N HIS F 306 0.11 -3.68 64.45
CA HIS F 306 1.27 -4.19 65.24
C HIS F 306 2.23 -3.04 65.53
N TYR F 307 2.63 -2.29 64.49
CA TYR F 307 3.66 -1.21 64.57
C TYR F 307 3.20 -0.06 65.48
N ILE F 308 1.88 0.14 65.65
CA ILE F 308 1.32 1.14 66.63
C ILE F 308 1.64 0.68 68.06
N GLU F 309 1.44 -0.61 68.36
CA GLU F 309 1.62 -1.20 69.72
C GLU F 309 3.10 -1.14 70.14
N VAL F 310 4.03 -1.16 69.19
CA VAL F 310 5.50 -1.05 69.45
C VAL F 310 5.84 0.42 69.76
N LEU F 311 5.06 1.38 69.25
CA LEU F 311 5.19 2.83 69.52
C LEU F 311 4.30 3.25 70.70
N SER F 312 3.98 2.32 71.61
CA SER F 312 3.16 2.58 72.83
C SER F 312 4.02 3.23 73.92
N ALA F 313 5.11 2.56 74.30
CA ALA F 313 6.05 2.97 75.38
C ALA F 313 7.50 2.78 74.92
N ASN F 314 8.45 3.19 75.77
CA ASN F 314 9.92 3.10 75.51
C ASN F 314 10.35 1.64 75.52
N LYS F 315 11.35 1.25 74.69
CA LYS F 315 12.02 2.11 73.72
C LYS F 315 12.05 1.39 72.37
N THR F 316 12.01 2.16 71.28
CA THR F 316 11.88 1.69 69.87
C THR F 316 13.14 0.93 69.46
N PRO F 317 13.04 -0.35 69.03
CA PRO F 317 14.24 -1.15 68.70
C PRO F 317 14.79 -0.78 67.31
N ALA F 318 16.08 -0.44 67.24
CA ALA F 318 16.77 0.09 66.04
C ALA F 318 17.43 -1.05 65.26
N GLN F 319 16.70 -2.14 64.97
CA GLN F 319 17.17 -3.25 64.10
C GLN F 319 16.10 -3.62 63.05
N GLU F 320 14.82 -3.74 63.42
CA GLU F 320 13.74 -4.26 62.52
C GLU F 320 12.41 -3.53 62.69
N THR F 321 12.35 -2.40 63.41
CA THR F 321 11.12 -1.58 63.61
C THR F 321 11.36 -0.17 63.08
N ILE F 322 12.38 0.52 63.59
CA ILE F 322 12.81 1.88 63.14
C ILE F 322 13.15 1.81 61.64
N ASN F 323 13.98 0.83 61.25
CA ASN F 323 14.45 0.61 59.84
C ASN F 323 13.26 0.34 58.91
N ASP F 324 12.21 -0.34 59.39
CA ASP F 324 11.00 -0.72 58.61
C ASP F 324 10.02 0.46 58.55
N MET F 325 9.83 1.18 59.67
CA MET F 325 8.91 2.34 59.75
C MET F 325 9.50 3.54 59.00
N HIS F 326 10.84 3.66 58.95
CA HIS F 326 11.57 4.58 58.03
C HIS F 326 11.10 4.32 56.60
N PHE F 327 11.19 3.06 56.16
CA PHE F 327 10.82 2.57 54.81
C PHE F 327 9.33 2.78 54.54
N LEU F 328 8.48 2.48 55.53
CA LEU F 328 7.00 2.65 55.42
C LEU F 328 6.68 4.11 55.14
N MET F 329 7.20 5.03 55.97
CA MET F 329 6.99 6.50 55.85
C MET F 329 7.64 7.03 54.57
N ALA F 330 8.81 6.49 54.19
CA ALA F 330 9.52 6.83 52.93
C ALA F 330 8.67 6.47 51.71
N ASN F 331 7.81 5.44 51.82
CA ASN F 331 6.89 5.00 50.72
C ASN F 331 5.59 5.81 50.75
N LEU F 332 5.14 6.28 51.92
CA LEU F 332 3.97 7.20 52.05
C LEU F 332 4.33 8.57 51.43
N ILE F 333 5.58 9.01 51.59
CA ILE F 333 6.12 10.29 51.04
C ILE F 333 6.05 10.26 49.51
N LYS F 334 6.50 9.17 48.88
CA LYS F 334 6.63 9.05 47.40
C LYS F 334 5.26 8.83 46.75
N GLY F 335 4.61 7.72 47.06
CA GLY F 335 3.79 6.94 46.11
C GLY F 335 2.32 7.28 46.13
N GLY F 336 1.48 6.25 46.30
CA GLY F 336 0.13 6.13 45.74
C GLY F 336 0.18 5.44 44.38
N MET F 337 -0.82 4.63 43.99
CA MET F 337 -1.91 4.15 44.83
C MET F 337 -1.68 2.66 45.11
N PHE F 338 -2.01 2.22 46.33
CA PHE F 338 -1.86 0.81 46.80
C PHE F 338 -3.22 0.34 47.33
N GLN F 339 -4.13 0.12 46.37
CA GLN F 339 -5.56 -0.20 46.59
C GLN F 339 -5.84 -1.69 46.35
N HIS F 340 -5.17 -2.29 45.36
CA HIS F 340 -5.53 -3.58 44.71
C HIS F 340 -6.93 -3.44 44.08
N LYS G 1 26.98 -18.38 31.34
CA LYS G 1 27.95 -17.45 30.67
C LYS G 1 27.27 -16.74 29.50
N LEU G 2 27.67 -15.49 29.22
CA LEU G 2 26.92 -14.50 28.40
C LEU G 2 25.47 -14.46 28.92
N PRO G 3 25.22 -13.89 30.12
CA PRO G 3 23.93 -14.04 30.80
C PRO G 3 22.87 -12.99 30.39
N THR G 4 22.70 -12.76 29.09
CA THR G 4 21.54 -12.11 28.41
C THR G 4 21.42 -10.60 28.75
N ASN G 5 22.08 -10.11 29.80
CA ASN G 5 22.20 -8.66 30.12
C ASN G 5 23.53 -8.43 30.85
N LEU G 6 24.61 -8.24 30.09
CA LEU G 6 25.97 -7.91 30.60
C LEU G 6 26.49 -6.70 29.82
N ALA G 7 26.76 -5.58 30.52
CA ALA G 7 27.20 -4.30 29.93
C ALA G 7 28.26 -3.65 30.83
N TYR G 8 29.45 -3.41 30.29
CA TYR G 8 30.52 -2.58 30.91
C TYR G 8 30.44 -1.17 30.33
N GLU G 9 31.11 -0.21 31.00
CA GLU G 9 31.19 1.21 30.58
C GLU G 9 32.67 1.55 30.34
N ARG G 10 32.94 2.35 29.30
CA ARG G 10 34.31 2.75 28.87
C ARG G 10 35.00 3.52 30.00
N SER G 11 36.34 3.41 30.08
CA SER G 11 37.21 4.12 31.06
C SER G 11 37.91 5.31 30.39
N ILE G 12 38.33 5.15 29.13
CA ILE G 12 38.97 6.22 28.30
C ILE G 12 37.85 7.05 27.65
N ASP G 13 37.75 8.34 28.01
CA ASP G 13 36.72 9.30 27.53
C ASP G 13 37.42 10.46 26.82
N PRO G 14 37.69 10.36 25.49
CA PRO G 14 38.29 11.46 24.74
C PRO G 14 37.24 12.53 24.37
N SER G 15 37.70 13.62 23.74
CA SER G 15 36.87 14.76 23.26
C SER G 15 37.16 14.99 21.77
N ASP G 16 36.67 16.12 21.23
CA ASP G 16 36.93 16.57 19.84
C ASP G 16 38.29 17.29 19.79
N VAL G 17 39.04 17.11 18.69
CA VAL G 17 40.39 17.71 18.48
C VAL G 17 40.20 19.02 17.70
N CYS G 18 39.99 20.13 18.41
CA CYS G 18 39.77 21.49 17.84
C CYS G 18 41.07 22.00 17.20
N PHE G 19 41.06 22.21 15.89
CA PHE G 19 42.20 22.78 15.10
C PHE G 19 42.22 24.30 15.27
N PHE G 20 43.43 24.90 15.31
CA PHE G 20 43.66 26.36 15.43
C PHE G 20 44.90 26.76 14.63
N VAL G 21 44.86 27.95 14.02
CA VAL G 21 45.98 28.57 13.25
C VAL G 21 46.60 29.65 14.13
N VAL G 22 47.90 29.53 14.45
CA VAL G 22 48.70 30.58 15.15
C VAL G 22 49.44 31.39 14.08
N TRP G 23 49.22 32.70 14.05
CA TRP G 23 49.93 33.68 13.19
C TRP G 23 51.23 34.08 13.90
N PRO G 24 52.19 34.76 13.22
CA PRO G 24 53.43 35.19 13.88
C PRO G 24 53.32 36.24 15.01
N ASP G 25 52.11 36.72 15.34
CA ASP G 25 51.86 37.76 16.38
C ASP G 25 51.29 37.13 17.67
N ASP G 26 51.29 35.80 17.79
CA ASP G 26 50.75 35.03 18.93
C ASP G 26 49.26 35.38 19.14
N ARG G 27 48.45 35.17 18.11
CA ARG G 27 46.96 35.14 18.19
C ARG G 27 46.45 33.95 17.39
N LYS G 28 45.51 33.19 17.97
CA LYS G 28 45.07 31.84 17.51
C LYS G 28 43.64 31.92 16.99
N THR G 29 43.44 31.76 15.68
CA THR G 29 42.12 31.79 14.99
C THR G 29 41.75 30.38 14.58
N PRO G 30 40.45 29.96 14.65
CA PRO G 30 40.06 28.61 14.24
C PRO G 30 40.31 28.37 12.74
N LEU G 31 40.90 27.21 12.40
CA LEU G 31 41.15 26.77 11.00
C LEU G 31 39.80 26.60 10.30
N THR G 32 39.59 27.30 9.17
CA THR G 32 38.34 27.28 8.36
C THR G 32 38.64 26.66 6.99
N TYR G 33 37.67 25.94 6.43
CA TYR G 33 37.76 25.23 5.12
C TYR G 33 36.70 25.80 4.17
N ASN G 34 36.72 25.37 2.91
CA ASN G 34 35.72 25.74 1.87
C ASN G 34 35.20 24.47 1.19
N SER G 35 33.94 24.54 0.70
CA SER G 35 33.15 23.41 0.16
C SER G 35 32.62 23.74 -1.24
N ARG G 36 33.16 23.10 -2.27
CA ARG G 36 32.80 23.33 -3.70
C ARG G 36 31.81 22.26 -4.15
N THR G 37 30.69 22.68 -4.74
CA THR G 37 29.68 21.81 -5.43
C THR G 37 29.70 22.16 -6.92
N LEU G 38 29.65 21.14 -7.79
CA LEU G 38 29.67 21.30 -9.27
C LEU G 38 28.24 21.23 -9.81
N LEU G 39 27.79 22.31 -10.47
CA LEU G 39 26.40 22.50 -10.97
C LEU G 39 26.39 22.25 -12.49
N GLY G 40 26.71 21.03 -12.91
CA GLY G 40 26.77 20.60 -14.32
C GLY G 40 25.60 21.12 -15.13
N GLN G 41 25.89 21.82 -16.24
CA GLN G 41 24.91 22.59 -17.07
C GLN G 41 23.71 21.71 -17.45
N MET G 42 22.50 22.29 -17.38
CA MET G 42 21.21 21.61 -17.64
C MET G 42 20.92 21.62 -19.15
N PRO G 69 23.14 16.45 -6.41
CA PRO G 69 24.16 17.20 -5.67
C PRO G 69 25.42 16.36 -5.36
N HIS G 70 26.60 16.98 -5.47
CA HIS G 70 27.93 16.35 -5.23
C HIS G 70 28.90 17.42 -4.73
N GLN G 71 29.09 17.52 -3.41
CA GLN G 71 29.89 18.56 -2.71
C GLN G 71 31.23 17.94 -2.27
N VAL G 72 32.34 18.60 -2.60
CA VAL G 72 33.74 18.23 -2.18
C VAL G 72 34.31 19.38 -1.37
N ASP G 73 34.89 19.09 -0.19
CA ASP G 73 35.48 20.11 0.73
C ASP G 73 37.01 20.09 0.61
N PHE G 74 37.65 21.26 0.77
CA PHE G 74 39.12 21.45 0.79
C PHE G 74 39.52 22.26 2.02
N CYS G 75 40.51 21.77 2.78
CA CYS G 75 41.05 22.41 4.01
C CYS G 75 42.58 22.40 3.97
N HIS G 76 43.18 23.50 3.51
CA HIS G 76 44.66 23.74 3.49
C HIS G 76 45.01 24.80 4.53
N VAL G 77 46.28 24.80 4.99
CA VAL G 77 46.81 25.77 5.98
C VAL G 77 46.98 27.12 5.26
N PRO G 78 46.34 28.21 5.72
CA PRO G 78 46.40 29.49 5.00
C PRO G 78 47.80 30.13 4.99
N TYR G 79 48.04 31.02 4.02
CA TYR G 79 49.36 31.64 3.73
C TYR G 79 49.78 32.55 4.90
N GLY G 80 51.03 32.40 5.36
CA GLY G 80 51.65 33.24 6.40
C GLY G 80 51.33 32.75 7.81
N ALA G 81 50.90 31.48 7.96
CA ALA G 81 50.57 30.85 9.26
C ALA G 81 51.86 30.33 9.91
N SER G 82 52.06 30.62 11.21
CA SER G 82 53.26 30.22 11.98
C SER G 82 53.23 28.72 12.26
N HIS G 83 52.15 28.24 12.88
CA HIS G 83 51.94 26.80 13.24
C HIS G 83 50.47 26.52 13.58
N ILE G 84 50.13 25.23 13.69
CA ILE G 84 48.74 24.72 13.94
C ILE G 84 48.67 24.12 15.34
N GLU G 85 47.71 24.57 16.16
CA GLU G 85 47.39 24.02 17.50
C GLU G 85 46.26 22.98 17.35
N CYS G 86 46.40 21.83 18.03
CA CYS G 86 45.40 20.74 18.09
C CYS G 86 45.11 20.39 19.56
N SER G 87 43.97 20.88 20.08
CA SER G 87 43.59 20.82 21.52
C SER G 87 42.47 19.79 21.74
N PHE G 88 42.68 18.85 22.66
CA PHE G 88 41.66 17.90 23.16
C PHE G 88 42.02 17.45 24.57
N SER G 89 41.08 16.77 25.25
CA SER G 89 41.22 16.32 26.66
C SER G 89 40.76 14.86 26.80
N VAL G 90 41.63 13.99 27.32
CA VAL G 90 41.32 12.55 27.62
C VAL G 90 41.28 12.38 29.15
N SER G 91 40.36 11.55 29.65
CA SER G 91 40.12 11.33 31.10
C SER G 91 39.96 9.83 31.39
N PHE G 92 40.94 9.25 32.12
CA PHE G 92 40.97 7.85 32.58
C PHE G 92 40.19 7.73 33.90
N SER G 93 39.22 6.81 33.92
CA SER G 93 38.29 6.54 35.06
C SER G 93 38.37 5.06 35.46
N SER G 94 37.65 4.68 36.53
CA SER G 94 37.66 3.32 37.15
C SER G 94 36.28 2.66 36.95
N GLU G 95 35.82 2.55 35.70
CA GLU G 95 34.50 1.97 35.32
C GLU G 95 34.71 0.56 34.73
N LEU G 96 35.78 -0.15 35.13
CA LEU G 96 36.09 -1.54 34.70
C LEU G 96 36.17 -2.48 35.92
N ARG G 97 35.88 -2.00 37.13
CA ARG G 97 35.91 -2.82 38.37
C ARG G 97 34.59 -3.61 38.46
N GLN G 98 33.46 -2.95 38.24
CA GLN G 98 32.10 -3.55 38.29
C GLN G 98 31.37 -3.27 36.99
N PRO G 99 30.66 -4.26 36.38
CA PRO G 99 29.83 -4.00 35.20
C PRO G 99 28.62 -3.11 35.51
N TYR G 100 28.11 -2.43 34.47
CA TYR G 100 27.05 -1.39 34.56
C TYR G 100 25.68 -2.07 34.76
N LYS G 101 25.38 -3.09 33.96
CA LYS G 101 24.26 -4.06 34.19
C LYS G 101 24.86 -5.47 34.22
N CYS G 102 24.43 -6.31 35.17
CA CYS G 102 24.93 -7.69 35.37
C CYS G 102 23.82 -8.74 35.22
N ASN G 103 22.62 -8.48 35.75
CA ASN G 103 21.40 -9.33 35.61
C ASN G 103 21.49 -10.53 36.55
N SER G 104 22.62 -11.27 36.50
CA SER G 104 22.94 -12.42 37.39
C SER G 104 24.22 -12.12 38.18
N SER G 105 24.14 -12.15 39.52
CA SER G 105 25.28 -11.93 40.46
C SER G 105 25.96 -13.27 40.79
N LYS G 106 26.30 -14.04 39.75
CA LYS G 106 27.15 -15.27 39.81
C LYS G 106 28.43 -15.02 38.99
N VAL G 107 28.29 -14.48 37.78
CA VAL G 107 29.42 -14.07 36.88
C VAL G 107 29.93 -12.69 37.31
N LYS G 108 29.22 -11.96 38.18
CA LYS G 108 29.64 -10.62 38.67
C LYS G 108 30.93 -10.78 39.49
N GLN G 109 30.88 -11.53 40.60
CA GLN G 109 32.01 -11.71 41.55
C GLN G 109 33.19 -12.37 40.82
N THR G 110 32.92 -13.22 39.83
CA THR G 110 33.93 -13.84 38.92
C THR G 110 34.72 -12.73 38.21
N LEU G 111 34.01 -11.79 37.59
CA LEU G 111 34.62 -10.66 36.81
C LEU G 111 35.32 -9.67 37.74
N VAL G 112 34.75 -9.38 38.92
CA VAL G 112 35.37 -8.47 39.93
C VAL G 112 36.64 -9.14 40.47
N GLN G 113 36.59 -10.44 40.75
CA GLN G 113 37.75 -11.27 41.19
C GLN G 113 38.82 -11.29 40.10
N LEU G 114 38.41 -11.54 38.84
CA LEU G 114 39.32 -11.62 37.66
C LEU G 114 40.15 -10.33 37.53
N VAL G 115 39.49 -9.17 37.59
CA VAL G 115 40.12 -7.82 37.39
C VAL G 115 41.08 -7.53 38.54
N GLU G 116 40.69 -7.81 39.79
CA GLU G 116 41.52 -7.54 40.99
C GLU G 116 42.65 -8.58 41.11
N LEU G 117 42.49 -9.79 40.54
CA LEU G 117 43.60 -10.78 40.41
C LEU G 117 44.63 -10.25 39.41
N TYR G 118 44.19 -9.82 38.23
CA TYR G 118 45.03 -9.19 37.17
C TYR G 118 45.74 -7.97 37.77
N GLU G 119 45.01 -7.11 38.48
CA GLU G 119 45.54 -5.91 39.20
C GLU G 119 46.74 -6.32 40.07
N THR G 120 46.58 -7.36 40.89
CA THR G 120 47.59 -7.81 41.90
C THR G 120 48.77 -8.53 41.21
N LYS G 121 48.48 -9.48 40.31
CA LYS G 121 49.50 -10.41 39.74
C LYS G 121 50.39 -9.66 38.74
N ILE G 122 49.82 -9.13 37.66
CA ILE G 122 50.52 -8.43 36.54
C ILE G 122 49.94 -7.02 36.40
N GLY G 123 50.62 -6.01 36.96
CA GLY G 123 50.11 -4.65 37.20
C GLY G 123 49.71 -3.91 35.93
N TRP G 124 49.17 -2.70 36.09
CA TRP G 124 48.53 -1.89 35.02
C TRP G 124 49.57 -1.14 34.16
N THR G 125 50.87 -1.48 34.27
CA THR G 125 52.00 -0.71 33.67
C THR G 125 51.92 -0.79 32.14
N GLU G 126 51.73 -1.99 31.60
CA GLU G 126 51.76 -2.32 30.14
C GLU G 126 50.69 -1.53 29.39
N LEU G 127 49.41 -1.70 29.77
CA LEU G 127 48.25 -1.05 29.11
C LEU G 127 48.35 0.48 29.24
N ALA G 128 48.72 0.98 30.43
CA ALA G 128 48.92 2.41 30.73
C ALA G 128 49.95 3.01 29.77
N THR G 129 51.15 2.43 29.71
CA THR G 129 52.27 2.86 28.82
C THR G 129 51.82 2.83 27.36
N ARG G 130 51.16 1.75 26.93
CA ARG G 130 50.67 1.55 25.54
C ARG G 130 49.60 2.60 25.21
N TYR G 131 48.73 2.95 26.16
CA TYR G 131 47.69 4.02 25.99
C TYR G 131 48.35 5.41 26.02
N LEU G 132 49.44 5.59 26.78
CA LEU G 132 50.09 6.92 26.97
C LEU G 132 51.15 7.18 25.89
N MET G 133 51.61 6.15 25.17
CA MET G 133 52.56 6.30 24.02
C MET G 133 51.84 6.96 22.85
N ASN G 134 50.65 6.45 22.47
CA ASN G 134 49.87 6.91 21.30
C ASN G 134 48.98 8.12 21.67
N ILE G 135 49.15 8.68 22.88
CA ILE G 135 48.74 10.08 23.22
C ILE G 135 49.95 10.99 23.02
N CYS G 136 51.11 10.63 23.58
CA CYS G 136 52.29 11.53 23.73
C CYS G 136 53.23 11.42 22.51
N ASN G 137 52.77 10.91 21.36
CA ASN G 137 53.56 10.87 20.10
C ASN G 137 52.77 11.40 18.89
N GLY G 138 51.49 11.77 19.04
CA GLY G 138 50.66 12.37 17.98
C GLY G 138 50.09 11.34 17.02
N LYS G 139 49.83 10.12 17.49
CA LYS G 139 49.16 9.03 16.72
C LYS G 139 47.71 9.44 16.41
N TRP G 140 47.09 10.23 17.30
CA TRP G 140 45.69 10.72 17.20
C TRP G 140 45.51 11.75 16.09
N LEU G 141 46.61 12.33 15.57
CA LEU G 141 46.58 13.26 14.39
C LEU G 141 46.35 12.47 13.10
N TRP G 142 46.60 11.14 13.10
CA TRP G 142 46.33 10.18 12.00
C TRP G 142 47.25 10.48 10.80
N LYS G 143 46.97 11.54 10.04
CA LYS G 143 47.64 11.85 8.74
C LYS G 143 48.33 13.23 8.73
N ASN G 144 48.03 14.12 9.68
CA ASN G 144 48.48 15.53 9.66
C ASN G 144 49.96 15.63 10.08
N THR G 145 50.57 14.53 10.53
CA THR G 145 52.01 14.41 10.87
C THR G 145 52.85 14.16 9.62
N ARG G 146 52.24 13.66 8.53
CA ARG G 146 52.94 13.35 7.25
C ARG G 146 53.39 14.65 6.58
N LYS G 147 54.66 14.70 6.16
CA LYS G 147 55.33 15.87 5.50
C LYS G 147 55.35 17.09 6.43
N ALA G 148 55.39 16.86 7.75
CA ALA G 148 55.50 17.91 8.79
C ALA G 148 56.96 17.97 9.27
N TYR G 149 57.50 19.18 9.45
CA TYR G 149 58.93 19.43 9.81
C TYR G 149 59.19 18.96 11.24
N CYS G 150 58.41 19.47 12.19
CA CYS G 150 58.44 19.11 13.63
C CYS G 150 57.05 19.34 14.25
N TRP G 151 56.71 18.56 15.28
CA TRP G 151 55.46 18.74 16.07
C TRP G 151 55.73 18.43 17.55
N ASN G 152 55.25 19.32 18.44
CA ASN G 152 55.52 19.30 19.90
C ASN G 152 54.21 19.13 20.66
N ILE G 153 54.16 18.16 21.59
CA ILE G 153 52.96 17.80 22.40
C ILE G 153 53.22 18.23 23.86
N VAL G 154 52.36 19.11 24.39
CA VAL G 154 52.29 19.50 25.83
C VAL G 154 50.95 19.01 26.37
N LEU G 155 50.97 18.22 27.45
CA LEU G 155 49.73 17.75 28.13
C LEU G 155 49.75 18.22 29.59
N THR G 156 48.65 18.87 30.02
CA THR G 156 48.39 19.31 31.42
C THR G 156 47.58 18.21 32.11
N PRO G 157 48.18 17.47 33.08
CA PRO G 157 47.44 16.48 33.86
C PRO G 157 46.70 17.08 35.07
N TRP G 158 45.74 16.33 35.61
CA TRP G 158 45.00 16.62 36.86
C TRP G 158 44.48 15.31 37.45
N PRO G 159 44.57 15.05 38.79
CA PRO G 159 45.20 15.95 39.76
C PRO G 159 46.73 15.98 39.66
N TRP G 160 47.30 17.20 39.61
CA TRP G 160 48.76 17.46 39.42
C TRP G 160 49.24 18.52 40.41
N ASN G 161 50.56 18.54 40.67
CA ASN G 161 51.22 19.45 41.65
C ASN G 161 52.58 19.91 41.09
N GLY G 162 52.56 20.85 40.12
CA GLY G 162 53.78 21.50 39.59
C GLY G 162 53.61 22.06 38.20
N GLU G 163 54.38 21.51 37.23
CA GLU G 163 54.68 22.13 35.91
C GLU G 163 54.15 21.24 34.78
N LYS G 164 53.90 21.83 33.60
CA LYS G 164 53.38 21.12 32.40
C LYS G 164 54.43 20.14 31.87
N VAL G 165 54.02 18.90 31.58
CA VAL G 165 54.88 17.84 30.98
C VAL G 165 54.93 18.10 29.46
N GLY G 166 56.09 18.54 28.96
CA GLY G 166 56.31 18.91 27.54
C GLY G 166 57.17 17.89 26.81
N PHE G 167 56.71 17.42 25.65
CA PHE G 167 57.45 16.51 24.73
C PHE G 167 57.91 17.31 23.51
N GLU G 168 59.21 17.59 23.41
CA GLU G 168 59.83 18.36 22.30
C GLU G 168 59.97 17.44 21.08
N ASP G 169 60.23 18.04 19.91
CA ASP G 169 60.21 17.43 18.54
C ASP G 169 60.15 15.89 18.60
N ILE G 170 59.00 15.32 18.22
CA ILE G 170 58.69 13.86 18.29
C ILE G 170 58.83 13.26 16.88
N ARG G 171 60.04 13.34 16.31
CA ARG G 171 60.54 12.46 15.23
C ARG G 171 61.99 12.05 15.52
N THR G 172 62.80 12.98 16.07
CA THR G 172 64.24 12.81 16.38
C THR G 172 64.43 12.30 17.82
N ASN G 173 63.73 12.89 18.79
CA ASN G 173 63.95 12.68 20.25
C ASN G 173 63.21 11.43 20.71
N TYR G 174 61.90 11.38 20.52
CA TYR G 174 60.99 10.30 21.03
C TYR G 174 60.53 9.42 19.85
N THR G 175 61.02 8.17 19.80
CA THR G 175 60.70 7.15 18.77
C THR G 175 60.26 5.84 19.46
N SER G 176 61.14 5.25 20.27
CA SER G 176 60.93 3.97 21.00
C SER G 176 60.40 4.24 22.42
N ARG G 177 60.10 3.18 23.18
CA ARG G 177 59.63 3.23 24.58
C ARG G 177 60.69 3.90 25.47
N GLN G 178 61.94 3.46 25.39
CA GLN G 178 63.08 3.92 26.25
C GLN G 178 63.31 5.44 26.06
N ASP G 179 63.01 5.97 24.87
CA ASP G 179 63.07 7.44 24.59
C ASP G 179 62.00 8.16 25.43
N PHE G 180 60.84 7.54 25.68
CA PHE G 180 59.75 8.07 26.52
C PHE G 180 60.08 7.90 28.02
N LYS G 181 60.82 6.85 28.40
CA LYS G 181 61.11 6.47 29.81
C LYS G 181 62.28 7.30 30.38
N ASN G 182 62.45 8.56 29.98
CA ASN G 182 63.51 9.47 30.51
C ASN G 182 63.05 10.01 31.88
N ASN G 183 63.87 10.86 32.50
CA ASN G 183 63.86 11.13 33.97
C ASN G 183 62.62 11.92 34.38
N LYS G 184 62.50 13.18 33.92
CA LYS G 184 61.68 14.24 34.57
C LYS G 184 60.23 14.27 34.07
N ASN G 185 59.74 13.21 33.42
CA ASN G 185 58.42 13.20 32.73
C ASN G 185 57.60 11.94 33.10
N TRP G 186 58.17 10.75 32.88
CA TRP G 186 57.42 9.47 32.65
C TRP G 186 57.15 8.71 33.96
N SER G 187 57.83 9.03 35.06
CA SER G 187 57.67 8.34 36.37
C SER G 187 56.28 8.64 36.96
N ALA G 188 55.73 9.83 36.73
CA ALA G 188 54.63 10.44 37.51
C ALA G 188 53.33 10.57 36.70
N ILE G 189 53.31 10.27 35.39
CA ILE G 189 52.08 10.38 34.54
C ILE G 189 51.59 9.01 34.06
N VAL G 190 52.44 7.98 34.00
CA VAL G 190 52.00 6.57 33.77
C VAL G 190 51.37 6.05 35.06
N GLU G 191 52.00 6.33 36.22
CA GLU G 191 51.35 6.20 37.55
C GLU G 191 50.51 7.47 37.76
N MET G 192 49.26 7.29 38.20
CA MET G 192 48.11 8.25 38.18
C MET G 192 47.13 7.82 37.08
N ILE G 193 47.58 7.02 36.09
CA ILE G 193 46.69 6.14 35.26
C ILE G 193 46.51 4.82 36.01
N LYS G 194 47.57 4.31 36.65
CA LYS G 194 47.56 3.03 37.42
C LYS G 194 46.68 3.18 38.67
N THR G 195 46.68 4.36 39.32
CA THR G 195 45.81 4.68 40.48
C THR G 195 44.37 4.89 39.98
N ALA G 196 44.20 5.48 38.80
CA ALA G 196 42.90 5.81 38.18
C ALA G 196 42.15 4.54 37.74
N PHE G 197 42.84 3.41 37.56
CA PHE G 197 42.23 2.10 37.22
C PHE G 197 42.04 1.25 38.49
N SER G 198 42.92 1.37 39.49
CA SER G 198 42.92 0.56 40.73
C SER G 198 41.95 1.16 41.76
N SER G 199 42.12 2.45 42.10
CA SER G 199 41.33 3.16 43.14
C SER G 199 39.88 3.34 42.66
N THR G 200 38.91 2.70 43.34
CA THR G 200 37.45 2.83 43.07
C THR G 200 37.03 4.29 43.34
N ASP G 201 36.26 4.88 42.42
CA ASP G 201 36.05 6.35 42.27
C ASP G 201 37.42 7.03 42.14
N GLY G 202 38.30 6.47 41.31
CA GLY G 202 39.58 7.07 40.90
C GLY G 202 39.44 7.79 39.57
N LEU G 203 40.31 8.77 39.30
CA LEU G 203 40.18 9.71 38.15
C LEU G 203 41.56 10.25 37.74
N ALA G 204 41.77 10.46 36.43
CA ALA G 204 42.90 11.23 35.87
C ALA G 204 42.43 11.98 34.61
N ILE G 205 42.70 13.29 34.52
CA ILE G 205 42.28 14.14 33.37
C ILE G 205 43.54 14.77 32.75
N PHE G 206 43.90 14.34 31.54
CA PHE G 206 44.99 14.92 30.70
C PHE G 206 44.39 15.84 29.65
N GLU G 207 44.81 17.11 29.63
CA GLU G 207 44.49 18.10 28.56
C GLU G 207 45.69 18.18 27.62
N VAL G 208 45.57 17.57 26.43
CA VAL G 208 46.68 17.38 25.44
C VAL G 208 46.59 18.50 24.39
N ARG G 209 47.75 19.08 24.03
CA ARG G 209 47.88 20.19 23.06
C ARG G 209 49.12 19.94 22.19
N ALA G 210 48.92 19.73 20.88
CA ALA G 210 49.97 19.43 19.88
C ALA G 210 50.13 20.62 18.93
N THR G 211 51.37 21.02 18.64
CA THR G 211 51.74 22.13 17.73
C THR G 211 52.39 21.55 16.46
N LEU G 212 51.64 21.49 15.35
CA LEU G 212 52.15 21.08 14.00
C LEU G 212 52.83 22.29 13.35
N HIS G 213 54.10 22.13 12.93
CA HIS G 213 54.82 23.08 12.05
C HIS G 213 54.79 22.54 10.61
N LEU G 214 53.60 22.57 9.99
CA LEU G 214 53.37 22.11 8.59
C LEU G 214 53.99 23.11 7.62
N PRO G 215 54.33 22.69 6.38
CA PRO G 215 54.93 23.58 5.38
C PRO G 215 53.92 24.57 4.76
N THR G 216 54.40 25.40 3.83
CA THR G 216 53.65 26.50 3.18
C THR G 216 52.48 25.92 2.37
N ASN G 217 51.25 26.09 2.87
CA ASN G 217 49.98 25.69 2.21
C ASN G 217 49.97 24.16 2.04
N ALA G 218 50.07 23.44 3.17
CA ALA G 218 50.01 21.96 3.26
C ALA G 218 48.54 21.53 3.41
N MET G 219 48.27 20.27 3.06
CA MET G 219 46.94 19.61 3.20
C MET G 219 46.75 19.21 4.67
N VAL G 220 45.64 19.64 5.28
CA VAL G 220 45.13 19.15 6.60
C VAL G 220 44.03 18.13 6.31
N ARG G 221 44.10 16.96 6.96
CA ARG G 221 43.17 15.82 6.78
C ARG G 221 42.34 15.63 8.06
N PRO G 222 41.22 16.35 8.23
CA PRO G 222 40.31 16.12 9.35
C PRO G 222 39.36 14.93 9.09
N SER G 223 38.44 14.67 10.03
CA SER G 223 37.46 13.56 9.98
C SER G 223 36.34 13.89 8.97
N GLN G 224 35.89 12.89 8.22
CA GLN G 224 34.85 13.00 7.15
C GLN G 224 33.55 12.38 7.64
N VAL G 225 32.42 13.06 7.42
CA VAL G 225 31.07 12.64 7.90
C VAL G 225 30.55 11.52 6.98
N PHE G 226 29.54 10.76 7.43
CA PHE G 226 29.05 9.50 6.81
C PHE G 226 28.50 9.79 5.39
N THR G 227 27.27 10.30 5.29
CA THR G 227 26.51 10.47 4.02
C THR G 227 26.38 9.12 3.30
N GLU G 228 25.33 8.35 3.63
CA GLU G 228 25.03 7.02 3.01
C GLU G 228 24.80 7.21 1.51
N LYS G 229 25.39 6.34 0.68
CA LYS G 229 25.34 6.39 -0.80
C LYS G 229 24.23 5.46 -1.30
N SER G 234 30.88 13.22 -2.09
CA SER G 234 32.12 12.62 -1.55
C SER G 234 32.99 13.71 -0.90
N ARG G 235 33.52 13.43 0.30
CA ARG G 235 34.46 14.30 1.07
C ARG G 235 33.74 15.58 1.51
N VAL G 236 32.80 15.42 2.45
CA VAL G 236 32.23 16.49 3.32
C VAL G 236 32.65 16.18 4.76
N PHE G 237 33.25 17.17 5.46
CA PHE G 237 33.92 16.99 6.77
C PHE G 237 32.91 17.10 7.92
N GLN G 238 33.34 16.67 9.11
CA GLN G 238 32.67 16.91 10.42
C GLN G 238 33.17 18.24 10.98
N SER G 239 32.25 19.18 11.25
CA SER G 239 32.59 20.57 11.68
C SER G 239 31.71 21.01 12.86
N THR G 240 32.29 21.77 13.79
CA THR G 240 31.58 22.52 14.87
C THR G 240 31.89 24.02 14.73
N THR G 241 31.08 24.85 15.38
CA THR G 241 31.11 26.34 15.31
C THR G 241 31.93 26.89 16.48
N ILE G 242 33.11 27.45 16.21
CA ILE G 242 33.99 28.16 17.20
C ILE G 242 34.02 29.65 16.83
N ASP G 243 33.67 30.52 17.78
CA ASP G 243 33.67 32.00 17.63
C ASP G 243 32.77 32.41 16.45
N GLY G 244 31.63 31.72 16.28
CA GLY G 244 30.60 32.04 15.29
C GLY G 244 30.85 31.43 13.91
N GLU G 245 31.99 30.78 13.67
CA GLU G 245 32.38 30.23 12.34
C GLU G 245 32.78 28.75 12.47
N ARG G 246 32.55 27.98 11.42
CA ARG G 246 32.69 26.49 11.40
C ARG G 246 34.18 26.13 11.29
N SER G 247 34.57 25.01 11.90
CA SER G 247 35.96 24.46 11.90
C SER G 247 35.92 22.94 11.84
N PRO G 248 36.84 22.27 11.10
CA PRO G 248 36.89 20.81 11.06
C PRO G 248 37.44 20.28 12.39
N ILE G 249 37.09 19.04 12.76
CA ILE G 249 36.98 18.61 14.19
C ILE G 249 37.78 17.33 14.50
N LEU G 250 38.06 16.46 13.53
CA LEU G 250 38.84 15.19 13.68
C LEU G 250 38.16 14.26 14.68
N GLY G 251 36.81 14.23 14.69
CA GLY G 251 35.97 13.27 15.42
C GLY G 251 36.17 13.26 16.93
N ALA G 252 35.40 12.41 17.62
CA ALA G 252 35.53 12.05 19.06
C ALA G 252 35.80 10.55 19.20
N PHE G 253 35.05 9.72 18.47
CA PHE G 253 35.17 8.25 18.43
C PHE G 253 36.30 7.83 17.47
N LYS G 254 36.85 8.77 16.69
CA LYS G 254 38.03 8.57 15.80
C LYS G 254 39.31 8.74 16.62
N THR G 255 39.39 9.82 17.43
CA THR G 255 40.56 10.18 18.27
C THR G 255 40.52 9.39 19.60
N GLY G 256 39.49 8.58 19.84
CA GLY G 256 39.45 7.53 20.87
C GLY G 256 39.90 6.19 20.32
N ALA G 257 39.50 5.89 19.08
CA ALA G 257 39.89 4.69 18.30
C ALA G 257 41.36 4.79 17.83
N ALA G 258 41.98 5.98 17.94
CA ALA G 258 43.40 6.24 17.57
C ALA G 258 44.33 5.90 18.75
N ILE G 259 43.96 6.30 19.98
CA ILE G 259 44.78 6.09 21.21
C ILE G 259 44.51 4.70 21.78
N ALA G 260 43.61 3.92 21.16
CA ALA G 260 43.35 2.50 21.47
C ALA G 260 43.67 1.61 20.26
N THR G 261 44.64 2.02 19.42
CA THR G 261 45.29 1.16 18.38
C THR G 261 46.45 0.43 19.06
N ILE G 262 46.11 -0.54 19.92
CA ILE G 262 47.01 -1.14 20.97
C ILE G 262 47.18 -2.65 20.71
N ASP G 263 46.15 -3.34 20.22
CA ASP G 263 46.10 -4.83 20.08
C ASP G 263 47.14 -5.30 19.06
N ASP G 264 48.20 -5.97 19.53
CA ASP G 264 49.19 -6.69 18.68
C ASP G 264 49.52 -8.06 19.29
N TRP G 265 48.58 -8.65 20.05
CA TRP G 265 48.71 -10.00 20.69
C TRP G 265 47.80 -10.99 19.95
N TYR G 266 47.72 -10.88 18.63
CA TYR G 266 46.80 -11.66 17.73
C TYR G 266 47.67 -12.62 16.92
N PRO G 267 47.15 -13.80 16.53
CA PRO G 267 47.92 -15.04 16.44
C PRO G 267 49.45 -14.96 16.47
N GLU G 268 50.07 -14.22 15.54
CA GLU G 268 51.55 -13.98 15.48
C GLU G 268 51.84 -12.52 15.85
N ALA G 269 51.66 -11.58 14.90
CA ALA G 269 51.89 -10.12 15.01
C ALA G 269 52.39 -9.58 13.65
N THR G 270 51.79 -8.48 13.18
CA THR G 270 52.29 -7.61 12.09
C THR G 270 52.25 -6.13 12.53
N GLU G 271 51.08 -5.65 12.95
CA GLU G 271 50.80 -4.21 13.24
C GLU G 271 49.85 -4.09 14.43
N PRO G 272 49.90 -2.99 15.22
CA PRO G 272 48.88 -2.74 16.25
C PRO G 272 47.51 -2.42 15.64
N LEU G 273 46.48 -3.18 16.06
CA LEU G 273 45.06 -3.03 15.62
C LEU G 273 44.26 -2.25 16.68
N ARG G 274 43.08 -1.78 16.29
CA ARG G 274 42.00 -1.31 17.20
C ARG G 274 41.53 -2.49 18.05
N VAL G 275 41.39 -2.28 19.37
CA VAL G 275 40.86 -3.32 20.31
C VAL G 275 39.35 -3.45 20.11
N GLY G 276 38.94 -4.24 19.10
CA GLY G 276 37.57 -4.77 18.93
C GLY G 276 37.46 -6.13 19.57
N ARG G 277 36.31 -6.80 19.43
CA ARG G 277 36.11 -8.21 19.86
C ARG G 277 36.76 -9.13 18.83
N PHE G 278 36.54 -8.87 17.53
CA PHE G 278 37.08 -9.67 16.40
C PHE G 278 38.21 -8.90 15.70
N GLY G 279 39.13 -8.30 16.48
CA GLY G 279 40.34 -7.57 16.01
C GLY G 279 40.24 -7.12 14.56
N VAL G 280 39.27 -6.27 14.24
CA VAL G 280 38.88 -5.91 12.84
C VAL G 280 39.88 -4.88 12.30
N HIS G 281 40.42 -5.13 11.11
CA HIS G 281 41.23 -4.18 10.30
C HIS G 281 40.28 -3.38 9.39
N ARG G 282 40.59 -2.11 9.13
CA ARG G 282 39.70 -1.17 8.39
C ARG G 282 40.15 -1.04 6.94
N GLU G 283 41.32 -0.42 6.69
CA GLU G 283 41.83 -0.08 5.33
C GLU G 283 41.95 -1.35 4.48
N ASP G 284 42.32 -2.48 5.09
CA ASP G 284 42.16 -3.84 4.55
C ASP G 284 40.90 -4.44 5.18
N VAL G 285 40.08 -5.13 4.39
CA VAL G 285 38.66 -5.47 4.75
C VAL G 285 38.58 -6.95 5.17
N THR G 286 39.47 -7.34 6.09
CA THR G 286 39.47 -8.64 6.82
C THR G 286 39.54 -8.35 8.33
N CYS G 287 39.20 -9.35 9.14
CA CYS G 287 39.25 -9.30 10.63
C CYS G 287 40.08 -10.48 11.15
N TYR G 288 41.26 -10.19 11.71
CA TYR G 288 42.07 -11.16 12.49
C TYR G 288 41.37 -11.35 13.85
N ARG G 289 41.64 -12.47 14.52
CA ARG G 289 40.87 -12.94 15.71
C ARG G 289 39.44 -13.25 15.26
N HIS G 290 39.27 -14.25 14.40
CA HIS G 290 37.94 -14.77 13.97
C HIS G 290 37.33 -15.54 15.15
N PRO G 291 35.99 -15.68 15.25
CA PRO G 291 35.39 -16.65 16.16
C PRO G 291 35.85 -18.12 15.96
N SER G 292 36.38 -18.46 14.78
CA SER G 292 36.87 -19.82 14.41
C SER G 292 38.24 -20.09 15.04
N THR G 293 39.18 -19.14 14.98
CA THR G 293 40.59 -19.29 15.43
C THR G 293 40.66 -19.44 16.96
N GLY G 294 39.63 -19.01 17.69
CA GLY G 294 39.53 -19.16 19.17
C GLY G 294 40.46 -18.20 19.89
N LYS G 295 40.60 -16.97 19.35
CA LYS G 295 41.43 -15.88 19.95
C LYS G 295 40.68 -14.54 19.77
N ASP G 296 39.36 -14.54 19.97
CA ASP G 296 38.49 -13.34 19.96
C ASP G 296 37.76 -13.24 21.31
N PHE G 297 37.35 -12.03 21.70
CA PHE G 297 36.68 -11.75 23.00
C PHE G 297 35.27 -12.34 22.97
N PHE G 298 35.18 -13.63 23.30
CA PHE G 298 33.95 -14.41 23.63
C PHE G 298 34.33 -15.84 24.04
N SER G 299 35.34 -16.44 23.38
CA SER G 299 35.97 -17.73 23.78
C SER G 299 37.01 -17.51 24.88
N ILE G 300 37.76 -16.40 24.84
CA ILE G 300 38.80 -16.05 25.85
C ILE G 300 38.09 -15.63 27.15
N LEU G 301 36.97 -14.92 27.03
CA LEU G 301 36.09 -14.47 28.15
C LEU G 301 35.57 -15.69 28.93
N GLN G 302 34.90 -16.62 28.23
CA GLN G 302 34.13 -17.74 28.83
C GLN G 302 35.05 -18.73 29.56
N GLN G 303 36.37 -18.69 29.33
CA GLN G 303 37.39 -19.50 30.05
C GLN G 303 37.88 -18.76 31.32
N ALA G 304 37.30 -17.61 31.68
CA ALA G 304 37.72 -16.77 32.84
C ALA G 304 37.97 -17.63 34.09
N GLU G 305 37.04 -18.54 34.41
CA GLU G 305 37.09 -19.44 35.60
C GLU G 305 38.38 -20.28 35.58
N HIS G 306 38.86 -20.67 34.39
CA HIS G 306 40.20 -21.29 34.19
C HIS G 306 41.30 -20.25 34.43
N TYR G 307 41.17 -19.05 33.87
CA TYR G 307 42.18 -17.95 33.99
C TYR G 307 42.33 -17.49 35.44
N ILE G 308 41.34 -17.71 36.30
CA ILE G 308 41.45 -17.46 37.78
C ILE G 308 42.37 -18.53 38.39
N GLU G 309 42.38 -19.75 37.84
CA GLU G 309 43.25 -20.88 38.30
C GLU G 309 44.73 -20.50 38.14
N VAL G 310 45.15 -20.16 36.91
CA VAL G 310 46.59 -20.02 36.53
C VAL G 310 47.20 -18.76 37.16
N LEU G 311 46.39 -17.79 37.58
CA LEU G 311 46.84 -16.57 38.32
C LEU G 311 46.95 -16.85 39.83
N SER G 312 46.38 -17.96 40.33
CA SER G 312 46.36 -18.34 41.76
C SER G 312 47.77 -18.74 42.22
N ALA G 313 48.46 -19.57 41.43
CA ALA G 313 49.83 -20.08 41.69
C ALA G 313 50.78 -19.65 40.55
N ASN G 314 52.07 -19.55 40.85
CA ASN G 314 53.14 -19.15 39.88
C ASN G 314 53.47 -20.35 38.99
N LYS G 315 53.82 -20.13 37.71
CA LYS G 315 53.91 -18.82 37.05
C LYS G 315 53.19 -18.90 35.70
N THR G 316 52.61 -17.78 35.26
CA THR G 316 51.83 -17.62 34.01
C THR G 316 52.78 -17.70 32.80
N PRO G 317 52.54 -18.57 31.80
CA PRO G 317 53.31 -18.52 30.55
C PRO G 317 52.83 -17.35 29.69
N ALA G 318 53.73 -16.39 29.42
CA ALA G 318 53.42 -15.07 28.78
C ALA G 318 53.37 -15.21 27.26
N GLN G 319 52.62 -16.21 26.77
CA GLN G 319 52.36 -16.48 25.32
C GLN G 319 50.85 -16.72 25.11
N GLU G 320 50.17 -17.42 26.03
CA GLU G 320 48.71 -17.72 25.96
C GLU G 320 47.96 -17.15 27.19
N THR G 321 48.64 -16.67 28.23
CA THR G 321 48.01 -16.19 29.50
C THR G 321 48.07 -14.66 29.56
N ILE G 322 49.28 -14.08 29.69
CA ILE G 322 49.50 -12.61 29.83
C ILE G 322 49.00 -11.89 28.57
N ASN G 323 49.31 -12.44 27.38
CA ASN G 323 48.95 -11.86 26.06
C ASN G 323 47.41 -11.93 25.86
N ASP G 324 46.71 -12.84 26.52
CA ASP G 324 45.23 -12.97 26.48
C ASP G 324 44.58 -12.09 27.56
N MET G 325 45.16 -12.06 28.77
CA MET G 325 44.65 -11.21 29.90
C MET G 325 44.80 -9.72 29.55
N HIS G 326 45.87 -9.35 28.83
CA HIS G 326 46.06 -7.99 28.27
C HIS G 326 44.88 -7.63 27.36
N PHE G 327 44.58 -8.49 26.39
CA PHE G 327 43.46 -8.36 25.42
C PHE G 327 42.11 -8.29 26.17
N LEU G 328 41.89 -9.20 27.12
CA LEU G 328 40.63 -9.30 27.91
C LEU G 328 40.38 -7.96 28.63
N MET G 329 41.38 -7.44 29.34
CA MET G 329 41.31 -6.14 30.08
C MET G 329 41.21 -4.97 29.10
N ALA G 330 41.96 -5.01 28.00
CA ALA G 330 41.92 -3.98 26.93
C ALA G 330 40.54 -3.92 26.28
N ASN G 331 39.81 -5.05 26.25
CA ASN G 331 38.44 -5.16 25.69
C ASN G 331 37.40 -4.75 26.75
N LEU G 332 37.68 -4.96 28.05
CA LEU G 332 36.82 -4.49 29.18
C LEU G 332 36.80 -2.94 29.21
N ILE G 333 37.91 -2.29 28.87
CA ILE G 333 38.05 -0.80 28.87
C ILE G 333 37.28 -0.21 27.67
N LYS G 334 37.03 -1.02 26.63
CA LYS G 334 36.14 -0.70 25.47
C LYS G 334 34.73 -1.25 25.73
N GLY G 335 34.41 -1.64 26.96
CA GLY G 335 33.35 -2.60 27.30
C GLY G 335 31.94 -2.11 26.97
N GLY G 336 30.98 -3.04 26.95
CA GLY G 336 29.55 -2.77 26.65
C GLY G 336 29.23 -3.04 25.19
N MET G 337 28.37 -4.02 24.86
CA MET G 337 27.73 -4.96 25.77
C MET G 337 28.00 -6.39 25.29
N PHE G 338 27.98 -7.35 26.22
CA PHE G 338 28.31 -8.79 26.02
C PHE G 338 27.09 -9.65 26.39
N GLN G 339 25.93 -9.34 25.81
CA GLN G 339 24.61 -9.87 26.26
C GLN G 339 24.46 -11.34 25.85
N HIS G 340 24.03 -11.62 24.61
CA HIS G 340 23.72 -12.99 24.11
C HIS G 340 23.71 -13.00 22.58
N LEU H 1 -59.69 -36.01 6.11
CA LEU H 1 -59.75 -35.98 7.61
C LEU H 1 -60.51 -34.72 8.10
N LYS H 2 -61.42 -34.18 7.27
CA LYS H 2 -62.14 -32.90 7.54
C LYS H 2 -63.64 -33.12 7.31
N GLU H 3 -64.20 -34.13 7.98
CA GLU H 3 -65.61 -34.59 7.81
C GLU H 3 -66.50 -33.90 8.87
N ILE H 4 -67.47 -34.62 9.45
CA ILE H 4 -68.71 -34.10 10.10
C ILE H 4 -68.41 -32.96 11.09
N ILE H 5 -67.30 -33.01 11.82
CA ILE H 5 -66.89 -31.92 12.77
C ILE H 5 -66.57 -30.64 11.98
N ALA H 6 -66.01 -30.78 10.77
CA ALA H 6 -65.75 -29.67 9.81
C ALA H 6 -66.77 -29.72 8.66
N SER H 7 -68.05 -30.00 8.98
CA SER H 7 -69.20 -29.88 8.05
C SER H 7 -69.90 -28.52 8.25
N ASN H 8 -70.07 -28.11 9.52
CA ASN H 8 -70.70 -26.82 9.90
C ASN H 8 -69.95 -26.21 11.09
N PRO H 9 -68.91 -25.38 10.84
CA PRO H 9 -68.56 -24.28 11.75
C PRO H 9 -69.39 -23.01 11.50
N ASP H 10 -70.63 -23.16 11.01
CA ASP H 10 -71.65 -22.07 10.86
C ASP H 10 -71.15 -21.05 9.84
N ASP H 11 -70.71 -21.51 8.66
CA ASP H 11 -69.89 -20.73 7.69
C ASP H 11 -70.66 -20.54 6.37
N LEU H 12 -70.67 -21.55 5.49
CA LEU H 12 -70.92 -21.42 4.04
C LEU H 12 -70.89 -22.82 3.39
N THR H 13 -71.49 -22.95 2.19
CA THR H 13 -71.68 -24.24 1.47
C THR H 13 -70.65 -24.40 0.33
N THR H 14 -69.52 -23.69 0.37
CA THR H 14 -68.49 -23.67 -0.70
C THR H 14 -67.20 -24.39 -0.25
N GLU H 15 -66.92 -24.45 1.06
CA GLU H 15 -65.76 -25.19 1.62
C GLU H 15 -65.86 -26.68 1.22
N LEU H 16 -67.07 -27.25 1.37
CA LEU H 16 -67.41 -28.64 0.94
C LEU H 16 -67.19 -28.79 -0.58
N LYS H 17 -67.49 -27.76 -1.38
CA LYS H 17 -67.22 -27.74 -2.85
C LYS H 17 -65.70 -27.74 -3.09
N ARG H 18 -64.95 -26.88 -2.39
CA ARG H 18 -63.47 -26.76 -2.51
C ARG H 18 -62.80 -28.06 -2.07
N ALA H 19 -63.32 -28.73 -1.03
CA ALA H 19 -62.77 -29.98 -0.44
C ALA H 19 -62.89 -31.13 -1.44
N PHE H 20 -63.97 -31.18 -2.22
CA PHE H 20 -64.28 -32.28 -3.18
C PHE H 20 -63.55 -32.08 -4.52
N ARG H 21 -63.12 -30.85 -4.83
CA ARG H 21 -62.31 -30.53 -6.05
C ARG H 21 -60.85 -30.95 -5.80
N PRO H 22 -60.12 -31.41 -6.85
CA PRO H 22 -58.75 -31.91 -6.68
C PRO H 22 -57.68 -30.83 -6.45
N LEU H 23 -57.82 -30.06 -5.36
CA LEU H 23 -56.74 -29.22 -4.77
C LEU H 23 -56.71 -29.33 -3.23
N THR H 24 -57.66 -30.06 -2.61
CA THR H 24 -57.79 -30.19 -1.13
C THR H 24 -58.00 -31.66 -0.80
N PRO H 25 -57.15 -32.28 0.07
CA PRO H 25 -57.06 -33.73 0.15
C PRO H 25 -58.24 -34.45 0.84
N HIS H 26 -59.09 -35.07 0.02
CA HIS H 26 -59.85 -36.32 0.29
C HIS H 26 -60.52 -36.28 1.67
N ILE H 27 -61.81 -35.88 1.71
CA ILE H 27 -62.58 -35.71 2.98
C ILE H 27 -63.36 -37.01 3.26
N ALA H 28 -62.60 -38.04 3.64
CA ALA H 28 -62.96 -39.16 4.56
C ALA H 28 -64.47 -39.22 4.86
N ILE H 29 -65.22 -40.00 4.06
CA ILE H 29 -66.65 -40.37 4.33
C ILE H 29 -66.68 -41.84 4.76
N ASP H 30 -66.30 -42.12 6.02
CA ASP H 30 -66.06 -43.49 6.55
C ASP H 30 -67.40 -44.22 6.72
N GLY H 31 -68.35 -43.62 7.42
CA GLY H 31 -69.72 -44.14 7.66
C GLY H 31 -70.79 -43.25 7.08
N ASN H 32 -70.55 -41.93 7.00
CA ASN H 32 -71.49 -40.90 6.50
C ASN H 32 -71.43 -40.86 4.97
N GLU H 33 -72.06 -41.84 4.30
CA GLU H 33 -72.22 -41.90 2.82
C GLU H 33 -73.52 -41.19 2.41
N ILE H 34 -74.59 -41.35 3.20
CA ILE H 34 -75.99 -40.94 2.87
C ILE H 34 -76.07 -39.42 2.65
N ASP H 35 -75.49 -38.62 3.55
CA ASP H 35 -75.61 -37.12 3.54
C ASP H 35 -74.67 -36.53 2.48
N ALA H 36 -73.51 -37.15 2.24
CA ALA H 36 -72.44 -36.66 1.33
C ALA H 36 -72.93 -36.66 -0.12
N LEU H 37 -73.54 -37.77 -0.57
CA LEU H 37 -74.02 -37.95 -1.97
C LEU H 37 -75.10 -36.91 -2.32
N THR H 38 -75.89 -36.46 -1.34
CA THR H 38 -77.04 -35.52 -1.54
C THR H 38 -76.53 -34.09 -1.79
N ILE H 39 -75.36 -33.71 -1.27
CA ILE H 39 -74.68 -32.44 -1.64
C ILE H 39 -73.74 -32.70 -2.83
N LEU H 40 -73.24 -33.95 -2.99
CA LEU H 40 -72.43 -34.37 -4.17
C LEU H 40 -73.26 -34.22 -5.45
N VAL H 41 -74.57 -34.54 -5.40
CA VAL H 41 -75.52 -34.38 -6.55
C VAL H 41 -75.98 -32.92 -6.65
N ASN H 42 -75.94 -32.15 -5.55
CA ASN H 42 -76.34 -30.72 -5.48
C ASN H 42 -75.19 -29.79 -5.90
N LEU H 43 -73.98 -30.31 -6.14
CA LEU H 43 -72.84 -29.53 -6.71
C LEU H 43 -72.95 -29.44 -8.25
N THR H 44 -73.83 -30.23 -8.87
CA THR H 44 -73.80 -30.56 -10.33
C THR H 44 -75.08 -30.08 -11.03
N ASP H 45 -75.49 -28.83 -10.83
CA ASP H 45 -76.66 -28.21 -11.49
C ASP H 45 -76.26 -26.86 -12.09
N LYS H 46 -75.92 -25.89 -11.23
CA LYS H 46 -75.59 -24.47 -11.57
C LYS H 46 -76.78 -23.84 -12.30
N ALA H 47 -82.19 -28.79 -2.40
CA ALA H 47 -82.01 -29.15 -0.97
C ALA H 47 -83.00 -30.27 -0.58
N LYS H 48 -82.62 -31.52 -0.88
CA LYS H 48 -83.36 -32.78 -0.53
C LYS H 48 -84.63 -32.94 -1.38
N CYS H 49 -84.87 -32.06 -2.36
CA CYS H 49 -85.97 -32.16 -3.36
C CYS H 49 -85.41 -32.38 -4.78
N LYS H 50 -84.10 -32.19 -4.98
CA LYS H 50 -83.39 -32.48 -6.26
C LYS H 50 -83.26 -33.99 -6.45
N GLN H 51 -83.36 -34.76 -5.36
CA GLN H 51 -83.32 -36.26 -5.35
C GLN H 51 -84.40 -36.84 -6.26
N LYS H 52 -85.50 -36.11 -6.50
CA LYS H 52 -86.61 -36.49 -7.42
C LYS H 52 -86.31 -36.01 -8.84
N LEU H 53 -85.44 -35.01 -9.02
CA LEU H 53 -84.88 -34.58 -10.33
C LEU H 53 -83.61 -35.36 -10.67
N ARG H 54 -83.12 -36.21 -9.76
CA ARG H 54 -81.87 -37.02 -9.90
C ARG H 54 -82.09 -38.13 -10.93
N ASP H 55 -83.10 -38.98 -10.71
CA ASP H 55 -83.30 -40.28 -11.42
C ASP H 55 -83.74 -40.08 -12.87
N GLU H 56 -84.11 -38.85 -13.29
CA GLU H 56 -84.62 -38.54 -14.65
C GLU H 56 -83.44 -38.44 -15.63
N LYS H 57 -83.73 -38.21 -16.91
CA LYS H 57 -82.72 -37.98 -17.99
C LYS H 57 -81.93 -36.71 -17.65
N TRP H 58 -80.62 -36.75 -17.92
CA TRP H 58 -79.51 -36.04 -17.20
C TRP H 58 -78.43 -37.08 -16.88
N TRP H 59 -78.83 -38.35 -16.75
CA TRP H 59 -77.95 -39.53 -16.55
C TRP H 59 -76.90 -39.64 -17.67
N ALA H 60 -77.33 -39.93 -18.91
CA ALA H 60 -76.50 -40.31 -20.08
C ALA H 60 -75.30 -39.36 -20.22
N SER H 61 -75.55 -38.05 -20.17
CA SER H 61 -74.52 -36.97 -20.29
C SER H 61 -73.56 -37.00 -19.09
N CYS H 62 -74.09 -37.23 -17.87
CA CYS H 62 -73.32 -37.31 -16.59
C CYS H 62 -72.41 -38.54 -16.58
N ILE H 63 -72.76 -39.61 -17.31
CA ILE H 63 -71.94 -40.85 -17.46
C ILE H 63 -70.76 -40.57 -18.42
N ASN H 64 -70.87 -39.57 -19.29
CA ASN H 64 -69.93 -39.29 -20.42
C ASN H 64 -68.73 -38.44 -19.98
N CYS H 65 -68.43 -38.36 -18.68
CA CYS H 65 -67.31 -37.56 -18.11
C CYS H 65 -66.25 -38.44 -17.41
N VAL H 66 -66.52 -39.74 -17.23
CA VAL H 66 -65.57 -40.72 -16.59
C VAL H 66 -64.59 -41.24 -17.66
N ASN H 67 -65.02 -41.31 -18.92
CA ASN H 67 -64.18 -41.73 -20.08
C ASN H 67 -63.05 -40.72 -20.31
N TYR H 68 -63.32 -39.42 -20.10
CA TYR H 68 -62.32 -38.31 -20.22
C TYR H 68 -61.85 -37.88 -18.82
N ARG H 69 -61.19 -38.78 -18.09
CA ARG H 69 -60.76 -38.55 -16.68
C ARG H 69 -59.41 -37.80 -16.65
N GLN H 70 -58.55 -38.00 -17.66
CA GLN H 70 -57.32 -37.19 -17.92
C GLN H 70 -56.34 -37.33 -16.75
N SER H 71 -55.44 -38.32 -16.81
CA SER H 71 -54.29 -38.47 -15.89
C SER H 71 -53.31 -37.31 -16.10
N HIS H 72 -53.00 -37.02 -17.36
CA HIS H 72 -52.13 -35.90 -17.82
C HIS H 72 -52.98 -34.91 -18.64
N ASN H 73 -52.64 -33.62 -18.57
CA ASN H 73 -53.41 -32.49 -19.18
C ASN H 73 -52.76 -32.11 -20.51
N PRO H 74 -53.41 -32.38 -21.68
CA PRO H 74 -52.92 -31.93 -22.98
C PRO H 74 -53.35 -30.49 -23.34
N LYS H 75 -54.45 -30.00 -22.75
CA LYS H 75 -55.00 -28.63 -22.97
C LYS H 75 -54.28 -27.61 -22.10
N PHE H 76 -53.21 -28.02 -21.39
CA PHE H 76 -52.21 -27.12 -20.75
C PHE H 76 -50.96 -27.08 -21.62
N PRO H 77 -50.33 -25.91 -21.89
CA PRO H 77 -50.93 -24.60 -21.64
C PRO H 77 -51.84 -24.11 -22.79
N ASP H 78 -51.64 -24.61 -24.01
CA ASP H 78 -52.46 -24.29 -25.21
C ASP H 78 -53.86 -24.90 -25.03
N ILE H 79 -54.90 -24.07 -25.13
CA ILE H 79 -56.27 -24.32 -24.58
C ILE H 79 -56.96 -25.47 -25.33
N ARG H 80 -56.68 -25.65 -26.63
CA ARG H 80 -57.35 -26.67 -27.50
C ARG H 80 -56.28 -27.68 -27.93
N SER H 81 -56.53 -28.99 -27.68
CA SER H 81 -55.53 -30.08 -27.86
C SER H 81 -56.13 -31.44 -28.27
N GLU H 82 -57.43 -31.70 -28.04
CA GLU H 82 -58.13 -32.98 -28.35
C GLU H 82 -57.49 -34.11 -27.52
N GLY H 83 -58.01 -34.35 -26.31
CA GLY H 83 -57.23 -34.89 -25.18
C GLY H 83 -57.45 -36.37 -24.90
N VAL H 84 -58.19 -36.65 -23.81
CA VAL H 84 -58.01 -37.74 -22.80
C VAL H 84 -56.72 -38.55 -23.00
N ILE H 85 -55.83 -38.48 -22.00
CA ILE H 85 -54.65 -39.39 -21.79
C ILE H 85 -54.77 -39.97 -20.37
N ARG H 86 -54.79 -41.29 -20.24
CA ARG H 86 -54.91 -42.03 -18.95
C ARG H 86 -53.92 -43.21 -18.93
N THR H 87 -52.77 -43.04 -18.25
CA THR H 87 -51.76 -44.09 -18.01
C THR H 87 -51.01 -43.79 -16.70
N GLN H 88 -50.18 -44.75 -16.27
CA GLN H 88 -49.13 -44.56 -15.23
C GLN H 88 -47.87 -43.98 -15.90
N ALA H 89 -46.79 -43.78 -15.14
CA ALA H 89 -45.50 -43.23 -15.61
C ALA H 89 -44.75 -44.23 -16.50
N LEU H 90 -45.13 -45.52 -16.47
CA LEU H 90 -44.51 -46.64 -17.23
C LEU H 90 -43.08 -46.86 -16.71
N GLY H 91 -42.96 -47.62 -15.62
CA GLY H 91 -41.69 -48.03 -14.99
C GLY H 91 -41.35 -47.18 -13.77
N GLU H 92 -40.07 -47.18 -13.38
CA GLU H 92 -39.53 -46.49 -12.17
C GLU H 92 -38.24 -45.74 -12.53
N LEU H 93 -37.80 -44.83 -11.65
CA LEU H 93 -36.56 -44.00 -11.80
C LEU H 93 -35.57 -44.34 -10.69
N PRO H 94 -34.34 -43.78 -10.74
CA PRO H 94 -33.55 -43.54 -9.53
C PRO H 94 -34.21 -42.49 -8.62
N SER H 95 -33.75 -42.41 -7.36
CA SER H 95 -34.38 -41.64 -6.25
C SER H 95 -34.31 -40.13 -6.51
N PHE H 96 -33.17 -39.63 -7.01
CA PHE H 96 -32.79 -38.18 -7.02
C PHE H 96 -33.51 -37.42 -8.15
N LEU H 97 -34.05 -38.12 -9.16
CA LEU H 97 -34.93 -37.51 -10.19
C LEU H 97 -36.37 -37.52 -9.69
N LEU H 98 -37.07 -36.37 -9.72
CA LEU H 98 -38.50 -36.24 -9.35
C LEU H 98 -39.37 -36.45 -10.60
N SER H 99 -40.43 -37.25 -10.48
CA SER H 99 -41.45 -37.51 -11.52
C SER H 99 -42.80 -37.84 -10.85
N SER H 100 -43.83 -38.15 -11.64
CA SER H 100 -45.18 -38.56 -11.14
C SER H 100 -45.18 -40.05 -10.73
N SER H 101 -44.07 -40.76 -10.97
CA SER H 101 -43.82 -42.15 -10.46
C SER H 101 -43.52 -42.13 -8.95
N LYS H 102 -43.15 -40.97 -8.39
CA LYS H 102 -42.77 -40.82 -6.96
C LYS H 102 -43.98 -40.36 -6.11
N ILE H 103 -45.20 -40.50 -6.63
CA ILE H 103 -46.46 -40.44 -5.82
C ILE H 103 -47.55 -41.22 -6.56
N PRO H 104 -48.34 -42.07 -5.85
CA PRO H 104 -49.57 -42.64 -6.42
C PRO H 104 -50.52 -41.58 -7.00
N PRO H 105 -51.22 -41.88 -8.12
CA PRO H 105 -52.14 -40.91 -8.74
C PRO H 105 -53.50 -40.85 -8.03
N TYR H 106 -53.73 -39.80 -7.24
CA TYR H 106 -55.00 -39.54 -6.52
C TYR H 106 -55.39 -38.05 -6.58
N HIS H 107 -55.20 -37.43 -7.75
CA HIS H 107 -55.64 -36.04 -8.06
C HIS H 107 -55.93 -35.90 -9.55
N TRP H 108 -56.69 -36.83 -10.12
CA TRP H 108 -57.16 -36.81 -11.54
C TRP H 108 -58.46 -36.01 -11.64
N SER H 109 -58.70 -35.37 -12.79
CA SER H 109 -59.82 -34.43 -13.03
C SER H 109 -60.17 -34.36 -14.52
N TYR H 110 -61.47 -34.28 -14.83
CA TYR H 110 -62.07 -34.28 -16.19
C TYR H 110 -61.64 -33.01 -16.95
N SER H 111 -61.28 -33.17 -18.23
CA SER H 111 -60.92 -32.09 -19.19
C SER H 111 -61.35 -32.48 -20.60
N HIS H 112 -62.46 -31.92 -21.09
CA HIS H 112 -62.96 -32.10 -22.48
C HIS H 112 -63.52 -30.78 -23.03
N ASP H 113 -64.52 -30.18 -22.37
CA ASP H 113 -65.18 -28.93 -22.83
C ASP H 113 -65.74 -28.15 -21.63
N SER H 114 -66.22 -26.93 -21.88
CA SER H 114 -66.61 -25.91 -20.85
C SER H 114 -68.12 -25.97 -20.55
N LYS H 115 -68.90 -26.80 -21.27
CA LYS H 115 -70.36 -26.94 -21.10
C LYS H 115 -70.68 -28.00 -20.03
N TYR H 116 -69.93 -29.11 -20.01
CA TYR H 116 -70.14 -30.28 -19.10
C TYR H 116 -69.28 -30.15 -17.83
N VAL H 117 -68.59 -29.01 -17.62
CA VAL H 117 -67.48 -28.87 -16.64
C VAL H 117 -68.01 -28.94 -15.19
N ASN H 118 -69.24 -28.46 -14.94
CA ASN H 118 -69.86 -28.45 -13.59
C ASN H 118 -70.68 -29.73 -13.37
N LYS H 119 -71.36 -30.23 -14.43
CA LYS H 119 -72.09 -31.53 -14.43
C LYS H 119 -71.11 -32.69 -14.26
N SER H 120 -69.84 -32.51 -14.65
CA SER H 120 -68.75 -33.53 -14.59
C SER H 120 -68.61 -34.15 -13.19
N ALA H 121 -68.80 -33.36 -12.13
CA ALA H 121 -68.68 -33.79 -10.71
C ALA H 121 -69.73 -34.86 -10.39
N PHE H 122 -69.64 -35.45 -9.18
CA PHE H 122 -70.56 -36.49 -8.62
C PHE H 122 -70.08 -37.90 -9.03
N LEU H 123 -69.35 -38.06 -10.15
CA LEU H 123 -68.92 -39.39 -10.66
C LEU H 123 -67.41 -39.46 -10.97
N THR H 124 -66.63 -38.40 -10.69
CA THR H 124 -65.14 -38.41 -10.84
C THR H 124 -64.47 -37.60 -9.73
N ASN H 125 -65.07 -37.57 -8.53
CA ASN H 125 -64.55 -36.85 -7.32
C ASN H 125 -64.15 -37.88 -6.26
N GLU H 126 -62.95 -37.71 -5.69
CA GLU H 126 -62.27 -38.70 -4.80
C GLU H 126 -62.51 -38.31 -3.34
N PHE H 127 -62.90 -39.28 -2.50
CA PHE H 127 -63.58 -39.06 -1.19
C PHE H 127 -62.87 -39.77 -0.02
N CYS H 128 -62.24 -40.92 -0.24
CA CYS H 128 -61.56 -41.78 0.78
C CYS H 128 -62.61 -42.40 1.70
N TRP H 129 -63.36 -43.40 1.20
CA TRP H 129 -64.43 -44.10 1.95
C TRP H 129 -63.81 -44.96 3.06
N ASP H 130 -62.94 -45.92 2.70
CA ASP H 130 -62.27 -46.85 3.64
C ASP H 130 -60.77 -46.90 3.35
N GLY H 131 -60.20 -45.80 2.84
CA GLY H 131 -58.92 -45.78 2.11
C GLY H 131 -59.16 -45.96 0.62
N GLU H 132 -58.25 -46.66 -0.07
CA GLU H 132 -58.24 -46.89 -1.55
C GLU H 132 -58.95 -45.71 -2.25
N ILE H 133 -58.33 -44.53 -2.19
CA ILE H 133 -58.98 -43.22 -2.43
C ILE H 133 -59.19 -43.05 -3.95
N SER H 134 -60.42 -43.29 -4.42
CA SER H 134 -60.85 -43.16 -5.83
C SER H 134 -62.32 -42.72 -5.90
N CYS H 135 -62.86 -42.53 -7.11
CA CYS H 135 -64.15 -41.84 -7.38
C CYS H 135 -65.30 -42.84 -7.56
N LEU H 136 -66.51 -42.32 -7.78
CA LEU H 136 -67.74 -43.12 -8.08
C LEU H 136 -67.70 -43.65 -9.53
N GLY H 137 -66.84 -43.11 -10.39
CA GLY H 137 -66.57 -43.65 -11.74
C GLY H 137 -65.93 -45.03 -11.67
N GLU H 138 -64.98 -45.22 -10.75
CA GLU H 138 -64.24 -46.49 -10.53
C GLU H 138 -65.11 -47.48 -9.76
N LEU H 139 -65.68 -47.05 -8.64
CA LEU H 139 -66.28 -47.93 -7.59
C LEU H 139 -67.68 -48.44 -8.00
N LEU H 140 -68.23 -48.04 -9.15
CA LEU H 140 -69.52 -48.56 -9.69
C LEU H 140 -69.27 -49.32 -11.00
N LYS H 141 -68.23 -50.17 -11.03
CA LYS H 141 -67.96 -51.16 -12.10
C LYS H 141 -67.95 -52.58 -11.48
N ASP H 142 -68.76 -52.78 -10.43
CA ASP H 142 -68.74 -54.01 -9.58
C ASP H 142 -70.17 -54.43 -9.23
N ALA H 143 -70.40 -55.73 -9.10
CA ALA H 143 -71.67 -56.36 -8.63
C ALA H 143 -71.63 -56.47 -7.11
N ASP H 144 -70.53 -56.98 -6.56
CA ASP H 144 -70.34 -57.24 -5.10
C ASP H 144 -69.36 -56.21 -4.52
N HIS H 145 -69.89 -55.05 -4.11
CA HIS H 145 -69.23 -54.05 -3.21
C HIS H 145 -70.31 -53.22 -2.52
N PRO H 146 -70.13 -52.85 -1.22
CA PRO H 146 -71.13 -52.08 -0.47
C PRO H 146 -71.23 -50.60 -0.89
N LEU H 147 -72.08 -49.83 -0.19
CA LEU H 147 -72.44 -48.39 -0.40
C LEU H 147 -73.17 -48.17 -1.74
N TRP H 148 -73.46 -49.24 -2.50
CA TRP H 148 -74.55 -49.29 -3.51
C TRP H 148 -75.91 -49.18 -2.80
N ASN H 149 -76.00 -49.76 -1.60
CA ASN H 149 -77.20 -49.74 -0.72
C ASN H 149 -77.65 -48.29 -0.50
N THR H 150 -76.70 -47.33 -0.45
CA THR H 150 -76.97 -45.87 -0.32
C THR H 150 -77.85 -45.39 -1.48
N LEU H 151 -77.73 -45.98 -2.68
CA LEU H 151 -78.54 -45.60 -3.88
C LEU H 151 -79.80 -46.46 -3.98
N LYS H 152 -79.71 -47.78 -3.74
CA LYS H 152 -80.87 -48.73 -3.86
C LYS H 152 -81.70 -48.77 -2.58
N LYS H 153 -81.39 -47.92 -1.58
CA LYS H 153 -82.26 -47.63 -0.41
C LYS H 153 -83.08 -46.35 -0.71
N LEU H 154 -82.46 -45.33 -1.32
CA LEU H 154 -83.16 -44.10 -1.79
C LEU H 154 -84.04 -44.46 -2.98
N GLY H 155 -85.36 -44.49 -2.77
CA GLY H 155 -86.35 -45.04 -3.73
C GLY H 155 -86.85 -43.99 -4.72
N CYS H 156 -86.26 -43.97 -5.92
CA CYS H 156 -86.77 -43.25 -7.12
C CYS H 156 -86.35 -43.99 -8.41
N SER H 157 -85.07 -44.35 -8.54
CA SER H 157 -84.52 -45.23 -9.60
C SER H 157 -84.51 -46.69 -9.11
N GLN H 158 -84.92 -47.63 -9.97
CA GLN H 158 -85.07 -49.09 -9.66
C GLN H 158 -84.06 -49.89 -10.50
N LYS H 159 -83.94 -51.21 -10.24
CA LYS H 159 -82.96 -52.12 -10.91
C LYS H 159 -83.41 -52.45 -12.35
N THR H 160 -83.86 -51.44 -13.10
CA THR H 160 -83.86 -51.38 -14.59
C THR H 160 -82.99 -50.19 -15.03
N CYS H 161 -82.91 -49.13 -14.22
CA CYS H 161 -82.00 -47.96 -14.39
C CYS H 161 -80.64 -48.21 -13.73
N LYS H 162 -80.59 -49.05 -12.68
CA LYS H 162 -79.33 -49.44 -11.99
C LYS H 162 -78.44 -50.21 -12.97
N ALA H 163 -78.99 -51.25 -13.60
CA ALA H 163 -78.36 -52.08 -14.64
C ALA H 163 -77.85 -51.19 -15.79
N MET H 164 -78.65 -50.19 -16.19
CA MET H 164 -78.29 -49.19 -17.24
C MET H 164 -77.10 -48.35 -16.76
N ALA H 165 -77.23 -47.72 -15.58
CA ALA H 165 -76.23 -46.82 -14.97
C ALA H 165 -74.92 -47.57 -14.69
N LYS H 166 -74.96 -48.90 -14.50
CA LYS H 166 -73.75 -49.75 -14.45
C LYS H 166 -73.24 -50.02 -15.88
N GLN H 167 -74.04 -50.71 -16.70
CA GLN H 167 -73.62 -51.38 -17.96
C GLN H 167 -73.16 -50.36 -19.01
N LEU H 168 -73.59 -49.09 -18.91
CA LEU H 168 -73.21 -47.99 -19.84
C LEU H 168 -71.78 -47.50 -19.55
N ALA H 169 -71.20 -47.85 -18.40
CA ALA H 169 -69.85 -47.42 -17.95
C ALA H 169 -69.06 -48.62 -17.39
N ASP H 170 -68.73 -49.58 -18.26
CA ASP H 170 -67.98 -50.82 -17.91
C ASP H 170 -66.63 -50.89 -18.65
N ILE H 171 -66.53 -50.35 -19.88
CA ILE H 171 -65.34 -50.46 -20.78
C ILE H 171 -64.70 -49.07 -20.92
N THR H 172 -63.57 -48.82 -20.25
CA THR H 172 -62.89 -47.50 -20.16
C THR H 172 -61.37 -47.64 -20.05
N LEU H 173 -60.86 -48.28 -18.99
CA LEU H 173 -59.45 -48.17 -18.52
C LEU H 173 -58.49 -48.88 -19.48
N THR H 174 -58.27 -48.31 -20.68
CA THR H 174 -57.25 -48.76 -21.67
C THR H 174 -56.74 -47.60 -22.54
N THR H 175 -57.12 -46.35 -22.24
CA THR H 175 -57.24 -45.26 -23.24
C THR H 175 -55.98 -44.37 -23.27
N ILE H 176 -55.35 -44.28 -24.45
CA ILE H 176 -54.72 -43.06 -25.01
C ILE H 176 -55.25 -42.90 -26.43
N ASN H 177 -55.99 -41.80 -26.70
CA ASN H 177 -56.51 -41.45 -28.05
C ASN H 177 -56.13 -40.00 -28.35
N VAL H 178 -54.93 -39.80 -28.91
CA VAL H 178 -54.42 -38.49 -29.41
C VAL H 178 -54.33 -38.55 -30.93
N THR H 179 -54.43 -37.38 -31.59
CA THR H 179 -54.22 -37.19 -33.05
C THR H 179 -53.22 -36.04 -33.23
N LEU H 180 -52.16 -36.27 -34.02
CA LEU H 180 -51.01 -35.33 -34.18
C LEU H 180 -51.15 -34.52 -35.47
N ALA H 181 -52.30 -34.62 -36.17
CA ALA H 181 -52.63 -33.84 -37.38
C ALA H 181 -54.14 -33.67 -37.49
N PRO H 182 -54.72 -32.44 -37.43
CA PRO H 182 -54.04 -31.22 -36.96
C PRO H 182 -54.36 -30.88 -35.50
N ASN H 183 -53.32 -30.63 -34.69
CA ASN H 183 -53.42 -30.42 -33.21
C ASN H 183 -52.31 -29.49 -32.74
N TYR H 184 -52.31 -29.17 -31.44
CA TYR H 184 -51.37 -28.22 -30.76
C TYR H 184 -50.55 -28.97 -29.70
N LEU H 185 -49.91 -30.08 -30.10
CA LEU H 185 -49.03 -30.91 -29.24
C LEU H 185 -47.56 -30.64 -29.61
N THR H 186 -46.75 -30.27 -28.62
CA THR H 186 -45.35 -29.76 -28.78
C THR H 186 -44.39 -30.95 -28.93
N GLN H 187 -44.08 -31.34 -30.17
CA GLN H 187 -43.23 -32.53 -30.49
C GLN H 187 -41.76 -32.11 -30.58
N ILE H 188 -40.90 -32.68 -29.73
CA ILE H 188 -39.42 -32.57 -29.81
C ILE H 188 -38.90 -33.88 -30.44
N SER H 189 -37.63 -33.91 -30.86
CA SER H 189 -36.96 -35.11 -31.44
C SER H 189 -35.59 -35.30 -30.77
N LEU H 190 -35.51 -36.21 -29.80
CA LEU H 190 -34.26 -36.49 -29.02
C LEU H 190 -33.60 -37.75 -29.56
N PRO H 191 -32.25 -37.80 -29.67
CA PRO H 191 -31.54 -39.00 -30.07
C PRO H 191 -31.64 -40.13 -29.03
N ASP H 192 -31.91 -41.36 -29.49
CA ASP H 192 -32.01 -42.59 -28.66
C ASP H 192 -30.72 -43.40 -28.81
N SER H 193 -30.27 -43.61 -30.05
CA SER H 193 -28.98 -44.27 -30.41
C SER H 193 -28.07 -43.25 -31.10
N ASP H 194 -26.93 -43.71 -31.64
CA ASP H 194 -25.95 -42.86 -32.39
C ASP H 194 -26.42 -42.66 -33.83
N THR H 195 -27.41 -43.43 -34.30
CA THR H 195 -27.92 -43.44 -35.70
C THR H 195 -29.25 -42.69 -35.80
N SER H 196 -30.25 -43.10 -35.01
CA SER H 196 -31.67 -42.67 -35.12
C SER H 196 -31.99 -41.57 -34.10
N TYR H 197 -33.16 -40.93 -34.25
CA TYR H 197 -33.80 -40.02 -33.28
C TYR H 197 -35.21 -40.51 -32.98
N ILE H 198 -35.68 -40.29 -31.76
CA ILE H 198 -37.09 -40.55 -31.31
C ILE H 198 -37.76 -39.19 -31.09
N SER H 199 -38.85 -38.94 -31.81
CA SER H 199 -39.74 -37.77 -31.63
C SER H 199 -40.74 -38.08 -30.50
N LEU H 200 -40.90 -37.15 -29.55
CA LEU H 200 -41.77 -37.31 -28.35
C LEU H 200 -42.45 -35.96 -28.05
N SER H 201 -43.71 -36.02 -27.60
CA SER H 201 -44.61 -34.86 -27.36
C SER H 201 -45.00 -34.82 -25.89
N PRO H 202 -44.25 -34.13 -25.00
CA PRO H 202 -44.55 -34.12 -23.57
C PRO H 202 -45.89 -33.45 -23.21
N VAL H 203 -46.47 -33.86 -22.09
CA VAL H 203 -47.79 -33.40 -21.55
C VAL H 203 -47.62 -33.02 -20.08
N ALA H 204 -48.61 -32.31 -19.52
CA ALA H 204 -48.62 -31.80 -18.13
C ALA H 204 -49.37 -32.79 -17.22
N SER H 205 -48.62 -33.59 -16.45
CA SER H 205 -49.16 -34.55 -15.44
C SER H 205 -49.86 -33.77 -14.32
N LEU H 206 -51.18 -33.69 -14.33
CA LEU H 206 -52.00 -32.85 -13.40
C LEU H 206 -52.14 -33.53 -12.03
N SER H 207 -51.49 -34.68 -11.81
CA SER H 207 -51.19 -35.26 -10.47
C SER H 207 -50.21 -34.36 -9.72
N MET H 208 -49.13 -33.93 -10.39
CA MET H 208 -47.98 -33.22 -9.78
C MET H 208 -48.27 -31.72 -9.62
N GLN H 209 -49.11 -31.14 -10.50
CA GLN H 209 -49.53 -29.71 -10.44
C GLN H 209 -50.18 -29.43 -9.08
N SER H 210 -51.18 -30.23 -8.71
CA SER H 210 -51.91 -30.16 -7.42
C SER H 210 -50.98 -30.45 -6.23
N HIS H 211 -50.07 -31.42 -6.39
CA HIS H 211 -49.02 -31.77 -5.39
C HIS H 211 -48.11 -30.55 -5.12
N PHE H 212 -47.69 -29.87 -6.18
CA PHE H 212 -46.86 -28.62 -6.10
C PHE H 212 -47.71 -27.45 -5.58
N HIS H 213 -49.02 -27.43 -5.89
CA HIS H 213 -49.96 -26.35 -5.49
C HIS H 213 -50.14 -26.34 -3.96
N GLN H 214 -50.42 -27.50 -3.36
CA GLN H 214 -50.79 -27.67 -1.93
C GLN H 214 -49.56 -27.46 -1.03
N ARG H 215 -48.45 -28.12 -1.35
CA ARG H 215 -47.18 -28.10 -0.56
C ARG H 215 -46.63 -26.68 -0.45
N LEU H 216 -46.88 -25.81 -1.45
CA LEU H 216 -46.30 -24.43 -1.52
C LEU H 216 -47.10 -23.46 -0.62
N GLN H 217 -47.71 -22.41 -1.19
CA GLN H 217 -47.73 -21.04 -0.59
C GLN H 217 -48.47 -21.00 0.75
N ASP H 218 -47.69 -21.05 1.83
CA ASP H 218 -47.80 -20.16 3.02
C ASP H 218 -46.50 -19.36 3.02
N GLU H 219 -46.14 -18.84 1.84
CA GLU H 219 -44.74 -18.61 1.38
C GLU H 219 -44.66 -17.39 0.46
N ASN H 220 -43.45 -16.87 0.23
CA ASN H 220 -43.14 -15.76 -0.72
C ASN H 220 -41.93 -16.09 -1.60
N ARG H 221 -40.84 -16.63 -1.02
CA ARG H 221 -39.52 -16.83 -1.68
C ARG H 221 -39.66 -17.77 -2.88
N HIS H 222 -39.89 -19.07 -2.64
CA HIS H 222 -39.86 -20.15 -3.66
C HIS H 222 -41.27 -20.39 -4.22
N SER H 223 -41.85 -19.37 -4.86
CA SER H 223 -43.20 -19.42 -5.49
C SER H 223 -43.24 -18.49 -6.72
N ALA H 224 -43.81 -18.99 -7.82
CA ALA H 224 -44.06 -18.24 -9.08
C ALA H 224 -45.47 -18.54 -9.59
N ILE H 225 -46.36 -17.53 -9.59
CA ILE H 225 -47.80 -17.64 -9.96
C ILE H 225 -47.96 -17.22 -11.43
N THR H 226 -48.64 -18.05 -12.24
CA THR H 226 -48.80 -17.90 -13.72
C THR H 226 -50.28 -18.09 -14.10
N ARG H 227 -50.99 -17.00 -14.41
CA ARG H 227 -52.43 -17.03 -14.81
C ARG H 227 -52.55 -17.50 -16.26
N PHE H 228 -53.77 -17.83 -16.71
CA PHE H 228 -54.06 -18.43 -18.05
C PHE H 228 -55.35 -17.89 -18.69
N SER H 229 -56.22 -17.18 -17.96
CA SER H 229 -57.27 -16.26 -18.50
C SER H 229 -58.54 -17.01 -18.92
N ARG H 230 -58.43 -18.22 -19.48
CA ARG H 230 -59.59 -19.12 -19.77
C ARG H 230 -59.45 -20.40 -18.93
N THR H 231 -60.31 -20.53 -17.91
CA THR H 231 -60.21 -21.53 -16.81
C THR H 231 -61.10 -22.74 -17.10
N THR H 232 -62.36 -22.52 -17.49
CA THR H 232 -63.39 -23.57 -17.71
C THR H 232 -63.03 -24.44 -18.92
N ASN H 233 -62.29 -23.89 -19.90
CA ASN H 233 -61.88 -24.60 -21.14
C ASN H 233 -60.74 -25.59 -20.87
N MET H 234 -59.95 -25.37 -19.82
CA MET H 234 -58.70 -26.14 -19.52
C MET H 234 -59.03 -27.42 -18.75
N GLY H 235 -60.07 -27.40 -17.90
CA GLY H 235 -60.53 -28.54 -17.09
C GLY H 235 -60.91 -28.11 -15.68
N VAL H 236 -61.22 -29.08 -14.81
CA VAL H 236 -61.61 -28.86 -13.38
C VAL H 236 -60.40 -28.34 -12.60
N THR H 237 -59.22 -28.95 -12.80
CA THR H 237 -57.95 -28.67 -12.08
C THR H 237 -57.53 -27.19 -12.22
N ALA H 238 -57.93 -26.51 -13.29
CA ALA H 238 -57.57 -25.09 -13.57
C ALA H 238 -58.65 -24.13 -13.04
N MET H 239 -59.93 -24.48 -13.16
CA MET H 239 -61.08 -23.58 -12.83
C MET H 239 -61.42 -23.60 -11.34
N THR H 240 -60.75 -24.46 -10.56
CA THR H 240 -60.96 -24.61 -9.09
C THR H 240 -60.32 -23.43 -8.34
N CYS H 241 -59.13 -23.00 -8.76
CA CYS H 241 -58.36 -21.85 -8.19
C CYS H 241 -58.08 -20.84 -9.31
N GLY H 242 -59.11 -20.54 -10.12
CA GLY H 242 -59.05 -19.82 -11.42
C GLY H 242 -57.80 -18.97 -11.60
N GLY H 243 -56.80 -19.50 -12.31
CA GLY H 243 -55.62 -18.76 -12.80
C GLY H 243 -54.33 -19.21 -12.15
N ALA H 244 -54.16 -18.92 -10.85
CA ALA H 244 -52.88 -18.82 -10.11
C ALA H 244 -51.83 -19.82 -10.62
N PHE H 245 -51.94 -21.11 -10.25
CA PHE H 245 -50.94 -22.18 -10.52
C PHE H 245 -49.54 -21.71 -10.12
N ARG H 246 -49.25 -21.74 -8.81
CA ARG H 246 -47.91 -21.46 -8.23
C ARG H 246 -46.97 -22.63 -8.57
N MET H 247 -45.73 -22.33 -8.98
CA MET H 247 -44.78 -23.34 -9.53
C MET H 247 -43.31 -22.93 -9.30
N LEU H 248 -42.83 -23.15 -8.07
CA LEU H 248 -41.41 -23.24 -7.64
C LEU H 248 -40.50 -22.24 -8.38
N LYS H 249 -40.46 -20.99 -7.88
CA LYS H 249 -39.42 -19.98 -8.22
C LYS H 249 -38.11 -20.43 -7.54
N SER H 250 -36.96 -20.12 -8.17
CA SER H 250 -35.60 -20.46 -7.67
C SER H 250 -35.35 -19.80 -6.30
N GLY H 251 -35.83 -18.56 -6.13
CA GLY H 251 -36.00 -17.89 -4.83
C GLY H 251 -35.22 -16.59 -4.74
N ALA H 252 -33.92 -16.64 -5.03
CA ALA H 252 -32.96 -15.52 -4.90
C ALA H 252 -32.34 -15.19 -6.26
N LYS H 253 -31.43 -14.21 -6.28
CA LYS H 253 -30.72 -13.72 -7.51
C LYS H 253 -29.59 -14.68 -7.85
N PHE H 254 -28.87 -14.41 -8.95
CA PHE H 254 -27.71 -15.20 -9.45
C PHE H 254 -26.40 -14.49 -9.07
N SER H 255 -25.88 -14.81 -7.87
CA SER H 255 -24.54 -14.37 -7.39
C SER H 255 -23.46 -15.15 -8.15
N SER H 256 -22.32 -14.50 -8.41
CA SER H 256 -21.19 -15.02 -9.23
C SER H 256 -19.90 -15.01 -8.42
N PRO H 257 -19.44 -16.15 -7.84
CA PRO H 257 -18.07 -16.26 -7.34
C PRO H 257 -17.06 -16.24 -8.48
N PRO H 258 -15.78 -15.88 -8.22
CA PRO H 258 -14.79 -15.74 -9.29
C PRO H 258 -14.28 -17.06 -9.91
N HIS H 259 -15.19 -18.02 -10.16
CA HIS H 259 -15.19 -18.91 -11.36
C HIS H 259 -14.24 -20.11 -11.18
N HIS H 260 -13.02 -19.90 -10.69
CA HIS H 260 -12.04 -20.99 -10.38
C HIS H 260 -10.98 -20.48 -9.39
N ARG H 261 -10.27 -21.43 -8.76
CA ARG H 261 -9.26 -21.18 -7.69
C ARG H 261 -7.91 -21.80 -8.13
N LEU H 262 -7.32 -21.27 -9.22
CA LEU H 262 -6.06 -21.78 -9.84
C LEU H 262 -4.99 -20.69 -9.79
N ASN H 263 -3.83 -20.94 -10.43
CA ASN H 263 -2.66 -20.03 -10.54
C ASN H 263 -3.11 -18.59 -10.79
N ASN H 264 -6.90 -37.41 -24.41
CA ASN H 264 -7.16 -37.00 -25.83
C ASN H 264 -7.48 -35.51 -25.90
N GLY H 265 -8.32 -35.01 -24.98
CA GLY H 265 -8.71 -33.59 -24.88
C GLY H 265 -9.62 -33.16 -26.03
N SER H 266 -9.11 -32.31 -26.93
CA SER H 266 -9.85 -31.63 -28.03
C SER H 266 -11.14 -30.99 -27.47
N PHE H 267 -10.98 -30.08 -26.49
CA PHE H 267 -12.06 -29.30 -25.84
C PHE H 267 -12.32 -28.03 -26.64
N LEU H 268 -13.42 -27.99 -27.39
CA LEU H 268 -13.86 -26.80 -28.19
C LEU H 268 -14.59 -25.83 -27.25
N VAL H 269 -14.07 -24.60 -27.12
CA VAL H 269 -14.58 -23.54 -26.21
C VAL H 269 -15.43 -22.56 -27.02
N LEU H 270 -16.71 -22.41 -26.64
CA LEU H 270 -17.67 -21.40 -27.18
C LEU H 270 -18.08 -20.47 -26.04
N PRO H 271 -17.34 -19.36 -25.79
CA PRO H 271 -17.63 -18.45 -24.69
C PRO H 271 -18.56 -17.27 -25.06
N ASN H 272 -19.28 -16.73 -24.07
CA ASN H 272 -20.15 -15.54 -24.17
C ASN H 272 -21.24 -15.79 -25.23
N ILE H 273 -22.08 -16.81 -25.03
CA ILE H 273 -23.32 -17.06 -25.83
C ILE H 273 -24.47 -16.32 -25.12
N ARG H 274 -24.96 -15.23 -25.73
CA ARG H 274 -26.02 -14.35 -25.18
C ARG H 274 -27.36 -14.67 -25.84
N VAL H 275 -28.19 -15.45 -25.15
CA VAL H 275 -29.62 -15.69 -25.51
C VAL H 275 -30.46 -14.53 -24.96
N CYS H 276 -31.50 -14.12 -25.71
CA CYS H 276 -32.43 -13.02 -25.36
C CYS H 276 -33.88 -13.46 -25.62
N GLY H 277 -34.56 -13.90 -24.57
CA GLY H 277 -35.98 -14.30 -24.60
C GLY H 277 -36.16 -15.80 -24.82
N ALA H 278 -35.35 -16.61 -24.14
CA ALA H 278 -35.55 -18.08 -24.01
C ALA H 278 -36.60 -18.35 -22.93
N THR H 279 -37.46 -19.34 -23.14
CA THR H 279 -38.57 -19.71 -22.21
C THR H 279 -37.98 -20.12 -20.86
N ALA H 280 -38.24 -19.33 -19.82
CA ALA H 280 -37.83 -19.60 -18.42
C ALA H 280 -38.76 -20.65 -17.79
N LEU H 281 -39.98 -20.81 -18.32
CA LEU H 281 -40.93 -21.88 -17.90
C LEU H 281 -40.42 -23.21 -18.44
N SER H 282 -39.41 -23.78 -17.78
CA SER H 282 -39.04 -25.21 -17.85
C SER H 282 -40.16 -26.01 -17.16
N SER H 283 -40.35 -27.26 -17.56
CA SER H 283 -41.50 -28.17 -17.25
C SER H 283 -42.47 -27.55 -16.23
N PRO H 284 -43.80 -27.65 -16.48
CA PRO H 284 -44.80 -26.74 -15.90
C PRO H 284 -44.95 -26.67 -14.36
N VAL H 285 -44.07 -27.31 -13.59
CA VAL H 285 -43.99 -27.18 -12.10
C VAL H 285 -42.68 -26.50 -11.69
N THR H 286 -41.95 -25.87 -12.63
CA THR H 286 -40.71 -25.10 -12.37
C THR H 286 -40.77 -23.73 -13.07
N VAL H 287 -40.00 -22.76 -12.57
CA VAL H 287 -39.68 -21.46 -13.23
C VAL H 287 -38.24 -21.10 -12.87
N GLY H 288 -37.34 -20.99 -13.86
CA GLY H 288 -35.92 -20.63 -13.65
C GLY H 288 -35.07 -20.83 -14.89
N ILE H 289 -33.99 -21.61 -14.76
CA ILE H 289 -32.95 -21.82 -15.82
C ILE H 289 -33.48 -22.85 -16.82
N PRO H 290 -33.46 -22.56 -18.14
CA PRO H 290 -34.20 -23.34 -19.13
C PRO H 290 -33.68 -24.78 -19.35
N SER H 291 -34.39 -25.75 -18.76
CA SER H 291 -34.52 -27.18 -19.18
C SER H 291 -33.27 -27.69 -19.91
N LEU H 292 -32.45 -28.50 -19.24
CA LEU H 292 -31.11 -28.97 -19.72
C LEU H 292 -31.19 -29.57 -21.14
N THR H 293 -32.31 -30.17 -21.52
CA THR H 293 -32.56 -30.77 -22.86
C THR H 293 -32.50 -29.69 -23.95
N ALA H 294 -32.84 -28.44 -23.62
CA ALA H 294 -32.73 -27.26 -24.51
C ALA H 294 -31.25 -27.01 -24.86
N PHE H 295 -30.38 -26.98 -23.84
CA PHE H 295 -28.90 -26.87 -23.98
C PHE H 295 -28.36 -28.06 -24.77
N PHE H 296 -28.88 -29.26 -24.52
CA PHE H 296 -28.50 -30.51 -25.24
C PHE H 296 -28.86 -30.37 -26.73
N GLY H 297 -30.10 -29.94 -27.01
CA GLY H 297 -30.58 -29.66 -28.38
C GLY H 297 -29.71 -28.64 -29.10
N PHE H 298 -29.30 -27.58 -28.40
CA PHE H 298 -28.36 -26.53 -28.89
C PHE H 298 -27.05 -27.20 -29.32
N VAL H 299 -26.44 -27.97 -28.42
CA VAL H 299 -25.13 -28.66 -28.63
C VAL H 299 -25.25 -29.67 -29.79
N HIS H 300 -26.34 -30.45 -29.82
CA HIS H 300 -26.57 -31.49 -30.85
C HIS H 300 -26.87 -30.85 -32.21
N ALA H 301 -27.61 -29.73 -32.24
CA ALA H 301 -27.92 -28.96 -33.47
C ALA H 301 -26.63 -28.38 -34.07
N PHE H 302 -25.72 -27.89 -33.21
CA PHE H 302 -24.37 -27.41 -33.58
C PHE H 302 -23.57 -28.56 -34.22
N GLU H 303 -23.64 -29.76 -33.62
CA GLU H 303 -23.00 -31.00 -34.14
C GLU H 303 -23.60 -31.36 -35.51
N ARG H 304 -24.93 -31.39 -35.61
CA ARG H 304 -25.67 -31.72 -36.87
C ARG H 304 -25.33 -30.70 -37.97
N ASN H 305 -25.29 -29.41 -37.62
CA ASN H 305 -25.02 -28.30 -38.58
C ASN H 305 -23.57 -28.38 -39.09
N ILE H 306 -22.61 -28.75 -38.22
CA ILE H 306 -21.16 -28.84 -38.58
C ILE H 306 -20.83 -30.21 -39.20
N ASN H 307 -21.78 -31.17 -39.21
CA ASN H 307 -21.61 -32.53 -39.78
C ASN H 307 -22.20 -32.61 -41.20
N ARG H 308 -22.12 -31.51 -41.98
CA ARG H 308 -22.35 -31.51 -43.45
C ARG H 308 -21.07 -31.11 -44.20
N THR H 309 -20.19 -30.31 -43.58
CA THR H 309 -18.85 -29.93 -44.11
C THR H 309 -17.91 -31.15 -43.99
N THR H 310 -17.74 -31.66 -42.76
CA THR H 310 -17.07 -32.96 -42.46
C THR H 310 -17.81 -33.65 -41.30
N SER H 311 -18.03 -34.97 -41.40
CA SER H 311 -18.87 -35.78 -40.48
C SER H 311 -18.00 -36.73 -39.64
N SER H 312 -17.29 -36.18 -38.65
CA SER H 312 -16.54 -36.94 -37.60
C SER H 312 -16.39 -36.06 -36.34
N PHE H 313 -17.43 -35.30 -35.99
CA PHE H 313 -17.39 -34.27 -34.90
C PHE H 313 -17.64 -34.96 -33.56
N ARG H 314 -18.84 -35.54 -33.39
CA ARG H 314 -19.25 -36.41 -32.25
C ARG H 314 -18.89 -35.74 -30.92
N VAL H 315 -19.75 -34.83 -30.46
CA VAL H 315 -19.52 -33.93 -29.28
C VAL H 315 -19.55 -34.79 -28.00
N GLU H 316 -20.58 -35.62 -27.85
CA GLU H 316 -20.69 -36.76 -26.89
C GLU H 316 -20.80 -36.27 -25.42
N SER H 317 -20.65 -34.96 -25.16
CA SER H 317 -20.45 -34.37 -23.81
C SER H 317 -20.19 -32.86 -23.94
N PHE H 318 -20.71 -32.06 -23.01
CA PHE H 318 -20.61 -30.57 -23.01
C PHE H 318 -20.74 -30.00 -21.60
N ALA H 319 -19.94 -28.98 -21.26
CA ALA H 319 -19.95 -28.28 -19.96
C ALA H 319 -20.56 -26.89 -20.11
N ILE H 320 -21.51 -26.53 -19.24
CA ILE H 320 -22.21 -25.21 -19.20
C ILE H 320 -21.69 -24.43 -18.00
N CYS H 321 -21.19 -23.21 -18.21
CA CYS H 321 -20.86 -22.20 -17.16
C CYS H 321 -21.72 -20.96 -17.38
N VAL H 322 -22.86 -20.88 -16.68
CA VAL H 322 -23.82 -19.74 -16.72
C VAL H 322 -23.21 -18.55 -15.96
N HIS H 323 -22.69 -17.57 -16.68
CA HIS H 323 -22.07 -16.33 -16.13
C HIS H 323 -23.15 -15.46 -15.49
N GLN H 324 -24.28 -15.29 -16.18
CA GLN H 324 -25.42 -14.42 -15.77
C GLN H 324 -26.75 -15.08 -16.12
N LEU H 325 -27.75 -14.89 -15.25
CA LEU H 325 -29.14 -15.43 -15.38
C LEU H 325 -30.12 -14.41 -14.78
N HIS H 326 -31.12 -13.97 -15.55
CA HIS H 326 -32.16 -13.00 -15.14
C HIS H 326 -33.51 -13.42 -15.72
N VAL H 327 -34.44 -13.86 -14.87
CA VAL H 327 -35.78 -14.40 -15.22
C VAL H 327 -36.83 -13.42 -14.72
N GLU H 328 -37.66 -12.88 -15.62
CA GLU H 328 -38.82 -12.01 -15.26
C GLU H 328 -39.87 -12.02 -16.38
N LYS H 329 -41.05 -12.56 -16.05
CA LYS H 329 -42.41 -12.17 -16.53
C LYS H 329 -42.33 -11.09 -17.64
N ARG H 330 -42.45 -11.50 -18.90
CA ARG H 330 -42.49 -10.58 -20.08
C ARG H 330 -43.84 -10.74 -20.80
N GLY H 331 -44.27 -11.98 -21.09
CA GLY H 331 -45.54 -12.27 -21.78
C GLY H 331 -45.35 -12.26 -23.29
N LEU H 332 -46.18 -13.01 -24.02
CA LEU H 332 -46.07 -13.22 -25.49
C LEU H 332 -47.36 -12.76 -26.18
N THR H 333 -47.23 -12.28 -27.42
CA THR H 333 -48.30 -11.67 -28.25
C THR H 333 -48.55 -12.56 -29.49
N ALA H 334 -49.77 -13.09 -29.65
CA ALA H 334 -50.18 -13.98 -30.77
C ALA H 334 -50.55 -13.13 -32.00
N GLU H 335 -50.79 -13.78 -33.14
CA GLU H 335 -50.80 -13.16 -34.49
C GLU H 335 -52.21 -13.18 -35.10
N PHE H 336 -53.25 -12.96 -34.28
CA PHE H 336 -54.68 -12.83 -34.71
C PHE H 336 -55.08 -14.04 -35.57
N VAL H 337 -55.26 -15.19 -34.92
CA VAL H 337 -55.48 -16.52 -35.58
C VAL H 337 -56.95 -16.59 -36.03
N GLU H 338 -57.22 -17.37 -37.10
CA GLU H 338 -58.59 -17.60 -37.66
C GLU H 338 -59.46 -18.27 -36.58
N LYS H 339 -60.50 -17.58 -36.12
CA LYS H 339 -61.37 -18.03 -34.99
C LYS H 339 -62.31 -19.13 -35.49
N GLY H 340 -62.73 -19.07 -36.76
CA GLY H 340 -63.38 -20.18 -37.49
C GLY H 340 -64.87 -19.99 -37.71
N ASP H 341 -65.43 -18.81 -37.41
CA ASP H 341 -66.85 -18.45 -37.67
C ASP H 341 -66.90 -17.42 -38.80
N GLY H 342 -66.63 -16.14 -38.50
CA GLY H 342 -66.43 -15.06 -39.49
C GLY H 342 -65.65 -13.90 -38.91
N THR H 343 -64.67 -14.20 -38.04
CA THR H 343 -63.86 -13.20 -37.26
C THR H 343 -62.41 -13.69 -37.20
N ILE H 344 -61.44 -12.76 -37.26
CA ILE H 344 -59.99 -13.02 -37.07
C ILE H 344 -59.47 -12.12 -35.94
N SER H 345 -59.16 -12.73 -34.79
CA SER H 345 -58.70 -12.04 -33.55
C SER H 345 -57.69 -12.94 -32.82
N ALA H 346 -57.00 -12.39 -31.81
CA ALA H 346 -55.97 -13.11 -31.02
C ALA H 346 -56.63 -14.19 -30.18
N PRO H 347 -56.03 -15.40 -30.05
CA PRO H 347 -56.61 -16.48 -29.25
C PRO H 347 -56.52 -16.20 -27.74
N ALA H 348 -56.99 -17.15 -26.92
CA ALA H 348 -56.97 -17.10 -25.44
C ALA H 348 -55.54 -16.87 -24.96
N THR H 349 -55.27 -15.70 -24.37
CA THR H 349 -53.93 -15.24 -23.94
C THR H 349 -53.45 -16.09 -22.76
N ARG H 350 -52.13 -16.33 -22.68
CA ARG H 350 -51.47 -17.11 -21.60
C ARG H 350 -50.38 -16.25 -20.96
N ASP H 351 -49.84 -16.70 -19.82
CA ASP H 351 -48.74 -16.02 -19.08
C ASP H 351 -47.51 -16.94 -19.08
N ASP H 352 -46.39 -16.45 -19.61
CA ASP H 352 -45.12 -17.23 -19.78
C ASP H 352 -43.93 -16.37 -19.36
N TRP H 353 -42.94 -17.00 -18.72
CA TRP H 353 -41.71 -16.38 -18.18
C TRP H 353 -40.61 -16.45 -19.26
N GLN H 354 -39.74 -15.43 -19.31
CA GLN H 354 -38.62 -15.33 -20.28
C GLN H 354 -37.35 -14.89 -19.54
N CYS H 355 -36.34 -15.77 -19.54
CA CYS H 355 -34.98 -15.54 -18.99
C CYS H 355 -34.01 -15.29 -20.15
N ASP H 356 -33.04 -14.38 -19.96
CA ASP H 356 -31.96 -14.07 -20.94
C ASP H 356 -30.61 -14.29 -20.25
N VAL H 357 -30.08 -15.51 -20.35
CA VAL H 357 -28.82 -15.94 -19.67
C VAL H 357 -27.64 -15.52 -20.54
N VAL H 358 -26.47 -15.34 -19.92
CA VAL H 358 -25.15 -15.24 -20.62
C VAL H 358 -24.28 -16.39 -20.10
N PHE H 359 -24.02 -17.38 -20.97
CA PHE H 359 -23.36 -18.66 -20.62
C PHE H 359 -22.23 -18.95 -21.63
N SER H 360 -21.47 -20.03 -21.37
CA SER H 360 -20.29 -20.47 -22.17
C SER H 360 -20.23 -22.00 -22.23
N LEU H 361 -20.00 -22.56 -23.41
CA LEU H 361 -19.96 -24.03 -23.64
C LEU H 361 -18.51 -24.51 -23.81
N ILE H 362 -18.21 -25.70 -23.30
CA ILE H 362 -16.95 -26.47 -23.55
C ILE H 362 -17.34 -27.88 -24.03
N LEU H 363 -16.98 -28.22 -25.27
CA LEU H 363 -17.39 -29.46 -25.99
C LEU H 363 -16.22 -30.44 -26.04
N ASN H 364 -16.46 -31.70 -25.66
CA ASN H 364 -15.45 -32.79 -25.60
C ASN H 364 -15.44 -33.54 -26.93
N THR H 365 -14.98 -32.87 -28.01
CA THR H 365 -14.94 -33.43 -29.39
C THR H 365 -13.82 -34.48 -29.48
N ASN H 366 -13.93 -35.39 -30.45
CA ASN H 366 -12.91 -36.46 -30.74
C ASN H 366 -12.09 -36.08 -31.98
N PHE H 367 -12.57 -35.17 -32.82
CA PHE H 367 -11.84 -34.59 -33.99
C PHE H 367 -10.61 -33.85 -33.45
N ALA H 368 -9.43 -34.47 -33.58
CA ALA H 368 -8.18 -34.11 -32.87
C ALA H 368 -7.33 -33.14 -33.69
N GLN H 369 -7.94 -32.07 -34.21
CA GLN H 369 -7.24 -30.87 -34.77
C GLN H 369 -8.23 -29.69 -34.74
N HIS H 370 -7.71 -28.45 -34.72
CA HIS H 370 -8.54 -27.21 -34.75
C HIS H 370 -9.20 -27.12 -36.12
N ILE H 371 -10.52 -26.86 -36.16
CA ILE H 371 -11.37 -27.03 -37.36
C ILE H 371 -11.14 -25.82 -38.29
N ASP H 372 -11.68 -24.65 -37.93
CA ASP H 372 -11.68 -23.45 -38.81
C ASP H 372 -12.10 -22.20 -38.02
N GLN H 373 -12.05 -21.04 -38.68
CA GLN H 373 -12.60 -19.74 -38.22
C GLN H 373 -14.06 -19.62 -38.68
N ASP H 374 -14.36 -20.03 -39.93
CA ASP H 374 -15.61 -19.67 -40.67
C ASP H 374 -16.70 -20.74 -40.46
N THR H 375 -16.39 -22.02 -40.66
CA THR H 375 -17.36 -23.15 -40.54
C THR H 375 -17.65 -23.45 -39.07
N LEU H 376 -16.81 -22.95 -38.15
CA LEU H 376 -16.99 -23.09 -36.68
C LEU H 376 -17.89 -21.96 -36.13
N VAL H 377 -18.37 -21.04 -37.00
CA VAL H 377 -19.36 -19.98 -36.65
C VAL H 377 -20.57 -20.06 -37.60
N THR H 378 -20.36 -20.12 -38.92
CA THR H 378 -21.44 -20.03 -39.96
C THR H 378 -22.49 -21.13 -39.71
N SER H 379 -22.08 -22.28 -39.14
CA SER H 379 -22.95 -23.40 -38.73
C SER H 379 -23.13 -23.43 -37.21
N LEU H 380 -23.60 -22.32 -36.62
CA LEU H 380 -24.06 -22.23 -35.21
C LEU H 380 -25.58 -22.21 -35.18
N PRO H 381 -26.24 -22.87 -34.19
CA PRO H 381 -27.69 -22.77 -34.03
C PRO H 381 -28.09 -21.38 -33.52
N LYS H 382 -29.11 -20.77 -34.14
CA LYS H 382 -29.53 -19.36 -33.91
C LYS H 382 -30.64 -19.30 -32.85
N ARG H 383 -30.88 -20.38 -32.10
CA ARG H 383 -31.89 -20.46 -31.01
C ARG H 383 -31.33 -21.25 -29.83
N LEU H 384 -31.68 -20.86 -28.61
CA LEU H 384 -31.69 -21.74 -27.41
C LEU H 384 -33.11 -22.31 -27.28
N ALA H 385 -33.69 -22.39 -26.07
CA ALA H 385 -35.04 -22.95 -25.82
C ALA H 385 -36.06 -22.34 -26.79
N ARG H 386 -36.14 -21.00 -26.83
CA ARG H 386 -36.94 -20.22 -27.83
C ARG H 386 -36.21 -18.98 -28.34
N GLY H 387 -35.11 -18.54 -27.70
CA GLY H 387 -34.52 -17.21 -27.89
C GLY H 387 -33.57 -17.15 -29.08
N SER H 388 -32.47 -16.41 -28.95
CA SER H 388 -31.42 -16.21 -29.98
C SER H 388 -30.09 -16.83 -29.51
N ALA H 389 -29.03 -16.65 -30.30
CA ALA H 389 -27.64 -17.03 -29.96
C ALA H 389 -26.66 -16.05 -30.64
N LYS H 390 -26.54 -14.85 -30.07
CA LYS H 390 -25.71 -13.72 -30.59
C LYS H 390 -24.44 -13.63 -29.74
N ILE H 391 -23.38 -14.32 -30.17
CA ILE H 391 -22.10 -14.46 -29.40
C ILE H 391 -21.40 -13.10 -29.43
N ALA H 392 -21.00 -12.64 -30.61
CA ALA H 392 -20.35 -11.33 -30.89
C ALA H 392 -19.72 -11.36 -32.30
N ILE H 393 -19.24 -10.21 -32.77
CA ILE H 393 -18.21 -10.08 -33.86
C ILE H 393 -16.84 -9.90 -33.19
N ASP H 394 -16.80 -9.26 -32.02
CA ASP H 394 -15.57 -8.94 -31.25
C ASP H 394 -14.98 -10.20 -30.59
N ASP H 395 -15.74 -11.30 -30.50
CA ASP H 395 -15.30 -12.58 -29.88
C ASP H 395 -15.38 -13.72 -30.91
N PHE H 396 -14.64 -13.59 -32.02
CA PHE H 396 -14.26 -14.70 -32.94
C PHE H 396 -12.73 -14.84 -32.95
N LYS H 397 -12.07 -14.39 -31.87
CA LYS H 397 -10.72 -14.84 -31.45
C LYS H 397 -10.98 -16.15 -30.68
N HIS H 398 -10.87 -16.12 -29.35
CA HIS H 398 -11.80 -16.70 -28.33
C HIS H 398 -12.54 -17.99 -28.73
N ILE H 399 -12.19 -18.68 -29.83
CA ILE H 399 -12.75 -20.01 -30.21
C ILE H 399 -11.57 -20.89 -30.65
N ASN H 400 -11.11 -21.75 -29.75
CA ASN H 400 -10.01 -22.73 -29.96
C ASN H 400 -10.52 -24.14 -29.62
N SER H 401 -9.79 -25.16 -30.04
CA SER H 401 -10.05 -26.61 -29.77
C SER H 401 -8.97 -27.14 -28.83
N PHE H 402 -8.92 -26.63 -27.59
CA PHE H 402 -7.85 -26.86 -26.58
C PHE H 402 -7.71 -28.37 -26.30
N SER H 403 -6.45 -28.84 -26.23
CA SER H 403 -6.08 -30.26 -26.03
C SER H 403 -5.97 -30.60 -24.53
N THR H 404 -6.23 -29.64 -23.64
CA THR H 404 -6.26 -29.82 -22.16
C THR H 404 -7.48 -29.09 -21.59
N LEU H 405 -8.09 -29.66 -20.53
CA LEU H 405 -9.25 -29.06 -19.81
C LEU H 405 -8.79 -27.80 -19.07
N GLU H 406 -7.75 -27.92 -18.24
CA GLU H 406 -7.33 -26.90 -17.23
C GLU H 406 -6.98 -25.55 -17.91
N THR H 407 -6.58 -25.56 -19.19
CA THR H 407 -6.27 -24.33 -19.98
C THR H 407 -7.49 -23.88 -20.81
N ALA H 408 -8.47 -24.77 -21.04
CA ALA H 408 -9.79 -24.43 -21.64
C ALA H 408 -10.65 -23.67 -20.63
N ILE H 409 -10.38 -23.80 -19.32
CA ILE H 409 -11.06 -23.07 -18.22
C ILE H 409 -10.43 -21.67 -18.09
N GLU H 410 -9.12 -21.56 -18.34
CA GLU H 410 -8.33 -20.30 -18.24
C GLU H 410 -8.25 -19.59 -19.61
N SER H 411 -9.15 -19.91 -20.54
CA SER H 411 -9.22 -19.31 -21.91
C SER H 411 -10.36 -18.28 -21.99
N LEU H 412 -11.55 -18.63 -21.49
CA LEU H 412 -12.78 -17.79 -21.63
C LEU H 412 -12.67 -16.55 -20.73
N PRO H 413 -13.07 -15.35 -21.23
CA PRO H 413 -12.66 -14.07 -20.63
C PRO H 413 -13.71 -13.25 -19.85
N ILE H 414 -14.21 -13.76 -18.71
CA ILE H 414 -15.19 -13.00 -17.87
C ILE H 414 -14.91 -13.19 -16.37
N GLU H 415 -14.57 -14.40 -15.90
CA GLU H 415 -14.33 -14.73 -14.46
C GLU H 415 -15.64 -14.55 -13.69
N ALA H 416 -16.66 -15.36 -14.04
CA ALA H 416 -17.96 -15.48 -13.35
C ALA H 416 -18.44 -16.93 -13.48
N GLY H 417 -18.66 -17.60 -12.34
CA GLY H 417 -18.66 -19.08 -12.25
C GLY H 417 -20.04 -19.71 -12.33
N ARG H 418 -20.37 -20.51 -11.31
CA ARG H 418 -21.46 -21.53 -11.28
C ARG H 418 -21.36 -22.46 -12.49
N TRP H 419 -20.41 -23.40 -12.44
CA TRP H 419 -20.42 -24.64 -13.28
C TRP H 419 -21.51 -25.56 -12.73
N LEU H 420 -22.48 -25.94 -13.57
CA LEU H 420 -23.71 -26.66 -13.17
C LEU H 420 -23.36 -28.12 -12.85
N SER H 421 -23.68 -28.58 -11.64
CA SER H 421 -23.63 -30.00 -11.20
C SER H 421 -25.03 -30.44 -10.78
N LEU H 422 -25.19 -31.71 -10.37
CA LEU H 422 -26.47 -32.28 -9.86
C LEU H 422 -26.31 -32.65 -8.39
N TYR H 423 -27.26 -32.21 -7.54
CA TYR H 423 -27.31 -32.47 -6.08
C TYR H 423 -28.10 -33.77 -5.86
N ALA H 424 -27.39 -34.91 -5.83
CA ALA H 424 -27.97 -36.27 -5.83
C ALA H 424 -28.31 -36.72 -4.40
N GLN H 425 -29.34 -36.11 -3.80
CA GLN H 425 -30.05 -36.59 -2.59
C GLN H 425 -31.41 -37.12 -3.01
N SER H 426 -32.08 -37.91 -2.16
CA SER H 426 -33.38 -38.57 -2.44
C SER H 426 -34.47 -37.51 -2.65
N ASN H 427 -35.15 -37.56 -3.79
CA ASN H 427 -36.14 -36.54 -4.25
C ASN H 427 -37.43 -37.24 -4.69
N ASN H 428 -38.11 -37.91 -3.74
CA ASN H 428 -39.42 -38.60 -3.94
C ASN H 428 -40.58 -37.61 -3.74
N ASN H 429 -40.36 -36.53 -3.01
CA ASN H 429 -41.38 -35.50 -2.65
C ASN H 429 -40.97 -34.14 -3.23
N LEU H 430 -41.78 -33.11 -2.97
CA LEU H 430 -41.40 -31.68 -3.11
C LEU H 430 -40.71 -31.20 -1.83
N SER H 431 -41.09 -31.78 -0.68
CA SER H 431 -40.48 -31.54 0.66
C SER H 431 -38.96 -31.76 0.63
N ASP H 432 -38.50 -32.76 -0.13
CA ASP H 432 -37.06 -33.07 -0.34
C ASP H 432 -36.35 -31.84 -0.90
N LEU H 433 -36.83 -31.34 -2.05
CA LEU H 433 -36.27 -30.17 -2.77
C LEU H 433 -36.42 -28.91 -1.91
N LEU H 434 -37.62 -28.69 -1.35
CA LEU H 434 -37.95 -27.49 -0.54
C LEU H 434 -37.19 -27.49 0.81
N ALA H 435 -36.72 -28.66 1.27
CA ALA H 435 -35.82 -28.78 2.45
C ALA H 435 -34.35 -28.62 2.00
N ALA H 436 -34.01 -29.14 0.81
CA ALA H 436 -32.62 -29.20 0.29
C ALA H 436 -32.17 -27.86 -0.31
N MET H 437 -33.09 -26.98 -0.75
CA MET H 437 -32.73 -25.72 -1.47
C MET H 437 -32.89 -24.47 -0.58
N THR H 438 -33.61 -24.57 0.55
CA THR H 438 -33.81 -23.46 1.53
C THR H 438 -32.48 -23.13 2.22
N GLU H 439 -31.61 -24.13 2.40
CA GLU H 439 -30.31 -24.02 3.14
C GLU H 439 -29.33 -23.08 2.44
N ASP H 440 -29.35 -22.99 1.09
CA ASP H 440 -28.42 -22.14 0.30
C ASP H 440 -29.17 -21.12 -0.58
N HIS H 441 -30.32 -21.49 -1.16
CA HIS H 441 -31.14 -20.71 -2.12
C HIS H 441 -30.27 -20.12 -3.26
N GLN H 442 -29.34 -20.92 -3.78
CA GLN H 442 -28.65 -20.72 -5.09
C GLN H 442 -28.68 -22.08 -5.81
N LEU H 443 -29.79 -22.81 -5.68
CA LEU H 443 -29.95 -24.25 -6.05
C LEU H 443 -31.20 -24.40 -6.92
N MET H 444 -31.02 -24.46 -8.24
CA MET H 444 -32.14 -24.48 -9.24
C MET H 444 -32.68 -25.91 -9.39
N ALA H 445 -33.78 -26.06 -10.14
CA ALA H 445 -34.45 -27.35 -10.45
C ALA H 445 -35.03 -27.29 -11.86
N SER H 446 -34.27 -27.73 -12.86
CA SER H 446 -34.60 -27.67 -14.31
C SER H 446 -35.28 -28.97 -14.76
N CYS H 447 -35.91 -28.94 -15.94
CA CYS H 447 -36.38 -30.14 -16.67
C CYS H 447 -35.17 -30.84 -17.29
N VAL H 448 -34.57 -31.79 -16.55
CA VAL H 448 -33.27 -32.45 -16.90
C VAL H 448 -33.51 -33.60 -17.89
N GLY H 449 -34.68 -34.25 -17.84
CA GLY H 449 -35.02 -35.39 -18.73
C GLY H 449 -36.51 -35.53 -18.97
N TYR H 450 -36.89 -36.49 -19.82
CA TYR H 450 -38.28 -36.86 -20.16
C TYR H 450 -38.48 -38.37 -19.93
N HIS H 451 -39.65 -38.73 -19.36
CA HIS H 451 -40.02 -40.09 -18.91
C HIS H 451 -41.24 -40.55 -19.70
N LEU H 452 -41.08 -41.59 -20.54
CA LEU H 452 -42.08 -41.95 -21.59
C LEU H 452 -43.27 -42.70 -20.98
N LEU H 453 -44.47 -42.48 -21.53
CA LEU H 453 -45.73 -43.16 -21.15
C LEU H 453 -46.13 -44.22 -22.18
N GLU H 454 -45.48 -44.23 -23.35
CA GLU H 454 -45.87 -45.06 -24.54
C GLU H 454 -44.69 -45.95 -24.95
N GLU H 455 -44.85 -46.73 -26.02
CA GLU H 455 -44.06 -47.96 -26.32
C GLU H 455 -42.59 -47.64 -26.60
N PRO H 456 -42.18 -46.79 -27.59
CA PRO H 456 -43.08 -46.09 -28.53
C PRO H 456 -43.62 -46.89 -29.72
N LYS H 457 -44.62 -46.33 -30.40
CA LYS H 457 -45.27 -46.86 -31.63
C LYS H 457 -44.81 -46.04 -32.85
N ASP H 458 -45.37 -46.33 -34.03
CA ASP H 458 -45.18 -45.54 -35.28
C ASP H 458 -46.52 -44.87 -35.63
N LYS H 459 -46.76 -43.67 -35.09
CA LYS H 459 -48.04 -42.91 -35.21
C LYS H 459 -48.03 -42.12 -36.52
N PRO H 460 -49.20 -41.93 -37.18
CA PRO H 460 -49.26 -41.45 -38.57
C PRO H 460 -48.44 -40.18 -38.90
N ASN H 461 -48.43 -39.19 -38.00
CA ASN H 461 -47.77 -37.87 -38.20
C ASN H 461 -46.76 -37.63 -37.07
N SER H 462 -45.72 -38.47 -37.00
CA SER H 462 -44.49 -38.25 -36.20
C SER H 462 -43.66 -37.15 -36.88
N LEU H 463 -43.18 -36.18 -36.10
CA LEU H 463 -42.88 -34.79 -36.55
C LEU H 463 -41.46 -34.66 -37.14
N ARG H 464 -40.82 -35.77 -37.52
CA ARG H 464 -39.85 -35.82 -38.65
C ARG H 464 -40.40 -36.85 -39.64
N GLY H 465 -40.21 -38.14 -39.32
CA GLY H 465 -41.08 -39.26 -39.74
C GLY H 465 -40.72 -40.52 -38.97
N TYR H 466 -40.28 -40.38 -37.71
CA TYR H 466 -39.52 -41.42 -36.96
C TYR H 466 -40.49 -42.21 -36.06
N LYS H 467 -40.74 -41.74 -34.84
CA LYS H 467 -41.47 -42.47 -33.76
C LYS H 467 -42.30 -41.47 -32.94
N HIS H 468 -43.12 -41.97 -32.02
CA HIS H 468 -43.93 -41.14 -31.10
C HIS H 468 -44.15 -41.88 -29.77
N ALA H 469 -43.73 -41.25 -28.66
CA ALA H 469 -44.09 -41.62 -27.28
C ALA H 469 -44.45 -40.34 -26.51
N ILE H 470 -45.66 -40.26 -25.95
CA ILE H 470 -46.10 -39.14 -25.07
C ILE H 470 -45.28 -39.25 -23.77
N ALA H 471 -44.62 -38.16 -23.38
CA ALA H 471 -43.57 -38.11 -22.33
C ALA H 471 -44.08 -37.35 -21.11
N GLU H 472 -43.30 -37.38 -20.03
CA GLU H 472 -43.60 -36.77 -18.70
C GLU H 472 -42.32 -36.09 -18.18
N CYS H 473 -42.49 -35.00 -17.43
CA CYS H 473 -41.40 -34.12 -16.90
C CYS H 473 -40.52 -34.90 -15.92
N ILE H 474 -39.22 -34.60 -15.90
CA ILE H 474 -38.28 -34.98 -14.79
C ILE H 474 -37.65 -33.69 -14.25
N ILE H 475 -37.77 -33.45 -12.94
CA ILE H 475 -37.39 -32.19 -12.24
C ILE H 475 -36.22 -32.50 -11.31
N GLY H 476 -35.11 -32.98 -11.89
CA GLY H 476 -33.85 -33.26 -11.18
C GLY H 476 -33.20 -31.98 -10.69
N LEU H 477 -32.72 -31.99 -9.44
CA LEU H 477 -32.18 -30.79 -8.73
C LEU H 477 -30.80 -30.44 -9.30
N ILE H 478 -30.39 -29.17 -9.20
CA ILE H 478 -29.15 -28.61 -9.83
C ILE H 478 -28.31 -27.91 -8.76
N ASN H 479 -27.04 -28.31 -8.63
CA ASN H 479 -26.00 -27.63 -7.79
C ASN H 479 -25.08 -26.83 -8.72
N SER H 480 -24.17 -26.03 -8.13
CA SER H 480 -23.19 -25.17 -8.85
C SER H 480 -21.84 -25.22 -8.15
N ILE H 481 -20.84 -25.88 -8.75
CA ILE H 481 -19.43 -25.90 -8.29
C ILE H 481 -18.64 -24.92 -9.16
N THR H 482 -17.52 -24.38 -8.67
CA THR H 482 -16.64 -23.43 -9.40
C THR H 482 -15.21 -23.95 -9.42
N PHE H 483 -15.03 -25.16 -9.98
CA PHE H 483 -13.73 -25.75 -10.42
C PHE H 483 -12.57 -25.28 -9.53
N SER H 484 -12.50 -25.81 -8.31
CA SER H 484 -11.56 -25.39 -7.24
C SER H 484 -10.13 -25.82 -7.59
N SER H 485 -9.70 -27.01 -7.15
CA SER H 485 -8.30 -27.53 -7.31
C SER H 485 -8.27 -29.02 -7.68
N GLU H 486 -9.30 -29.81 -7.35
CA GLU H 486 -9.24 -31.30 -7.26
C GLU H 486 -10.35 -31.99 -8.08
N THR H 487 -11.20 -31.24 -8.79
CA THR H 487 -12.47 -31.74 -9.38
C THR H 487 -12.16 -32.69 -10.54
N ASP H 488 -12.53 -33.97 -10.39
CA ASP H 488 -12.46 -35.01 -11.45
C ASP H 488 -13.34 -34.61 -12.61
N PRO H 489 -12.85 -34.60 -13.88
CA PRO H 489 -13.67 -34.21 -15.03
C PRO H 489 -14.59 -35.33 -15.57
N ASN H 490 -15.12 -36.18 -14.69
CA ASN H 490 -16.33 -37.01 -14.92
C ASN H 490 -17.55 -36.25 -14.35
N THR H 491 -17.31 -35.26 -13.48
CA THR H 491 -18.29 -34.20 -13.08
C THR H 491 -18.29 -33.08 -14.13
N ILE H 492 -19.30 -32.20 -14.06
CA ILE H 492 -19.64 -31.10 -15.01
C ILE H 492 -19.22 -31.44 -16.46
N PHE H 493 -19.96 -32.34 -17.13
CA PHE H 493 -19.76 -32.64 -18.57
C PHE H 493 -21.02 -33.15 -19.28
N TRP H 494 -22.14 -33.39 -18.57
CA TRP H 494 -23.53 -33.45 -19.11
C TRP H 494 -23.62 -34.23 -20.44
N SER H 495 -23.90 -35.53 -20.36
CA SER H 495 -24.11 -36.44 -21.53
C SER H 495 -25.50 -37.06 -21.45
N LEU H 496 -26.06 -37.45 -22.61
CA LEU H 496 -27.38 -38.11 -22.71
C LEU H 496 -27.22 -39.60 -22.36
N LYS H 497 -28.23 -40.19 -21.72
CA LYS H 497 -28.14 -41.53 -21.07
C LYS H 497 -28.95 -42.57 -21.86
N ASN H 498 -30.26 -42.35 -22.06
CA ASN H 498 -31.21 -43.30 -22.70
C ASN H 498 -31.29 -44.57 -21.83
N TYR H 499 -32.16 -44.55 -20.81
CA TYR H 499 -32.40 -45.64 -19.83
C TYR H 499 -33.66 -46.44 -20.23
N GLN H 500 -34.05 -46.38 -21.51
CA GLN H 500 -34.95 -47.34 -22.21
C GLN H 500 -36.43 -46.90 -22.08
N ASN H 501 -36.83 -46.31 -20.95
CA ASN H 501 -38.17 -45.70 -20.74
C ASN H 501 -38.05 -44.21 -20.33
N TYR H 502 -36.82 -43.68 -20.24
CA TYR H 502 -36.52 -42.25 -19.94
C TYR H 502 -35.07 -41.93 -20.34
N LEU H 503 -34.84 -40.76 -20.95
CA LEU H 503 -33.51 -40.35 -21.50
C LEU H 503 -32.59 -39.94 -20.34
N VAL H 504 -32.78 -38.73 -19.80
CA VAL H 504 -31.94 -38.02 -18.78
C VAL H 504 -30.67 -37.46 -19.45
N VAL H 505 -30.36 -36.20 -19.13
CA VAL H 505 -29.07 -35.50 -19.42
C VAL H 505 -28.30 -35.41 -18.09
N GLN H 506 -27.51 -36.44 -17.77
CA GLN H 506 -26.76 -36.58 -16.49
C GLN H 506 -25.28 -36.27 -16.74
N PRO H 507 -24.52 -35.82 -15.72
CA PRO H 507 -23.06 -35.88 -15.76
C PRO H 507 -22.59 -37.33 -15.58
N ARG H 508 -21.34 -37.61 -15.97
CA ARG H 508 -20.80 -39.00 -16.14
C ARG H 508 -20.06 -39.44 -14.86
N SER H 509 -20.24 -38.72 -13.75
CA SER H 509 -19.98 -39.20 -12.36
C SER H 509 -21.23 -39.88 -11.79
N ILE H 510 -22.40 -39.65 -12.40
CA ILE H 510 -23.72 -40.22 -11.98
C ILE H 510 -24.07 -41.37 -12.94
N ASN H 511 -24.01 -42.62 -12.44
CA ASN H 511 -24.33 -43.87 -13.18
C ASN H 511 -25.68 -44.41 -12.68
N LYS I 1 33.74 31.25 -45.45
CA LYS I 1 33.89 29.94 -46.17
C LYS I 1 34.93 29.09 -45.43
N TRP I 2 34.48 28.05 -44.71
CA TRP I 2 35.32 27.18 -43.84
C TRP I 2 35.13 25.71 -44.18
N TYR I 3 36.11 24.89 -43.79
CA TYR I 3 36.17 23.42 -44.02
C TYR I 3 36.63 22.73 -42.74
N TYR I 4 36.28 21.44 -42.58
CA TYR I 4 36.62 20.61 -41.39
C TYR I 4 36.93 19.17 -41.81
N LYS I 5 37.97 18.58 -41.21
CA LYS I 5 38.32 17.13 -41.29
C LYS I 5 38.15 16.52 -39.89
N THR I 6 37.04 15.80 -39.66
CA THR I 6 36.69 15.18 -38.35
C THR I 6 37.60 13.99 -38.08
N ILE I 7 37.96 13.76 -36.80
CA ILE I 7 38.65 12.53 -36.31
C ILE I 7 37.76 11.90 -35.24
N THR I 8 37.43 10.61 -35.38
CA THR I 8 36.60 9.83 -34.42
C THR I 8 37.47 8.78 -33.71
N PHE I 9 37.52 8.85 -32.38
CA PHE I 9 38.23 7.89 -31.49
C PHE I 9 37.39 6.60 -31.44
N LEU I 10 37.82 5.55 -32.16
CA LEU I 10 36.96 4.39 -32.51
C LEU I 10 36.69 3.47 -31.32
N PRO I 11 37.73 2.87 -30.68
CA PRO I 11 37.58 1.54 -30.08
C PRO I 11 36.82 1.42 -28.74
N GLU I 12 35.82 2.27 -28.52
CA GLU I 12 34.63 2.06 -27.62
C GLU I 12 35.02 1.89 -26.14
N LEU I 13 36.30 2.03 -25.76
CA LEU I 13 36.77 2.11 -24.35
C LEU I 13 37.99 3.05 -24.30
N CYS I 14 37.74 4.33 -23.99
CA CYS I 14 38.73 5.43 -24.11
C CYS I 14 38.31 6.62 -23.24
N ASN I 15 39.20 7.05 -22.33
CA ASN I 15 39.07 8.33 -21.58
C ASN I 15 39.30 9.47 -22.57
N ASN I 16 38.21 10.00 -23.16
CA ASN I 16 38.22 10.92 -24.32
C ASN I 16 39.03 12.17 -24.01
N GLU I 17 39.10 12.57 -22.74
CA GLU I 17 39.92 13.70 -22.23
C GLU I 17 41.41 13.44 -22.53
N SER I 18 41.89 12.22 -22.24
CA SER I 18 43.31 11.79 -22.44
C SER I 18 43.68 11.80 -23.93
N LEU I 19 42.72 11.57 -24.82
CA LEU I 19 42.90 11.59 -26.29
C LEU I 19 42.83 13.03 -26.81
N ALA I 20 41.77 13.77 -26.44
CA ALA I 20 41.53 15.18 -26.82
C ALA I 20 42.68 16.07 -26.33
N ALA I 21 43.27 15.73 -25.17
CA ALA I 21 44.43 16.41 -24.55
C ALA I 21 45.63 16.39 -25.51
N LYS I 22 46.01 15.19 -26.00
CA LYS I 22 47.20 14.99 -26.86
C LYS I 22 46.91 15.51 -28.28
N CYS I 23 45.67 15.39 -28.75
CA CYS I 23 45.18 15.96 -30.04
C CYS I 23 45.34 17.49 -30.06
N LEU I 24 44.99 18.16 -28.95
CA LEU I 24 45.17 19.63 -28.79
C LEU I 24 46.65 19.92 -28.46
N ARG I 25 47.36 18.99 -27.81
CA ARG I 25 48.83 19.07 -27.55
C ARG I 25 49.60 19.09 -28.87
N VAL I 26 49.20 18.30 -29.87
CA VAL I 26 49.87 18.23 -31.20
C VAL I 26 49.41 19.41 -32.08
N LEU I 27 48.19 19.95 -31.85
CA LEU I 27 47.74 21.24 -32.44
C LEU I 27 48.58 22.39 -31.83
N HIS I 28 48.92 22.28 -30.55
CA HIS I 28 49.83 23.21 -29.81
C HIS I 28 51.27 23.02 -30.32
N GLY I 29 51.67 21.78 -30.59
CA GLY I 29 52.96 21.42 -31.22
C GLY I 29 53.02 21.84 -32.67
N PHE I 30 51.87 21.75 -33.37
CA PHE I 30 51.63 22.40 -34.69
C PHE I 30 51.68 23.92 -34.50
N ASN I 31 51.97 24.65 -35.58
CA ASN I 31 51.96 26.13 -35.70
C ASN I 31 53.00 26.78 -34.76
N TYR I 32 54.09 26.07 -34.44
CA TYR I 32 55.29 26.62 -33.74
C TYR I 32 56.51 26.61 -34.67
N GLN I 33 56.53 25.74 -35.68
CA GLN I 33 57.46 25.82 -36.84
C GLN I 33 57.03 26.99 -37.73
N TYR I 34 55.72 27.31 -37.74
CA TYR I 34 55.08 28.39 -38.55
C TYR I 34 54.11 29.18 -37.66
N GLU I 35 54.42 30.45 -37.37
CA GLU I 35 53.65 31.30 -36.42
C GLU I 35 52.26 31.63 -37.03
N THR I 36 51.37 30.65 -37.04
CA THR I 36 50.01 30.70 -37.67
C THR I 36 48.94 30.53 -36.59
N ARG I 37 48.03 31.50 -36.44
CA ARG I 37 47.01 31.58 -35.37
C ARG I 37 45.62 31.57 -36.02
N ASN I 38 45.26 30.44 -36.66
CA ASN I 38 44.18 30.34 -37.68
C ASN I 38 43.04 29.41 -37.23
N ILE I 39 43.35 28.26 -36.61
CA ILE I 39 42.46 27.05 -36.58
C ILE I 39 41.76 26.95 -35.21
N GLY I 40 40.49 26.52 -35.23
CA GLY I 40 39.66 26.26 -34.04
C GLY I 40 39.77 24.82 -33.57
N VAL I 41 38.88 24.38 -32.67
CA VAL I 41 38.98 23.10 -31.92
C VAL I 41 37.72 22.24 -32.13
N SER I 42 36.51 22.83 -32.08
CA SER I 42 35.22 22.24 -32.50
C SER I 42 35.01 20.83 -31.92
N PHE I 43 34.61 20.74 -30.64
CA PHE I 43 34.10 19.51 -29.99
C PHE I 43 32.62 19.34 -30.34
N PRO I 44 32.25 18.42 -31.26
CA PRO I 44 30.91 18.41 -31.87
C PRO I 44 29.77 17.98 -30.92
N LEU I 45 29.89 16.81 -30.28
CA LEU I 45 28.85 16.25 -29.37
C LEU I 45 29.39 16.29 -27.92
N TRP I 46 29.72 17.50 -27.47
CA TRP I 46 30.02 17.86 -26.05
C TRP I 46 28.77 17.62 -25.22
N CYS I 47 28.76 16.55 -24.42
CA CYS I 47 27.61 16.13 -23.56
C CYS I 47 27.76 16.72 -22.16
N ASP I 48 26.74 16.52 -21.30
CA ASP I 48 26.71 16.95 -19.87
C ASP I 48 28.01 16.52 -19.16
N ALA I 49 28.52 15.34 -19.48
CA ALA I 49 29.87 14.85 -19.08
C ALA I 49 30.39 13.86 -20.13
N THR I 50 31.70 13.61 -20.13
CA THR I 50 32.44 12.75 -21.10
C THR I 50 32.31 13.37 -22.51
N VAL I 51 33.25 14.24 -22.87
CA VAL I 51 33.36 14.87 -24.23
C VAL I 51 33.30 13.76 -25.28
N GLY I 52 32.55 13.99 -26.37
CA GLY I 52 32.13 12.98 -27.36
C GLY I 52 33.30 12.25 -28.01
N LYS I 53 32.99 11.15 -28.70
CA LYS I 53 33.97 10.18 -29.26
C LYS I 53 34.52 10.65 -30.62
N LYS I 54 34.30 11.91 -31.02
CA LYS I 54 34.96 12.52 -32.21
C LYS I 54 35.24 14.01 -31.96
N ILE I 55 36.08 14.60 -32.83
CA ILE I 55 36.47 16.04 -32.82
C ILE I 55 36.60 16.50 -34.28
N SER I 56 35.88 17.57 -34.65
CA SER I 56 36.00 18.28 -35.95
C SER I 56 37.11 19.33 -35.84
N PHE I 57 37.63 19.80 -36.98
CA PHE I 57 38.73 20.79 -37.09
C PHE I 57 38.34 21.86 -38.11
N VAL I 58 37.37 22.71 -37.76
CA VAL I 58 36.96 23.89 -38.57
C VAL I 58 38.13 24.88 -38.55
N SER I 59 38.44 25.49 -39.69
CA SER I 59 39.77 26.06 -40.04
C SER I 59 39.62 27.41 -40.75
N LYS I 60 40.71 27.91 -41.35
CA LYS I 60 40.74 29.16 -42.16
C LYS I 60 40.92 28.81 -43.64
N ASN I 61 42.10 29.06 -44.23
CA ASN I 61 42.35 29.05 -45.70
C ASN I 61 42.15 27.63 -46.26
N LYS I 62 42.48 26.60 -45.47
CA LYS I 62 42.35 25.14 -45.78
C LYS I 62 43.68 24.59 -46.34
N ILE I 63 44.60 25.47 -46.76
CA ILE I 63 46.04 25.15 -46.98
C ILE I 63 46.66 24.72 -45.64
N GLU I 64 46.11 25.21 -44.52
CA GLU I 64 46.53 24.86 -43.13
C GLU I 64 45.85 23.56 -42.67
N LEU I 65 44.54 23.42 -42.86
CA LEU I 65 43.71 22.32 -42.28
C LEU I 65 44.26 20.96 -42.72
N ASP I 66 44.45 20.77 -44.02
CA ASP I 66 45.02 19.53 -44.60
C ASP I 66 46.44 19.34 -44.04
N LEU I 67 47.27 20.39 -44.12
CA LEU I 67 48.64 20.48 -43.55
C LEU I 67 48.65 20.16 -42.05
N LEU I 68 47.59 20.53 -41.31
CA LEU I 68 47.44 20.25 -39.85
C LEU I 68 47.36 18.74 -39.61
N LEU I 69 46.78 17.97 -40.54
CA LEU I 69 46.61 16.50 -40.42
C LEU I 69 47.75 15.74 -41.12
N LYS I 70 48.75 16.46 -41.68
CA LYS I 70 50.02 15.88 -42.19
C LYS I 70 51.14 16.21 -41.19
N GLN I 71 51.17 15.52 -40.05
CA GLN I 71 52.16 15.74 -38.94
C GLN I 71 52.87 14.44 -38.53
N HIS I 72 52.62 13.32 -39.24
CA HIS I 72 53.15 11.95 -38.97
C HIS I 72 52.74 11.43 -37.58
N TYR I 73 51.86 12.13 -36.84
CA TYR I 73 51.24 11.66 -35.57
C TYR I 73 49.99 10.86 -35.91
N PHE I 74 49.05 11.50 -36.63
CA PHE I 74 47.74 10.93 -37.05
C PHE I 74 47.97 9.80 -38.06
N VAL I 75 49.03 9.90 -38.87
CA VAL I 75 49.51 8.83 -39.82
C VAL I 75 49.93 7.60 -39.01
N GLN I 76 50.81 7.78 -38.01
CA GLN I 76 51.38 6.67 -37.19
C GLN I 76 50.31 6.06 -36.28
N MET I 77 49.23 6.79 -36.00
CA MET I 77 48.02 6.27 -35.29
C MET I 77 47.16 5.43 -36.25
N GLU I 78 47.19 5.74 -37.55
CA GLU I 78 46.18 5.28 -38.56
C GLU I 78 46.40 3.81 -38.96
N GLN I 79 47.63 3.30 -38.90
CA GLN I 79 47.98 1.91 -39.31
C GLN I 79 47.18 0.91 -38.47
N LEU I 80 47.03 1.19 -37.17
CA LEU I 80 46.01 0.56 -36.28
C LEU I 80 44.69 1.31 -36.46
N GLN I 81 43.56 0.61 -36.56
CA GLN I 81 42.22 1.22 -36.77
C GLN I 81 41.77 1.89 -35.45
N TYR I 82 42.39 3.04 -35.12
CA TYR I 82 42.05 3.90 -33.96
C TYR I 82 41.15 5.06 -34.41
N PHE I 83 41.57 5.75 -35.49
CA PHE I 83 40.91 6.96 -36.05
C PHE I 83 40.30 6.64 -37.43
N HIS I 84 39.25 7.39 -37.79
CA HIS I 84 38.62 7.42 -39.14
C HIS I 84 38.39 8.88 -39.53
N ILE I 85 38.91 9.30 -40.70
CA ILE I 85 39.02 10.74 -41.11
C ILE I 85 38.13 10.97 -42.34
N SER I 86 37.53 12.16 -42.45
CA SER I 86 36.65 12.61 -43.56
C SER I 86 37.45 13.43 -44.58
N ASN I 87 36.78 13.92 -45.65
CA ASN I 87 37.42 14.47 -46.87
C ASN I 87 37.12 15.97 -47.01
N THR I 88 37.31 16.74 -45.94
CA THR I 88 37.34 18.24 -45.93
C THR I 88 36.01 18.78 -46.48
N VAL I 89 34.93 18.66 -45.70
CA VAL I 89 33.53 19.02 -46.12
C VAL I 89 33.29 20.51 -45.84
N LEU I 90 32.55 21.19 -46.73
CA LEU I 90 32.10 22.60 -46.56
C LEU I 90 31.19 22.70 -45.32
N VAL I 91 31.30 23.80 -44.57
CA VAL I 91 30.40 24.11 -43.41
C VAL I 91 29.07 24.62 -43.97
N PRO I 92 27.90 24.04 -43.56
CA PRO I 92 26.61 24.64 -43.87
C PRO I 92 26.37 25.91 -43.04
N GLU I 93 25.75 26.94 -43.63
CA GLU I 93 25.53 28.26 -43.00
C GLU I 93 24.44 28.19 -41.91
N ASP I 94 23.63 27.12 -41.90
CA ASP I 94 22.70 26.78 -40.78
C ASP I 94 23.45 25.87 -39.78
N CYS I 95 24.20 26.49 -38.86
CA CYS I 95 25.01 25.82 -37.81
C CYS I 95 25.06 26.67 -36.54
N THR I 96 25.19 26.04 -35.37
CA THR I 96 25.30 26.69 -34.04
C THR I 96 26.71 27.28 -33.91
N TYR I 97 26.81 28.51 -33.39
CA TYR I 97 28.09 29.26 -33.18
C TYR I 97 28.41 29.29 -31.68
N VAL I 98 29.01 28.19 -31.20
CA VAL I 98 29.46 27.98 -29.79
C VAL I 98 30.92 28.42 -29.67
N SER I 99 31.27 29.08 -28.56
CA SER I 99 32.64 29.53 -28.20
C SER I 99 33.26 28.55 -27.20
N PHE I 100 34.36 27.89 -27.57
CA PHE I 100 35.13 26.94 -26.73
C PHE I 100 36.32 27.68 -26.11
N ARG I 101 36.05 28.48 -25.07
CA ARG I 101 37.06 29.29 -24.35
C ARG I 101 37.57 28.50 -23.13
N ARG I 102 38.89 28.48 -22.96
CA ARG I 102 39.60 27.99 -21.74
C ARG I 102 39.51 29.09 -20.68
N CYS I 103 38.74 28.86 -19.62
CA CYS I 103 38.39 29.88 -18.58
C CYS I 103 39.64 30.32 -17.82
N GLN I 104 40.33 29.38 -17.17
CA GLN I 104 41.64 29.57 -16.48
C GLN I 104 41.47 30.31 -15.15
N SER I 105 40.29 30.88 -14.86
CA SER I 105 39.91 31.50 -13.57
C SER I 105 39.34 30.43 -12.62
N ILE I 106 39.20 29.18 -13.09
CA ILE I 106 38.82 28.00 -12.26
C ILE I 106 39.96 27.69 -11.29
N ASP I 107 41.21 27.86 -11.74
CA ASP I 107 42.45 27.63 -10.94
C ASP I 107 42.89 28.92 -10.24
N LYS I 108 42.01 29.93 -10.12
CA LYS I 108 42.15 31.08 -9.19
C LYS I 108 41.36 30.81 -7.90
N LEU I 109 40.72 29.62 -7.78
CA LEU I 109 39.81 29.25 -6.67
C LEU I 109 40.43 28.14 -5.80
N THR I 110 41.27 27.26 -6.36
CA THR I 110 42.05 26.23 -5.61
C THR I 110 43.02 26.95 -4.65
N ALA I 111 43.17 26.44 -3.43
CA ALA I 111 43.97 27.05 -2.34
C ALA I 111 45.45 27.18 -2.76
N ALA I 112 45.97 26.19 -3.50
CA ALA I 112 47.29 26.22 -4.16
C ALA I 112 47.41 27.43 -5.09
N GLY I 113 46.32 27.79 -5.77
CA GLY I 113 46.20 28.97 -6.65
C GLY I 113 45.99 30.27 -5.89
N LEU I 114 45.19 30.24 -4.82
CA LEU I 114 44.88 31.43 -3.97
C LEU I 114 46.12 31.81 -3.15
N ALA I 115 46.94 30.82 -2.76
CA ALA I 115 48.28 31.01 -2.15
C ALA I 115 49.17 31.82 -3.11
N ARG I 116 49.18 31.46 -4.40
CA ARG I 116 49.92 32.18 -5.48
C ARG I 116 49.44 33.64 -5.55
N LYS I 117 48.11 33.84 -5.57
CA LYS I 117 47.47 35.18 -5.75
C LYS I 117 47.86 36.10 -4.58
N ILE I 118 47.77 35.61 -3.34
CA ILE I 118 48.15 36.37 -2.10
C ILE I 118 49.66 36.66 -2.12
N ARG I 119 50.48 35.68 -2.52
CA ARG I 119 51.96 35.80 -2.60
C ARG I 119 52.33 36.85 -3.65
N ARG I 120 51.60 36.89 -4.78
CA ARG I 120 51.74 37.96 -5.81
C ARG I 120 51.38 39.30 -5.16
N LEU I 121 50.19 39.42 -4.55
CA LEU I 121 49.70 40.65 -3.88
C LEU I 121 50.74 41.13 -2.84
N GLU I 122 51.44 40.21 -2.15
CA GLU I 122 52.46 40.53 -1.12
C GLU I 122 53.74 41.04 -1.77
N LYS I 123 54.15 40.48 -2.91
CA LYS I 123 55.39 40.89 -3.63
C LYS I 123 55.22 42.31 -4.19
N ARG I 124 54.07 42.60 -4.82
CA ARG I 124 53.75 43.95 -5.40
C ARG I 124 53.01 44.82 -4.37
N ALA I 125 53.27 44.62 -3.07
CA ALA I 125 53.03 45.60 -1.99
C ALA I 125 54.12 46.68 -2.01
N LEU I 126 55.11 46.57 -2.90
CA LEU I 126 56.16 47.60 -3.14
C LEU I 126 55.54 48.87 -3.76
N SER I 127 54.30 48.80 -4.24
CA SER I 127 53.39 49.96 -4.37
C SER I 127 53.07 50.45 -2.95
N ARG I 128 53.90 51.36 -2.43
CA ARG I 128 54.20 51.52 -0.97
C ARG I 128 52.96 52.01 -0.19
N GLY I 129 53.02 51.82 1.13
CA GLY I 129 51.93 52.07 2.10
C GLY I 129 52.07 51.15 3.30
N GLU I 130 50.95 50.58 3.77
CA GLU I 130 50.92 49.50 4.79
C GLU I 130 51.03 48.15 4.07
N ALA I 131 52.12 47.41 4.29
CA ALA I 131 52.32 46.03 3.80
C ALA I 131 51.20 45.15 4.38
N PHE I 132 50.22 44.78 3.54
CA PHE I 132 48.89 44.25 3.96
C PHE I 132 49.06 42.98 4.80
N ASP I 133 48.17 42.80 5.77
CA ASP I 133 48.19 41.67 6.74
C ASP I 133 47.67 40.42 6.02
N PRO I 134 48.48 39.35 5.87
CA PRO I 134 48.05 38.16 5.11
C PRO I 134 47.03 37.26 5.81
N SER I 135 46.58 37.61 7.02
CA SER I 135 45.51 36.92 7.80
C SER I 135 44.11 37.42 7.42
N SER I 136 44.02 38.45 6.57
CA SER I 136 42.74 39.12 6.15
C SER I 136 42.25 38.54 4.81
N PHE I 137 42.13 37.22 4.72
CA PHE I 137 41.64 36.48 3.52
C PHE I 137 40.90 35.20 3.95
N ALA I 138 39.91 34.79 3.16
CA ALA I 138 39.05 33.62 3.40
C ALA I 138 38.57 33.02 2.08
N GLN I 139 38.99 31.78 1.78
CA GLN I 139 38.30 30.88 0.82
C GLN I 139 36.82 30.81 1.26
N LYS I 140 35.94 31.45 0.49
CA LYS I 140 34.65 32.08 0.93
C LYS I 140 33.94 31.19 1.96
N GLU I 141 32.91 30.45 1.55
CA GLU I 141 32.42 29.22 2.23
C GLU I 141 31.89 28.22 1.18
N HIS I 142 31.30 28.72 0.08
CA HIS I 142 30.68 27.92 -1.01
C HIS I 142 31.04 28.55 -2.37
N THR I 143 32.32 28.48 -2.76
CA THR I 143 32.81 28.86 -4.12
C THR I 143 32.27 27.83 -5.11
N ALA I 144 31.12 28.12 -5.72
CA ALA I 144 30.33 27.22 -6.60
C ALA I 144 30.56 27.62 -8.07
N ILE I 145 30.79 26.63 -8.94
CA ILE I 145 31.20 26.83 -10.37
C ILE I 145 30.46 25.84 -11.28
N ALA I 146 30.26 26.22 -12.54
CA ALA I 146 29.76 25.37 -13.65
C ALA I 146 30.33 25.88 -14.97
N HIS I 147 30.74 24.98 -15.89
CA HIS I 147 30.80 23.53 -15.76
C HIS I 147 32.25 23.05 -15.99
N TYR I 148 32.91 23.60 -17.02
CA TYR I 148 34.39 23.75 -17.18
C TYR I 148 35.05 22.46 -17.72
N HIS I 149 34.51 21.26 -17.43
CA HIS I 149 34.79 19.97 -18.12
C HIS I 149 36.26 19.91 -18.61
N SER I 150 37.19 19.58 -17.71
CA SER I 150 38.65 19.79 -17.89
C SER I 150 39.29 18.72 -18.80
N LEU I 151 40.52 18.97 -19.25
CA LEU I 151 41.39 18.04 -20.03
C LEU I 151 42.66 17.74 -19.22
N GLY I 152 43.71 17.19 -19.85
CA GLY I 152 44.99 16.84 -19.20
C GLY I 152 46.20 17.18 -20.06
N GLU I 153 46.48 18.48 -20.22
CA GLU I 153 47.67 19.01 -20.94
C GLU I 153 48.89 18.97 -20.00
N SER I 154 50.11 18.93 -20.56
CA SER I 154 51.40 18.99 -19.84
C SER I 154 52.37 19.94 -20.57
N SER I 155 53.19 20.67 -19.81
CA SER I 155 54.20 21.64 -20.32
C SER I 155 55.38 20.88 -20.95
N LYS I 156 56.10 21.54 -21.87
CA LYS I 156 57.18 20.94 -22.70
C LYS I 156 58.55 21.53 -22.31
N GLN I 157 58.64 22.86 -22.12
CA GLN I 157 59.89 23.54 -21.68
C GLN I 157 60.23 23.11 -20.24
N THR I 158 59.24 23.11 -19.36
CA THR I 158 59.33 22.70 -17.92
C THR I 158 58.54 21.40 -17.73
N ASN I 159 58.77 20.70 -16.61
CA ASN I 159 58.11 19.40 -16.26
C ASN I 159 56.89 19.67 -15.37
N ARG I 160 56.12 20.72 -15.71
CA ARG I 160 54.92 21.12 -14.95
C ARG I 160 53.67 20.55 -15.64
N ASN I 161 52.87 19.77 -14.89
CA ASN I 161 51.63 19.16 -15.43
C ASN I 161 50.47 20.15 -15.29
N PHE I 162 50.49 21.23 -16.08
CA PHE I 162 49.39 22.23 -16.07
C PHE I 162 48.12 21.63 -16.69
N ARG I 163 46.95 22.11 -16.28
CA ARG I 163 45.66 21.58 -16.80
C ARG I 163 44.76 22.71 -17.28
N LEU I 164 44.44 22.72 -18.58
CA LEU I 164 43.54 23.72 -19.21
C LEU I 164 42.14 23.10 -19.40
N ASN I 165 41.10 23.91 -19.20
CA ASN I 165 39.69 23.48 -19.00
C ASN I 165 38.76 24.40 -19.81
N ILE I 166 37.93 23.82 -20.69
CA ILE I 166 37.21 24.52 -21.79
C ILE I 166 35.71 24.61 -21.43
N ARG I 167 35.06 25.73 -21.77
CA ARG I 167 33.60 25.97 -21.54
C ARG I 167 32.88 26.07 -22.89
N MET I 168 31.54 26.24 -22.86
CA MET I 168 30.62 26.04 -24.01
C MET I 168 29.59 27.19 -24.07
N LEU I 169 30.07 28.43 -24.18
CA LEU I 169 29.21 29.64 -24.33
C LEU I 169 28.96 29.88 -25.83
N SER I 170 27.81 30.46 -26.20
CA SER I 170 27.35 30.63 -27.60
C SER I 170 26.72 32.03 -27.80
N GLU I 171 27.19 32.78 -28.80
CA GLU I 171 26.64 34.12 -29.19
C GLU I 171 27.15 34.53 -30.57
N GLN I 172 26.49 35.55 -31.16
CA GLN I 172 27.01 36.46 -32.23
C GLN I 172 27.67 35.65 -33.35
N PRO I 173 26.89 35.09 -34.31
CA PRO I 173 27.41 34.09 -35.25
C PRO I 173 28.46 34.47 -36.32
N ARG I 174 29.13 35.63 -36.22
CA ARG I 174 30.28 35.99 -37.10
C ARG I 174 31.11 37.10 -36.44
N GLU I 175 32.43 36.89 -36.34
CA GLU I 175 33.39 37.80 -35.67
C GLU I 175 34.83 37.47 -36.10
N GLY I 176 35.51 38.36 -36.83
CA GLY I 176 36.95 38.28 -37.15
C GLY I 176 37.27 37.20 -38.19
N ASN I 177 38.56 36.97 -38.46
CA ASN I 177 39.03 36.01 -39.50
C ASN I 177 40.54 35.74 -39.39
N SER I 178 40.97 34.89 -38.45
CA SER I 178 40.29 34.61 -37.20
C SER I 178 40.92 35.53 -36.13
N ILE I 179 41.70 34.98 -35.20
CA ILE I 179 42.88 35.68 -34.59
C ILE I 179 43.76 34.67 -33.82
N PHE I 180 43.37 33.39 -33.78
CA PHE I 180 43.31 32.54 -32.56
C PHE I 180 44.65 32.52 -31.78
N SER I 181 45.34 31.37 -31.73
CA SER I 181 46.35 31.06 -30.68
C SER I 181 47.09 29.74 -30.97
N SER I 182 48.00 29.36 -30.07
CA SER I 182 48.80 28.10 -30.10
C SER I 182 47.90 26.92 -29.78
N TYR I 183 47.35 26.89 -28.55
CA TYR I 183 46.19 26.03 -28.17
C TYR I 183 45.00 26.56 -28.97
N GLY I 184 44.48 25.77 -29.93
CA GLY I 184 43.52 26.19 -30.97
C GLY I 184 42.80 27.50 -30.65
N LEU I 185 41.68 27.41 -29.91
CA LEU I 185 41.10 28.43 -28.99
C LEU I 185 39.87 29.13 -29.58
N ALA I 186 39.07 29.73 -28.70
CA ALA I 186 38.00 30.72 -28.96
C ALA I 186 38.00 31.78 -27.86
N ASN I 187 39.17 32.10 -27.29
CA ASN I 187 39.33 32.82 -26.00
C ASN I 187 40.20 34.08 -26.12
N SER I 188 41.17 34.10 -27.04
CA SER I 188 42.42 34.93 -26.99
C SER I 188 42.13 36.43 -26.77
N GLU I 189 41.79 36.81 -25.53
CA GLU I 189 41.90 38.15 -24.87
C GLU I 189 41.17 39.30 -25.59
N ASN I 190 40.73 39.16 -26.85
CA ASN I 190 40.15 40.27 -27.65
C ASN I 190 38.86 39.80 -28.36
N SER I 191 38.88 38.65 -29.02
CA SER I 191 37.73 38.07 -29.77
C SER I 191 37.11 36.90 -29.01
N PHE I 192 35.77 36.85 -28.96
CA PHE I 192 34.95 35.67 -28.57
C PHE I 192 34.46 34.98 -29.85
N GLN I 193 35.39 34.69 -30.76
CA GLN I 193 35.09 34.17 -32.13
C GLN I 193 34.53 32.75 -32.01
N PRO I 194 33.21 32.53 -32.26
CA PRO I 194 32.60 31.22 -32.04
C PRO I 194 32.98 30.19 -33.11
N VAL I 195 32.51 28.95 -32.92
CA VAL I 195 32.89 27.74 -33.70
C VAL I 195 31.62 27.14 -34.30
N PRO I 196 31.57 26.89 -35.64
CA PRO I 196 30.39 26.26 -36.26
C PRO I 196 29.99 24.83 -35.85
N LEU I 197 30.42 24.33 -34.69
CA LEU I 197 29.99 23.03 -34.08
C LEU I 197 30.42 21.88 -35.01
N MET J 2 64.13 -64.47 -35.33
CA MET J 2 64.73 -63.29 -36.01
C MET J 2 66.02 -62.89 -35.29
N PHE J 3 67.09 -63.68 -35.50
CA PHE J 3 68.44 -63.45 -34.92
C PHE J 3 69.07 -62.23 -35.61
N LEU J 4 68.84 -61.03 -35.04
CA LEU J 4 69.39 -59.74 -35.52
C LEU J 4 70.61 -59.38 -34.66
N GLN J 5 71.75 -59.07 -35.31
CA GLN J 5 72.97 -58.55 -34.63
C GLN J 5 72.81 -57.04 -34.41
N ARG J 6 73.48 -56.50 -33.38
CA ARG J 6 73.49 -55.04 -33.10
C ARG J 6 74.27 -54.34 -34.21
N PRO J 7 73.69 -53.31 -34.89
CA PRO J 7 74.41 -52.60 -35.96
C PRO J 7 75.40 -51.57 -35.42
N LYS J 8 76.01 -50.79 -36.32
CA LYS J 8 77.09 -49.81 -36.04
C LYS J 8 76.59 -48.63 -35.19
N PRO J 9 75.52 -47.93 -35.59
CA PRO J 9 75.48 -46.47 -35.50
C PRO J 9 75.43 -45.89 -34.08
N TYR J 10 75.83 -44.61 -33.97
CA TYR J 10 75.96 -43.82 -32.73
C TYR J 10 74.61 -43.13 -32.44
N SER J 11 74.57 -42.21 -31.48
CA SER J 11 73.36 -41.42 -31.11
C SER J 11 73.03 -40.40 -32.22
N ASP J 12 72.12 -39.46 -31.95
CA ASP J 12 71.72 -38.33 -32.84
C ASP J 12 71.35 -38.84 -34.25
N GLU J 13 70.65 -39.97 -34.32
CA GLU J 13 69.98 -40.49 -35.55
C GLU J 13 68.51 -40.09 -35.49
N SER J 14 67.89 -39.82 -36.66
CA SER J 14 66.47 -39.39 -36.79
C SER J 14 65.59 -40.56 -37.25
N LEU J 15 66.03 -41.80 -37.03
CA LEU J 15 65.26 -43.07 -37.19
C LEU J 15 64.96 -43.36 -38.67
N GLU J 16 65.63 -42.71 -39.62
CA GLU J 16 65.65 -43.11 -41.06
C GLU J 16 67.04 -43.67 -41.41
N SER J 17 68.12 -43.12 -40.84
CA SER J 17 69.52 -43.52 -41.08
C SER J 17 69.84 -44.86 -40.39
N PHE J 18 69.42 -45.02 -39.13
CA PHE J 18 69.53 -46.29 -38.34
C PHE J 18 68.82 -47.43 -39.07
N PHE J 19 67.65 -47.14 -39.67
CA PHE J 19 66.81 -48.12 -40.43
C PHE J 19 67.30 -48.26 -41.88
N ILE J 20 68.41 -47.62 -42.25
CA ILE J 20 69.29 -48.03 -43.39
C ILE J 20 70.40 -48.95 -42.86
N ARG J 21 70.95 -48.65 -41.67
CA ARG J 21 72.10 -49.38 -41.07
C ARG J 21 71.64 -50.67 -40.35
N VAL J 22 70.33 -50.93 -40.24
CA VAL J 22 69.80 -52.27 -39.85
C VAL J 22 69.19 -53.00 -41.07
N ALA J 23 68.70 -52.26 -42.07
CA ALA J 23 68.09 -52.81 -43.31
C ALA J 23 69.15 -53.12 -44.38
N ASN J 24 70.44 -52.89 -44.10
CA ASN J 24 71.58 -53.23 -44.99
C ASN J 24 72.55 -54.14 -44.22
N LYS J 25 72.07 -55.31 -43.78
CA LYS J 25 72.88 -56.41 -43.18
C LYS J 25 72.65 -57.70 -43.97
N ASN J 26 71.40 -58.17 -44.03
CA ASN J 26 71.03 -59.49 -44.63
C ASN J 26 70.19 -59.28 -45.90
N GLY J 27 69.09 -58.53 -45.84
CA GLY J 27 68.07 -58.45 -46.90
C GLY J 27 67.63 -57.02 -47.20
N TYR J 28 67.34 -56.73 -48.47
CA TYR J 28 66.74 -55.47 -48.97
C TYR J 28 65.88 -55.75 -50.20
N GLY J 29 64.72 -55.08 -50.31
CA GLY J 29 63.85 -55.06 -51.50
C GLY J 29 63.39 -53.66 -51.86
N ASP J 30 64.05 -52.63 -51.33
CA ASP J 30 63.71 -51.18 -51.49
C ASP J 30 62.26 -50.92 -51.09
N VAL J 31 61.95 -50.89 -49.79
CA VAL J 31 62.75 -51.41 -48.69
C VAL J 31 61.89 -52.41 -47.88
N HIS J 32 60.67 -52.71 -48.37
CA HIS J 32 59.50 -53.18 -47.59
C HIS J 32 59.75 -54.51 -46.87
N ARG J 33 60.57 -55.39 -47.45
CA ARG J 33 60.70 -56.83 -47.07
C ARG J 33 61.16 -56.95 -45.60
N PHE J 34 62.09 -56.09 -45.17
CA PHE J 34 62.63 -56.05 -43.79
C PHE J 34 61.57 -55.55 -42.82
N LEU J 35 60.82 -54.50 -43.20
CA LEU J 35 59.76 -53.87 -42.36
C LEU J 35 58.57 -54.83 -42.22
N GLU J 36 58.21 -55.56 -43.28
CA GLU J 36 57.13 -56.57 -43.26
C GLU J 36 57.59 -57.80 -42.46
N ALA J 37 58.90 -58.10 -42.43
CA ALA J 37 59.50 -59.16 -41.57
C ALA J 37 59.33 -58.78 -40.09
N THR J 38 59.52 -57.50 -39.73
CA THR J 38 59.33 -56.97 -38.36
C THR J 38 57.85 -57.02 -37.97
N LYS J 39 56.94 -56.84 -38.94
CA LYS J 39 55.47 -57.01 -38.74
C LYS J 39 55.17 -58.47 -38.35
N ARG J 40 55.79 -59.43 -39.05
CA ARG J 40 55.67 -60.88 -38.77
C ARG J 40 56.41 -61.23 -37.46
N PHE J 41 57.45 -60.47 -37.08
CA PHE J 41 58.10 -60.57 -35.75
C PHE J 41 57.17 -60.05 -34.65
N LEU J 42 56.38 -59.00 -34.94
CA LEU J 42 55.33 -58.50 -34.01
C LEU J 42 54.21 -59.55 -33.93
N GLN J 43 53.89 -60.22 -35.04
CA GLN J 43 52.89 -61.31 -35.12
C GLN J 43 53.33 -62.53 -34.28
N ASP J 44 54.65 -62.76 -34.13
CA ASP J 44 55.21 -63.86 -33.30
C ASP J 44 54.84 -63.66 -31.82
N ILE J 45 54.77 -62.40 -31.34
CA ILE J 45 54.52 -62.06 -29.91
C ILE J 45 53.04 -61.66 -29.70
N ASP J 46 52.40 -61.04 -30.69
CA ASP J 46 50.95 -60.66 -30.69
C ASP J 46 50.69 -59.65 -29.56
N HIS J 47 51.11 -58.39 -29.77
CA HIS J 47 50.77 -57.22 -28.92
C HIS J 47 49.35 -56.76 -29.26
N ASN J 48 48.54 -56.45 -28.24
CA ASN J 48 47.17 -55.88 -28.41
C ASN J 48 47.30 -54.48 -29.01
N GLY J 49 47.14 -54.36 -30.33
CA GLY J 49 47.50 -53.17 -31.14
C GLY J 49 48.72 -53.46 -31.99
N TYR J 50 48.69 -54.56 -32.75
CA TYR J 50 49.79 -55.06 -33.62
C TYR J 50 49.75 -54.37 -34.99
N GLN J 51 48.54 -54.13 -35.50
CA GLN J 51 48.28 -53.48 -36.82
C GLN J 51 48.75 -52.01 -36.83
N THR J 52 48.75 -51.35 -35.67
CA THR J 52 49.20 -49.93 -35.50
C THR J 52 50.73 -49.89 -35.55
N PHE J 53 51.31 -49.83 -36.76
CA PHE J 53 52.77 -49.98 -37.01
C PHE J 53 53.22 -49.11 -38.20
N PRO J 54 54.45 -48.55 -38.19
CA PRO J 54 55.00 -47.87 -39.36
C PRO J 54 55.13 -48.78 -40.61
N THR J 55 54.58 -48.33 -41.74
CA THR J 55 54.57 -49.04 -43.05
C THR J 55 55.77 -48.59 -43.89
N ASP J 56 55.77 -47.31 -44.33
CA ASP J 56 56.82 -46.69 -45.18
C ASP J 56 57.92 -46.11 -44.28
N ILE J 57 58.99 -45.60 -44.90
CA ILE J 57 60.20 -45.05 -44.19
C ILE J 57 59.93 -43.62 -43.72
N THR J 58 58.83 -43.00 -44.18
CA THR J 58 58.13 -41.85 -43.51
C THR J 58 57.02 -42.45 -42.64
N ARG J 59 56.79 -41.87 -41.45
CA ARG J 59 55.90 -42.37 -40.36
C ARG J 59 56.66 -43.35 -39.45
N ILE J 60 57.94 -43.64 -39.75
CA ILE J 60 58.84 -44.49 -38.90
C ILE J 60 58.93 -43.88 -37.49
N ASN J 61 58.99 -42.55 -37.39
CA ASN J 61 58.99 -41.79 -36.11
C ASN J 61 57.59 -41.79 -35.51
N PRO J 62 57.45 -41.76 -34.16
CA PRO J 62 56.15 -41.48 -33.52
C PRO J 62 55.81 -39.97 -33.44
N TYR J 63 55.86 -39.27 -34.58
CA TYR J 63 55.35 -37.88 -34.75
C TYR J 63 54.11 -37.90 -35.66
N SER J 64 54.03 -38.86 -36.61
CA SER J 64 52.85 -39.14 -37.46
C SER J 64 51.89 -40.11 -36.77
N ALA J 65 52.16 -40.48 -35.50
CA ALA J 65 51.20 -41.11 -34.58
C ALA J 65 50.17 -40.06 -34.15
N LYS J 66 48.92 -40.18 -34.63
CA LYS J 66 47.84 -39.20 -34.39
C LYS J 66 47.33 -39.38 -32.94
N ASN J 67 47.13 -40.63 -32.52
CA ASN J 67 46.90 -41.03 -31.10
C ASN J 67 47.79 -42.23 -30.72
N SER J 68 48.03 -43.17 -31.63
CA SER J 68 48.70 -44.49 -31.38
C SER J 68 50.22 -44.31 -31.28
N SER J 69 50.69 -43.65 -30.22
CA SER J 69 52.12 -43.51 -29.84
C SER J 69 52.44 -44.33 -28.57
N SER J 70 51.42 -44.74 -27.81
CA SER J 70 51.55 -45.60 -26.59
C SER J 70 52.05 -46.99 -27.01
N ALA J 71 51.30 -47.68 -27.87
CA ALA J 71 51.62 -49.02 -28.42
C ALA J 71 52.90 -48.98 -29.25
N ARG J 72 53.16 -47.85 -29.93
CA ARG J 72 54.36 -47.61 -30.78
C ARG J 72 55.63 -47.77 -29.93
N THR J 73 55.88 -46.82 -29.01
CA THR J 73 57.10 -46.76 -28.16
C THR J 73 57.14 -47.98 -27.22
N ALA J 74 55.97 -48.51 -26.83
CA ALA J 74 55.80 -49.79 -26.09
C ALA J 74 56.40 -50.93 -26.92
N SER J 75 55.99 -51.07 -28.18
CA SER J 75 56.48 -52.10 -29.13
C SER J 75 57.98 -51.88 -29.43
N PHE J 76 58.40 -50.62 -29.56
CA PHE J 76 59.83 -50.23 -29.76
C PHE J 76 60.69 -50.76 -28.60
N LEU J 77 60.27 -50.53 -27.34
CA LEU J 77 60.94 -51.05 -26.11
C LEU J 77 60.99 -52.58 -26.15
N LYS J 78 59.89 -53.23 -26.57
CA LYS J 78 59.75 -54.72 -26.61
C LYS J 78 60.69 -55.31 -27.66
N LEU J 79 60.72 -54.75 -28.88
CA LEU J 79 61.62 -55.21 -29.97
C LEU J 79 63.06 -54.73 -29.72
N ALA J 80 63.27 -53.73 -28.86
CA ALA J 80 64.61 -53.22 -28.47
C ALA J 80 65.32 -54.21 -27.54
N GLN J 81 64.65 -54.64 -26.45
CA GLN J 81 65.28 -55.24 -25.24
C GLN J 81 66.03 -56.54 -25.59
N LEU J 82 65.31 -57.63 -25.87
CA LEU J 82 65.87 -59.02 -25.89
C LEU J 82 66.43 -59.39 -27.27
N THR J 83 66.08 -58.65 -28.34
CA THR J 83 66.25 -59.10 -29.75
C THR J 83 67.64 -58.72 -30.30
N PHE J 84 68.11 -57.49 -30.05
CA PHE J 84 69.18 -56.83 -30.86
C PHE J 84 70.59 -57.25 -30.44
N ASN J 85 70.76 -58.04 -29.36
CA ASN J 85 71.94 -58.92 -29.15
C ASN J 85 73.20 -58.09 -28.86
N GLU J 86 73.40 -57.62 -27.61
CA GLU J 86 72.40 -57.48 -26.57
C GLU J 86 71.90 -56.04 -26.50
N PRO J 87 72.76 -55.01 -26.23
CA PRO J 87 72.29 -53.66 -25.96
C PRO J 87 72.30 -52.75 -27.19
N PRO J 88 71.12 -52.40 -27.77
CA PRO J 88 71.06 -51.45 -28.87
C PRO J 88 70.94 -50.00 -28.36
N GLU J 89 70.55 -49.07 -29.24
CA GLU J 89 70.11 -47.70 -28.87
C GLU J 89 68.78 -47.39 -29.57
N LEU J 90 67.67 -47.55 -28.83
CA LEU J 90 66.31 -47.05 -29.20
C LEU J 90 65.73 -46.28 -28.01
N LEU J 91 64.61 -45.57 -28.23
CA LEU J 91 63.97 -44.68 -27.23
C LEU J 91 64.99 -43.62 -26.80
N GLY J 92 65.37 -42.73 -27.74
CA GLY J 92 66.57 -41.89 -27.65
C GLY J 92 67.12 -41.50 -29.02
N LEU J 93 66.78 -42.27 -30.06
CA LEU J 93 66.76 -41.80 -31.48
C LEU J 93 65.35 -42.02 -32.03
N ALA J 94 64.60 -40.91 -32.18
CA ALA J 94 63.22 -40.85 -32.71
C ALA J 94 62.79 -39.37 -32.78
N ILE J 95 61.62 -39.09 -33.35
CA ILE J 95 60.96 -37.75 -33.33
C ILE J 95 59.63 -37.92 -32.56
N ASN J 96 59.67 -37.68 -31.25
CA ASN J 96 58.52 -37.82 -30.31
C ASN J 96 57.81 -36.45 -30.21
N ARG J 97 56.53 -36.45 -29.83
CA ARG J 97 55.70 -35.23 -29.62
C ARG J 97 55.08 -35.26 -28.23
N THR J 98 55.15 -34.15 -27.49
CA THR J 98 54.81 -34.03 -26.04
C THR J 98 53.87 -32.83 -25.82
N ASN J 99 53.62 -32.46 -24.55
CA ASN J 99 52.62 -31.43 -24.14
C ASN J 99 53.26 -30.35 -23.26
N MET J 100 54.51 -29.94 -23.56
CA MET J 100 55.22 -28.80 -22.92
C MET J 100 55.02 -27.56 -23.81
N LYS J 101 53.85 -26.92 -23.72
CA LYS J 101 53.22 -26.12 -24.81
C LYS J 101 53.66 -24.65 -24.78
N TYR J 102 54.27 -24.21 -25.88
CA TYR J 102 54.22 -22.81 -26.42
C TYR J 102 53.77 -22.88 -27.88
N SER J 103 54.43 -23.73 -28.67
CA SER J 103 53.99 -24.26 -29.99
C SER J 103 54.44 -25.72 -30.06
N PRO J 104 53.53 -26.68 -30.37
CA PRO J 104 53.47 -27.96 -29.65
C PRO J 104 54.75 -28.81 -29.67
N SER J 105 55.62 -28.54 -28.69
CA SER J 105 56.58 -29.49 -28.06
C SER J 105 56.79 -30.76 -28.89
N THR J 106 57.65 -30.69 -29.90
CA THR J 106 58.29 -31.86 -30.56
C THR J 106 59.54 -32.22 -29.74
N SER J 107 59.58 -33.45 -29.19
CA SER J 107 60.56 -33.90 -28.18
C SER J 107 61.42 -35.04 -28.74
N ALA J 108 62.21 -34.75 -29.77
CA ALA J 108 63.01 -35.73 -30.56
C ALA J 108 63.84 -36.63 -29.63
N VAL J 109 64.89 -36.08 -29.01
CA VAL J 109 65.82 -36.80 -28.09
C VAL J 109 65.89 -36.04 -26.76
N VAL J 110 66.32 -34.78 -26.81
CA VAL J 110 66.55 -33.88 -25.63
C VAL J 110 65.52 -32.74 -25.65
N ARG J 111 64.27 -33.05 -26.05
CA ARG J 111 63.09 -32.15 -26.02
C ARG J 111 63.21 -31.01 -27.07
N GLY J 112 64.40 -30.74 -27.61
CA GLY J 112 64.69 -29.53 -28.40
C GLY J 112 64.18 -29.61 -29.83
N ALA J 113 62.88 -29.32 -30.02
CA ALA J 113 62.24 -29.11 -31.35
C ALA J 113 60.84 -28.49 -31.18
N GLU J 114 60.24 -28.08 -32.30
CA GLU J 114 58.84 -27.58 -32.41
C GLU J 114 58.20 -28.22 -33.65
N VAL J 115 56.90 -27.95 -33.89
CA VAL J 115 56.17 -28.36 -35.12
C VAL J 115 56.38 -27.28 -36.19
N PHE J 116 57.05 -27.65 -37.28
CA PHE J 116 57.26 -26.79 -38.49
C PHE J 116 57.36 -27.69 -39.73
N PRO J 117 56.80 -27.28 -40.89
CA PRO J 117 56.74 -28.15 -42.07
C PRO J 117 58.10 -28.40 -42.73
N ARG J 118 58.43 -29.68 -42.98
CA ARG J 118 59.64 -30.13 -43.72
C ARG J 118 59.25 -31.26 -44.68
N SER J 119 59.38 -31.02 -45.99
CA SER J 119 58.97 -31.95 -47.08
C SER J 119 60.20 -32.51 -47.81
N LEU J 120 61.21 -31.67 -48.09
CA LEU J 120 62.45 -32.05 -48.83
C LEU J 120 63.68 -31.82 -47.93
N LEU J 121 64.57 -32.81 -47.84
CA LEU J 121 65.65 -32.91 -46.80
C LEU J 121 67.04 -32.92 -47.47
N ARG J 122 67.20 -33.66 -48.56
CA ARG J 122 68.33 -33.62 -49.53
C ARG J 122 69.38 -32.56 -49.15
N THR J 123 70.32 -32.89 -48.26
CA THR J 123 71.41 -31.96 -47.81
C THR J 123 72.73 -32.39 -48.48
N HIS J 124 73.40 -33.43 -47.97
CA HIS J 124 74.76 -33.86 -48.40
C HIS J 124 75.21 -35.12 -47.66
N SER J 125 76.10 -35.87 -48.31
CA SER J 125 76.96 -36.95 -47.75
C SER J 125 78.02 -37.29 -48.79
N ILE J 126 79.29 -37.43 -48.38
CA ILE J 126 80.37 -37.99 -49.24
C ILE J 126 79.96 -39.43 -49.49
N PRO J 127 80.45 -40.43 -48.72
CA PRO J 127 79.59 -41.16 -47.78
C PRO J 127 80.07 -41.01 -46.33
N CYS J 128 79.17 -40.60 -45.43
CA CYS J 128 79.41 -40.54 -43.95
C CYS J 128 78.13 -40.95 -43.21
N CYS J 129 77.23 -39.99 -42.95
CA CYS J 129 75.94 -40.15 -42.22
C CYS J 129 75.42 -38.78 -41.79
N PRO J 130 74.19 -38.39 -42.19
CA PRO J 130 73.56 -37.17 -41.67
C PRO J 130 72.76 -37.46 -40.40
N LEU J 131 72.46 -36.43 -39.60
CA LEU J 131 71.36 -36.47 -38.58
C LEU J 131 70.06 -36.61 -39.38
N CYS J 132 69.80 -35.62 -40.26
CA CYS J 132 69.22 -35.73 -41.62
C CYS J 132 68.27 -34.55 -41.93
N LEU J 133 67.50 -34.09 -40.93
CA LEU J 133 66.17 -33.47 -41.16
C LEU J 133 66.19 -31.95 -40.98
N ARG J 134 66.01 -31.49 -39.73
CA ARG J 134 65.16 -30.32 -39.36
C ARG J 134 65.64 -29.04 -40.06
N GLU J 135 66.46 -28.20 -39.41
CA GLU J 135 66.91 -26.89 -39.97
C GLU J 135 68.44 -26.82 -39.94
N ASN J 136 69.11 -27.86 -40.46
CA ASN J 136 70.58 -27.94 -40.56
C ASN J 136 71.01 -27.28 -41.88
N GLY J 137 70.51 -27.80 -43.00
CA GLY J 137 70.60 -27.22 -44.37
C GLY J 137 72.01 -26.74 -44.72
N TYR J 138 72.23 -25.41 -44.63
CA TYR J 138 73.50 -24.72 -44.99
C TYR J 138 74.28 -24.40 -43.71
N ALA J 139 74.24 -25.29 -42.72
CA ALA J 139 74.98 -25.17 -41.44
C ALA J 139 75.13 -26.54 -40.76
N SER J 140 75.67 -27.51 -41.51
CA SER J 140 76.29 -28.77 -41.00
C SER J 140 77.79 -28.71 -41.29
N TYR J 141 78.61 -29.15 -40.34
CA TYR J 141 80.03 -28.79 -40.11
C TYR J 141 80.68 -28.16 -41.37
N LEU J 142 80.80 -28.91 -42.46
CA LEU J 142 81.28 -28.38 -43.79
C LEU J 142 80.06 -28.21 -44.72
N TRP J 143 79.67 -29.26 -45.45
CA TRP J 143 78.46 -29.36 -46.33
C TRP J 143 77.93 -27.98 -46.73
N HIS J 144 78.48 -27.41 -47.82
CA HIS J 144 78.25 -26.00 -48.26
C HIS J 144 77.49 -25.95 -49.60
N PHE J 145 76.26 -25.43 -49.55
CA PHE J 145 75.59 -24.65 -50.63
C PHE J 145 75.01 -25.58 -51.71
N GLN J 146 74.02 -26.38 -51.30
CA GLN J 146 72.69 -26.57 -51.97
C GLN J 146 72.36 -28.03 -52.27
N GLY J 147 71.33 -28.52 -51.58
CA GLY J 147 70.24 -29.39 -52.07
C GLY J 147 70.67 -30.52 -52.99
N TYR J 148 69.99 -30.63 -54.14
CA TYR J 148 69.93 -31.82 -55.04
C TYR J 148 68.93 -31.50 -56.18
N GLU J 149 69.37 -31.60 -57.44
CA GLU J 149 68.61 -31.10 -58.62
C GLU J 149 68.34 -32.22 -59.65
N TYR J 150 69.28 -33.13 -59.91
CA TYR J 150 69.30 -34.03 -61.09
C TYR J 150 69.54 -35.49 -60.67
N CYS J 151 69.34 -36.41 -61.63
CA CYS J 151 69.34 -37.89 -61.46
C CYS J 151 70.51 -38.52 -62.23
N HIS J 152 70.66 -39.85 -62.13
CA HIS J 152 71.65 -40.71 -62.85
C HIS J 152 73.05 -40.61 -62.23
N SER J 153 73.17 -40.02 -61.03
CA SER J 153 74.28 -40.24 -60.06
C SER J 153 73.68 -41.01 -58.87
N HIS J 154 72.78 -40.34 -58.13
CA HIS J 154 71.48 -40.88 -57.63
C HIS J 154 71.61 -42.30 -57.08
N ASN J 155 71.94 -42.48 -55.79
CA ASN J 155 72.44 -41.47 -54.86
C ASN J 155 73.50 -42.17 -54.00
N VAL J 156 73.78 -41.70 -52.77
CA VAL J 156 74.71 -42.38 -51.83
C VAL J 156 73.92 -43.34 -50.95
N PRO J 157 72.87 -42.91 -50.19
CA PRO J 157 71.91 -43.84 -49.59
C PRO J 157 70.52 -43.91 -50.22
N LEU J 158 70.08 -45.12 -50.57
CA LEU J 158 68.67 -45.60 -50.65
C LEU J 158 67.75 -44.54 -51.30
N ILE J 159 67.38 -44.78 -52.56
CA ILE J 159 66.72 -43.79 -53.49
C ILE J 159 65.37 -43.35 -52.89
N THR J 160 64.56 -44.30 -52.40
CA THR J 160 63.18 -44.09 -51.90
C THR J 160 63.16 -43.17 -50.67
N THR J 161 64.22 -43.19 -49.85
CA THR J 161 64.25 -42.54 -48.50
C THR J 161 64.46 -41.03 -48.66
N CYS J 162 65.63 -40.63 -49.16
CA CYS J 162 66.07 -39.22 -49.31
C CYS J 162 66.25 -38.85 -50.79
N SER J 163 66.95 -39.69 -51.57
CA SER J 163 67.32 -39.47 -52.99
C SER J 163 68.34 -38.31 -53.10
N GLY J 164 80.11 -11.70 -48.95
CA GLY J 164 79.24 -12.12 -47.82
C GLY J 164 79.09 -13.62 -47.75
N HIS J 165 79.64 -14.24 -46.70
CA HIS J 165 79.67 -15.72 -46.48
C HIS J 165 79.67 -16.04 -44.97
N GLU J 166 79.23 -17.25 -44.62
CA GLU J 166 79.29 -17.82 -43.24
C GLU J 166 78.37 -17.01 -42.32
N ALA J 167 77.16 -16.69 -42.79
CA ALA J 167 76.09 -15.98 -42.04
C ALA J 167 75.03 -16.99 -41.59
N ALA J 168 74.55 -17.83 -42.51
CA ALA J 168 73.62 -18.96 -42.26
C ALA J 168 74.31 -20.06 -41.45
N CYS J 169 75.64 -20.18 -41.58
CA CYS J 169 76.49 -21.21 -40.90
C CYS J 169 76.61 -20.95 -39.39
N THR J 170 76.10 -19.81 -38.89
CA THR J 170 76.09 -19.42 -37.45
C THR J 170 74.70 -19.61 -36.83
N VAL J 171 73.63 -19.46 -37.63
CA VAL J 171 72.20 -19.60 -37.17
C VAL J 171 71.99 -21.02 -36.65
N SER J 172 72.14 -22.01 -37.53
CA SER J 172 72.37 -23.44 -37.16
C SER J 172 73.89 -23.68 -37.18
N ASN J 173 74.35 -24.83 -36.67
CA ASN J 173 75.71 -25.00 -36.10
C ASN J 173 75.85 -23.94 -35.00
N TRP J 174 75.48 -24.34 -33.77
CA TRP J 174 74.73 -23.59 -32.73
C TRP J 174 73.27 -24.07 -32.76
N LEU J 175 72.97 -25.09 -33.57
CA LEU J 175 71.79 -25.98 -33.42
C LEU J 175 72.24 -27.26 -32.69
N ALA J 176 73.42 -27.77 -33.05
CA ALA J 176 74.15 -28.83 -32.30
C ALA J 176 75.65 -28.65 -32.49
N GLY J 177 76.14 -27.43 -32.23
CA GLY J 177 77.53 -27.00 -32.47
C GLY J 177 78.37 -26.97 -31.21
N HIS J 178 79.66 -26.69 -31.36
CA HIS J 178 80.69 -26.68 -30.26
C HIS J 178 80.56 -25.40 -29.43
N GLU J 179 80.53 -24.24 -30.09
CA GLU J 179 80.53 -22.90 -29.42
C GLU J 179 79.67 -21.91 -30.22
N SER J 180 80.13 -21.52 -31.42
CA SER J 180 79.65 -20.36 -32.22
C SER J 180 79.80 -19.07 -31.39
N LYS J 181 81.03 -18.56 -31.33
CA LYS J 181 81.56 -17.61 -30.32
C LYS J 181 80.66 -16.38 -30.17
N PRO J 182 80.18 -15.72 -31.26
CA PRO J 182 79.32 -14.54 -31.12
C PRO J 182 77.93 -14.83 -30.52
N LEU J 183 77.49 -16.10 -30.50
CA LEU J 183 76.16 -16.52 -29.97
C LEU J 183 76.33 -17.15 -28.59
N PRO J 184 75.39 -16.94 -27.64
CA PRO J 184 75.62 -17.19 -26.21
C PRO J 184 75.70 -18.64 -25.70
N ASN J 185 75.87 -19.63 -26.60
CA ASN J 185 76.08 -21.08 -26.33
C ASN J 185 75.21 -21.56 -25.15
N LEU J 186 73.90 -21.66 -25.34
CA LEU J 186 72.93 -22.22 -24.36
C LEU J 186 72.87 -23.75 -24.48
N PRO J 187 72.28 -24.46 -23.50
CA PRO J 187 71.83 -25.84 -23.69
C PRO J 187 70.89 -26.08 -24.88
N LYS J 188 70.52 -27.34 -25.09
CA LYS J 188 69.99 -27.89 -26.37
C LYS J 188 68.65 -27.24 -26.75
N SER J 189 67.63 -27.33 -25.88
CA SER J 189 66.21 -27.07 -26.21
C SER J 189 65.90 -25.56 -26.29
N TYR J 190 66.80 -24.69 -25.82
CA TYR J 190 66.57 -23.23 -25.65
C TYR J 190 66.97 -22.45 -26.91
N ARG J 191 67.96 -22.96 -27.67
CA ARG J 191 68.35 -22.42 -29.00
C ARG J 191 67.12 -22.39 -29.92
N TRP J 192 66.42 -23.52 -30.01
CA TRP J 192 65.21 -23.70 -30.87
C TRP J 192 64.12 -22.70 -30.43
N GLY J 193 63.88 -22.62 -29.11
CA GLY J 193 62.95 -21.69 -28.46
C GLY J 193 63.27 -20.24 -28.76
N LEU J 194 64.56 -19.86 -28.70
CA LEU J 194 65.02 -18.46 -28.96
C LEU J 194 64.81 -18.11 -30.45
N VAL J 195 65.06 -19.04 -31.37
CA VAL J 195 64.83 -18.82 -32.85
C VAL J 195 63.31 -18.82 -33.11
N HIS J 196 62.53 -19.61 -32.36
CA HIS J 196 61.04 -19.61 -32.44
C HIS J 196 60.48 -18.32 -31.83
N TRP J 197 61.19 -17.69 -30.89
CA TRP J 197 60.88 -16.32 -30.41
C TRP J 197 61.11 -15.32 -31.56
N TRP J 198 62.19 -15.50 -32.34
CA TRP J 198 62.53 -14.62 -33.49
C TRP J 198 61.44 -14.68 -34.56
N MET J 199 60.70 -15.81 -34.64
CA MET J 199 59.39 -15.86 -35.35
C MET J 199 58.37 -15.08 -34.52
N GLY J 200 57.91 -13.93 -35.01
CA GLY J 200 57.16 -12.92 -34.26
C GLY J 200 57.82 -11.55 -34.35
N ILE J 201 59.15 -11.53 -34.44
CA ILE J 201 59.95 -10.31 -34.80
C ILE J 201 59.64 -10.02 -36.27
N LYS J 202 59.49 -8.72 -36.58
CA LYS J 202 58.75 -8.13 -37.74
C LYS J 202 58.54 -9.14 -38.88
N ASP J 203 59.62 -9.74 -39.40
CA ASP J 203 59.56 -10.75 -40.51
C ASP J 203 58.98 -12.06 -39.96
N SER J 204 57.66 -12.12 -39.79
CA SER J 204 56.90 -13.26 -39.22
C SER J 204 56.61 -14.29 -40.32
N ASP J 205 64.12 -15.55 -38.58
CA ASP J 205 64.21 -16.63 -39.61
C ASP J 205 65.66 -17.09 -39.77
N HIS J 206 66.60 -16.14 -39.99
CA HIS J 206 68.05 -16.41 -40.18
C HIS J 206 68.85 -15.13 -39.89
N PHE J 207 70.14 -15.12 -40.24
CA PHE J 207 71.17 -14.07 -39.99
C PHE J 207 70.60 -12.64 -40.11
N SER J 208 71.22 -11.72 -39.35
CA SER J 208 70.61 -10.49 -38.76
C SER J 208 69.64 -10.97 -37.67
N PHE J 209 70.18 -11.12 -36.46
CA PHE J 209 69.97 -12.26 -35.51
C PHE J 209 71.34 -12.81 -35.13
N VAL J 210 72.37 -12.48 -35.92
CA VAL J 210 73.82 -12.61 -35.57
C VAL J 210 74.33 -11.25 -35.09
N GLN J 211 73.98 -10.17 -35.79
CA GLN J 211 74.37 -8.77 -35.48
C GLN J 211 73.70 -8.29 -34.19
N PHE J 212 72.53 -8.83 -33.84
CA PHE J 212 71.75 -8.46 -32.63
C PHE J 212 72.51 -8.83 -31.35
N PHE J 213 73.15 -10.01 -31.34
CA PHE J 213 73.92 -10.54 -30.17
C PHE J 213 75.25 -9.80 -30.01
N SER J 214 75.68 -9.01 -31.00
CA SER J 214 76.77 -8.00 -30.85
C SER J 214 76.24 -6.85 -29.97
N ASN J 215 76.81 -6.69 -28.77
CA ASN J 215 76.32 -5.77 -27.70
C ASN J 215 74.98 -6.34 -27.19
N TRP J 216 75.02 -7.55 -26.64
CA TRP J 216 73.85 -8.47 -26.44
C TRP J 216 72.80 -7.83 -25.53
N PRO J 217 73.07 -7.49 -24.26
CA PRO J 217 72.07 -6.87 -23.38
C PRO J 217 72.16 -5.32 -23.41
N ARG J 218 72.31 -4.75 -24.61
CA ARG J 218 72.28 -3.28 -24.88
C ARG J 218 71.36 -2.96 -26.08
N SER J 219 71.09 -3.93 -26.97
CA SER J 219 70.15 -3.81 -28.12
C SER J 219 68.75 -4.30 -27.71
N PHE J 220 68.66 -5.40 -26.95
CA PHE J 220 67.39 -5.96 -26.43
C PHE J 220 66.69 -4.95 -25.52
N HIS J 221 67.47 -4.26 -24.67
CA HIS J 221 67.00 -3.15 -23.80
C HIS J 221 66.52 -1.97 -24.65
N SER J 222 67.19 -1.72 -25.79
CA SER J 222 66.80 -0.70 -26.80
C SER J 222 65.45 -1.06 -27.44
N ILE J 223 65.19 -2.35 -27.69
CA ILE J 223 63.88 -2.85 -28.22
C ILE J 223 62.82 -2.68 -27.13
N ILE J 224 63.15 -2.98 -25.85
CA ILE J 224 62.24 -2.82 -24.68
C ILE J 224 61.88 -1.34 -24.51
N GLU J 225 62.87 -0.44 -24.47
CA GLU J 225 62.65 0.99 -24.18
C GLU J 225 61.94 1.70 -25.36
N ASP J 226 62.19 1.26 -26.61
CA ASP J 226 61.50 1.81 -27.81
C ASP J 226 60.05 1.31 -27.86
N GLU J 227 59.81 0.06 -27.42
CA GLU J 227 58.44 -0.53 -27.31
C GLU J 227 57.61 0.32 -26.33
N VAL J 228 58.11 0.50 -25.10
CA VAL J 228 57.36 1.17 -23.99
C VAL J 228 57.12 2.63 -24.34
N GLU J 229 58.11 3.36 -24.90
CA GLU J 229 57.95 4.79 -25.28
C GLU J 229 56.93 4.91 -26.43
N PHE J 230 56.95 3.99 -27.41
CA PHE J 230 56.00 4.00 -28.56
C PHE J 230 54.60 3.65 -28.09
N ASN J 231 54.47 2.65 -27.21
CA ASN J 231 53.17 2.20 -26.62
C ASN J 231 52.66 3.24 -25.61
N LEU J 232 53.54 4.04 -25.00
CA LEU J 232 53.18 5.10 -24.01
C LEU J 232 52.55 6.29 -24.74
N GLU J 233 53.24 6.82 -25.76
CA GLU J 233 52.83 8.02 -26.54
C GLU J 233 51.54 7.72 -27.31
N HIS J 234 51.42 6.52 -27.89
CA HIS J 234 50.29 6.11 -28.78
C HIS J 234 49.41 5.05 -28.10
N ALA J 235 49.07 5.25 -26.82
CA ALA J 235 48.02 4.48 -26.08
C ALA J 235 46.71 5.26 -26.14
N VAL J 236 45.60 4.58 -25.84
CA VAL J 236 44.20 5.11 -25.98
C VAL J 236 43.61 5.46 -24.60
N VAL J 237 44.04 4.78 -23.53
CA VAL J 237 43.32 4.76 -22.22
C VAL J 237 43.61 6.06 -21.46
N SER J 238 44.81 6.25 -20.91
CA SER J 238 45.21 7.44 -20.10
C SER J 238 46.71 7.41 -19.77
N THR J 239 47.22 8.47 -19.15
CA THR J 239 48.59 8.54 -18.55
C THR J 239 48.67 7.55 -17.40
N SER J 240 47.62 7.47 -16.58
CA SER J 240 47.38 6.41 -15.56
C SER J 240 46.60 5.26 -16.19
N GLU J 241 46.21 4.25 -15.39
CA GLU J 241 45.25 3.16 -15.70
C GLU J 241 45.49 2.55 -17.09
N LEU J 242 46.77 2.41 -17.51
CA LEU J 242 47.17 1.53 -18.63
C LEU J 242 47.24 0.10 -18.10
N ARG J 243 46.83 -0.88 -18.90
CA ARG J 243 46.79 -2.31 -18.52
C ARG J 243 48.21 -2.88 -18.71
N LEU J 244 48.38 -4.20 -18.58
CA LEU J 244 49.63 -4.90 -19.00
C LEU J 244 49.52 -5.25 -20.49
N LYS J 245 48.35 -5.03 -21.10
CA LYS J 245 48.17 -4.78 -22.57
C LYS J 245 48.36 -3.28 -22.81
N ASP J 246 48.45 -2.88 -24.09
CA ASP J 246 48.67 -1.48 -24.56
C ASP J 246 50.10 -1.02 -24.23
N LEU J 247 50.94 -1.87 -23.64
CA LEU J 247 52.32 -1.55 -23.14
C LEU J 247 52.95 -2.84 -22.59
N LEU J 248 54.14 -3.20 -23.11
CA LEU J 248 54.92 -4.45 -22.83
C LEU J 248 54.01 -5.68 -22.66
N GLY J 249 52.98 -5.83 -23.49
CA GLY J 249 52.02 -6.95 -23.45
C GLY J 249 52.45 -8.11 -24.33
N ARG J 250 53.05 -7.81 -25.48
CA ARG J 250 53.38 -8.81 -26.55
C ARG J 250 54.64 -9.59 -26.16
N LEU J 251 55.71 -8.88 -25.82
CA LEU J 251 57.08 -9.43 -25.62
C LEU J 251 57.29 -9.91 -24.17
N PHE J 252 56.25 -9.90 -23.32
CA PHE J 252 56.29 -10.43 -21.93
C PHE J 252 55.74 -11.87 -21.92
N PHE J 253 54.50 -12.07 -22.35
CA PHE J 253 53.83 -13.40 -22.44
C PHE J 253 54.43 -14.22 -23.57
N GLY J 254 54.97 -13.55 -24.60
CA GLY J 254 55.65 -14.18 -25.76
C GLY J 254 56.97 -14.84 -25.38
N SER J 255 57.66 -14.31 -24.36
CA SER J 255 58.97 -14.80 -23.86
C SER J 255 58.77 -15.67 -22.61
N ILE J 256 57.72 -16.50 -22.58
CA ILE J 256 57.33 -17.39 -21.44
C ILE J 256 57.18 -18.82 -21.97
N ARG J 257 57.77 -19.79 -21.26
CA ARG J 257 57.82 -21.23 -21.63
C ARG J 257 58.48 -21.38 -23.01
N LEU J 258 59.78 -21.07 -23.09
CA LEU J 258 60.61 -21.17 -24.32
C LEU J 258 61.79 -22.11 -24.07
N PRO J 259 61.61 -23.45 -23.97
CA PRO J 259 60.30 -24.10 -23.87
C PRO J 259 59.71 -24.18 -22.45
N GLU J 260 60.52 -23.92 -21.42
CA GLU J 260 60.11 -23.88 -19.99
C GLU J 260 60.58 -22.55 -19.38
N ARG J 261 59.74 -21.94 -18.54
CA ARG J 261 59.96 -20.64 -17.86
C ARG J 261 61.10 -20.77 -16.84
N ASN J 262 62.34 -20.92 -17.31
CA ASN J 262 63.58 -20.85 -16.50
C ASN J 262 64.11 -19.41 -16.60
N LEU J 263 65.30 -19.12 -16.05
CA LEU J 263 65.86 -17.74 -16.08
C LEU J 263 67.38 -17.71 -16.31
N GLN J 264 68.14 -18.77 -16.00
CA GLN J 264 69.57 -18.89 -16.39
C GLN J 264 69.68 -19.62 -17.75
N HIS J 265 68.64 -20.36 -18.15
CA HIS J 265 68.52 -21.01 -19.49
C HIS J 265 67.82 -20.05 -20.46
N ASN J 266 66.59 -19.61 -20.12
CA ASN J 266 65.84 -18.58 -20.87
C ASN J 266 66.55 -17.23 -20.67
N ILE J 267 67.23 -16.75 -21.72
CA ILE J 267 68.12 -15.56 -21.69
C ILE J 267 67.32 -14.30 -22.06
N ILE J 268 66.02 -14.45 -22.38
CA ILE J 268 65.11 -13.36 -22.84
C ILE J 268 64.34 -12.81 -21.64
N LEU J 269 63.72 -13.68 -20.84
CA LEU J 269 62.91 -13.32 -19.64
C LEU J 269 63.83 -12.73 -18.55
N GLY J 270 65.10 -13.17 -18.50
CA GLY J 270 66.13 -12.70 -17.54
C GLY J 270 66.34 -11.19 -17.61
N GLU J 271 66.67 -10.67 -18.79
CA GLU J 271 66.98 -9.22 -19.02
C GLU J 271 65.71 -8.37 -18.91
N LEU J 272 64.55 -8.93 -19.27
CA LEU J 272 63.23 -8.25 -19.17
C LEU J 272 62.92 -7.99 -17.69
N LEU J 273 62.94 -9.04 -16.87
CA LEU J 273 62.70 -8.95 -15.39
C LEU J 273 63.79 -8.11 -14.73
N CYS J 274 65.05 -8.21 -15.20
CA CYS J 274 66.18 -7.35 -14.76
C CYS J 274 65.85 -5.88 -15.02
N TYR J 275 65.42 -5.55 -16.25
CA TYR J 275 65.10 -4.16 -16.67
C TYR J 275 63.86 -3.65 -15.92
N LEU J 276 62.85 -4.50 -15.70
CA LEU J 276 61.62 -4.13 -14.95
C LEU J 276 61.94 -3.92 -13.47
N GLU J 277 62.75 -4.80 -12.86
CA GLU J 277 63.16 -4.74 -11.43
C GLU J 277 63.94 -3.43 -11.16
N ASN J 278 64.78 -3.01 -12.11
CA ASN J 278 65.60 -1.77 -12.02
C ASN J 278 64.72 -0.53 -12.23
N ARG J 279 63.73 -0.62 -13.15
CA ARG J 279 62.84 0.50 -13.55
C ARG J 279 61.39 0.19 -13.12
N LEU J 280 61.12 0.17 -11.82
CA LEU J 280 59.73 0.09 -11.26
C LEU J 280 59.28 1.50 -10.86
N TRP J 281 59.85 2.06 -9.79
CA TRP J 281 59.50 3.40 -9.24
C TRP J 281 60.54 4.42 -9.71
N GLN J 282 60.34 4.98 -10.91
CA GLN J 282 61.29 5.94 -11.55
C GLN J 282 60.53 7.18 -12.06
N ASP J 283 59.64 7.02 -13.04
CA ASP J 283 58.86 8.14 -13.64
C ASP J 283 57.88 8.65 -12.57
N LYS J 284 56.90 7.82 -12.19
CA LYS J 284 56.01 8.04 -11.01
C LYS J 284 55.61 6.68 -10.40
N GLY J 285 56.35 5.61 -10.70
CA GLY J 285 55.87 4.23 -10.62
C GLY J 285 54.97 3.91 -11.81
N LEU J 286 55.47 4.17 -13.03
CA LEU J 286 54.74 3.98 -14.32
C LEU J 286 54.45 2.49 -14.50
N ILE J 287 55.47 1.64 -14.32
CA ILE J 287 55.42 0.17 -14.56
C ILE J 287 54.71 -0.50 -13.37
N ALA J 288 54.97 -0.01 -12.14
CA ALA J 288 54.37 -0.52 -10.87
C ALA J 288 52.85 -0.31 -10.88
N ASN J 289 52.38 0.82 -11.42
CA ASN J 289 50.95 1.18 -11.56
C ASN J 289 50.46 0.79 -12.96
N LEU J 290 50.68 -0.47 -13.36
CA LEU J 290 50.08 -1.10 -14.57
C LEU J 290 49.04 -2.12 -14.10
N LYS J 291 47.80 -1.99 -14.57
CA LYS J 291 46.64 -2.80 -14.14
C LYS J 291 46.80 -4.22 -14.67
N MET J 292 46.85 -5.21 -13.76
CA MET J 292 46.95 -6.66 -14.07
C MET J 292 45.60 -7.34 -13.79
N ASN J 293 45.40 -8.50 -14.41
CA ASN J 293 44.15 -9.30 -14.35
C ASN J 293 44.31 -10.40 -13.29
N ALA J 294 43.24 -11.15 -13.01
CA ALA J 294 43.20 -12.26 -12.03
C ALA J 294 43.70 -13.57 -12.66
N LEU J 295 43.73 -13.66 -13.99
CA LEU J 295 44.23 -14.85 -14.75
C LEU J 295 45.55 -14.53 -15.48
N GLU J 296 45.87 -13.25 -15.73
CA GLU J 296 47.23 -12.79 -16.13
C GLU J 296 48.19 -12.86 -14.93
N ALA J 297 47.65 -12.80 -13.71
CA ALA J 297 48.38 -13.08 -12.44
C ALA J 297 48.82 -14.55 -12.41
N THR J 298 47.97 -15.45 -12.92
CA THR J 298 48.23 -16.92 -13.02
C THR J 298 49.38 -17.20 -14.00
N VAL J 299 49.58 -16.34 -15.00
CA VAL J 299 50.69 -16.45 -16.00
C VAL J 299 52.02 -16.05 -15.33
N MET J 300 52.03 -15.01 -14.49
CA MET J 300 53.26 -14.43 -13.89
C MET J 300 53.69 -15.24 -12.68
N LEU J 301 52.77 -15.54 -11.75
CA LEU J 301 53.05 -16.34 -10.52
C LEU J 301 53.28 -17.81 -10.87
N ASN J 302 52.76 -18.30 -12.00
CA ASN J 302 52.61 -19.74 -12.34
C ASN J 302 51.67 -20.36 -11.30
N CYS J 303 50.56 -19.67 -11.00
CA CYS J 303 49.53 -20.07 -10.01
C CYS J 303 48.53 -21.02 -10.66
N SER J 304 47.42 -21.34 -9.98
CA SER J 304 46.37 -22.28 -10.45
C SER J 304 45.02 -21.57 -10.67
N LEU J 305 44.86 -20.30 -10.23
CA LEU J 305 43.60 -19.50 -10.22
C LEU J 305 42.68 -19.93 -9.06
N ASP J 306 42.94 -21.09 -8.44
CA ASP J 306 42.20 -21.61 -7.26
C ASP J 306 42.91 -21.19 -5.97
N GLN J 307 44.24 -21.01 -6.01
CA GLN J 307 45.04 -20.40 -4.91
C GLN J 307 44.87 -18.88 -4.90
N ILE J 308 44.50 -18.28 -6.05
CA ILE J 308 44.26 -16.82 -6.22
C ILE J 308 43.14 -16.37 -5.27
N ALA J 309 41.96 -17.00 -5.38
CA ALA J 309 40.75 -16.72 -4.56
C ALA J 309 41.08 -16.86 -3.07
N SER J 310 41.85 -17.88 -2.70
CA SER J 310 42.36 -18.12 -1.32
C SER J 310 43.29 -16.96 -0.89
N MET J 311 44.23 -16.57 -1.77
CA MET J 311 45.19 -15.46 -1.51
C MET J 311 44.45 -14.12 -1.37
N VAL J 312 43.34 -13.93 -2.10
CA VAL J 312 42.44 -12.75 -1.92
C VAL J 312 41.68 -12.90 -0.59
N GLU J 313 41.16 -14.11 -0.30
CA GLU J 313 40.36 -14.42 0.92
C GLU J 313 41.20 -14.16 2.19
N GLN J 314 42.49 -14.52 2.17
CA GLN J 314 43.42 -14.30 3.33
C GLN J 314 43.98 -12.87 3.30
N ARG J 315 43.69 -12.08 2.25
CA ARG J 315 44.19 -10.70 2.02
C ARG J 315 45.73 -10.71 1.99
N ILE J 316 46.30 -11.57 1.15
CA ILE J 316 47.74 -11.55 0.74
C ILE J 316 47.83 -10.76 -0.56
N LEU J 317 46.87 -10.94 -1.48
CA LEU J 317 46.62 -10.07 -2.66
C LEU J 317 45.46 -9.12 -2.33
N LYS J 318 45.77 -7.84 -2.12
CA LYS J 318 44.80 -6.77 -1.77
C LYS J 318 44.23 -6.17 -3.05
N PRO J 319 42.92 -6.34 -3.37
CA PRO J 319 42.32 -5.73 -4.56
C PRO J 319 41.97 -4.25 -4.35
N ASN J 320 41.59 -3.56 -5.43
CA ASN J 320 41.32 -2.09 -5.48
C ASN J 320 39.80 -1.86 -5.59
N ARG J 321 39.17 -1.46 -4.48
CA ARG J 321 37.70 -1.25 -4.35
C ARG J 321 36.97 -2.52 -4.81
N LYS J 322 37.08 -3.57 -4.00
CA LYS J 322 36.44 -4.91 -4.17
C LYS J 322 34.93 -4.77 -4.47
N SER J 323 34.39 -5.69 -5.27
CA SER J 323 33.03 -5.67 -5.85
C SER J 323 31.96 -5.68 -4.75
N LYS J 324 32.17 -6.46 -3.68
CA LYS J 324 31.25 -6.57 -2.51
C LYS J 324 32.00 -6.15 -1.24
N ASP J 325 34.09 -12.29 -9.81
CA ASP J 325 34.69 -11.83 -11.10
C ASP J 325 36.03 -12.54 -11.32
N VAL J 326 36.39 -12.79 -12.59
CA VAL J 326 37.63 -13.51 -13.00
C VAL J 326 38.41 -12.69 -14.05
N THR J 327 37.73 -11.98 -14.97
CA THR J 327 38.35 -11.16 -16.04
C THR J 327 38.12 -9.67 -15.76
N ASP J 328 38.61 -9.19 -14.60
CA ASP J 328 38.61 -7.76 -14.20
C ASP J 328 40.04 -7.35 -13.82
N TYR J 329 40.37 -6.06 -13.98
CA TYR J 329 41.71 -5.48 -13.75
C TYR J 329 41.76 -4.86 -12.35
N LEU J 330 42.00 -5.71 -11.34
CA LEU J 330 42.00 -5.34 -9.89
C LEU J 330 43.44 -5.08 -9.43
N PHE J 331 44.32 -6.06 -9.63
CA PHE J 331 45.69 -6.12 -9.05
C PHE J 331 46.61 -5.16 -9.82
N HIS J 332 47.61 -4.58 -9.14
CA HIS J 332 48.68 -3.73 -9.72
C HIS J 332 49.93 -4.60 -9.95
N PHE J 333 50.82 -4.16 -10.84
CA PHE J 333 51.99 -4.92 -11.35
C PHE J 333 53.05 -5.10 -10.26
N GLY J 334 53.36 -4.01 -9.52
CA GLY J 334 54.36 -3.98 -8.43
C GLY J 334 54.05 -4.99 -7.33
N ASP J 335 52.77 -5.17 -7.00
CA ASP J 335 52.28 -6.10 -5.95
C ASP J 335 52.55 -7.55 -6.40
N ILE J 336 52.18 -7.89 -7.64
CA ILE J 336 52.36 -9.25 -8.25
C ILE J 336 53.86 -9.52 -8.40
N PHE J 337 54.64 -8.54 -8.87
CA PHE J 337 56.11 -8.62 -9.05
C PHE J 337 56.78 -8.98 -7.71
N CYS J 338 56.47 -8.21 -6.66
CA CYS J 338 56.99 -8.41 -5.29
C CYS J 338 56.44 -9.71 -4.68
N LEU J 339 55.21 -10.10 -5.04
CA LEU J 339 54.56 -11.36 -4.57
C LEU J 339 55.28 -12.57 -5.19
N TRP J 340 55.67 -12.50 -6.47
CA TRP J 340 56.51 -13.54 -7.13
C TRP J 340 57.87 -13.62 -6.41
N LEU J 341 58.49 -12.47 -6.14
CA LEU J 341 59.79 -12.36 -5.40
C LEU J 341 59.63 -12.92 -3.98
N ALA J 342 58.43 -12.80 -3.38
CA ALA J 342 58.11 -13.31 -2.03
C ALA J 342 57.87 -14.83 -2.08
N GLU J 343 56.76 -15.25 -2.69
CA GLU J 343 56.11 -16.57 -2.43
C GLU J 343 56.31 -17.55 -3.58
N PHE J 344 56.22 -17.12 -4.84
CA PHE J 344 56.12 -18.02 -6.03
C PHE J 344 57.43 -18.05 -6.82
N GLN J 345 58.57 -17.93 -6.13
CA GLN J 345 59.92 -18.32 -6.65
C GLN J 345 59.99 -19.85 -6.72
N SER J 346 60.97 -20.37 -7.46
CA SER J 346 61.31 -21.81 -7.56
C SER J 346 62.82 -21.97 -7.72
N ASP J 347 63.29 -23.19 -8.01
CA ASP J 347 64.73 -23.50 -8.28
C ASP J 347 65.06 -23.14 -9.75
N GLU J 348 64.05 -22.90 -10.59
CA GLU J 348 64.20 -22.56 -12.03
C GLU J 348 63.71 -21.12 -12.30
N PHE J 349 62.65 -20.67 -11.63
CA PHE J 349 62.07 -19.30 -11.74
C PHE J 349 62.49 -18.50 -10.49
N ASN J 350 63.79 -18.22 -10.38
CA ASN J 350 64.46 -17.62 -9.18
C ASN J 350 65.09 -16.27 -9.55
N ARG J 351 65.46 -15.47 -8.53
CA ARG J 351 65.96 -14.07 -8.69
C ARG J 351 67.42 -14.07 -9.15
N SER J 352 68.27 -14.87 -8.52
CA SER J 352 69.76 -14.81 -8.62
C SER J 352 70.26 -15.15 -10.03
N PHE J 353 69.45 -15.77 -10.88
CA PHE J 353 69.80 -16.18 -12.27
C PHE J 353 70.04 -14.95 -13.16
N TYR J 354 69.30 -13.85 -12.94
CA TYR J 354 69.53 -12.54 -13.61
C TYR J 354 70.48 -11.71 -12.75
N VAL J 355 70.52 -10.37 -12.94
CA VAL J 355 71.58 -9.44 -12.44
C VAL J 355 71.95 -9.77 -10.99
N SER J 356 73.26 -9.86 -10.68
CA SER J 356 74.38 -9.63 -11.57
C SER J 356 74.79 -10.93 -12.28
N ARG J 357 74.57 -11.00 -13.60
CA ARG J 357 75.15 -12.03 -14.52
C ARG J 357 76.11 -11.30 -15.47
N TRP J 358 75.59 -10.35 -16.25
CA TRP J 358 76.34 -9.55 -17.25
C TRP J 358 77.06 -8.40 -16.54
N MET K 2 68.94 7.91 5.11
CA MET K 2 69.30 8.25 3.70
C MET K 2 70.82 8.39 3.57
N PHE K 3 71.40 7.78 2.53
CA PHE K 3 72.85 7.77 2.21
C PHE K 3 73.61 7.11 3.37
N LEU K 4 73.53 5.77 3.46
CA LEU K 4 74.21 4.96 4.50
C LEU K 4 75.33 4.12 3.86
N GLN K 5 76.46 4.78 3.60
CA GLN K 5 77.87 4.30 3.73
C GLN K 5 78.27 3.21 2.71
N ARG K 6 77.37 2.29 2.34
CA ARG K 6 77.61 1.21 1.34
C ARG K 6 78.64 0.22 1.89
N PRO K 7 78.22 -0.89 2.53
CA PRO K 7 79.16 -1.82 3.19
C PRO K 7 79.99 -2.71 2.23
N LYS K 8 80.63 -3.75 2.79
CA LYS K 8 81.75 -4.53 2.18
C LYS K 8 81.28 -5.79 1.46
N PRO K 9 80.03 -6.28 1.68
CA PRO K 9 79.82 -7.66 2.10
C PRO K 9 80.32 -8.77 1.16
N TYR K 10 81.00 -9.76 1.74
CA TYR K 10 81.12 -11.14 1.21
C TYR K 10 79.78 -11.86 1.45
N SER K 11 79.53 -12.96 0.72
CA SER K 11 78.24 -13.69 0.73
C SER K 11 78.07 -14.50 2.03
N ASP K 12 77.09 -15.42 2.07
CA ASP K 12 76.76 -16.34 3.18
C ASP K 12 76.48 -15.57 4.48
N GLU K 13 75.85 -14.38 4.38
CA GLU K 13 75.17 -13.65 5.47
C GLU K 13 73.66 -13.80 5.25
N SER K 14 72.84 -13.78 6.32
CA SER K 14 71.39 -14.09 6.26
C SER K 14 70.56 -12.97 6.92
N LEU K 15 70.68 -11.75 6.40
CA LEU K 15 69.72 -10.61 6.58
C LEU K 15 69.51 -10.28 8.06
N GLU K 16 70.50 -10.53 8.92
CA GLU K 16 70.45 -10.26 10.39
C GLU K 16 71.81 -9.72 10.85
N SER K 17 72.91 -10.39 10.46
CA SER K 17 74.29 -9.86 10.55
C SER K 17 74.45 -8.65 9.61
N PHE K 18 73.78 -8.65 8.46
CA PHE K 18 73.82 -7.55 7.44
C PHE K 18 73.31 -6.24 8.05
N PHE K 19 72.08 -6.27 8.58
CA PHE K 19 71.38 -5.11 9.20
C PHE K 19 72.20 -4.61 10.39
N ILE K 20 72.73 -5.52 11.22
CA ILE K 20 73.67 -5.21 12.34
C ILE K 20 74.92 -4.51 11.78
N ARG K 21 75.48 -5.03 10.68
CA ARG K 21 76.75 -4.53 10.08
C ARG K 21 76.54 -3.14 9.48
N VAL K 22 75.44 -2.91 8.75
CA VAL K 22 75.09 -1.56 8.20
C VAL K 22 74.64 -0.63 9.34
N ALA K 23 74.08 -1.17 10.44
CA ALA K 23 73.64 -0.38 11.62
C ALA K 23 74.85 0.12 12.42
N ASN K 24 75.80 -0.77 12.74
CA ASN K 24 76.90 -0.53 13.73
C ASN K 24 77.88 0.54 13.25
N LYS K 25 77.89 0.90 11.96
CA LYS K 25 78.68 2.04 11.40
C LYS K 25 77.72 3.17 11.04
N ASN K 26 78.16 4.42 11.25
CA ASN K 26 77.37 5.68 11.25
C ASN K 26 76.81 5.93 12.67
N GLY K 27 76.45 4.86 13.39
CA GLY K 27 76.20 4.87 14.85
C GLY K 27 74.73 4.75 15.18
N TYR K 28 74.30 3.57 15.64
CA TYR K 28 72.93 3.25 16.13
C TYR K 28 73.05 2.43 17.42
N GLY K 29 71.92 1.98 17.98
CA GLY K 29 71.85 1.16 19.21
C GLY K 29 72.23 -0.29 18.95
N ASP K 30 71.33 -1.22 19.27
CA ASP K 30 71.51 -2.68 19.03
C ASP K 30 71.20 -2.95 17.55
N VAL K 31 69.92 -2.81 17.16
CA VAL K 31 69.48 -2.49 15.78
C VAL K 31 68.56 -1.26 15.91
N HIS K 32 67.32 -1.45 16.35
CA HIS K 32 66.60 -0.65 17.39
C HIS K 32 66.50 0.85 17.03
N ARG K 33 67.62 1.52 16.70
CA ARG K 33 67.63 2.91 16.17
C ARG K 33 67.61 2.89 14.63
N PHE K 34 68.15 1.83 14.00
CA PHE K 34 68.22 1.66 12.52
C PHE K 34 66.84 1.30 11.96
N LEU K 35 66.23 0.20 12.45
CA LEU K 35 64.94 -0.33 11.93
C LEU K 35 63.81 0.67 12.17
N GLU K 36 63.90 1.48 13.23
CA GLU K 36 62.99 2.64 13.45
C GLU K 36 63.26 3.70 12.37
N ALA K 37 64.53 3.95 12.03
CA ALA K 37 64.95 4.92 11.00
C ALA K 37 64.52 4.46 9.60
N THR K 38 64.43 3.13 9.36
CA THR K 38 63.93 2.56 8.07
C THR K 38 62.40 2.70 8.00
N LYS K 39 61.68 2.47 9.10
CA LYS K 39 60.20 2.67 9.17
C LYS K 39 59.88 4.17 9.07
N ARG K 40 60.69 5.03 9.68
CA ARG K 40 60.68 6.51 9.47
C ARG K 40 60.79 6.79 7.96
N PHE K 41 61.75 6.15 7.29
CA PHE K 41 62.07 6.34 5.85
C PHE K 41 60.95 5.82 4.96
N LEU K 42 60.30 4.71 5.33
CA LEU K 42 59.15 4.15 4.58
C LEU K 42 57.87 4.92 4.91
N GLN K 43 57.81 5.59 6.08
CA GLN K 43 56.74 6.56 6.43
C GLN K 43 56.92 7.83 5.58
N ASP K 44 58.16 8.14 5.17
CA ASP K 44 58.47 9.18 4.16
C ASP K 44 58.02 8.68 2.77
N ILE K 45 58.14 9.54 1.76
CA ILE K 45 57.40 9.51 0.44
C ILE K 45 57.20 8.08 -0.09
N ASP K 46 55.95 7.75 -0.42
CA ASP K 46 55.53 6.65 -1.33
C ASP K 46 55.96 5.29 -0.77
N HIS K 47 55.17 4.73 0.14
CA HIS K 47 55.10 3.28 0.46
C HIS K 47 53.79 2.97 1.19
N ASN K 48 53.11 1.90 0.79
CA ASN K 48 51.75 1.52 1.26
C ASN K 48 51.86 0.60 2.49
N GLY K 49 52.64 -0.49 2.37
CA GLY K 49 52.83 -1.50 3.42
C GLY K 49 54.09 -1.27 4.22
N TYR K 50 54.10 -0.21 5.05
CA TYR K 50 55.26 0.27 5.85
C TYR K 50 55.03 0.04 7.36
N GLN K 51 53.78 0.12 7.82
CA GLN K 51 53.39 -0.14 9.23
C GLN K 51 53.65 -1.60 9.62
N THR K 52 53.74 -2.51 8.64
CA THR K 52 54.03 -3.96 8.82
C THR K 52 55.53 -4.24 8.60
N PHE K 53 56.41 -3.34 9.06
CA PHE K 53 57.89 -3.48 9.00
C PHE K 53 58.41 -3.76 10.41
N PRO K 54 59.26 -4.80 10.60
CA PRO K 54 59.65 -5.24 11.94
C PRO K 54 60.64 -4.30 12.66
N THR K 55 60.64 -4.34 14.00
CA THR K 55 61.45 -3.49 14.91
C THR K 55 62.59 -4.33 15.52
N ASP K 56 62.26 -5.51 16.05
CA ASP K 56 63.26 -6.53 16.50
C ASP K 56 63.87 -7.17 15.24
N ILE K 57 65.15 -7.57 15.31
CA ILE K 57 65.89 -8.18 14.17
C ILE K 57 65.45 -9.65 14.03
N THR K 58 64.94 -10.25 15.11
CA THR K 58 64.12 -11.49 15.06
C THR K 58 62.86 -11.20 14.24
N ARG K 59 62.39 -12.18 13.47
CA ARG K 59 61.32 -12.09 12.44
C ARG K 59 61.49 -10.80 11.61
N ILE K 60 62.65 -10.65 10.95
CA ILE K 60 62.87 -9.67 9.83
C ILE K 60 62.71 -10.40 8.49
N ASN K 61 63.07 -11.68 8.42
CA ASN K 61 62.93 -12.53 7.20
C ASN K 61 61.45 -12.70 6.87
N PRO K 62 61.03 -12.50 5.60
CA PRO K 62 59.61 -12.61 5.22
C PRO K 62 59.09 -14.04 5.03
N TYR K 63 59.42 -14.95 5.96
CA TYR K 63 58.75 -16.26 6.19
C TYR K 63 58.07 -16.29 7.57
N SER K 64 58.22 -15.21 8.35
CA SER K 64 57.55 -14.98 9.66
C SER K 64 56.33 -14.07 9.49
N ALA K 65 56.28 -13.27 8.40
CA ALA K 65 55.20 -12.32 8.08
C ALA K 65 53.87 -13.10 7.91
N LYS K 66 52.82 -12.64 8.61
CA LYS K 66 51.49 -13.29 8.69
C LYS K 66 50.84 -13.28 7.30
N ASN K 67 50.58 -12.08 6.75
CA ASN K 67 50.06 -11.86 5.37
C ASN K 67 50.93 -10.87 4.59
N SER K 68 51.77 -10.07 5.27
CA SER K 68 52.50 -8.91 4.70
C SER K 68 53.95 -9.31 4.37
N SER K 69 54.12 -10.30 3.48
CA SER K 69 55.42 -10.77 2.94
C SER K 69 55.77 -9.95 1.69
N SER K 70 54.83 -9.84 0.75
CA SER K 70 54.97 -9.09 -0.54
C SER K 70 55.35 -7.63 -0.28
N ALA K 71 54.86 -7.03 0.81
CA ALA K 71 55.21 -5.66 1.25
C ALA K 71 56.65 -5.63 1.78
N ARG K 72 57.09 -6.69 2.47
CA ARG K 72 58.44 -6.81 3.09
C ARG K 72 59.51 -6.83 1.99
N THR K 73 59.27 -7.56 0.90
CA THR K 73 60.17 -7.67 -0.28
C THR K 73 60.17 -6.35 -1.06
N ALA K 74 59.01 -5.69 -1.14
CA ALA K 74 58.81 -4.36 -1.77
C ALA K 74 59.61 -3.30 -1.00
N SER K 75 59.53 -3.32 0.34
CA SER K 75 60.30 -2.42 1.24
C SER K 75 61.81 -2.67 1.09
N PHE K 76 62.23 -3.93 0.92
CA PHE K 76 63.64 -4.34 0.72
C PHE K 76 64.16 -3.81 -0.63
N LEU K 77 63.35 -3.89 -1.70
CA LEU K 77 63.71 -3.33 -3.04
C LEU K 77 63.87 -1.80 -2.91
N LYS K 78 62.86 -1.13 -2.36
CA LYS K 78 62.83 0.35 -2.15
C LYS K 78 64.02 0.79 -1.28
N LEU K 79 64.35 0.01 -0.24
CA LEU K 79 65.47 0.30 0.70
C LEU K 79 66.81 0.20 -0.04
N ALA K 80 66.98 -0.80 -0.91
CA ALA K 80 68.21 -1.01 -1.73
C ALA K 80 68.31 0.07 -2.81
N GLN K 81 67.23 0.31 -3.56
CA GLN K 81 67.23 1.01 -4.87
C GLN K 81 67.78 2.45 -4.76
N LEU K 82 67.51 3.17 -3.66
CA LEU K 82 67.62 4.66 -3.61
C LEU K 82 68.27 5.19 -2.32
N THR K 83 69.00 4.37 -1.55
CA THR K 83 69.60 4.80 -0.24
C THR K 83 71.10 4.47 -0.10
N PHE K 84 71.65 3.56 -0.92
CA PHE K 84 72.94 2.86 -0.63
C PHE K 84 74.01 3.13 -1.71
N ASN K 85 73.97 4.27 -2.41
CA ASN K 85 74.99 4.77 -3.38
C ASN K 85 75.75 3.59 -4.04
N GLU K 86 75.25 3.11 -5.19
CA GLU K 86 75.67 1.85 -5.86
C GLU K 86 75.37 0.69 -4.92
N PRO K 87 74.11 0.20 -4.83
CA PRO K 87 73.69 -0.66 -3.72
C PRO K 87 74.20 -2.10 -3.80
N PRO K 88 74.24 -2.83 -2.66
CA PRO K 88 74.56 -4.27 -2.66
C PRO K 88 73.34 -5.17 -2.89
N GLU K 89 73.54 -6.48 -2.85
CA GLU K 89 72.47 -7.51 -2.98
C GLU K 89 71.72 -7.61 -1.64
N LEU K 90 70.62 -6.86 -1.51
CA LEU K 90 69.78 -6.81 -0.28
C LEU K 90 68.78 -7.97 -0.30
N LEU K 91 68.06 -8.13 -1.42
CA LEU K 91 67.33 -9.39 -1.76
C LEU K 91 68.37 -10.42 -2.24
N GLY K 92 68.21 -11.69 -1.83
CA GLY K 92 69.18 -12.78 -2.06
C GLY K 92 69.78 -13.28 -0.75
N LEU K 93 69.62 -12.52 0.34
CA LEU K 93 69.98 -12.93 1.73
C LEU K 93 68.71 -13.26 2.53
N ALA K 94 67.52 -12.94 1.99
CA ALA K 94 66.22 -13.09 2.66
C ALA K 94 65.71 -14.54 2.51
N ILE K 95 65.32 -15.16 3.63
CA ILE K 95 64.80 -16.56 3.70
C ILE K 95 63.28 -16.49 3.55
N ASN K 96 62.79 -16.49 2.31
CA ASN K 96 61.34 -16.47 1.96
C ASN K 96 60.78 -17.89 2.09
N ARG K 97 59.49 -18.08 1.78
CA ARG K 97 58.83 -19.42 1.67
C ARG K 97 58.32 -19.62 0.24
N THR K 98 58.06 -20.88 -0.13
CA THR K 98 57.80 -21.33 -1.53
C THR K 98 56.42 -22.00 -1.60
N ASN K 99 56.11 -22.66 -2.74
CA ASN K 99 54.92 -23.53 -2.94
C ASN K 99 55.34 -24.94 -3.36
N MET K 100 56.65 -25.25 -3.41
CA MET K 100 57.19 -26.59 -3.78
C MET K 100 57.19 -27.49 -2.53
N LYS K 101 56.68 -28.71 -2.67
CA LYS K 101 56.32 -29.62 -1.54
C LYS K 101 57.36 -30.74 -1.39
N TYR K 102 57.27 -31.46 -0.26
CA TYR K 102 58.02 -32.71 0.07
C TYR K 102 57.00 -33.80 0.44
N SER K 103 57.44 -34.90 1.06
CA SER K 103 56.60 -36.07 1.44
C SER K 103 55.52 -35.68 2.46
N PRO K 104 55.84 -35.04 3.61
CA PRO K 104 54.82 -34.42 4.46
C PRO K 104 54.49 -32.95 4.07
N SER K 105 54.42 -32.67 2.76
CA SER K 105 53.84 -31.45 2.12
C SER K 105 54.76 -30.23 2.27
N THR K 106 55.34 -30.01 3.46
CA THR K 106 56.58 -29.22 3.72
C THR K 106 56.85 -28.24 2.56
N SER K 107 56.04 -27.18 2.46
CA SER K 107 56.21 -26.07 1.49
C SER K 107 57.44 -25.25 1.91
N ALA K 108 58.55 -25.40 1.18
CA ALA K 108 59.93 -25.23 1.68
C ALA K 108 60.28 -23.75 1.94
N VAL K 109 61.23 -23.19 1.17
CA VAL K 109 62.01 -21.96 1.48
C VAL K 109 62.81 -21.60 0.23
N VAL K 110 63.06 -20.31 -0.01
CA VAL K 110 64.06 -19.81 -1.01
C VAL K 110 64.90 -18.74 -0.33
N ARG K 111 66.16 -19.06 -0.01
CA ARG K 111 67.15 -18.12 0.58
C ARG K 111 67.69 -17.25 -0.57
N GLY K 112 68.89 -17.55 -1.09
CA GLY K 112 69.42 -16.97 -2.34
C GLY K 112 68.78 -17.64 -3.55
N ALA K 113 69.04 -18.95 -3.71
CA ALA K 113 68.36 -19.84 -4.69
C ALA K 113 68.68 -21.31 -4.38
N GLU K 114 68.07 -21.85 -3.33
CA GLU K 114 68.04 -23.31 -3.01
C GLU K 114 66.78 -23.59 -2.18
N VAL K 115 66.85 -24.49 -1.20
CA VAL K 115 65.73 -24.89 -0.31
C VAL K 115 66.28 -25.25 1.08
N PHE K 116 65.56 -24.90 2.13
CA PHE K 116 65.76 -25.35 3.53
C PHE K 116 64.39 -25.77 4.07
N PRO K 117 63.97 -27.04 3.85
CA PRO K 117 62.54 -27.38 3.74
C PRO K 117 61.68 -26.95 4.94
N ARG K 118 61.70 -27.68 6.06
CA ARG K 118 60.98 -27.27 7.31
C ARG K 118 61.40 -28.14 8.50
N SER K 119 61.54 -29.46 8.34
CA SER K 119 62.04 -30.39 9.37
C SER K 119 63.47 -30.02 9.79
N LEU K 120 64.27 -29.49 8.85
CA LEU K 120 65.60 -28.87 9.11
C LEU K 120 65.42 -27.36 9.31
N LEU K 121 64.73 -26.97 10.40
CA LEU K 121 64.52 -25.57 10.82
C LEU K 121 64.40 -25.51 12.35
N ARG K 122 65.05 -24.52 12.97
CA ARG K 122 65.20 -24.39 14.44
C ARG K 122 63.94 -23.72 15.03
N THR K 123 63.61 -22.52 14.55
CA THR K 123 62.41 -21.71 14.89
C THR K 123 62.53 -21.05 16.27
N HIS K 124 63.51 -21.43 17.10
CA HIS K 124 63.77 -20.88 18.45
C HIS K 124 65.13 -21.34 18.97
N SER K 125 65.84 -20.48 19.71
CA SER K 125 67.15 -20.73 20.37
C SER K 125 68.15 -21.33 19.37
N ILE K 126 68.59 -20.53 18.39
CA ILE K 126 69.63 -20.89 17.39
C ILE K 126 70.99 -20.49 17.99
N PRO K 127 71.96 -21.42 18.15
CA PRO K 127 73.32 -21.07 18.55
C PRO K 127 74.30 -20.92 17.37
N CYS K 128 75.47 -20.31 17.61
CA CYS K 128 76.51 -19.97 16.59
C CYS K 128 77.89 -20.51 16.98
N CYS K 129 78.69 -20.90 15.98
CA CYS K 129 80.17 -21.01 16.05
C CYS K 129 80.75 -19.59 16.06
N PRO K 130 81.65 -19.22 17.01
CA PRO K 130 82.02 -17.81 17.22
C PRO K 130 82.95 -17.16 16.19
N LEU K 131 83.42 -15.95 16.52
CA LEU K 131 84.76 -15.33 16.20
C LEU K 131 84.78 -14.55 14.88
N CYS K 132 83.62 -14.30 14.24
CA CYS K 132 83.49 -13.31 13.14
C CYS K 132 82.02 -12.84 13.06
N LEU K 133 81.32 -13.01 11.92
CA LEU K 133 79.96 -12.45 11.70
C LEU K 133 79.25 -13.14 10.54
N ARG K 134 78.11 -13.80 10.80
CA ARG K 134 77.89 -14.66 11.96
C ARG K 134 77.90 -16.09 11.40
N GLU K 135 77.08 -16.32 10.36
CA GLU K 135 77.16 -17.37 9.32
C GLU K 135 75.82 -17.43 8.59
N ASN K 136 75.79 -18.01 7.38
CA ASN K 136 74.55 -18.48 6.71
C ASN K 136 74.11 -19.81 7.33
N GLY K 137 75.07 -20.70 7.60
CA GLY K 137 74.88 -22.13 7.96
C GLY K 137 73.89 -22.38 9.10
N TYR K 138 73.67 -21.40 10.00
CA TYR K 138 72.78 -21.55 11.19
C TYR K 138 71.32 -21.60 10.76
N ALA K 139 70.44 -21.93 11.73
CA ALA K 139 68.97 -21.97 11.62
C ALA K 139 68.48 -23.29 11.01
N SER K 140 69.38 -24.09 10.42
CA SER K 140 69.12 -25.47 9.90
C SER K 140 69.69 -26.48 10.90
N TYR K 141 69.01 -27.61 11.09
CA TYR K 141 69.13 -28.49 12.29
C TYR K 141 70.44 -29.29 12.23
N LEU K 142 70.57 -30.22 11.27
CA LEU K 142 71.74 -31.15 11.14
C LEU K 142 72.83 -30.42 10.34
N TRP K 143 73.65 -29.62 11.05
CA TRP K 143 74.81 -28.86 10.51
C TRP K 143 75.65 -28.38 11.69
N HIS K 144 76.96 -28.71 11.70
CA HIS K 144 77.84 -28.58 12.88
C HIS K 144 78.96 -27.55 12.63
N PHE K 145 80.05 -27.96 11.97
CA PHE K 145 81.40 -27.36 12.13
C PHE K 145 81.73 -26.39 10.98
N GLN K 146 82.19 -26.90 9.82
CA GLN K 146 82.80 -26.12 8.71
C GLN K 146 84.09 -25.46 9.22
N GLY K 147 85.23 -26.15 9.08
CA GLY K 147 86.58 -25.64 9.42
C GLY K 147 86.96 -25.97 10.85
N TYR K 148 86.55 -25.11 11.80
CA TYR K 148 86.83 -25.23 13.26
C TYR K 148 85.63 -25.89 13.94
N GLU K 149 85.89 -26.88 14.80
CA GLU K 149 84.89 -27.89 15.28
C GLU K 149 84.76 -27.87 16.81
N TYR K 150 83.96 -28.78 17.35
CA TYR K 150 83.78 -29.15 18.79
C TYR K 150 82.72 -28.28 19.48
N CYS K 151 82.46 -27.06 19.01
CA CYS K 151 81.72 -26.00 19.76
C CYS K 151 80.58 -25.39 18.92
N HIS K 152 79.36 -25.36 19.49
CA HIS K 152 78.21 -24.53 19.05
C HIS K 152 78.04 -23.32 19.98
N SER K 153 78.80 -23.26 21.09
CA SER K 153 79.00 -22.07 21.96
C SER K 153 77.66 -21.50 22.44
N HIS K 154 76.76 -22.36 22.92
CA HIS K 154 75.52 -22.00 23.69
C HIS K 154 75.92 -21.93 25.16
N ASN K 155 76.75 -20.92 25.49
CA ASN K 155 77.75 -20.99 26.60
C ASN K 155 77.10 -20.63 27.95
N VAL K 156 77.35 -21.48 28.95
CA VAL K 156 76.93 -21.29 30.38
C VAL K 156 77.76 -20.21 31.08
N PRO K 157 79.03 -19.91 30.71
CA PRO K 157 79.71 -18.71 31.22
C PRO K 157 79.02 -17.38 30.80
N LEU K 158 79.58 -16.25 31.24
CA LEU K 158 78.97 -14.89 31.15
C LEU K 158 78.57 -14.58 29.69
N ILE K 159 77.51 -13.79 29.53
CA ILE K 159 76.89 -13.45 28.21
C ILE K 159 77.83 -12.46 27.50
N THR K 160 78.17 -12.75 26.24
CA THR K 160 79.17 -12.03 25.40
C THR K 160 80.59 -12.29 25.94
N THR K 161 80.91 -13.54 26.24
CA THR K 161 82.31 -14.04 26.43
C THR K 161 82.92 -14.25 25.05
N CYS K 162 82.19 -14.95 24.17
CA CYS K 162 82.42 -15.04 22.71
C CYS K 162 81.63 -13.91 22.02
N SER K 163 82.31 -12.84 21.63
CA SER K 163 81.72 -11.52 21.30
C SER K 163 81.13 -11.51 19.88
N CYS K 164 79.78 -11.56 19.79
CA CYS K 164 78.98 -11.17 18.60
C CYS K 164 78.02 -10.05 19.01
N GLY K 165 77.27 -10.23 20.12
CA GLY K 165 76.78 -9.12 20.97
C GLY K 165 75.26 -8.96 21.03
N LYS K 166 74.56 -9.91 21.66
CA LYS K 166 73.33 -9.71 22.49
C LYS K 166 72.03 -9.58 21.66
N GLU K 167 72.07 -9.06 20.42
CA GLU K 167 70.84 -8.64 19.68
C GLU K 167 70.09 -9.88 19.17
N PHE K 168 70.65 -10.59 18.18
CA PHE K 168 70.26 -11.98 17.81
C PHE K 168 71.47 -12.89 17.99
N ASP K 169 72.64 -12.44 17.51
CA ASP K 169 74.00 -12.86 17.93
C ASP K 169 73.88 -14.07 18.86
N TYR K 170 74.09 -15.25 18.28
CA TYR K 170 73.29 -16.48 18.51
C TYR K 170 73.60 -17.15 19.86
N ARG K 171 74.75 -16.87 20.48
CA ARG K 171 75.16 -17.48 21.77
C ARG K 171 74.11 -17.13 22.84
N VAL K 172 73.71 -18.11 23.65
CA VAL K 172 72.69 -17.98 24.74
C VAL K 172 73.30 -18.51 26.05
N SER K 173 72.59 -18.32 27.17
CA SER K 173 73.01 -18.74 28.53
C SER K 173 71.80 -19.29 29.30
N GLU K 174 85.84 -39.29 12.14
CA GLU K 174 84.49 -38.67 12.22
C GLU K 174 84.13 -38.06 10.86
N ALA K 175 82.83 -38.08 10.51
CA ALA K 175 82.28 -37.59 9.23
C ALA K 175 81.20 -36.50 9.44
N ALA K 176 80.89 -36.14 10.69
CA ALA K 176 80.03 -34.99 11.05
C ALA K 176 80.65 -33.69 10.51
N CYS K 177 81.97 -33.59 10.57
CA CYS K 177 82.80 -32.51 9.94
C CYS K 177 82.68 -32.58 8.41
N THR K 178 82.71 -33.79 7.83
CA THR K 178 82.65 -34.04 6.36
C THR K 178 81.27 -33.64 5.80
N VAL K 179 80.18 -34.01 6.49
CA VAL K 179 78.78 -33.64 6.09
C VAL K 179 78.58 -32.13 6.32
N SER K 180 79.22 -31.55 7.34
CA SER K 180 79.26 -30.09 7.58
C SER K 180 80.02 -29.39 6.44
N ASN K 181 81.10 -30.01 5.94
CA ASN K 181 81.87 -29.53 4.76
C ASN K 181 81.04 -29.71 3.48
N TRP K 182 80.21 -30.76 3.41
CA TRP K 182 79.30 -31.04 2.26
C TRP K 182 78.30 -29.89 2.09
N LEU K 183 77.40 -29.70 3.06
CA LEU K 183 76.23 -28.77 2.98
C LEU K 183 76.69 -27.35 2.65
N ALA K 184 77.86 -26.92 3.15
CA ALA K 184 78.46 -25.59 2.90
C ALA K 184 78.95 -25.49 1.45
N GLY K 185 79.46 -26.59 0.88
CA GLY K 185 79.82 -26.71 -0.55
C GLY K 185 81.30 -27.00 -0.76
N HIS K 186 81.64 -28.29 -0.86
CA HIS K 186 82.98 -28.81 -1.28
C HIS K 186 82.78 -29.89 -2.36
N GLU K 187 83.86 -30.54 -2.81
CA GLU K 187 83.83 -31.71 -3.72
C GLU K 187 83.19 -32.89 -2.96
N SER K 188 83.74 -33.22 -1.79
CA SER K 188 83.20 -34.22 -0.82
C SER K 188 83.02 -35.58 -1.51
N LYS K 189 84.12 -36.34 -1.66
CA LYS K 189 84.22 -37.54 -2.54
C LYS K 189 83.36 -38.70 -2.00
N PRO K 190 83.41 -39.06 -0.70
CA PRO K 190 82.58 -40.16 -0.17
C PRO K 190 81.06 -39.88 -0.19
N LEU K 191 80.66 -38.64 -0.48
CA LEU K 191 79.25 -38.20 -0.64
C LEU K 191 78.97 -37.99 -2.13
N PRO K 192 77.71 -38.06 -2.60
CA PRO K 192 77.41 -38.05 -4.03
C PRO K 192 77.69 -36.72 -4.75
N ASN K 193 77.65 -35.60 -4.01
CA ASN K 193 77.97 -34.22 -4.50
C ASN K 193 76.92 -33.82 -5.54
N LEU K 194 75.71 -33.46 -5.07
CA LEU K 194 74.59 -32.95 -5.90
C LEU K 194 74.51 -31.44 -5.78
N PRO K 195 73.78 -30.73 -6.67
CA PRO K 195 73.37 -29.35 -6.40
C PRO K 195 72.62 -29.24 -5.06
N LYS K 196 72.78 -28.09 -4.40
CA LYS K 196 72.63 -27.90 -2.92
C LYS K 196 71.17 -28.10 -2.47
N SER K 197 70.19 -27.87 -3.36
CA SER K 197 68.74 -27.97 -3.09
C SER K 197 68.34 -29.38 -2.63
N TYR K 198 69.00 -30.42 -3.15
CA TYR K 198 68.64 -31.85 -3.00
C TYR K 198 69.33 -32.49 -1.78
N ARG K 199 70.42 -31.88 -1.30
CA ARG K 199 71.25 -32.38 -0.16
C ARG K 199 70.37 -32.41 1.11
N TRP K 200 69.55 -31.38 1.30
CA TRP K 200 68.57 -31.25 2.40
C TRP K 200 67.47 -32.30 2.24
N GLY K 201 67.00 -32.51 1.00
CA GLY K 201 66.00 -33.53 0.63
C GLY K 201 66.47 -34.94 0.94
N LEU K 202 67.73 -35.26 0.63
CA LEU K 202 68.35 -36.58 0.92
C LEU K 202 68.45 -36.78 2.44
N VAL K 203 68.93 -35.76 3.17
CA VAL K 203 69.04 -35.75 4.67
C VAL K 203 67.65 -35.98 5.27
N HIS K 204 66.64 -35.22 4.83
CA HIS K 204 65.23 -35.31 5.31
C HIS K 204 64.62 -36.66 4.91
N TRP K 205 64.96 -37.20 3.74
CA TRP K 205 64.51 -38.55 3.29
C TRP K 205 65.13 -39.62 4.20
N TRP K 206 66.44 -39.54 4.46
CA TRP K 206 67.15 -40.44 5.42
C TRP K 206 66.54 -40.31 6.82
N MET K 207 66.16 -39.10 7.23
CA MET K 207 65.39 -38.85 8.49
C MET K 207 64.03 -39.54 8.41
N GLY K 208 63.37 -39.49 7.23
CA GLY K 208 62.08 -40.15 6.95
C GLY K 208 62.15 -41.66 7.09
N ILE K 209 63.14 -42.31 6.46
CA ILE K 209 63.25 -43.80 6.35
C ILE K 209 63.84 -44.37 7.65
N LYS K 210 65.15 -44.27 7.85
CA LYS K 210 65.90 -44.89 9.00
C LYS K 210 66.01 -43.86 10.14
N ASP K 211 65.10 -43.92 11.11
CA ASP K 211 65.11 -43.08 12.34
C ASP K 211 64.19 -43.71 13.39
N ASP K 212 71.73 -39.91 13.32
CA ASP K 212 71.50 -40.42 11.94
C ASP K 212 72.62 -39.96 10.99
N HIS K 213 73.64 -39.22 11.46
CA HIS K 213 74.66 -38.53 10.62
C HIS K 213 75.82 -39.48 10.28
N PHE K 214 76.12 -40.47 11.13
CA PHE K 214 77.21 -41.46 10.94
C PHE K 214 76.72 -42.63 10.08
N SER K 215 75.47 -43.06 10.25
CA SER K 215 74.84 -44.18 9.49
C SER K 215 74.66 -43.79 8.02
N PHE K 216 74.38 -42.51 7.72
CA PHE K 216 74.11 -41.99 6.36
C PHE K 216 75.39 -41.99 5.51
N VAL K 217 76.51 -41.52 6.07
CA VAL K 217 77.84 -41.52 5.37
C VAL K 217 78.32 -42.96 5.16
N GLN K 218 77.90 -43.90 6.02
CA GLN K 218 78.22 -45.35 5.91
C GLN K 218 77.19 -46.08 5.03
N PHE K 219 76.02 -45.49 4.77
CA PHE K 219 75.10 -45.96 3.69
C PHE K 219 75.75 -45.68 2.32
N PHE K 220 76.40 -44.52 2.16
CA PHE K 220 77.03 -44.06 0.90
C PHE K 220 78.46 -44.62 0.76
N SER K 221 78.84 -45.59 1.59
CA SER K 221 79.96 -46.54 1.33
C SER K 221 79.62 -47.37 0.09
N ASN K 222 78.37 -47.81 -0.03
CA ASN K 222 77.81 -48.55 -1.20
C ASN K 222 76.46 -47.92 -1.59
N TRP K 223 76.49 -46.85 -2.39
CA TRP K 223 75.26 -46.17 -2.91
C TRP K 223 74.58 -47.05 -3.96
N PRO K 224 75.23 -47.34 -5.12
CA PRO K 224 74.52 -47.93 -6.27
C PRO K 224 74.23 -49.44 -6.13
N ARG K 225 74.37 -49.99 -4.91
CA ARG K 225 74.04 -51.39 -4.55
C ARG K 225 72.96 -51.41 -3.45
N SER K 226 73.19 -50.69 -2.34
CA SER K 226 72.39 -50.79 -1.09
C SER K 226 70.95 -50.33 -1.32
N PHE K 227 70.73 -49.31 -2.15
CA PHE K 227 69.37 -48.84 -2.53
C PHE K 227 68.63 -49.96 -3.26
N HIS K 228 69.28 -50.60 -4.24
CA HIS K 228 68.80 -51.82 -4.95
C HIS K 228 68.49 -52.92 -3.93
N SER K 229 69.36 -53.10 -2.93
CA SER K 229 69.20 -54.09 -1.82
C SER K 229 67.91 -53.79 -1.03
N ILE K 230 67.69 -52.53 -0.65
CA ILE K 230 66.50 -52.11 0.18
C ILE K 230 65.21 -52.29 -0.63
N ILE K 231 65.19 -51.88 -1.91
CA ILE K 231 63.98 -51.98 -2.79
C ILE K 231 63.74 -53.45 -3.16
N GLU K 232 64.79 -54.27 -3.33
CA GLU K 232 64.68 -55.73 -3.61
C GLU K 232 63.96 -56.42 -2.44
N ASP K 233 64.43 -56.20 -1.20
CA ASP K 233 63.87 -56.85 0.03
C ASP K 233 62.66 -56.06 0.55
N GLU K 234 62.24 -54.99 -0.14
CA GLU K 234 60.91 -54.33 0.05
C GLU K 234 59.91 -54.89 -0.98
N VAL K 235 60.37 -55.25 -2.19
CA VAL K 235 59.55 -56.00 -3.20
C VAL K 235 59.26 -57.41 -2.64
N GLU K 236 60.25 -58.04 -1.98
CA GLU K 236 60.09 -59.37 -1.34
C GLU K 236 59.22 -59.26 -0.08
N PHE K 237 59.14 -58.09 0.55
CA PHE K 237 58.24 -57.81 1.72
C PHE K 237 56.84 -57.47 1.21
N ASN K 238 55.83 -57.71 2.07
CA ASN K 238 54.38 -57.52 1.80
C ASN K 238 53.93 -58.50 0.71
N LEU K 239 54.47 -59.72 0.72
CA LEU K 239 54.00 -60.89 -0.07
C LEU K 239 53.27 -61.88 0.86
N GLU K 240 53.75 -62.06 2.10
CA GLU K 240 53.13 -62.92 3.14
C GLU K 240 52.01 -62.17 3.86
N HIS K 241 52.12 -60.85 4.02
CA HIS K 241 51.13 -59.97 4.71
C HIS K 241 50.14 -59.38 3.69
N ALA K 242 49.65 -60.21 2.76
CA ALA K 242 48.76 -59.82 1.64
C ALA K 242 47.29 -59.78 2.13
N VAL K 243 46.39 -59.30 1.27
CA VAL K 243 44.95 -59.05 1.60
C VAL K 243 44.04 -59.60 0.48
N VAL K 244 44.30 -59.27 -0.80
CA VAL K 244 43.36 -59.49 -1.94
C VAL K 244 43.32 -60.99 -2.28
N SER K 245 44.47 -61.57 -2.67
CA SER K 245 44.71 -63.03 -2.79
C SER K 245 46.22 -63.27 -2.91
N THR K 246 46.76 -63.22 -4.14
CA THR K 246 48.22 -63.13 -4.44
C THR K 246 48.48 -62.15 -5.60
N SER K 247 47.55 -62.01 -6.56
CA SER K 247 47.68 -61.23 -7.81
C SER K 247 46.73 -60.02 -7.78
N GLU K 248 46.49 -59.38 -8.94
CA GLU K 248 45.79 -58.06 -9.14
C GLU K 248 46.28 -57.06 -8.09
N LEU K 249 47.59 -57.05 -7.83
CA LEU K 249 48.25 -56.23 -6.77
C LEU K 249 48.35 -54.78 -7.25
N ARG K 250 48.06 -53.84 -6.34
CA ARG K 250 48.17 -52.37 -6.55
C ARG K 250 49.39 -51.86 -5.76
N LEU K 251 49.70 -50.57 -5.88
CA LEU K 251 50.83 -49.89 -5.18
C LEU K 251 50.35 -49.42 -3.80
N LYS K 252 51.27 -48.83 -3.02
CA LYS K 252 51.09 -48.43 -1.59
C LYS K 252 50.89 -49.69 -0.73
N ASP K 253 51.67 -50.75 -1.03
CA ASP K 253 51.84 -51.96 -0.19
C ASP K 253 53.31 -52.43 -0.30
N LEU K 254 53.82 -52.60 -1.52
CA LEU K 254 55.27 -52.77 -1.81
C LEU K 254 55.65 -51.95 -3.05
N LEU K 255 56.79 -51.25 -2.97
CA LEU K 255 57.23 -50.17 -3.91
C LEU K 255 56.11 -49.12 -4.01
N GLY K 256 55.65 -48.63 -2.87
CA GLY K 256 54.56 -47.65 -2.72
C GLY K 256 54.98 -46.43 -1.92
N ARG K 257 55.54 -46.66 -0.72
CA ARG K 257 56.07 -45.59 0.16
C ARG K 257 57.46 -45.16 -0.36
N LEU K 258 58.31 -46.11 -0.73
CA LEU K 258 59.69 -45.86 -1.24
C LEU K 258 59.66 -45.36 -2.69
N PHE K 259 58.55 -45.56 -3.41
CA PHE K 259 58.31 -45.01 -4.78
C PHE K 259 57.87 -43.54 -4.67
N PHE K 260 56.80 -43.29 -3.90
CA PHE K 260 56.21 -41.93 -3.67
C PHE K 260 57.13 -41.09 -2.78
N GLY K 261 58.07 -41.72 -2.06
CA GLY K 261 59.11 -41.05 -1.27
C GLY K 261 60.35 -40.68 -2.08
N SER K 262 60.30 -40.83 -3.42
CA SER K 262 61.40 -40.48 -4.36
C SER K 262 61.06 -39.16 -5.09
N ILE K 263 59.87 -39.09 -5.68
CA ILE K 263 59.33 -37.92 -6.46
C ILE K 263 59.48 -36.63 -5.65
N ARG K 264 60.13 -35.62 -6.25
CA ARG K 264 60.09 -34.18 -5.85
C ARG K 264 60.66 -33.98 -4.45
N LEU K 265 61.98 -34.14 -4.29
CA LEU K 265 62.75 -33.79 -3.07
C LEU K 265 63.89 -32.84 -3.43
N PRO K 266 63.65 -31.55 -3.79
CA PRO K 266 62.30 -30.98 -3.98
C PRO K 266 61.68 -31.10 -5.39
N GLU K 267 62.50 -31.38 -6.41
CA GLU K 267 62.08 -31.56 -7.83
C GLU K 267 62.50 -32.96 -8.29
N ARG K 268 61.83 -33.51 -9.31
CA ARG K 268 62.00 -34.91 -9.79
C ARG K 268 62.95 -34.93 -10.99
N ASN K 269 64.08 -34.20 -10.91
CA ASN K 269 65.16 -34.19 -11.94
C ASN K 269 65.92 -35.53 -11.87
N LEU K 270 66.20 -36.14 -13.02
CA LEU K 270 66.84 -37.47 -13.12
C LEU K 270 68.35 -37.35 -12.86
N GLN K 271 68.93 -36.18 -13.12
CA GLN K 271 70.38 -35.89 -12.90
C GLN K 271 70.63 -35.66 -11.41
N HIS K 272 69.74 -34.91 -10.74
CA HIS K 272 69.93 -34.33 -9.39
C HIS K 272 69.17 -35.14 -8.34
N ASN K 273 67.88 -35.42 -8.55
CA ASN K 273 67.07 -36.33 -7.68
C ASN K 273 67.35 -37.77 -8.12
N ILE K 274 68.42 -38.35 -7.57
CA ILE K 274 69.05 -39.63 -8.01
C ILE K 274 68.39 -40.83 -7.31
N ILE K 275 67.57 -40.59 -6.26
CA ILE K 275 66.77 -41.63 -5.54
C ILE K 275 65.77 -42.23 -6.54
N LEU K 276 64.95 -41.38 -7.17
CA LEU K 276 64.04 -41.75 -8.29
C LEU K 276 64.88 -42.18 -9.51
N GLY K 277 66.03 -41.53 -9.71
CA GLY K 277 67.04 -41.88 -10.72
C GLY K 277 67.34 -43.37 -10.74
N GLU K 278 67.88 -43.92 -9.64
CA GLU K 278 68.28 -45.35 -9.52
C GLU K 278 67.04 -46.24 -9.40
N LEU K 279 65.92 -45.71 -8.86
CA LEU K 279 64.62 -46.43 -8.76
C LEU K 279 64.11 -46.75 -10.17
N LEU K 280 64.07 -45.74 -11.05
CA LEU K 280 63.59 -45.88 -12.46
C LEU K 280 64.60 -46.72 -13.26
N CYS K 281 65.90 -46.59 -12.96
CA CYS K 281 67.00 -47.44 -13.51
C CYS K 281 66.74 -48.91 -13.17
N TYR K 282 66.35 -49.21 -11.93
CA TYR K 282 66.00 -50.58 -11.45
C TYR K 282 64.73 -51.08 -12.15
N LEU K 283 63.74 -50.18 -12.38
CA LEU K 283 62.46 -50.50 -13.07
C LEU K 283 62.67 -50.56 -14.59
N GLU K 284 63.82 -50.10 -15.12
CA GLU K 284 64.25 -50.31 -16.53
C GLU K 284 64.96 -51.67 -16.67
N ASN K 285 65.83 -52.03 -15.71
CA ASN K 285 66.70 -53.23 -15.77
C ASN K 285 65.85 -54.50 -15.82
N ARG K 286 65.00 -54.72 -14.82
CA ARG K 286 64.02 -55.85 -14.76
C ARG K 286 62.61 -55.26 -14.95
N LEU K 287 62.08 -55.32 -16.18
CA LEU K 287 60.84 -54.61 -16.60
C LEU K 287 59.70 -55.61 -16.85
N TRP K 288 59.98 -56.75 -17.50
CA TRP K 288 59.02 -57.89 -17.67
C TRP K 288 59.76 -59.21 -17.40
N GLN K 289 59.82 -59.60 -16.12
CA GLN K 289 60.54 -60.82 -15.64
C GLN K 289 59.53 -61.80 -15.01
N ASP K 290 58.61 -61.30 -14.18
CA ASP K 290 57.49 -62.08 -13.57
C ASP K 290 56.20 -61.85 -14.36
N LYS K 291 55.26 -62.79 -14.29
CA LYS K 291 53.95 -62.74 -14.98
C LYS K 291 53.01 -61.81 -14.19
N GLY K 292 53.14 -60.50 -14.42
CA GLY K 292 52.24 -59.44 -13.91
C GLY K 292 52.28 -59.32 -12.39
N LEU K 293 53.48 -59.29 -11.80
CA LEU K 293 53.71 -59.08 -10.34
C LEU K 293 54.68 -57.90 -10.09
N ILE K 294 55.53 -57.53 -11.06
CA ILE K 294 56.43 -56.34 -10.97
C ILE K 294 56.05 -55.29 -12.04
N ALA K 295 55.62 -55.73 -13.24
CA ALA K 295 55.26 -54.85 -14.38
C ALA K 295 53.76 -54.52 -14.34
N ASN K 296 52.89 -55.53 -14.52
CA ASN K 296 51.43 -55.38 -14.72
C ASN K 296 50.75 -55.32 -13.35
N LEU K 297 50.78 -54.15 -12.72
CA LEU K 297 50.07 -53.82 -11.45
C LEU K 297 48.86 -52.93 -11.77
N LYS K 298 47.83 -52.97 -10.92
CA LYS K 298 46.62 -52.11 -11.03
C LYS K 298 46.93 -50.74 -10.41
N MET K 299 46.55 -49.66 -11.11
CA MET K 299 46.97 -48.26 -10.83
C MET K 299 45.74 -47.41 -10.48
N ASN K 300 45.75 -46.78 -9.29
CA ASN K 300 44.77 -45.74 -8.88
C ASN K 300 45.01 -44.51 -9.77
N ALA K 301 43.93 -43.88 -10.25
CA ALA K 301 43.95 -42.84 -11.31
C ALA K 301 44.29 -41.47 -10.72
N LEU K 302 43.96 -41.21 -9.44
CA LEU K 302 44.34 -39.96 -8.71
C LEU K 302 45.86 -39.90 -8.53
N GLU K 303 46.45 -40.96 -7.96
CA GLU K 303 47.89 -41.02 -7.59
C GLU K 303 48.78 -41.19 -8.83
N ALA K 304 48.22 -41.69 -9.94
CA ALA K 304 48.91 -41.87 -11.25
C ALA K 304 49.28 -40.51 -11.85
N THR K 305 48.51 -39.45 -11.55
CA THR K 305 48.70 -38.08 -12.08
C THR K 305 49.83 -37.34 -11.32
N VAL K 306 50.35 -37.90 -10.23
CA VAL K 306 51.36 -37.26 -9.34
C VAL K 306 52.72 -37.23 -10.06
N MET K 307 53.11 -38.34 -10.70
CA MET K 307 54.40 -38.50 -11.41
C MET K 307 54.35 -37.84 -12.79
N LEU K 308 53.21 -37.92 -13.48
CA LEU K 308 53.02 -37.39 -14.86
C LEU K 308 52.89 -35.86 -14.85
N ASN K 309 52.48 -35.29 -13.71
CA ASN K 309 52.08 -33.86 -13.55
C ASN K 309 50.88 -33.58 -14.46
N CYS K 310 49.77 -34.28 -14.21
CA CYS K 310 48.43 -34.01 -14.78
C CYS K 310 47.55 -33.41 -13.69
N SER K 311 46.83 -32.33 -13.99
CA SER K 311 45.94 -31.59 -13.04
C SER K 311 44.48 -32.06 -13.19
N LEU K 312 44.27 -33.30 -13.63
CA LEU K 312 42.96 -34.01 -13.72
C LEU K 312 41.98 -33.28 -14.65
N ASP K 313 42.49 -32.50 -15.62
CA ASP K 313 41.68 -31.84 -16.68
C ASP K 313 42.16 -32.28 -18.07
N GLN K 314 43.47 -32.48 -18.25
CA GLN K 314 44.07 -32.97 -19.53
C GLN K 314 44.06 -34.51 -19.58
N ILE K 315 44.20 -35.20 -18.44
CA ILE K 315 44.26 -36.69 -18.39
C ILE K 315 42.87 -37.27 -18.68
N ALA K 316 41.80 -36.52 -18.37
CA ALA K 316 40.40 -36.81 -18.77
C ALA K 316 40.32 -37.08 -20.27
N SER K 317 40.99 -36.24 -21.07
CA SER K 317 41.19 -36.44 -22.54
C SER K 317 42.10 -37.64 -22.78
N MET K 318 43.28 -37.68 -22.14
CA MET K 318 44.34 -38.70 -22.38
C MET K 318 43.82 -40.13 -22.10
N VAL K 319 42.80 -40.29 -21.26
CA VAL K 319 42.16 -41.62 -20.99
C VAL K 319 40.91 -41.82 -21.86
N GLU K 320 40.32 -40.74 -22.42
CA GLU K 320 39.10 -40.80 -23.28
C GLU K 320 39.42 -40.38 -24.73
N GLN K 321 40.69 -40.41 -25.13
CA GLN K 321 41.15 -40.27 -26.55
C GLN K 321 41.74 -41.60 -27.02
N ARG K 322 41.60 -42.67 -26.22
CA ARG K 322 42.14 -44.03 -26.48
C ARG K 322 43.67 -43.94 -26.72
N ILE K 323 44.38 -43.33 -25.77
CA ILE K 323 45.87 -43.33 -25.68
C ILE K 323 46.27 -44.13 -24.44
N LEU K 324 45.70 -43.78 -23.28
CA LEU K 324 45.74 -44.61 -22.03
C LEU K 324 44.49 -45.48 -22.00
N LYS K 325 44.65 -46.79 -21.75
CA LYS K 325 43.60 -47.83 -21.82
C LYS K 325 42.87 -47.91 -20.48
N PRO K 326 41.59 -47.49 -20.38
CA PRO K 326 40.85 -47.55 -19.10
C PRO K 326 40.24 -48.93 -18.83
N ASN K 327 40.07 -49.27 -17.55
CA ASN K 327 39.66 -50.62 -17.06
C ASN K 327 38.89 -50.47 -15.74
N ALA K 328 38.59 -51.58 -15.05
CA ALA K 328 38.08 -51.67 -13.66
C ALA K 328 36.73 -50.97 -13.54
N ALA K 329 35.65 -51.57 -14.08
CA ALA K 329 35.66 -52.79 -14.87
C ALA K 329 35.50 -52.43 -16.35
N ALA K 330 34.41 -51.72 -16.68
CA ALA K 330 34.06 -51.24 -18.04
C ALA K 330 32.93 -50.20 -17.95
N ALA K 331 32.97 -49.19 -18.84
CA ALA K 331 31.96 -48.11 -18.95
C ALA K 331 31.87 -47.62 -20.41
N ALA K 332 30.84 -46.84 -20.73
CA ALA K 332 30.54 -46.33 -22.09
C ALA K 332 30.40 -44.79 -22.05
N ALA K 333 31.54 -44.10 -21.90
CA ALA K 333 31.70 -42.64 -22.09
C ALA K 333 30.86 -41.83 -21.09
N ALA K 334 30.71 -42.35 -19.86
CA ALA K 334 29.95 -41.70 -18.75
C ALA K 334 30.70 -41.86 -17.41
N ALA K 335 31.18 -43.07 -17.10
CA ALA K 335 31.85 -43.41 -15.82
C ALA K 335 33.37 -43.61 -16.05
N ALA K 336 34.14 -42.53 -15.89
CA ALA K 336 35.63 -42.52 -15.88
C ALA K 336 36.10 -41.94 -14.54
N ASP K 337 35.92 -42.70 -13.46
CA ASP K 337 36.24 -42.29 -12.06
C ASP K 337 37.76 -42.28 -11.85
N VAL K 338 38.21 -41.57 -10.82
CA VAL K 338 39.66 -41.31 -10.53
C VAL K 338 40.10 -41.99 -9.21
N THR K 339 39.17 -42.60 -8.46
CA THR K 339 39.36 -43.05 -7.05
C THR K 339 39.66 -44.55 -6.96
N ASP K 340 39.14 -45.36 -7.90
CA ASP K 340 39.31 -46.84 -7.92
C ASP K 340 40.63 -47.19 -8.65
N TYR K 341 41.18 -48.37 -8.37
CA TYR K 341 42.46 -48.88 -8.93
C TYR K 341 42.21 -49.34 -10.39
N LEU K 342 42.22 -48.38 -11.32
CA LEU K 342 41.82 -48.56 -12.74
C LEU K 342 42.99 -49.08 -13.58
N PHE K 343 43.99 -48.24 -13.84
CA PHE K 343 44.91 -48.34 -15.00
C PHE K 343 46.05 -49.33 -14.70
N HIS K 344 46.95 -49.50 -15.69
CA HIS K 344 48.19 -50.33 -15.60
C HIS K 344 49.41 -49.41 -15.62
N PHE K 345 50.36 -49.61 -14.71
CA PHE K 345 51.58 -48.77 -14.53
C PHE K 345 52.42 -48.77 -15.81
N GLY K 346 52.38 -49.87 -16.58
CA GLY K 346 52.94 -49.98 -17.94
C GLY K 346 52.41 -48.89 -18.87
N ASP K 347 51.10 -48.61 -18.80
CA ASP K 347 50.42 -47.59 -19.65
C ASP K 347 50.79 -46.19 -19.16
N ILE K 348 50.90 -46.01 -17.83
CA ILE K 348 51.39 -44.75 -17.17
C ILE K 348 52.82 -44.48 -17.68
N PHE K 349 53.66 -45.52 -17.69
CA PHE K 349 55.06 -45.50 -18.19
C PHE K 349 55.08 -45.17 -19.69
N CYS K 350 54.24 -45.86 -20.47
CA CYS K 350 54.15 -45.73 -21.96
C CYS K 350 53.69 -44.32 -22.34
N LEU K 351 52.65 -43.78 -21.67
CA LEU K 351 52.14 -42.40 -21.93
C LEU K 351 53.17 -41.37 -21.46
N TRP K 352 53.86 -41.63 -20.34
CA TRP K 352 55.00 -40.81 -19.86
C TRP K 352 56.09 -40.75 -20.94
N LEU K 353 56.47 -41.92 -21.48
CA LEU K 353 57.57 -42.04 -22.47
C LEU K 353 57.18 -41.42 -23.82
N ALA K 354 55.88 -41.42 -24.16
CA ALA K 354 55.34 -41.03 -25.49
C ALA K 354 54.90 -39.56 -25.51
N ALA K 355 54.23 -39.06 -24.47
CA ALA K 355 53.54 -37.75 -24.47
C ALA K 355 53.94 -36.83 -23.29
N PHE K 356 54.59 -37.32 -22.23
CA PHE K 356 54.98 -36.51 -21.05
C PHE K 356 56.50 -36.56 -20.82
N GLN K 357 57.29 -36.27 -21.86
CA GLN K 357 58.76 -36.05 -21.77
C GLN K 357 59.02 -34.54 -21.62
N SER K 358 60.12 -34.18 -20.96
CA SER K 358 60.49 -32.79 -20.59
C SER K 358 62.02 -32.62 -20.68
N ASP K 359 62.51 -31.40 -20.42
CA ASP K 359 63.96 -31.07 -20.40
C ASP K 359 64.63 -31.67 -19.16
N GLU K 360 63.85 -32.04 -18.14
CA GLU K 360 64.33 -32.70 -16.89
C GLU K 360 63.82 -34.15 -16.82
N PHE K 361 62.53 -34.38 -17.12
CA PHE K 361 61.86 -35.71 -17.03
C PHE K 361 61.83 -36.38 -18.41
N ASN K 362 63.02 -36.70 -18.93
CA ASN K 362 63.26 -37.39 -20.24
C ASN K 362 63.58 -38.87 -19.96
N ARG K 363 64.15 -39.59 -20.93
CA ARG K 363 64.75 -40.95 -20.75
C ARG K 363 66.29 -40.86 -20.76
N SER K 364 66.85 -39.75 -21.25
CA SER K 364 68.28 -39.61 -21.64
C SER K 364 69.14 -39.08 -20.47
N PHE K 365 68.76 -39.40 -19.21
CA PHE K 365 69.53 -39.06 -17.99
C PHE K 365 69.66 -40.29 -17.09
N TYR K 366 68.55 -40.98 -16.78
CA TYR K 366 68.53 -42.27 -16.03
C TYR K 366 69.00 -43.39 -16.97
N VAL K 367 69.53 -44.48 -16.39
CA VAL K 367 70.58 -45.40 -16.94
C VAL K 367 70.99 -44.99 -18.35
N SER K 368 72.22 -44.46 -18.53
CA SER K 368 73.33 -44.57 -17.60
C SER K 368 73.21 -43.54 -16.46
N ARG K 369 73.16 -44.03 -15.20
CA ARG K 369 73.26 -43.23 -13.96
C ARG K 369 74.29 -43.91 -13.05
#